data_5VFK
#
_entry.id   5VFK
#
_entity_poly.entity_id   1
_entity_poly.type   'polypeptide(L)'
_entity_poly.pdbx_seq_one_letter_code
;MIDKIFEIGLKDIFSSSPAEYVTIKDALDGKLKIRLNNNFYHEIKKDEVEKLSSRIPLYLWSLVKIPFIFIKSSEIGEYF
VSGEQWNKKAISILLGREISNVILNVDVEKLLREYTSLIFIILSPTRSYTEETELSEMLEHHHHHH
;
_entity_poly.pdbx_strand_id   A
#
# COMPACT_ATOMS: atom_id res chain seq x y z
N MET A 1 -4.82 -27.21 5.09
CA MET A 1 -3.50 -27.21 4.47
C MET A 1 -3.68 -27.58 3.01
N ILE A 2 -3.83 -28.86 2.70
CA ILE A 2 -4.20 -29.24 1.37
C ILE A 2 -5.70 -29.46 1.41
N ASP A 3 -6.39 -28.37 1.40
CA ASP A 3 -7.82 -28.35 1.47
C ASP A 3 -8.34 -27.51 0.36
N LYS A 4 -9.37 -28.01 -0.26
CA LYS A 4 -9.96 -27.40 -1.40
C LYS A 4 -10.86 -26.27 -0.92
N ILE A 5 -11.08 -25.29 -1.79
CA ILE A 5 -11.83 -24.07 -1.49
C ILE A 5 -10.96 -23.13 -0.66
N PHE A 6 -10.25 -22.28 -1.36
CA PHE A 6 -9.32 -21.34 -0.77
C PHE A 6 -10.02 -20.03 -0.50
N GLU A 7 -11.23 -19.90 -1.08
CA GLU A 7 -12.14 -18.77 -0.97
C GLU A 7 -11.68 -17.62 -1.90
N ILE A 8 -12.63 -16.92 -2.49
CA ILE A 8 -12.36 -15.90 -3.50
C ILE A 8 -12.76 -14.48 -3.06
N GLY A 9 -13.21 -14.35 -1.82
CA GLY A 9 -13.68 -13.07 -1.30
C GLY A 9 -12.66 -11.94 -1.35
N LEU A 10 -11.52 -12.12 -0.70
CA LEU A 10 -10.54 -11.05 -0.64
C LEU A 10 -9.66 -11.00 -1.88
N LYS A 11 -9.74 -12.05 -2.70
CA LYS A 11 -8.97 -12.13 -3.93
C LYS A 11 -9.31 -10.99 -4.85
N ASP A 12 -10.59 -10.75 -5.02
CA ASP A 12 -11.06 -9.66 -5.88
C ASP A 12 -10.77 -8.29 -5.32
N ILE A 13 -10.62 -8.21 -4.00
CA ILE A 13 -10.29 -6.95 -3.35
C ILE A 13 -8.82 -6.61 -3.60
N PHE A 14 -7.97 -7.57 -3.33
CA PHE A 14 -6.53 -7.39 -3.43
C PHE A 14 -6.00 -7.86 -4.79
N SER A 15 -6.87 -7.87 -5.78
CA SER A 15 -6.52 -8.28 -7.12
C SER A 15 -5.57 -7.27 -7.77
N SER A 16 -5.81 -6.01 -7.51
CA SER A 16 -5.00 -4.93 -8.05
C SER A 16 -3.77 -4.66 -7.16
N SER A 17 -3.57 -5.48 -6.14
CA SER A 17 -2.46 -5.33 -5.25
C SER A 17 -1.28 -6.16 -5.78
N PRO A 18 -0.01 -5.76 -5.49
CA PRO A 18 1.17 -6.48 -5.97
C PRO A 18 1.27 -7.88 -5.37
N ALA A 19 1.51 -8.84 -6.25
CA ALA A 19 1.63 -10.23 -5.88
C ALA A 19 3.10 -10.58 -5.67
N GLU A 20 3.96 -9.73 -6.17
CA GLU A 20 5.37 -9.90 -6.04
C GLU A 20 5.99 -8.54 -5.88
N TYR A 21 7.17 -8.48 -5.33
CA TYR A 21 7.82 -7.25 -5.02
C TYR A 21 9.28 -7.30 -5.47
N VAL A 22 9.90 -6.16 -5.47
CA VAL A 22 11.32 -6.04 -5.75
C VAL A 22 11.91 -5.19 -4.66
N THR A 23 13.17 -5.30 -4.42
CA THR A 23 13.77 -4.48 -3.41
C THR A 23 14.15 -3.13 -4.01
N ILE A 24 14.69 -2.25 -3.20
CA ILE A 24 15.14 -0.96 -3.67
C ILE A 24 16.38 -1.22 -4.50
N LYS A 25 17.14 -2.18 -4.02
CA LYS A 25 18.32 -2.68 -4.66
C LYS A 25 17.97 -3.27 -6.05
N ASP A 26 16.84 -3.96 -6.12
CA ASP A 26 16.36 -4.55 -7.38
C ASP A 26 15.84 -3.52 -8.33
N ALA A 27 15.18 -2.52 -7.82
CA ALA A 27 14.67 -1.46 -8.66
C ALA A 27 15.81 -0.65 -9.27
N LEU A 28 16.89 -0.46 -8.52
CA LEU A 28 18.09 0.21 -9.02
C LEU A 28 18.79 -0.68 -10.03
N ASP A 29 18.62 -1.99 -9.83
CA ASP A 29 19.12 -3.06 -10.73
C ASP A 29 18.35 -3.05 -12.07
N GLY A 30 17.22 -2.38 -12.08
CA GLY A 30 16.43 -2.28 -13.28
C GLY A 30 15.17 -3.12 -13.22
N LYS A 31 14.85 -3.66 -12.07
CA LYS A 31 13.62 -4.37 -11.90
C LYS A 31 12.58 -3.39 -11.48
N LEU A 32 11.85 -2.98 -12.43
CA LEU A 32 10.89 -1.94 -12.27
C LEU A 32 9.51 -2.42 -12.61
N LYS A 33 9.30 -3.69 -12.68
CA LYS A 33 8.00 -4.15 -13.03
C LYS A 33 7.54 -5.24 -12.10
N ILE A 34 6.50 -4.95 -11.37
CA ILE A 34 5.92 -5.89 -10.46
C ILE A 34 4.58 -6.39 -10.96
N ARG A 35 4.27 -7.61 -10.63
CA ARG A 35 3.07 -8.25 -11.06
C ARG A 35 2.03 -8.10 -9.97
N LEU A 36 0.81 -7.92 -10.37
CA LEU A 36 -0.30 -7.82 -9.45
C LEU A 36 -0.96 -9.18 -9.30
N ASN A 37 -1.88 -9.28 -8.36
CA ASN A 37 -2.60 -10.54 -8.09
C ASN A 37 -3.49 -10.97 -9.25
N ASN A 38 -3.99 -9.99 -9.96
CA ASN A 38 -4.81 -10.23 -11.16
C ASN A 38 -3.91 -10.39 -12.41
N ASN A 39 -2.60 -10.47 -12.15
CA ASN A 39 -1.53 -10.76 -13.13
C ASN A 39 -1.14 -9.59 -14.02
N PHE A 40 -1.71 -8.42 -13.76
CA PHE A 40 -1.34 -7.22 -14.51
C PHE A 40 -0.01 -6.68 -14.00
N TYR A 41 0.59 -5.77 -14.73
CA TYR A 41 1.89 -5.26 -14.35
C TYR A 41 1.85 -3.77 -14.12
N HIS A 42 2.57 -3.35 -13.12
CA HIS A 42 2.72 -1.96 -12.77
C HIS A 42 4.20 -1.63 -12.78
N GLU A 43 4.58 -0.67 -13.58
CA GLU A 43 5.96 -0.27 -13.64
C GLU A 43 6.29 0.79 -12.62
N ILE A 44 7.40 0.59 -12.01
CA ILE A 44 7.93 1.38 -10.97
C ILE A 44 8.89 2.39 -11.59
N LYS A 45 8.85 3.62 -11.12
CA LYS A 45 9.75 4.64 -11.61
C LYS A 45 11.06 4.57 -10.89
N LYS A 46 12.11 4.31 -11.65
CA LYS A 46 13.47 4.19 -11.14
C LYS A 46 13.92 5.52 -10.55
N ASP A 47 13.47 6.59 -11.16
CA ASP A 47 13.78 7.95 -10.71
C ASP A 47 13.28 8.19 -9.30
N GLU A 48 12.11 7.62 -8.97
CA GLU A 48 11.54 7.78 -7.65
C GLU A 48 12.27 6.87 -6.64
N VAL A 49 12.86 5.80 -7.14
CA VAL A 49 13.62 4.87 -6.30
C VAL A 49 14.98 5.47 -5.95
N GLU A 50 15.57 6.16 -6.91
CA GLU A 50 16.87 6.80 -6.72
C GLU A 50 16.79 7.93 -5.69
N LYS A 51 15.72 8.69 -5.71
CA LYS A 51 15.51 9.73 -4.70
C LYS A 51 15.18 9.11 -3.33
N LEU A 52 14.54 7.94 -3.37
CA LEU A 52 14.26 7.15 -2.16
C LEU A 52 15.56 6.67 -1.53
N SER A 53 16.38 5.98 -2.32
CA SER A 53 17.66 5.42 -1.88
C SER A 53 18.69 6.49 -1.46
N SER A 54 18.42 7.74 -1.78
CA SER A 54 19.26 8.82 -1.35
C SER A 54 18.88 9.27 0.08
N ARG A 55 17.72 8.83 0.54
CA ARG A 55 17.20 9.24 1.83
C ARG A 55 17.09 8.06 2.81
N ILE A 56 16.88 6.86 2.27
CA ILE A 56 16.81 5.67 3.09
C ILE A 56 18.20 5.00 3.22
N PRO A 57 18.62 4.63 4.46
CA PRO A 57 19.89 3.92 4.73
C PRO A 57 20.11 2.68 3.84
N LEU A 58 21.38 2.49 3.45
CA LEU A 58 21.89 1.44 2.55
C LEU A 58 21.44 0.03 2.97
N TYR A 59 21.40 -0.21 4.28
CA TYR A 59 21.11 -1.54 4.83
C TYR A 59 19.74 -2.01 4.38
N LEU A 60 18.82 -1.07 4.28
CA LEU A 60 17.43 -1.36 4.03
C LEU A 60 17.13 -1.55 2.54
N TRP A 61 18.08 -1.27 1.66
CA TRP A 61 17.86 -1.35 0.19
C TRP A 61 17.44 -2.73 -0.27
N SER A 62 18.07 -3.75 0.26
CA SER A 62 17.77 -5.12 -0.12
C SER A 62 16.80 -5.77 0.87
N LEU A 63 16.29 -4.98 1.79
CA LEU A 63 15.38 -5.47 2.80
C LEU A 63 13.97 -5.01 2.48
N VAL A 64 13.84 -3.72 2.16
CA VAL A 64 12.57 -3.12 1.82
C VAL A 64 12.15 -3.58 0.44
N LYS A 65 11.01 -4.21 0.38
CA LYS A 65 10.46 -4.65 -0.85
C LYS A 65 9.35 -3.72 -1.24
N ILE A 66 9.53 -3.06 -2.33
CA ILE A 66 8.58 -2.12 -2.85
C ILE A 66 7.73 -2.84 -3.92
N PRO A 67 6.51 -2.34 -4.23
CA PRO A 67 5.90 -1.11 -3.66
C PRO A 67 5.45 -1.23 -2.20
N PHE A 68 5.21 -0.08 -1.60
CA PHE A 68 4.71 0.03 -0.25
C PHE A 68 3.19 -0.07 -0.30
N ILE A 69 2.62 -0.83 0.57
CA ILE A 69 1.18 -0.96 0.63
C ILE A 69 0.68 -0.22 1.85
N PHE A 70 -0.37 0.53 1.67
CA PHE A 70 -1.02 1.20 2.77
C PHE A 70 -2.48 0.83 2.74
N ILE A 71 -2.96 0.28 3.82
CA ILE A 71 -4.37 -0.08 3.92
C ILE A 71 -5.08 1.11 4.50
N LYS A 72 -6.07 1.60 3.85
CA LYS A 72 -6.76 2.72 4.37
C LYS A 72 -7.76 2.29 5.42
N SER A 73 -7.83 3.05 6.52
CA SER A 73 -8.80 2.82 7.57
C SER A 73 -10.19 2.90 6.98
N SER A 74 -11.10 2.10 7.52
CA SER A 74 -12.43 1.98 7.00
C SER A 74 -13.17 3.31 6.95
N GLU A 75 -12.97 4.17 7.95
CA GLU A 75 -13.63 5.46 7.94
C GLU A 75 -12.71 6.62 8.28
N ILE A 76 -11.50 6.35 8.70
CA ILE A 76 -10.63 7.40 9.19
C ILE A 76 -9.50 7.69 8.17
N GLY A 77 -8.96 8.92 8.21
CA GLY A 77 -7.83 9.30 7.36
C GLY A 77 -6.50 8.81 7.94
N GLU A 78 -6.45 7.54 8.24
CA GLU A 78 -5.29 6.88 8.77
C GLU A 78 -5.01 5.69 7.90
N TYR A 79 -3.78 5.48 7.59
CA TYR A 79 -3.40 4.39 6.72
C TYR A 79 -2.46 3.45 7.42
N PHE A 80 -2.75 2.18 7.34
CA PHE A 80 -1.98 1.14 7.98
C PHE A 80 -0.84 0.76 7.08
N VAL A 81 0.34 1.00 7.57
CA VAL A 81 1.55 0.73 6.84
C VAL A 81 1.74 -0.77 6.72
N SER A 82 1.77 -1.24 5.51
CA SER A 82 1.85 -2.63 5.23
C SER A 82 3.19 -2.96 4.55
N GLY A 83 3.58 -4.20 4.67
CA GLY A 83 4.82 -4.65 4.14
C GLY A 83 5.60 -5.32 5.24
N GLU A 84 6.88 -5.40 5.07
CA GLU A 84 7.74 -5.96 6.09
C GLU A 84 8.12 -4.87 7.07
N GLN A 85 8.83 -5.23 8.14
CA GLN A 85 9.22 -4.26 9.15
C GLN A 85 10.21 -3.26 8.58
N TRP A 86 10.87 -3.63 7.51
CA TRP A 86 11.81 -2.79 6.83
C TRP A 86 11.08 -1.70 6.08
N ASN A 87 9.93 -2.07 5.49
CA ASN A 87 9.06 -1.12 4.78
C ASN A 87 8.54 -0.09 5.75
N LYS A 88 8.17 -0.57 6.91
CA LYS A 88 7.61 0.24 7.96
C LYS A 88 8.69 1.13 8.59
N LYS A 89 9.89 0.60 8.70
CA LYS A 89 11.04 1.34 9.20
C LYS A 89 11.44 2.42 8.20
N ALA A 90 11.31 2.12 6.91
CA ALA A 90 11.57 3.08 5.84
C ALA A 90 10.65 4.27 6.01
N ILE A 91 9.37 3.98 6.19
CA ILE A 91 8.33 4.99 6.40
C ILE A 91 8.61 5.80 7.68
N SER A 92 9.14 5.13 8.69
CA SER A 92 9.50 5.76 9.95
C SER A 92 10.58 6.84 9.72
N ILE A 93 11.57 6.52 8.91
CA ILE A 93 12.70 7.40 8.66
C ILE A 93 12.33 8.52 7.67
N LEU A 94 11.55 8.18 6.66
CA LEU A 94 11.15 9.15 5.62
C LEU A 94 10.20 10.22 6.16
N LEU A 95 9.38 9.86 7.12
CA LEU A 95 8.41 10.79 7.65
C LEU A 95 8.82 11.39 8.99
N GLY A 96 9.45 10.59 9.82
CA GLY A 96 9.75 11.04 11.16
C GLY A 96 8.60 10.66 12.07
N ARG A 97 7.95 9.58 11.70
CA ARG A 97 6.81 9.02 12.39
C ARG A 97 7.22 7.68 12.95
N GLU A 98 6.81 7.37 14.13
CA GLU A 98 7.06 6.06 14.67
C GLU A 98 5.90 5.18 14.27
N ILE A 99 6.14 4.23 13.40
CA ILE A 99 5.06 3.42 12.90
C ILE A 99 4.67 2.36 13.90
N SER A 100 3.54 2.58 14.47
CA SER A 100 2.89 1.62 15.27
C SER A 100 2.08 0.77 14.34
N ASN A 101 1.17 1.43 13.64
CA ASN A 101 0.35 0.80 12.62
C ASN A 101 0.01 1.79 11.55
N VAL A 102 -0.49 2.94 11.95
CA VAL A 102 -0.94 3.91 10.98
C VAL A 102 -0.11 5.17 10.96
N ILE A 103 -0.18 5.82 9.83
CA ILE A 103 0.33 7.14 9.63
C ILE A 103 -0.86 7.98 9.19
N LEU A 104 -0.71 9.28 9.17
CA LEU A 104 -1.83 10.13 8.86
C LEU A 104 -1.99 10.30 7.37
N ASN A 105 -3.17 10.72 6.97
CA ASN A 105 -3.51 10.96 5.57
C ASN A 105 -2.58 11.99 4.93
N VAL A 106 -2.19 13.00 5.70
CA VAL A 106 -1.25 14.01 5.23
C VAL A 106 0.10 13.37 4.93
N ASP A 107 0.52 12.42 5.77
CA ASP A 107 1.81 11.76 5.63
C ASP A 107 1.84 10.89 4.40
N VAL A 108 0.72 10.23 4.15
CA VAL A 108 0.57 9.39 2.96
C VAL A 108 0.59 10.25 1.72
N GLU A 109 -0.12 11.38 1.76
CA GLU A 109 -0.15 12.30 0.64
C GLU A 109 1.23 12.93 0.36
N LYS A 110 2.05 13.10 1.40
CA LYS A 110 3.44 13.56 1.24
C LYS A 110 4.17 12.52 0.43
N LEU A 111 4.05 11.28 0.87
CA LEU A 111 4.69 10.13 0.25
C LEU A 111 4.21 9.94 -1.18
N LEU A 112 2.92 10.12 -1.41
CA LEU A 112 2.33 10.05 -2.76
C LEU A 112 2.95 11.05 -3.71
N ARG A 113 3.14 12.27 -3.25
CA ARG A 113 3.74 13.30 -4.10
C ARG A 113 5.25 13.08 -4.24
N GLU A 114 5.85 12.48 -3.25
CA GLU A 114 7.27 12.26 -3.24
C GLU A 114 7.64 11.02 -4.07
N TYR A 115 6.93 9.93 -3.88
CA TYR A 115 7.16 8.66 -4.56
C TYR A 115 5.81 8.08 -4.96
N THR A 116 5.34 8.36 -6.14
CA THR A 116 4.01 7.93 -6.52
C THR A 116 3.96 6.45 -6.92
N SER A 117 4.86 6.04 -7.83
CA SER A 117 4.79 4.71 -8.42
C SER A 117 5.17 3.61 -7.42
N LEU A 118 5.76 4.01 -6.31
CA LEU A 118 6.26 3.08 -5.33
C LEU A 118 5.19 2.78 -4.30
N ILE A 119 4.00 3.34 -4.46
CA ILE A 119 2.97 3.19 -3.45
C ILE A 119 1.65 2.65 -4.01
N PHE A 120 1.09 1.70 -3.28
CA PHE A 120 -0.22 1.13 -3.53
C PHE A 120 -1.07 1.33 -2.30
N ILE A 121 -2.15 2.01 -2.46
CA ILE A 121 -3.04 2.26 -1.38
C ILE A 121 -4.28 1.40 -1.57
N ILE A 122 -4.59 0.63 -0.58
CA ILE A 122 -5.78 -0.16 -0.62
C ILE A 122 -6.87 0.70 -0.04
N LEU A 123 -7.62 1.29 -0.93
CA LEU A 123 -8.66 2.22 -0.57
C LEU A 123 -9.85 1.50 -0.01
N SER A 124 -10.38 2.07 1.01
CA SER A 124 -11.56 1.62 1.62
C SER A 124 -12.76 2.40 1.04
N PRO A 125 -13.58 1.79 0.16
CA PRO A 125 -14.73 2.44 -0.43
C PRO A 125 -15.94 2.39 0.52
N THR A 126 -15.65 2.08 1.76
CA THR A 126 -16.59 2.00 2.82
C THR A 126 -17.03 3.41 3.26
N ARG A 127 -16.08 4.33 3.28
CA ARG A 127 -16.40 5.68 3.65
C ARG A 127 -15.86 6.63 2.60
N SER A 128 -16.71 6.85 1.60
CA SER A 128 -16.47 7.75 0.49
C SER A 128 -15.42 7.19 -0.49
N TYR A 129 -15.74 7.27 -1.76
CA TYR A 129 -14.83 6.87 -2.79
C TYR A 129 -13.74 7.93 -2.79
N THR A 130 -12.52 7.53 -2.49
CA THR A 130 -11.43 8.44 -2.35
C THR A 130 -11.12 9.18 -3.68
N GLU A 131 -11.42 8.53 -4.78
CA GLU A 131 -11.27 9.11 -6.11
C GLU A 131 -12.28 10.24 -6.33
N GLU A 132 -13.50 10.06 -5.86
CA GLU A 132 -14.53 11.08 -5.96
C GLU A 132 -14.21 12.20 -4.98
N THR A 133 -13.63 11.80 -3.85
CA THR A 133 -13.20 12.71 -2.82
C THR A 133 -12.15 13.66 -3.40
N GLU A 134 -11.20 13.10 -4.16
CA GLU A 134 -10.14 13.85 -4.85
C GLU A 134 -10.72 15.02 -5.67
N LEU A 135 -11.74 14.74 -6.49
CA LEU A 135 -12.40 15.79 -7.27
C LEU A 135 -13.06 16.82 -6.39
N SER A 136 -13.79 16.34 -5.40
CA SER A 136 -14.51 17.20 -4.49
C SER A 136 -13.54 18.13 -3.71
N GLU A 137 -12.39 17.61 -3.36
CA GLU A 137 -11.36 18.34 -2.67
C GLU A 137 -10.79 19.46 -3.54
N MET A 138 -10.45 19.13 -4.79
CA MET A 138 -9.83 20.10 -5.70
C MET A 138 -10.78 21.22 -6.10
N LEU A 139 -12.07 20.92 -6.07
CA LEU A 139 -13.12 21.91 -6.30
C LEU A 139 -13.05 23.02 -5.24
N GLU A 140 -12.81 22.61 -3.99
CA GLU A 140 -12.70 23.56 -2.88
C GLU A 140 -11.25 24.01 -2.69
N HIS A 141 -10.37 23.50 -3.58
CA HIS A 141 -8.94 23.89 -3.71
C HIS A 141 -8.06 23.40 -2.56
N HIS A 142 -8.55 22.49 -1.77
CA HIS A 142 -7.79 22.01 -0.61
C HIS A 142 -7.89 20.51 -0.50
N HIS A 143 -7.14 19.95 0.42
CA HIS A 143 -7.20 18.55 0.76
C HIS A 143 -7.27 18.44 2.26
N HIS A 144 -8.37 17.87 2.75
CA HIS A 144 -8.64 17.69 4.17
C HIS A 144 -7.50 17.04 4.89
N HIS A 145 -6.88 17.79 5.75
CA HIS A 145 -5.74 17.31 6.49
C HIS A 145 -5.87 17.62 7.95
N HIS A 146 -5.55 16.64 8.71
CA HIS A 146 -5.48 16.72 10.13
C HIS A 146 -4.52 15.61 10.51
N MET A 1 -27.13 -15.92 -4.17
CA MET A 1 -26.11 -15.51 -3.23
C MET A 1 -25.36 -14.32 -3.74
N ILE A 2 -25.67 -13.17 -3.20
CA ILE A 2 -24.98 -11.97 -3.56
C ILE A 2 -23.73 -11.93 -2.68
N ASP A 3 -22.61 -11.76 -3.30
CA ASP A 3 -21.35 -11.79 -2.59
C ASP A 3 -20.76 -10.37 -2.52
N LYS A 4 -19.42 -10.26 -2.39
CA LYS A 4 -18.65 -8.99 -2.31
C LYS A 4 -18.83 -8.30 -0.96
N ILE A 5 -20.04 -7.86 -0.71
CA ILE A 5 -20.39 -7.14 0.49
C ILE A 5 -21.05 -8.11 1.48
N PHE A 6 -21.81 -9.06 0.96
CA PHE A 6 -22.55 -10.02 1.77
C PHE A 6 -21.77 -11.33 1.93
N GLU A 7 -20.51 -11.25 1.66
CA GLU A 7 -19.59 -12.34 1.76
C GLU A 7 -18.26 -11.71 2.09
N ILE A 8 -17.30 -12.50 2.53
CA ILE A 8 -15.98 -11.98 2.77
C ILE A 8 -15.28 -11.92 1.43
N GLY A 9 -15.34 -10.76 0.79
CA GLY A 9 -14.69 -10.57 -0.47
C GLY A 9 -13.23 -10.32 -0.27
N LEU A 10 -12.85 -9.06 -0.35
CA LEU A 10 -11.46 -8.58 -0.13
C LEU A 10 -10.47 -8.96 -1.24
N LYS A 11 -10.57 -10.17 -1.79
CA LYS A 11 -9.64 -10.66 -2.81
C LYS A 11 -9.70 -9.81 -4.07
N ASP A 12 -10.89 -9.33 -4.43
CA ASP A 12 -11.09 -8.46 -5.63
C ASP A 12 -10.22 -7.22 -5.51
N ILE A 13 -10.19 -6.68 -4.29
CA ILE A 13 -9.47 -5.46 -3.99
C ILE A 13 -7.99 -5.72 -4.14
N PHE A 14 -7.55 -6.78 -3.50
CA PHE A 14 -6.14 -7.16 -3.48
C PHE A 14 -5.67 -7.84 -4.77
N SER A 15 -6.57 -7.98 -5.73
CA SER A 15 -6.21 -8.49 -7.03
C SER A 15 -5.28 -7.51 -7.74
N SER A 16 -5.49 -6.23 -7.50
CA SER A 16 -4.68 -5.21 -8.10
C SER A 16 -3.48 -4.85 -7.20
N SER A 17 -3.31 -5.58 -6.12
CA SER A 17 -2.20 -5.38 -5.24
C SER A 17 -1.04 -6.31 -5.69
N PRO A 18 0.24 -5.93 -5.42
CA PRO A 18 1.41 -6.70 -5.89
C PRO A 18 1.48 -8.10 -5.30
N ALA A 19 1.71 -9.06 -6.17
CA ALA A 19 1.83 -10.45 -5.82
C ALA A 19 3.28 -10.79 -5.53
N GLU A 20 4.14 -9.97 -6.07
CA GLU A 20 5.57 -10.12 -5.96
C GLU A 20 6.17 -8.75 -5.79
N TYR A 21 7.25 -8.67 -5.06
CA TYR A 21 7.86 -7.40 -4.72
C TYR A 21 9.33 -7.42 -5.11
N VAL A 22 9.88 -6.26 -5.26
CA VAL A 22 11.28 -6.10 -5.59
C VAL A 22 11.90 -5.21 -4.53
N THR A 23 13.18 -5.28 -4.36
CA THR A 23 13.79 -4.43 -3.36
C THR A 23 14.13 -3.08 -3.97
N ILE A 24 14.65 -2.21 -3.14
CA ILE A 24 15.13 -0.92 -3.60
C ILE A 24 16.34 -1.16 -4.51
N LYS A 25 17.18 -2.13 -4.12
CA LYS A 25 18.32 -2.54 -4.93
C LYS A 25 17.84 -3.07 -6.29
N ASP A 26 16.79 -3.89 -6.24
CA ASP A 26 16.19 -4.45 -7.47
C ASP A 26 15.72 -3.40 -8.42
N ALA A 27 14.99 -2.44 -7.92
CA ALA A 27 14.46 -1.38 -8.77
C ALA A 27 15.57 -0.50 -9.37
N LEU A 28 16.67 -0.34 -8.64
CA LEU A 28 17.85 0.37 -9.15
C LEU A 28 18.57 -0.47 -10.22
N ASP A 29 18.37 -1.79 -10.10
CA ASP A 29 18.92 -2.80 -11.05
C ASP A 29 18.11 -2.78 -12.35
N GLY A 30 16.92 -2.20 -12.28
CA GLY A 30 16.04 -2.16 -13.41
C GLY A 30 14.87 -3.11 -13.29
N LYS A 31 14.63 -3.63 -12.09
CA LYS A 31 13.45 -4.42 -11.82
C LYS A 31 12.32 -3.45 -11.57
N LEU A 32 11.67 -3.07 -12.62
CA LEU A 32 10.67 -2.04 -12.52
C LEU A 32 9.30 -2.55 -12.86
N LYS A 33 9.19 -3.82 -13.03
CA LYS A 33 7.92 -4.36 -13.33
C LYS A 33 7.54 -5.32 -12.24
N ILE A 34 6.46 -5.05 -11.57
CA ILE A 34 5.97 -5.98 -10.59
C ILE A 34 4.62 -6.51 -10.99
N ARG A 35 4.40 -7.75 -10.69
CA ARG A 35 3.18 -8.42 -11.02
C ARG A 35 2.19 -8.31 -9.87
N LEU A 36 0.97 -8.07 -10.22
CA LEU A 36 -0.11 -7.98 -9.28
C LEU A 36 -0.76 -9.34 -9.17
N ASN A 37 -1.66 -9.51 -8.21
CA ASN A 37 -2.35 -10.81 -7.99
C ASN A 37 -3.18 -11.23 -9.19
N ASN A 38 -3.68 -10.27 -9.91
CA ASN A 38 -4.48 -10.50 -11.14
C ASN A 38 -3.58 -10.64 -12.37
N ASN A 39 -2.27 -10.64 -12.14
CA ASN A 39 -1.23 -10.80 -13.18
C ASN A 39 -1.09 -9.60 -14.09
N PHE A 40 -1.56 -8.47 -13.63
CA PHE A 40 -1.32 -7.23 -14.32
C PHE A 40 0.04 -6.70 -13.88
N TYR A 41 0.64 -5.88 -14.68
CA TYR A 41 1.98 -5.45 -14.41
C TYR A 41 2.05 -3.97 -14.18
N HIS A 42 2.54 -3.61 -13.03
CA HIS A 42 2.70 -2.23 -12.64
C HIS A 42 4.16 -1.84 -12.78
N GLU A 43 4.39 -0.77 -13.49
CA GLU A 43 5.72 -0.26 -13.72
C GLU A 43 6.10 0.75 -12.65
N ILE A 44 7.24 0.50 -12.09
CA ILE A 44 7.82 1.28 -11.05
C ILE A 44 8.77 2.30 -11.65
N LYS A 45 8.74 3.51 -11.16
CA LYS A 45 9.64 4.54 -11.60
C LYS A 45 10.94 4.44 -10.83
N LYS A 46 12.00 4.14 -11.55
CA LYS A 46 13.34 3.98 -10.98
C LYS A 46 13.82 5.31 -10.40
N ASP A 47 13.33 6.39 -10.97
CA ASP A 47 13.68 7.75 -10.57
C ASP A 47 13.25 8.02 -9.14
N GLU A 48 12.07 7.53 -8.79
CA GLU A 48 11.53 7.71 -7.47
C GLU A 48 12.29 6.82 -6.48
N VAL A 49 12.83 5.73 -6.98
CA VAL A 49 13.62 4.81 -6.18
C VAL A 49 15.00 5.42 -5.87
N GLU A 50 15.52 6.23 -6.80
CA GLU A 50 16.81 6.91 -6.62
C GLU A 50 16.72 7.86 -5.44
N LYS A 51 15.74 8.74 -5.48
CA LYS A 51 15.52 9.71 -4.42
C LYS A 51 15.08 9.06 -3.10
N LEU A 52 14.56 7.86 -3.21
CA LEU A 52 14.24 7.04 -2.05
C LEU A 52 15.55 6.53 -1.42
N SER A 53 16.35 5.81 -2.22
CA SER A 53 17.60 5.20 -1.78
C SER A 53 18.63 6.23 -1.27
N SER A 54 18.57 7.44 -1.79
CA SER A 54 19.46 8.51 -1.37
C SER A 54 19.12 8.99 0.06
N ARG A 55 17.94 8.63 0.53
CA ARG A 55 17.47 9.03 1.85
C ARG A 55 17.54 7.89 2.84
N ILE A 56 17.22 6.71 2.39
CA ILE A 56 17.12 5.57 3.25
C ILE A 56 18.48 4.85 3.34
N PRO A 57 18.92 4.47 4.59
CA PRO A 57 20.16 3.76 4.84
C PRO A 57 20.35 2.53 3.95
N LEU A 58 21.59 2.36 3.52
CA LEU A 58 22.06 1.32 2.59
C LEU A 58 21.59 -0.09 2.97
N TYR A 59 21.52 -0.34 4.29
CA TYR A 59 21.17 -1.67 4.83
C TYR A 59 19.78 -2.07 4.35
N LEU A 60 18.89 -1.11 4.35
CA LEU A 60 17.49 -1.35 4.09
C LEU A 60 17.16 -1.51 2.61
N TRP A 61 18.12 -1.24 1.72
CA TRP A 61 17.88 -1.30 0.27
C TRP A 61 17.47 -2.70 -0.20
N SER A 62 18.02 -3.71 0.44
CA SER A 62 17.71 -5.10 0.13
C SER A 62 16.67 -5.69 1.09
N LEU A 63 16.24 -4.89 2.03
CA LEU A 63 15.32 -5.34 3.05
C LEU A 63 13.91 -4.84 2.78
N VAL A 64 13.83 -3.61 2.31
CA VAL A 64 12.58 -2.99 1.97
C VAL A 64 12.12 -3.51 0.63
N LYS A 65 10.94 -4.06 0.63
CA LYS A 65 10.36 -4.59 -0.56
C LYS A 65 9.31 -3.63 -1.04
N ILE A 66 9.55 -3.04 -2.15
CA ILE A 66 8.65 -2.13 -2.77
C ILE A 66 7.85 -2.88 -3.84
N PRO A 67 6.66 -2.41 -4.23
CA PRO A 67 6.02 -1.17 -3.74
C PRO A 67 5.51 -1.23 -2.28
N PHE A 68 5.24 -0.06 -1.72
CA PHE A 68 4.70 0.07 -0.39
C PHE A 68 3.20 -0.03 -0.48
N ILE A 69 2.59 -0.74 0.43
CA ILE A 69 1.16 -0.88 0.45
C ILE A 69 0.62 -0.16 1.68
N PHE A 70 -0.43 0.61 1.51
CA PHE A 70 -1.08 1.27 2.62
C PHE A 70 -2.55 0.98 2.57
N ILE A 71 -3.07 0.44 3.64
CA ILE A 71 -4.49 0.12 3.73
C ILE A 71 -5.16 1.30 4.40
N LYS A 72 -6.18 1.86 3.82
CA LYS A 72 -6.82 2.99 4.44
C LYS A 72 -7.96 2.53 5.35
N SER A 73 -8.12 3.22 6.46
CA SER A 73 -9.25 3.01 7.33
C SER A 73 -10.50 3.53 6.60
N SER A 74 -11.61 2.84 6.74
CA SER A 74 -12.83 3.21 6.05
C SER A 74 -13.42 4.51 6.59
N GLU A 75 -13.45 4.65 7.89
CA GLU A 75 -14.05 5.81 8.52
C GLU A 75 -13.02 6.92 8.68
N ILE A 76 -11.81 6.53 9.02
CA ILE A 76 -10.78 7.48 9.40
C ILE A 76 -9.79 7.67 8.24
N GLY A 77 -9.13 8.79 8.23
CA GLY A 77 -8.08 9.03 7.27
C GLY A 77 -6.73 8.56 7.78
N GLU A 78 -6.68 7.34 8.25
CA GLU A 78 -5.44 6.74 8.72
C GLU A 78 -5.13 5.56 7.85
N TYR A 79 -3.88 5.28 7.69
CA TYR A 79 -3.44 4.23 6.82
C TYR A 79 -2.54 3.25 7.55
N PHE A 80 -2.76 2.00 7.29
CA PHE A 80 -2.01 0.92 7.85
C PHE A 80 -0.85 0.63 6.93
N VAL A 81 0.34 0.81 7.45
CA VAL A 81 1.55 0.60 6.69
C VAL A 81 1.75 -0.91 6.50
N SER A 82 1.76 -1.31 5.27
CA SER A 82 1.88 -2.69 4.92
C SER A 82 3.20 -2.94 4.18
N GLY A 83 3.71 -4.13 4.34
CA GLY A 83 4.94 -4.50 3.79
C GLY A 83 5.76 -5.15 4.84
N GLU A 84 7.03 -5.11 4.68
CA GLU A 84 7.97 -5.68 5.63
C GLU A 84 8.11 -4.77 6.85
N GLN A 85 8.80 -5.25 7.88
CA GLN A 85 9.09 -4.42 9.07
C GLN A 85 10.03 -3.30 8.65
N TRP A 86 10.83 -3.60 7.65
CA TRP A 86 11.78 -2.69 7.09
C TRP A 86 11.06 -1.59 6.33
N ASN A 87 9.89 -1.92 5.78
CA ASN A 87 9.06 -0.94 5.06
C ASN A 87 8.53 0.08 6.03
N LYS A 88 8.11 -0.40 7.18
CA LYS A 88 7.59 0.47 8.25
C LYS A 88 8.72 1.34 8.82
N LYS A 89 9.92 0.76 8.87
CA LYS A 89 11.11 1.46 9.29
C LYS A 89 11.49 2.54 8.26
N ALA A 90 11.31 2.21 6.99
CA ALA A 90 11.59 3.13 5.88
C ALA A 90 10.71 4.36 5.99
N ILE A 91 9.42 4.15 6.30
CA ILE A 91 8.45 5.22 6.42
C ILE A 91 8.84 6.13 7.60
N SER A 92 9.40 5.53 8.62
CA SER A 92 9.86 6.24 9.79
C SER A 92 11.04 7.17 9.44
N ILE A 93 11.88 6.73 8.54
CA ILE A 93 13.05 7.48 8.14
C ILE A 93 12.70 8.58 7.12
N LEU A 94 11.86 8.23 6.15
CA LEU A 94 11.47 9.15 5.08
C LEU A 94 10.66 10.32 5.63
N LEU A 95 9.74 10.03 6.54
CA LEU A 95 8.91 11.06 7.10
C LEU A 95 9.62 11.73 8.26
N GLY A 96 10.41 10.97 8.96
CA GLY A 96 11.07 11.47 10.13
C GLY A 96 10.10 11.42 11.29
N ARG A 97 9.36 10.33 11.36
CA ARG A 97 8.35 10.14 12.37
C ARG A 97 8.48 8.74 12.95
N GLU A 98 7.89 8.54 14.09
CA GLU A 98 7.86 7.23 14.71
C GLU A 98 6.60 6.47 14.26
N ILE A 99 6.79 5.45 13.48
CA ILE A 99 5.68 4.65 13.00
C ILE A 99 5.61 3.33 13.71
N SER A 100 4.48 3.06 14.29
CA SER A 100 4.22 1.77 14.82
C SER A 100 3.66 0.91 13.67
N ASN A 101 2.43 1.19 13.28
CA ASN A 101 1.80 0.51 12.15
C ASN A 101 0.92 1.44 11.33
N VAL A 102 0.55 2.57 11.88
CA VAL A 102 -0.36 3.48 11.18
C VAL A 102 0.25 4.85 10.98
N ILE A 103 -0.14 5.50 9.91
CA ILE A 103 0.22 6.87 9.64
C ILE A 103 -1.01 7.64 9.26
N LEU A 104 -0.90 8.93 9.27
CA LEU A 104 -2.00 9.79 8.92
C LEU A 104 -2.07 9.95 7.41
N ASN A 105 -3.23 10.42 6.94
CA ASN A 105 -3.48 10.65 5.52
C ASN A 105 -2.46 11.62 4.97
N VAL A 106 -2.22 12.68 5.72
CA VAL A 106 -1.27 13.73 5.35
C VAL A 106 0.14 13.16 5.08
N ASP A 107 0.53 12.14 5.85
CA ASP A 107 1.83 11.51 5.69
C ASP A 107 1.91 10.66 4.45
N VAL A 108 0.78 10.07 4.10
CA VAL A 108 0.69 9.29 2.87
C VAL A 108 0.72 10.24 1.69
N GLU A 109 0.04 11.39 1.85
CA GLU A 109 0.00 12.43 0.82
C GLU A 109 1.41 12.99 0.55
N LYS A 110 2.20 13.14 1.61
CA LYS A 110 3.61 13.56 1.52
C LYS A 110 4.41 12.53 0.73
N LEU A 111 4.18 11.27 1.05
CA LEU A 111 4.85 10.17 0.39
C LEU A 111 4.43 10.05 -1.07
N LEU A 112 3.13 10.21 -1.36
CA LEU A 112 2.60 10.18 -2.74
C LEU A 112 3.20 11.27 -3.59
N ARG A 113 3.39 12.42 -2.97
CA ARG A 113 3.88 13.60 -3.64
C ARG A 113 5.34 13.43 -4.02
N GLU A 114 6.03 12.55 -3.31
CA GLU A 114 7.39 12.28 -3.58
C GLU A 114 7.55 10.97 -4.42
N TYR A 115 6.86 9.92 -4.03
CA TYR A 115 6.97 8.62 -4.65
C TYR A 115 5.58 8.12 -5.04
N THR A 116 5.15 8.38 -6.22
CA THR A 116 3.83 7.98 -6.63
C THR A 116 3.76 6.49 -7.05
N SER A 117 4.70 6.05 -7.88
CA SER A 117 4.61 4.71 -8.48
C SER A 117 5.00 3.63 -7.50
N LEU A 118 5.61 4.04 -6.41
CA LEU A 118 6.10 3.13 -5.42
C LEU A 118 5.03 2.83 -4.38
N ILE A 119 3.87 3.44 -4.52
CA ILE A 119 2.84 3.30 -3.50
C ILE A 119 1.53 2.73 -4.04
N PHE A 120 1.01 1.76 -3.31
CA PHE A 120 -0.29 1.18 -3.55
C PHE A 120 -1.20 1.48 -2.38
N ILE A 121 -2.17 2.31 -2.60
CA ILE A 121 -3.12 2.63 -1.59
C ILE A 121 -4.34 1.76 -1.77
N ILE A 122 -4.60 0.97 -0.79
CA ILE A 122 -5.71 0.08 -0.81
C ILE A 122 -6.84 0.73 -0.04
N LEU A 123 -7.77 1.31 -0.76
CA LEU A 123 -8.92 1.90 -0.15
C LEU A 123 -9.93 0.82 0.10
N SER A 124 -10.74 0.99 1.07
CA SER A 124 -11.81 0.10 1.33
C SER A 124 -13.02 0.54 0.49
N PRO A 125 -13.37 -0.23 -0.56
CA PRO A 125 -14.47 0.11 -1.47
C PRO A 125 -15.81 -0.39 -0.92
N THR A 126 -15.92 -0.40 0.40
CA THR A 126 -17.08 -0.82 1.12
C THR A 126 -18.29 0.03 0.70
N ARG A 127 -18.04 1.30 0.39
CA ARG A 127 -19.04 2.15 -0.14
C ARG A 127 -19.28 1.87 -1.63
N SER A 128 -19.98 0.80 -1.84
CA SER A 128 -20.43 0.34 -3.13
C SER A 128 -21.68 -0.46 -2.87
N TYR A 129 -22.35 -0.08 -1.76
CA TYR A 129 -23.49 -0.79 -1.22
C TYR A 129 -24.59 -0.98 -2.23
N THR A 130 -25.23 -2.12 -2.15
CA THR A 130 -26.31 -2.52 -3.03
C THR A 130 -27.43 -1.47 -3.10
N GLU A 131 -27.83 -0.99 -1.96
CA GLU A 131 -28.86 0.01 -1.83
C GLU A 131 -28.37 1.38 -2.25
N GLU A 132 -27.08 1.65 -2.03
CA GLU A 132 -26.47 2.93 -2.41
C GLU A 132 -26.59 3.11 -3.91
N THR A 133 -26.10 2.13 -4.63
CA THR A 133 -26.14 2.13 -6.06
C THR A 133 -27.57 2.05 -6.59
N GLU A 134 -28.37 1.13 -6.04
CA GLU A 134 -29.74 0.91 -6.50
C GLU A 134 -30.57 2.18 -6.37
N LEU A 135 -30.51 2.81 -5.19
CA LEU A 135 -31.25 4.00 -4.92
C LEU A 135 -30.81 5.17 -5.76
N SER A 136 -29.51 5.41 -5.85
CA SER A 136 -29.01 6.55 -6.64
C SER A 136 -29.37 6.40 -8.12
N GLU A 137 -29.30 5.17 -8.63
CA GLU A 137 -29.66 4.87 -9.99
C GLU A 137 -31.16 5.05 -10.23
N MET A 138 -31.99 4.80 -9.24
CA MET A 138 -33.42 4.96 -9.45
C MET A 138 -33.92 6.39 -9.16
N LEU A 139 -33.39 7.00 -8.09
CA LEU A 139 -33.74 8.39 -7.68
C LEU A 139 -33.36 9.39 -8.78
N GLU A 140 -32.16 9.26 -9.32
CA GLU A 140 -31.67 10.18 -10.34
C GLU A 140 -32.15 9.71 -11.74
N HIS A 141 -32.82 8.57 -11.77
CA HIS A 141 -33.35 7.95 -12.98
C HIS A 141 -32.31 7.58 -14.01
N HIS A 142 -31.59 6.53 -13.71
CA HIS A 142 -30.62 5.96 -14.62
C HIS A 142 -31.08 4.59 -15.04
N HIS A 143 -32.14 4.07 -14.41
CA HIS A 143 -32.64 2.75 -14.75
C HIS A 143 -33.49 2.77 -15.99
N HIS A 144 -32.81 2.96 -17.06
CA HIS A 144 -33.35 2.85 -18.38
C HIS A 144 -32.67 1.63 -19.00
N HIS A 145 -31.94 0.97 -18.11
CA HIS A 145 -31.17 -0.22 -18.35
C HIS A 145 -31.31 -1.00 -17.06
N HIS A 146 -31.08 -2.28 -17.12
CA HIS A 146 -31.15 -3.14 -15.95
C HIS A 146 -29.86 -2.98 -15.14
N MET A 1 -20.01 -19.92 1.47
CA MET A 1 -19.44 -20.49 0.25
C MET A 1 -18.18 -21.21 0.59
N ILE A 2 -17.99 -22.39 0.04
CA ILE A 2 -16.79 -23.15 0.28
C ILE A 2 -15.89 -22.96 -0.92
N ASP A 3 -15.02 -21.99 -0.84
CA ASP A 3 -14.11 -21.68 -1.94
C ASP A 3 -12.84 -22.47 -1.75
N LYS A 4 -12.12 -22.68 -2.82
CA LYS A 4 -10.91 -23.48 -2.80
C LYS A 4 -9.68 -22.61 -3.04
N ILE A 5 -9.89 -21.39 -3.46
CA ILE A 5 -8.79 -20.51 -3.82
C ILE A 5 -8.76 -19.31 -2.89
N PHE A 6 -7.70 -19.19 -2.15
CA PHE A 6 -7.51 -18.06 -1.25
C PHE A 6 -6.25 -17.34 -1.63
N GLU A 7 -5.16 -18.13 -1.70
CA GLU A 7 -3.81 -17.68 -2.09
C GLU A 7 -3.24 -16.62 -1.15
N ILE A 8 -3.70 -15.42 -1.29
CA ILE A 8 -3.25 -14.31 -0.48
C ILE A 8 -4.28 -14.06 0.65
N GLY A 9 -5.47 -14.59 0.49
CA GLY A 9 -6.52 -14.44 1.46
C GLY A 9 -7.73 -13.84 0.81
N LEU A 10 -7.75 -12.54 0.78
CA LEU A 10 -8.81 -11.80 0.17
C LEU A 10 -8.45 -11.58 -1.27
N LYS A 11 -8.64 -12.64 -2.04
CA LYS A 11 -8.24 -12.74 -3.43
C LYS A 11 -8.74 -11.60 -4.31
N ASP A 12 -10.02 -11.30 -4.24
CA ASP A 12 -10.65 -10.30 -5.13
C ASP A 12 -10.19 -8.91 -4.76
N ILE A 13 -10.05 -8.69 -3.47
CA ILE A 13 -9.64 -7.40 -2.93
C ILE A 13 -8.21 -7.08 -3.36
N PHE A 14 -7.34 -8.04 -3.19
CA PHE A 14 -5.95 -7.85 -3.48
C PHE A 14 -5.57 -8.29 -4.90
N SER A 15 -6.58 -8.38 -5.78
CA SER A 15 -6.35 -8.71 -7.18
C SER A 15 -5.47 -7.67 -7.88
N SER A 16 -5.69 -6.41 -7.59
CA SER A 16 -4.92 -5.36 -8.22
C SER A 16 -3.74 -4.93 -7.35
N SER A 17 -3.47 -5.68 -6.32
CA SER A 17 -2.36 -5.42 -5.46
C SER A 17 -1.16 -6.20 -5.99
N PRO A 18 0.10 -5.77 -5.67
CA PRO A 18 1.30 -6.43 -6.15
C PRO A 18 1.41 -7.85 -5.63
N ALA A 19 1.65 -8.76 -6.53
CA ALA A 19 1.77 -10.16 -6.22
C ALA A 19 3.21 -10.49 -5.86
N GLU A 20 4.07 -9.62 -6.30
CA GLU A 20 5.48 -9.74 -6.10
C GLU A 20 6.03 -8.37 -5.84
N TYR A 21 7.12 -8.32 -5.14
CA TYR A 21 7.72 -7.09 -4.74
C TYR A 21 9.17 -7.17 -5.08
N VAL A 22 9.81 -6.07 -5.19
CA VAL A 22 11.23 -6.00 -5.46
C VAL A 22 11.85 -5.11 -4.40
N THR A 23 13.11 -5.22 -4.17
CA THR A 23 13.72 -4.34 -3.21
C THR A 23 14.11 -3.04 -3.88
N ILE A 24 14.69 -2.14 -3.13
CA ILE A 24 15.14 -0.87 -3.65
C ILE A 24 16.38 -1.17 -4.48
N LYS A 25 17.10 -2.17 -4.02
CA LYS A 25 18.26 -2.69 -4.69
C LYS A 25 17.84 -3.27 -6.04
N ASP A 26 16.76 -4.06 -6.04
CA ASP A 26 16.21 -4.68 -7.27
C ASP A 26 15.77 -3.61 -8.25
N ALA A 27 15.08 -2.62 -7.76
CA ALA A 27 14.59 -1.55 -8.61
C ALA A 27 15.73 -0.71 -9.19
N LEU A 28 16.79 -0.49 -8.42
CA LEU A 28 17.99 0.19 -8.91
C LEU A 28 18.71 -0.70 -9.92
N ASP A 29 18.53 -2.00 -9.75
CA ASP A 29 19.09 -3.04 -10.62
C ASP A 29 18.34 -3.06 -11.96
N GLY A 30 17.23 -2.36 -12.02
CA GLY A 30 16.45 -2.28 -13.23
C GLY A 30 15.17 -3.08 -13.18
N LYS A 31 14.96 -3.79 -12.08
CA LYS A 31 13.75 -4.56 -11.90
C LYS A 31 12.64 -3.64 -11.45
N LEU A 32 11.92 -3.13 -12.42
CA LEU A 32 10.91 -2.12 -12.18
C LEU A 32 9.54 -2.62 -12.52
N LYS A 33 9.45 -3.80 -13.00
CA LYS A 33 8.18 -4.29 -13.39
C LYS A 33 7.72 -5.33 -12.39
N ILE A 34 6.65 -5.04 -11.71
CA ILE A 34 6.07 -5.99 -10.79
C ILE A 34 4.72 -6.42 -11.29
N ARG A 35 4.38 -7.64 -11.04
CA ARG A 35 3.13 -8.17 -11.49
C ARG A 35 2.11 -8.05 -10.37
N LEU A 36 0.91 -7.76 -10.75
CA LEU A 36 -0.20 -7.70 -9.83
C LEU A 36 -0.83 -9.08 -9.81
N ASN A 37 -1.62 -9.38 -8.79
CA ASN A 37 -2.24 -10.72 -8.64
C ASN A 37 -3.17 -11.08 -9.81
N ASN A 38 -3.80 -10.08 -10.36
CA ASN A 38 -4.69 -10.23 -11.53
C ASN A 38 -3.89 -10.28 -12.85
N ASN A 39 -2.56 -10.37 -12.73
CA ASN A 39 -1.60 -10.55 -13.84
C ASN A 39 -1.31 -9.32 -14.66
N PHE A 40 -1.75 -8.17 -14.21
CA PHE A 40 -1.39 -6.95 -14.89
C PHE A 40 -0.06 -6.44 -14.34
N TYR A 41 0.58 -5.59 -15.05
CA TYR A 41 1.88 -5.12 -14.63
C TYR A 41 1.88 -3.69 -14.22
N HIS A 42 2.66 -3.40 -13.21
CA HIS A 42 2.83 -2.06 -12.74
C HIS A 42 4.31 -1.72 -12.82
N GLU A 43 4.61 -0.67 -13.52
CA GLU A 43 5.94 -0.18 -13.71
C GLU A 43 6.31 0.79 -12.60
N ILE A 44 7.39 0.51 -11.97
CA ILE A 44 7.94 1.29 -10.92
C ILE A 44 8.88 2.32 -11.55
N LYS A 45 8.81 3.55 -11.12
CA LYS A 45 9.69 4.57 -11.60
C LYS A 45 11.01 4.49 -10.88
N LYS A 46 12.05 4.18 -11.63
CA LYS A 46 13.40 4.06 -11.11
C LYS A 46 13.86 5.37 -10.51
N ASP A 47 13.39 6.46 -11.09
CA ASP A 47 13.67 7.82 -10.62
C ASP A 47 13.30 8.00 -9.19
N GLU A 48 12.14 7.47 -8.82
CA GLU A 48 11.62 7.63 -7.49
C GLU A 48 12.35 6.72 -6.51
N VAL A 49 12.92 5.67 -7.05
CA VAL A 49 13.73 4.73 -6.27
C VAL A 49 15.11 5.33 -6.00
N GLU A 50 15.65 6.02 -7.00
CA GLU A 50 16.96 6.68 -6.89
C GLU A 50 16.94 7.81 -5.87
N LYS A 51 15.84 8.56 -5.83
CA LYS A 51 15.68 9.61 -4.83
C LYS A 51 15.36 9.02 -3.45
N LEU A 52 14.64 7.89 -3.44
CA LEU A 52 14.32 7.14 -2.21
C LEU A 52 15.60 6.69 -1.53
N SER A 53 16.45 6.00 -2.28
CA SER A 53 17.73 5.47 -1.80
C SER A 53 18.72 6.56 -1.35
N SER A 54 18.43 7.80 -1.67
CA SER A 54 19.26 8.91 -1.25
C SER A 54 18.86 9.37 0.17
N ARG A 55 17.69 8.93 0.63
CA ARG A 55 17.20 9.31 1.95
C ARG A 55 17.16 8.12 2.90
N ILE A 56 16.94 6.94 2.36
CA ILE A 56 16.89 5.74 3.17
C ILE A 56 18.27 5.07 3.28
N PRO A 57 18.72 4.72 4.53
CA PRO A 57 19.98 4.02 4.77
C PRO A 57 20.20 2.78 3.88
N LEU A 58 21.46 2.58 3.52
CA LEU A 58 21.97 1.55 2.60
C LEU A 58 21.50 0.13 3.01
N TYR A 59 21.43 -0.12 4.32
CA TYR A 59 21.10 -1.43 4.88
C TYR A 59 19.74 -1.89 4.38
N LEU A 60 18.84 -0.93 4.30
CA LEU A 60 17.46 -1.19 4.04
C LEU A 60 17.13 -1.35 2.56
N TRP A 61 18.09 -1.06 1.67
CA TRP A 61 17.82 -1.11 0.22
C TRP A 61 17.41 -2.51 -0.24
N SER A 62 18.07 -3.49 0.29
CA SER A 62 17.81 -4.86 -0.04
C SER A 62 16.83 -5.53 0.96
N LEU A 63 16.27 -4.73 1.84
CA LEU A 63 15.34 -5.24 2.84
C LEU A 63 13.94 -4.73 2.60
N VAL A 64 13.85 -3.50 2.15
CA VAL A 64 12.59 -2.88 1.86
C VAL A 64 12.09 -3.33 0.51
N LYS A 65 11.02 -4.07 0.55
CA LYS A 65 10.37 -4.52 -0.64
C LYS A 65 9.34 -3.49 -1.03
N ILE A 66 9.49 -2.95 -2.18
CA ILE A 66 8.57 -1.99 -2.75
C ILE A 66 7.78 -2.69 -3.87
N PRO A 67 6.60 -2.20 -4.27
CA PRO A 67 5.95 -1.00 -3.71
C PRO A 67 5.41 -1.17 -2.27
N PHE A 68 5.13 -0.04 -1.64
CA PHE A 68 4.59 0.01 -0.29
C PHE A 68 3.08 -0.12 -0.39
N ILE A 69 2.48 -0.83 0.52
CA ILE A 69 1.05 -1.00 0.54
C ILE A 69 0.50 -0.26 1.75
N PHE A 70 -0.57 0.48 1.57
CA PHE A 70 -1.21 1.15 2.67
C PHE A 70 -2.68 0.83 2.65
N ILE A 71 -3.17 0.28 3.74
CA ILE A 71 -4.59 -0.02 3.86
C ILE A 71 -5.22 1.20 4.50
N LYS A 72 -6.21 1.78 3.90
CA LYS A 72 -6.81 2.95 4.48
C LYS A 72 -7.78 2.56 5.60
N SER A 73 -7.72 3.30 6.69
CA SER A 73 -8.64 3.18 7.79
C SER A 73 -10.01 3.57 7.24
N SER A 74 -11.01 2.79 7.58
CA SER A 74 -12.32 2.87 6.98
C SER A 74 -12.98 4.27 7.04
N GLU A 75 -12.92 4.92 8.18
CA GLU A 75 -13.60 6.21 8.32
C GLU A 75 -12.66 7.29 8.80
N ILE A 76 -11.39 6.99 8.88
CA ILE A 76 -10.45 7.91 9.44
C ILE A 76 -9.29 8.07 8.47
N GLY A 77 -8.65 9.24 8.47
CA GLY A 77 -7.51 9.50 7.61
C GLY A 77 -6.25 8.91 8.20
N GLU A 78 -6.25 7.61 8.31
CA GLU A 78 -5.14 6.84 8.80
C GLU A 78 -4.90 5.76 7.79
N TYR A 79 -3.69 5.38 7.64
CA TYR A 79 -3.34 4.31 6.75
C TYR A 79 -2.45 3.32 7.44
N PHE A 80 -2.75 2.08 7.27
CA PHE A 80 -2.03 0.98 7.85
C PHE A 80 -0.89 0.61 6.93
N VAL A 81 0.30 0.82 7.40
CA VAL A 81 1.51 0.58 6.66
C VAL A 81 1.72 -0.92 6.53
N SER A 82 1.57 -1.38 5.34
CA SER A 82 1.66 -2.77 5.02
C SER A 82 2.96 -3.03 4.26
N GLY A 83 3.46 -4.22 4.41
CA GLY A 83 4.68 -4.59 3.81
C GLY A 83 5.59 -5.11 4.85
N GLU A 84 6.84 -5.01 4.59
CA GLU A 84 7.87 -5.49 5.48
C GLU A 84 7.96 -4.60 6.72
N GLN A 85 8.62 -5.09 7.75
CA GLN A 85 8.89 -4.26 8.92
C GLN A 85 9.89 -3.18 8.51
N TRP A 86 10.70 -3.51 7.51
CA TRP A 86 11.65 -2.63 6.94
C TRP A 86 10.94 -1.50 6.16
N ASN A 87 9.73 -1.81 5.65
CA ASN A 87 8.87 -0.81 4.96
C ASN A 87 8.48 0.26 5.93
N LYS A 88 8.08 -0.18 7.10
CA LYS A 88 7.62 0.68 8.17
C LYS A 88 8.79 1.49 8.72
N LYS A 89 9.96 0.85 8.78
CA LYS A 89 11.20 1.49 9.21
C LYS A 89 11.61 2.58 8.20
N ALA A 90 11.36 2.31 6.93
CA ALA A 90 11.63 3.26 5.87
C ALA A 90 10.78 4.50 6.07
N ILE A 91 9.49 4.28 6.33
CA ILE A 91 8.52 5.36 6.51
C ILE A 91 8.91 6.26 7.68
N SER A 92 9.39 5.65 8.77
CA SER A 92 9.82 6.39 9.93
C SER A 92 11.02 7.30 9.65
N ILE A 93 11.87 6.89 8.73
CA ILE A 93 13.07 7.65 8.40
C ILE A 93 12.74 8.73 7.34
N LEU A 94 11.88 8.39 6.40
CA LEU A 94 11.49 9.32 5.33
C LEU A 94 10.65 10.48 5.88
N LEU A 95 9.73 10.17 6.76
CA LEU A 95 8.82 11.17 7.27
C LEU A 95 9.29 11.79 8.56
N GLY A 96 10.03 11.02 9.33
CA GLY A 96 10.49 11.48 10.62
C GLY A 96 9.38 11.34 11.63
N ARG A 97 8.70 10.22 11.57
CA ARG A 97 7.56 9.92 12.40
C ARG A 97 7.76 8.56 12.98
N GLU A 98 7.18 8.28 14.11
CA GLU A 98 7.20 6.94 14.63
C GLU A 98 6.01 6.16 14.14
N ILE A 99 6.27 4.98 13.67
CA ILE A 99 5.26 4.14 13.07
C ILE A 99 5.05 2.88 13.86
N SER A 100 3.85 2.68 14.33
CA SER A 100 3.45 1.46 14.92
C SER A 100 3.04 0.54 13.76
N ASN A 101 1.88 0.81 13.21
CA ASN A 101 1.39 0.21 11.99
C ASN A 101 0.58 1.23 11.20
N VAL A 102 0.46 2.45 11.72
CA VAL A 102 -0.36 3.47 11.07
C VAL A 102 0.32 4.81 10.97
N ILE A 103 -0.04 5.52 9.93
CA ILE A 103 0.35 6.90 9.70
C ILE A 103 -0.89 7.66 9.33
N LEU A 104 -0.80 8.96 9.22
CA LEU A 104 -1.94 9.76 8.87
C LEU A 104 -2.08 9.89 7.37
N ASN A 105 -3.20 10.41 6.95
CA ASN A 105 -3.50 10.64 5.55
C ASN A 105 -2.54 11.64 4.95
N VAL A 106 -2.20 12.67 5.73
CA VAL A 106 -1.24 13.68 5.32
C VAL A 106 0.13 13.05 5.05
N ASP A 107 0.52 12.08 5.90
CA ASP A 107 1.79 11.37 5.77
C ASP A 107 1.85 10.62 4.47
N VAL A 108 0.75 9.94 4.16
CA VAL A 108 0.62 9.17 2.92
C VAL A 108 0.65 10.09 1.72
N GLU A 109 -0.02 11.22 1.80
CA GLU A 109 -0.02 12.16 0.70
C GLU A 109 1.36 12.79 0.49
N LYS A 110 2.09 13.02 1.58
CA LYS A 110 3.49 13.49 1.51
C LYS A 110 4.32 12.46 0.75
N LEU A 111 4.11 11.19 1.09
CA LEU A 111 4.79 10.08 0.45
C LEU A 111 4.38 9.94 -1.01
N LEU A 112 3.08 10.08 -1.30
CA LEU A 112 2.54 10.00 -2.68
C LEU A 112 3.17 11.05 -3.58
N ARG A 113 3.27 12.27 -3.09
CA ARG A 113 3.84 13.38 -3.86
C ARG A 113 5.35 13.21 -4.03
N GLU A 114 5.94 12.44 -3.15
CA GLU A 114 7.36 12.24 -3.15
C GLU A 114 7.73 11.02 -4.03
N TYR A 115 7.00 9.94 -3.85
CA TYR A 115 7.20 8.67 -4.55
C TYR A 115 5.84 8.13 -4.95
N THR A 116 5.38 8.44 -6.13
CA THR A 116 4.04 8.06 -6.52
C THR A 116 3.93 6.57 -6.95
N SER A 117 4.86 6.11 -7.77
CA SER A 117 4.76 4.77 -8.35
C SER A 117 5.11 3.68 -7.35
N LEU A 118 5.67 4.09 -6.23
CA LEU A 118 6.11 3.17 -5.22
C LEU A 118 5.01 2.87 -4.22
N ILE A 119 3.82 3.41 -4.43
CA ILE A 119 2.77 3.25 -3.44
C ILE A 119 1.47 2.66 -4.02
N PHE A 120 0.91 1.70 -3.29
CA PHE A 120 -0.39 1.11 -3.58
C PHE A 120 -1.30 1.33 -2.39
N ILE A 121 -2.38 2.02 -2.62
CA ILE A 121 -3.34 2.28 -1.58
C ILE A 121 -4.51 1.32 -1.71
N ILE A 122 -4.80 0.62 -0.65
CA ILE A 122 -5.91 -0.29 -0.60
C ILE A 122 -7.00 0.38 0.21
N LEU A 123 -8.09 0.69 -0.41
CA LEU A 123 -9.16 1.40 0.23
C LEU A 123 -10.17 0.45 0.84
N SER A 124 -10.72 0.85 1.95
CA SER A 124 -11.78 0.13 2.60
C SER A 124 -13.12 0.66 2.05
N PRO A 125 -14.11 -0.24 1.81
CA PRO A 125 -15.44 0.16 1.31
C PRO A 125 -16.28 0.93 2.35
N THR A 126 -15.80 0.95 3.60
CA THR A 126 -16.41 1.71 4.70
C THR A 126 -17.72 1.01 5.21
N ARG A 127 -18.22 1.42 6.39
CA ARG A 127 -19.40 0.84 7.02
C ARG A 127 -20.71 1.11 6.24
N SER A 128 -20.65 1.94 5.26
CA SER A 128 -21.80 2.31 4.50
C SER A 128 -21.98 1.38 3.31
N TYR A 129 -23.13 0.75 3.24
CA TYR A 129 -23.45 -0.16 2.16
C TYR A 129 -23.86 0.67 0.97
N THR A 130 -23.26 0.40 -0.17
CA THR A 130 -23.46 1.15 -1.39
C THR A 130 -24.96 1.27 -1.78
N GLU A 131 -25.72 0.18 -1.63
CA GLU A 131 -27.15 0.18 -1.95
C GLU A 131 -27.90 1.19 -1.08
N GLU A 132 -27.65 1.12 0.22
CA GLU A 132 -28.32 1.98 1.18
C GLU A 132 -27.85 3.43 1.04
N THR A 133 -26.55 3.59 0.84
CA THR A 133 -25.94 4.88 0.71
C THR A 133 -26.48 5.63 -0.51
N GLU A 134 -26.62 4.90 -1.62
CA GLU A 134 -27.14 5.48 -2.85
C GLU A 134 -28.54 6.02 -2.62
N LEU A 135 -29.40 5.19 -2.02
CA LEU A 135 -30.79 5.57 -1.74
C LEU A 135 -30.86 6.79 -0.84
N SER A 136 -30.10 6.76 0.25
CA SER A 136 -30.10 7.82 1.25
C SER A 136 -29.67 9.17 0.64
N GLU A 137 -28.64 9.13 -0.19
CA GLU A 137 -28.11 10.33 -0.81
C GLU A 137 -29.01 10.84 -1.94
N MET A 138 -29.61 9.93 -2.71
CA MET A 138 -30.40 10.33 -3.87
C MET A 138 -31.79 10.89 -3.50
N LEU A 139 -32.44 10.30 -2.50
CA LEU A 139 -33.79 10.71 -2.09
C LEU A 139 -33.78 12.09 -1.47
N GLU A 140 -32.89 12.30 -0.53
CA GLU A 140 -32.81 13.56 0.14
C GLU A 140 -32.05 14.59 -0.68
N HIS A 141 -31.24 14.09 -1.63
CA HIS A 141 -30.41 14.91 -2.58
C HIS A 141 -29.21 15.59 -1.88
N HIS A 142 -29.33 15.77 -0.59
CA HIS A 142 -28.31 16.36 0.24
C HIS A 142 -27.20 15.34 0.49
N HIS A 143 -26.07 15.59 -0.09
CA HIS A 143 -24.88 14.76 0.15
C HIS A 143 -24.13 15.37 1.30
N HIS A 144 -24.23 16.67 1.39
CA HIS A 144 -23.70 17.44 2.47
C HIS A 144 -24.88 18.00 3.20
N HIS A 145 -24.70 18.32 4.49
CA HIS A 145 -25.79 18.80 5.37
C HIS A 145 -26.76 17.65 5.60
N HIS A 146 -26.23 16.46 5.46
CA HIS A 146 -26.92 15.23 5.62
C HIS A 146 -26.11 14.42 6.59
N MET A 1 -21.24 -10.15 17.34
CA MET A 1 -20.28 -9.78 18.38
C MET A 1 -19.18 -8.95 17.74
N ILE A 2 -18.20 -9.60 17.12
CA ILE A 2 -17.19 -8.88 16.39
C ILE A 2 -17.60 -8.95 14.94
N ASP A 3 -18.51 -8.09 14.61
CA ASP A 3 -19.13 -8.05 13.31
C ASP A 3 -18.33 -7.19 12.39
N LYS A 4 -17.54 -7.81 11.57
CA LYS A 4 -16.76 -7.10 10.58
C LYS A 4 -16.90 -7.80 9.26
N ILE A 5 -16.18 -7.32 8.28
CA ILE A 5 -16.16 -7.94 6.97
C ILE A 5 -15.15 -9.09 7.01
N PHE A 6 -14.22 -8.99 7.99
CA PHE A 6 -13.14 -9.95 8.23
C PHE A 6 -12.08 -9.85 7.17
N GLU A 7 -10.95 -9.31 7.57
CA GLU A 7 -9.81 -9.11 6.72
C GLU A 7 -9.21 -10.43 6.24
N ILE A 8 -9.81 -10.95 5.19
CA ILE A 8 -9.45 -12.17 4.52
C ILE A 8 -10.34 -12.30 3.29
N GLY A 9 -11.62 -11.91 3.45
CA GLY A 9 -12.58 -11.95 2.34
C GLY A 9 -12.56 -10.66 1.56
N LEU A 10 -11.36 -10.18 1.33
CA LEU A 10 -11.11 -8.94 0.64
C LEU A 10 -10.22 -9.25 -0.56
N LYS A 11 -10.27 -10.50 -0.97
CA LYS A 11 -9.41 -11.09 -2.03
C LYS A 11 -9.54 -10.33 -3.33
N ASP A 12 -10.76 -9.97 -3.65
CA ASP A 12 -11.08 -9.26 -4.91
C ASP A 12 -10.55 -7.83 -4.89
N ILE A 13 -10.34 -7.29 -3.70
CA ILE A 13 -9.80 -5.94 -3.56
C ILE A 13 -8.29 -6.03 -3.69
N PHE A 14 -7.73 -7.02 -2.99
CA PHE A 14 -6.29 -7.26 -2.96
C PHE A 14 -5.79 -7.92 -4.25
N SER A 15 -6.67 -8.07 -5.21
CA SER A 15 -6.32 -8.50 -6.52
C SER A 15 -5.45 -7.41 -7.20
N SER A 16 -5.67 -6.16 -6.81
CA SER A 16 -4.92 -5.05 -7.36
C SER A 16 -3.61 -4.80 -6.60
N SER A 17 -3.41 -5.53 -5.52
CA SER A 17 -2.21 -5.41 -4.74
C SER A 17 -1.07 -6.18 -5.45
N PRO A 18 0.19 -5.72 -5.30
CA PRO A 18 1.35 -6.40 -5.89
C PRO A 18 1.50 -7.81 -5.33
N ALA A 19 1.66 -8.75 -6.23
CA ALA A 19 1.80 -10.15 -5.88
C ALA A 19 3.26 -10.46 -5.67
N GLU A 20 4.10 -9.63 -6.22
CA GLU A 20 5.53 -9.78 -6.11
C GLU A 20 6.10 -8.42 -5.85
N TYR A 21 7.19 -8.38 -5.16
CA TYR A 21 7.82 -7.15 -4.81
C TYR A 21 9.26 -7.22 -5.21
N VAL A 22 9.86 -6.09 -5.32
CA VAL A 22 11.26 -5.98 -5.59
C VAL A 22 11.83 -5.09 -4.52
N THR A 23 13.07 -5.18 -4.23
CA THR A 23 13.63 -4.30 -3.26
C THR A 23 14.02 -2.99 -3.94
N ILE A 24 14.54 -2.08 -3.17
CA ILE A 24 14.97 -0.80 -3.68
C ILE A 24 16.21 -1.06 -4.52
N LYS A 25 16.95 -2.03 -4.04
CA LYS A 25 18.17 -2.45 -4.65
C LYS A 25 17.88 -3.24 -5.94
N ASP A 26 16.74 -3.95 -5.99
CA ASP A 26 16.30 -4.69 -7.20
C ASP A 26 15.88 -3.73 -8.27
N ALA A 27 15.20 -2.67 -7.86
CA ALA A 27 14.71 -1.65 -8.77
C ALA A 27 15.88 -0.89 -9.38
N LEU A 28 16.89 -0.61 -8.57
CA LEU A 28 18.13 0.03 -9.06
C LEU A 28 18.90 -0.92 -9.96
N ASP A 29 18.68 -2.21 -9.74
CA ASP A 29 19.28 -3.29 -10.54
C ASP A 29 18.55 -3.43 -11.90
N GLY A 30 17.47 -2.70 -12.06
CA GLY A 30 16.75 -2.68 -13.32
C GLY A 30 15.45 -3.43 -13.29
N LYS A 31 15.10 -4.02 -12.17
CA LYS A 31 13.82 -4.68 -12.04
C LYS A 31 12.77 -3.71 -11.59
N LEU A 32 12.03 -3.26 -12.55
CA LEU A 32 11.04 -2.24 -12.36
C LEU A 32 9.65 -2.75 -12.69
N LYS A 33 9.51 -4.02 -12.90
CA LYS A 33 8.20 -4.55 -13.23
C LYS A 33 7.69 -5.43 -12.11
N ILE A 34 6.62 -5.02 -11.48
CA ILE A 34 5.99 -5.84 -10.48
C ILE A 34 4.64 -6.29 -10.97
N ARG A 35 4.31 -7.50 -10.69
CA ARG A 35 3.06 -8.08 -11.11
C ARG A 35 2.05 -7.97 -9.99
N LEU A 36 0.85 -7.71 -10.34
CA LEU A 36 -0.25 -7.61 -9.41
C LEU A 36 -0.92 -8.97 -9.31
N ASN A 37 -1.72 -9.18 -8.27
CA ASN A 37 -2.42 -10.47 -8.07
C ASN A 37 -3.35 -10.78 -9.23
N ASN A 38 -3.94 -9.75 -9.81
CA ASN A 38 -4.85 -9.89 -10.97
C ASN A 38 -4.07 -10.07 -12.28
N ASN A 39 -2.74 -10.14 -12.17
CA ASN A 39 -1.80 -10.42 -13.28
C ASN A 39 -1.46 -9.23 -14.16
N PHE A 40 -1.97 -8.06 -13.86
CA PHE A 40 -1.53 -6.87 -14.55
C PHE A 40 -0.17 -6.44 -14.03
N TYR A 41 0.55 -5.69 -14.81
CA TYR A 41 1.90 -5.33 -14.47
C TYR A 41 2.00 -3.85 -14.23
N HIS A 42 2.69 -3.49 -13.19
CA HIS A 42 2.91 -2.11 -12.86
C HIS A 42 4.39 -1.85 -12.85
N GLU A 43 4.80 -0.87 -13.58
CA GLU A 43 6.17 -0.49 -13.63
C GLU A 43 6.50 0.56 -12.61
N ILE A 44 7.61 0.36 -12.01
CA ILE A 44 8.15 1.16 -10.96
C ILE A 44 9.02 2.24 -11.59
N LYS A 45 8.80 3.49 -11.22
CA LYS A 45 9.60 4.58 -11.72
C LYS A 45 10.92 4.62 -10.98
N LYS A 46 11.99 4.29 -11.71
CA LYS A 46 13.33 4.20 -11.16
C LYS A 46 13.78 5.54 -10.59
N ASP A 47 13.30 6.64 -11.17
CA ASP A 47 13.63 8.01 -10.70
C ASP A 47 13.25 8.19 -9.25
N GLU A 48 12.11 7.63 -8.86
CA GLU A 48 11.60 7.76 -7.52
C GLU A 48 12.38 6.86 -6.58
N VAL A 49 12.90 5.77 -7.11
CA VAL A 49 13.69 4.81 -6.35
C VAL A 49 15.07 5.41 -6.05
N GLU A 50 15.61 6.11 -7.04
CA GLU A 50 16.92 6.75 -6.94
C GLU A 50 16.95 7.83 -5.86
N LYS A 51 15.91 8.64 -5.80
CA LYS A 51 15.85 9.64 -4.76
C LYS A 51 15.54 9.01 -3.41
N LEU A 52 14.69 7.97 -3.40
CA LEU A 52 14.36 7.20 -2.19
C LEU A 52 15.62 6.67 -1.53
N SER A 53 16.41 5.95 -2.31
CA SER A 53 17.64 5.33 -1.86
C SER A 53 18.69 6.33 -1.37
N SER A 54 18.58 7.57 -1.80
CA SER A 54 19.48 8.61 -1.36
C SER A 54 19.09 9.15 0.04
N ARG A 55 17.90 8.79 0.48
CA ARG A 55 17.34 9.27 1.75
C ARG A 55 17.26 8.13 2.77
N ILE A 56 16.99 6.93 2.30
CA ILE A 56 16.92 5.77 3.15
C ILE A 56 18.31 5.05 3.22
N PRO A 57 18.77 4.66 4.46
CA PRO A 57 20.04 3.93 4.67
C PRO A 57 20.21 2.71 3.78
N LEU A 58 21.46 2.49 3.40
CA LEU A 58 21.93 1.44 2.47
C LEU A 58 21.42 0.04 2.85
N TYR A 59 21.38 -0.24 4.16
CA TYR A 59 20.99 -1.56 4.69
C TYR A 59 19.61 -1.94 4.19
N LEU A 60 18.75 -0.97 4.18
CA LEU A 60 17.35 -1.19 3.94
C LEU A 60 17.01 -1.32 2.45
N TRP A 61 17.99 -1.06 1.58
CA TRP A 61 17.75 -1.12 0.12
C TRP A 61 17.35 -2.52 -0.31
N SER A 62 17.97 -3.50 0.29
CA SER A 62 17.71 -4.88 -0.04
C SER A 62 16.73 -5.52 0.94
N LEU A 63 16.16 -4.72 1.80
CA LEU A 63 15.25 -5.23 2.80
C LEU A 63 13.83 -4.72 2.56
N VAL A 64 13.73 -3.47 2.15
CA VAL A 64 12.46 -2.87 1.85
C VAL A 64 11.97 -3.35 0.51
N LYS A 65 10.86 -4.02 0.53
CA LYS A 65 10.28 -4.53 -0.67
C LYS A 65 9.20 -3.56 -1.13
N ILE A 66 9.44 -2.94 -2.24
CA ILE A 66 8.53 -2.00 -2.83
C ILE A 66 7.70 -2.73 -3.89
N PRO A 67 6.49 -2.25 -4.22
CA PRO A 67 5.86 -1.04 -3.65
C PRO A 67 5.41 -1.16 -2.17
N PHE A 68 5.16 0.00 -1.58
CA PHE A 68 4.63 0.11 -0.23
C PHE A 68 3.12 -0.05 -0.32
N ILE A 69 2.53 -0.74 0.60
CA ILE A 69 1.10 -0.92 0.62
C ILE A 69 0.54 -0.18 1.83
N PHE A 70 -0.53 0.55 1.64
CA PHE A 70 -1.18 1.23 2.74
C PHE A 70 -2.65 0.92 2.72
N ILE A 71 -3.15 0.43 3.83
CA ILE A 71 -4.56 0.09 3.93
C ILE A 71 -5.30 1.32 4.45
N LYS A 72 -6.33 1.72 3.77
CA LYS A 72 -7.09 2.86 4.17
C LYS A 72 -8.10 2.49 5.25
N SER A 73 -8.04 3.20 6.38
CA SER A 73 -9.01 3.04 7.42
C SER A 73 -10.34 3.55 6.87
N SER A 74 -11.39 2.79 7.10
CA SER A 74 -12.70 3.03 6.53
C SER A 74 -13.26 4.43 6.83
N GLU A 75 -13.15 4.88 8.05
CA GLU A 75 -13.72 6.15 8.42
C GLU A 75 -12.71 7.17 8.88
N ILE A 76 -11.46 6.78 8.99
CA ILE A 76 -10.46 7.70 9.49
C ILE A 76 -9.41 7.95 8.41
N GLY A 77 -8.76 9.09 8.46
CA GLY A 77 -7.68 9.40 7.56
C GLY A 77 -6.36 8.86 8.09
N GLU A 78 -6.35 7.58 8.39
CA GLU A 78 -5.18 6.89 8.84
C GLU A 78 -4.97 5.71 7.94
N TYR A 79 -3.75 5.37 7.72
CA TYR A 79 -3.42 4.30 6.83
C TYR A 79 -2.53 3.30 7.53
N PHE A 80 -2.81 2.04 7.32
CA PHE A 80 -2.04 0.97 7.90
C PHE A 80 -0.88 0.65 6.97
N VAL A 81 0.30 0.91 7.46
CA VAL A 81 1.53 0.69 6.72
C VAL A 81 1.75 -0.81 6.58
N SER A 82 1.74 -1.26 5.38
CA SER A 82 1.86 -2.65 5.07
C SER A 82 3.14 -2.93 4.30
N GLY A 83 3.61 -4.14 4.40
CA GLY A 83 4.84 -4.52 3.79
C GLY A 83 5.67 -5.24 4.80
N GLU A 84 6.95 -5.21 4.61
CA GLU A 84 7.89 -5.82 5.51
C GLU A 84 8.11 -4.88 6.68
N GLN A 85 8.78 -5.33 7.71
CA GLN A 85 9.06 -4.47 8.86
C GLN A 85 10.02 -3.35 8.44
N TRP A 86 10.78 -3.63 7.40
CA TRP A 86 11.73 -2.71 6.85
C TRP A 86 11.01 -1.59 6.10
N ASN A 87 9.84 -1.91 5.54
CA ASN A 87 8.98 -0.92 4.85
C ASN A 87 8.50 0.10 5.85
N LYS A 88 8.16 -0.40 7.04
CA LYS A 88 7.68 0.45 8.13
C LYS A 88 8.84 1.29 8.67
N LYS A 89 10.03 0.71 8.69
CA LYS A 89 11.24 1.40 9.12
C LYS A 89 11.61 2.50 8.11
N ALA A 90 11.34 2.24 6.83
CA ALA A 90 11.56 3.22 5.78
C ALA A 90 10.71 4.45 6.04
N ILE A 91 9.47 4.22 6.43
CA ILE A 91 8.51 5.27 6.68
C ILE A 91 8.92 6.08 7.93
N SER A 92 9.48 5.40 8.94
CA SER A 92 9.95 6.08 10.12
C SER A 92 11.12 7.03 9.85
N ILE A 93 11.88 6.72 8.83
CA ILE A 93 13.00 7.53 8.45
C ILE A 93 12.57 8.66 7.50
N LEU A 94 11.69 8.34 6.56
CA LEU A 94 11.22 9.32 5.57
C LEU A 94 10.31 10.40 6.19
N LEU A 95 9.45 9.99 7.12
CA LEU A 95 8.55 10.94 7.76
C LEU A 95 9.19 11.59 8.97
N GLY A 96 10.08 10.86 9.59
CA GLY A 96 10.81 11.37 10.73
C GLY A 96 10.18 11.02 12.06
N ARG A 97 9.17 10.17 12.05
CA ARG A 97 8.51 9.76 13.28
C ARG A 97 8.75 8.29 13.49
N GLU A 98 8.30 7.77 14.59
CA GLU A 98 8.31 6.34 14.80
C GLU A 98 6.99 5.76 14.27
N ILE A 99 7.07 4.64 13.58
CA ILE A 99 5.88 4.02 13.03
C ILE A 99 5.61 2.70 13.70
N SER A 100 4.44 2.61 14.26
CA SER A 100 3.97 1.40 14.83
C SER A 100 3.30 0.57 13.72
N ASN A 101 2.11 0.98 13.34
CA ASN A 101 1.33 0.37 12.24
C ASN A 101 0.69 1.42 11.36
N VAL A 102 0.39 2.59 11.91
CA VAL A 102 -0.36 3.59 11.16
C VAL A 102 0.32 4.93 11.04
N ILE A 103 -0.04 5.63 9.98
CA ILE A 103 0.35 6.99 9.71
C ILE A 103 -0.88 7.73 9.24
N LEU A 104 -0.80 9.02 9.13
CA LEU A 104 -1.94 9.82 8.77
C LEU A 104 -2.06 9.99 7.27
N ASN A 105 -3.18 10.50 6.88
CA ASN A 105 -3.53 10.77 5.50
C ASN A 105 -2.59 11.78 4.87
N VAL A 106 -2.25 12.82 5.61
CA VAL A 106 -1.32 13.83 5.13
C VAL A 106 0.08 13.23 4.92
N ASP A 107 0.41 12.21 5.70
CA ASP A 107 1.70 11.56 5.65
C ASP A 107 1.79 10.73 4.41
N VAL A 108 0.71 10.02 4.13
CA VAL A 108 0.62 9.20 2.93
C VAL A 108 0.65 10.08 1.71
N GLU A 109 0.01 11.25 1.80
CA GLU A 109 0.03 12.19 0.71
C GLU A 109 1.42 12.76 0.46
N LYS A 110 2.18 13.00 1.55
CA LYS A 110 3.59 13.43 1.45
C LYS A 110 4.41 12.37 0.71
N LEU A 111 4.14 11.14 1.07
CA LEU A 111 4.80 10.00 0.47
C LEU A 111 4.39 9.83 -0.99
N LEU A 112 3.09 9.96 -1.29
CA LEU A 112 2.55 9.89 -2.67
C LEU A 112 3.14 10.96 -3.53
N ARG A 113 3.26 12.15 -2.96
CA ARG A 113 3.73 13.34 -3.62
C ARG A 113 5.17 13.15 -4.05
N GLU A 114 5.90 12.38 -3.27
CA GLU A 114 7.29 12.15 -3.50
C GLU A 114 7.49 10.87 -4.34
N TYR A 115 6.82 9.81 -3.98
CA TYR A 115 6.98 8.50 -4.63
C TYR A 115 5.60 7.98 -5.02
N THR A 116 5.16 8.26 -6.21
CA THR A 116 3.84 7.83 -6.61
C THR A 116 3.80 6.35 -7.07
N SER A 117 4.80 5.91 -7.82
CA SER A 117 4.75 4.57 -8.40
C SER A 117 5.13 3.51 -7.39
N LEU A 118 5.71 3.96 -6.30
CA LEU A 118 6.18 3.08 -5.26
C LEU A 118 5.11 2.82 -4.23
N ILE A 119 3.91 3.37 -4.42
CA ILE A 119 2.88 3.24 -3.40
C ILE A 119 1.54 2.73 -3.95
N PHE A 120 1.01 1.73 -3.28
CA PHE A 120 -0.30 1.18 -3.55
C PHE A 120 -1.20 1.33 -2.35
N ILE A 121 -2.18 2.16 -2.48
CA ILE A 121 -3.14 2.37 -1.44
C ILE A 121 -4.32 1.43 -1.68
N ILE A 122 -4.65 0.67 -0.68
CA ILE A 122 -5.73 -0.24 -0.79
C ILE A 122 -6.99 0.42 -0.28
N LEU A 123 -7.77 0.90 -1.20
CA LEU A 123 -9.04 1.50 -0.91
C LEU A 123 -10.08 0.44 -1.03
N SER A 124 -10.71 0.12 0.06
CA SER A 124 -11.74 -0.88 0.05
C SER A 124 -13.09 -0.22 -0.27
N PRO A 125 -13.71 -0.56 -1.41
CA PRO A 125 -15.02 -0.06 -1.74
C PRO A 125 -16.07 -0.98 -1.12
N THR A 126 -17.29 -0.71 -1.39
CA THR A 126 -18.33 -1.53 -0.90
C THR A 126 -19.19 -1.96 -2.08
N ARG A 127 -19.48 -3.23 -2.15
CA ARG A 127 -20.25 -3.79 -3.23
C ARG A 127 -21.69 -3.27 -3.18
N SER A 128 -21.99 -2.35 -4.11
CA SER A 128 -23.29 -1.74 -4.34
C SER A 128 -23.99 -1.26 -3.06
N TYR A 129 -24.83 -2.10 -2.51
CA TYR A 129 -25.59 -1.83 -1.32
C TYR A 129 -25.53 -3.04 -0.45
N THR A 130 -25.63 -2.83 0.83
CA THR A 130 -25.59 -3.90 1.82
C THR A 130 -26.65 -4.97 1.58
N GLU A 131 -27.87 -4.52 1.40
CA GLU A 131 -29.02 -5.36 1.20
C GLU A 131 -29.01 -6.01 -0.18
N GLU A 132 -28.42 -5.32 -1.14
CA GLU A 132 -28.33 -5.82 -2.51
C GLU A 132 -27.35 -7.00 -2.49
N THR A 133 -26.21 -6.80 -1.86
CA THR A 133 -25.21 -7.83 -1.68
C THR A 133 -25.71 -8.96 -0.77
N GLU A 134 -26.51 -8.62 0.23
CA GLU A 134 -27.05 -9.58 1.19
C GLU A 134 -27.93 -10.60 0.41
N LEU A 135 -28.75 -10.07 -0.50
CA LEU A 135 -29.57 -10.89 -1.37
C LEU A 135 -28.75 -11.67 -2.37
N SER A 136 -27.73 -11.04 -2.93
CA SER A 136 -26.85 -11.69 -3.89
C SER A 136 -26.09 -12.87 -3.26
N GLU A 137 -25.63 -12.69 -2.04
CA GLU A 137 -24.93 -13.74 -1.30
C GLU A 137 -25.88 -14.85 -0.90
N MET A 138 -27.17 -14.52 -0.79
CA MET A 138 -28.21 -15.50 -0.48
C MET A 138 -28.52 -16.32 -1.72
N LEU A 139 -28.66 -15.64 -2.85
CA LEU A 139 -28.95 -16.28 -4.14
C LEU A 139 -27.77 -17.14 -4.60
N GLU A 140 -26.58 -16.70 -4.29
CA GLU A 140 -25.37 -17.43 -4.64
C GLU A 140 -25.13 -18.55 -3.61
N HIS A 141 -25.67 -18.35 -2.40
CA HIS A 141 -25.55 -19.27 -1.25
C HIS A 141 -24.14 -19.31 -0.70
N HIS A 142 -23.45 -18.18 -0.75
CA HIS A 142 -22.10 -18.07 -0.18
C HIS A 142 -22.17 -18.07 1.34
N HIS A 143 -23.14 -17.33 1.86
CA HIS A 143 -23.26 -17.16 3.30
C HIS A 143 -24.15 -18.22 3.90
N HIS A 144 -24.02 -18.42 5.18
CA HIS A 144 -24.73 -19.45 5.89
C HIS A 144 -26.14 -19.03 6.24
N HIS A 145 -27.02 -19.22 5.30
CA HIS A 145 -28.43 -18.99 5.47
C HIS A 145 -29.12 -20.25 5.02
N HIS A 146 -29.21 -21.20 5.92
CA HIS A 146 -29.79 -22.50 5.65
C HIS A 146 -30.05 -23.16 6.99
N MET A 1 -6.69 -27.45 3.94
CA MET A 1 -7.91 -27.88 4.63
C MET A 1 -8.10 -27.03 5.86
N ILE A 2 -9.38 -26.81 6.20
CA ILE A 2 -9.82 -25.97 7.34
C ILE A 2 -9.64 -24.49 7.00
N ASP A 3 -10.73 -23.79 6.86
CA ASP A 3 -10.69 -22.38 6.61
C ASP A 3 -10.60 -21.67 7.96
N LYS A 4 -9.40 -21.23 8.27
CA LYS A 4 -9.20 -20.61 9.55
C LYS A 4 -9.56 -19.14 9.50
N ILE A 5 -9.26 -18.53 8.39
CA ILE A 5 -9.53 -17.13 8.22
C ILE A 5 -10.58 -16.98 7.11
N PHE A 6 -10.15 -17.12 5.87
CA PHE A 6 -11.01 -17.04 4.68
C PHE A 6 -10.37 -17.79 3.54
N GLU A 7 -11.01 -18.84 3.06
CA GLU A 7 -10.54 -19.53 1.86
C GLU A 7 -10.79 -18.64 0.66
N ILE A 8 -12.02 -18.21 0.53
CA ILE A 8 -12.44 -17.37 -0.55
C ILE A 8 -12.82 -16.01 0.03
N GLY A 9 -12.40 -14.93 -0.59
CA GLY A 9 -12.75 -13.62 -0.11
C GLY A 9 -11.69 -12.57 -0.39
N LEU A 10 -10.76 -12.42 0.52
CA LEU A 10 -9.76 -11.34 0.49
C LEU A 10 -8.83 -11.40 -0.71
N LYS A 11 -8.64 -12.57 -1.26
CA LYS A 11 -7.77 -12.77 -2.44
C LYS A 11 -8.36 -12.03 -3.65
N ASP A 12 -9.68 -11.94 -3.68
CA ASP A 12 -10.39 -11.23 -4.74
C ASP A 12 -10.20 -9.73 -4.59
N ILE A 13 -10.09 -9.28 -3.35
CA ILE A 13 -9.88 -7.87 -3.04
C ILE A 13 -8.46 -7.48 -3.43
N PHE A 14 -7.52 -8.28 -3.00
CA PHE A 14 -6.09 -8.04 -3.22
C PHE A 14 -5.62 -8.57 -4.58
N SER A 15 -6.54 -8.67 -5.52
CA SER A 15 -6.24 -9.13 -6.86
C SER A 15 -5.30 -8.15 -7.58
N SER A 16 -5.55 -6.86 -7.40
CA SER A 16 -4.75 -5.83 -8.03
C SER A 16 -3.61 -5.36 -7.11
N SER A 17 -3.35 -6.13 -6.07
CA SER A 17 -2.24 -5.88 -5.20
C SER A 17 -1.04 -6.65 -5.74
N PRO A 18 0.21 -6.23 -5.44
CA PRO A 18 1.40 -6.89 -5.97
C PRO A 18 1.57 -8.33 -5.48
N ALA A 19 1.90 -9.19 -6.41
CA ALA A 19 2.14 -10.58 -6.14
C ALA A 19 3.62 -10.78 -5.88
N GLU A 20 4.41 -9.87 -6.39
CA GLU A 20 5.82 -9.91 -6.20
C GLU A 20 6.28 -8.53 -5.87
N TYR A 21 7.33 -8.45 -5.14
CA TYR A 21 7.88 -7.19 -4.76
C TYR A 21 9.32 -7.18 -5.19
N VAL A 22 9.87 -6.03 -5.29
CA VAL A 22 11.25 -5.90 -5.65
C VAL A 22 11.90 -5.10 -4.56
N THR A 23 13.16 -5.28 -4.35
CA THR A 23 13.81 -4.49 -3.38
C THR A 23 14.23 -3.19 -4.01
N ILE A 24 14.77 -2.30 -3.23
CA ILE A 24 15.29 -1.05 -3.74
C ILE A 24 16.47 -1.37 -4.67
N LYS A 25 17.28 -2.35 -4.26
CA LYS A 25 18.37 -2.84 -5.06
C LYS A 25 17.88 -3.45 -6.36
N ASP A 26 16.78 -4.23 -6.29
CA ASP A 26 16.17 -4.84 -7.50
C ASP A 26 15.66 -3.81 -8.46
N ALA A 27 15.03 -2.79 -7.95
CA ALA A 27 14.47 -1.72 -8.77
C ALA A 27 15.58 -0.94 -9.48
N LEU A 28 16.67 -0.66 -8.77
CA LEU A 28 17.84 0.00 -9.35
C LEU A 28 18.53 -0.93 -10.35
N ASP A 29 18.35 -2.22 -10.12
CA ASP A 29 18.87 -3.31 -10.98
C ASP A 29 18.01 -3.46 -12.26
N GLY A 30 16.88 -2.79 -12.29
CA GLY A 30 16.02 -2.81 -13.45
C GLY A 30 14.75 -3.62 -13.29
N LYS A 31 14.43 -4.03 -12.07
CA LYS A 31 13.15 -4.63 -11.80
C LYS A 31 12.16 -3.53 -11.47
N LEU A 32 11.70 -2.89 -12.50
CA LEU A 32 10.82 -1.76 -12.38
C LEU A 32 9.43 -2.11 -12.83
N LYS A 33 9.05 -3.31 -12.62
CA LYS A 33 7.75 -3.74 -12.96
C LYS A 33 7.38 -4.94 -12.16
N ILE A 34 6.37 -4.78 -11.37
CA ILE A 34 5.91 -5.84 -10.52
C ILE A 34 4.63 -6.44 -11.05
N ARG A 35 4.43 -7.68 -10.75
CA ARG A 35 3.28 -8.41 -11.19
C ARG A 35 2.25 -8.32 -10.09
N LEU A 36 1.02 -8.18 -10.46
CA LEU A 36 -0.07 -8.18 -9.52
C LEU A 36 -0.62 -9.59 -9.42
N ASN A 37 -1.44 -9.84 -8.41
CA ASN A 37 -2.03 -11.18 -8.19
C ASN A 37 -2.88 -11.63 -9.37
N ASN A 38 -3.61 -10.70 -9.95
CA ASN A 38 -4.43 -10.97 -11.14
C ASN A 38 -3.59 -10.97 -12.45
N ASN A 39 -2.27 -10.89 -12.30
CA ASN A 39 -1.28 -10.97 -13.40
C ASN A 39 -1.13 -9.72 -14.25
N PHE A 40 -1.74 -8.63 -13.84
CA PHE A 40 -1.50 -7.37 -14.51
C PHE A 40 -0.18 -6.80 -14.01
N TYR A 41 0.35 -5.82 -14.70
CA TYR A 41 1.64 -5.29 -14.33
C TYR A 41 1.58 -3.81 -13.99
N HIS A 42 2.44 -3.43 -13.09
CA HIS A 42 2.61 -2.05 -12.68
C HIS A 42 4.07 -1.68 -12.81
N GLU A 43 4.34 -0.63 -13.54
CA GLU A 43 5.69 -0.17 -13.69
C GLU A 43 6.07 0.76 -12.55
N ILE A 44 7.27 0.61 -12.10
CA ILE A 44 7.82 1.34 -11.00
C ILE A 44 8.79 2.36 -11.57
N LYS A 45 8.69 3.60 -11.13
CA LYS A 45 9.58 4.64 -11.60
C LYS A 45 10.90 4.57 -10.87
N LYS A 46 11.95 4.42 -11.64
CA LYS A 46 13.30 4.31 -11.12
C LYS A 46 13.70 5.60 -10.48
N ASP A 47 13.22 6.71 -11.04
CA ASP A 47 13.48 8.08 -10.53
C ASP A 47 13.15 8.19 -9.07
N GLU A 48 12.04 7.61 -8.70
CA GLU A 48 11.55 7.70 -7.35
C GLU A 48 12.35 6.79 -6.44
N VAL A 49 12.85 5.69 -6.99
CA VAL A 49 13.66 4.74 -6.24
C VAL A 49 15.06 5.35 -6.00
N GLU A 50 15.54 6.08 -6.99
CA GLU A 50 16.85 6.73 -6.91
C GLU A 50 16.88 7.76 -5.79
N LYS A 51 15.91 8.66 -5.78
CA LYS A 51 15.85 9.66 -4.72
C LYS A 51 15.51 9.03 -3.35
N LEU A 52 14.80 7.91 -3.39
CA LEU A 52 14.50 7.13 -2.20
C LEU A 52 15.79 6.57 -1.61
N SER A 53 16.57 5.86 -2.43
CA SER A 53 17.79 5.20 -2.02
C SER A 53 18.84 6.17 -1.44
N SER A 54 18.87 7.40 -1.92
CA SER A 54 19.80 8.39 -1.42
C SER A 54 19.34 9.00 -0.08
N ARG A 55 18.16 8.60 0.40
CA ARG A 55 17.63 9.06 1.67
C ARG A 55 17.56 7.92 2.67
N ILE A 56 17.27 6.73 2.19
CA ILE A 56 17.14 5.58 3.05
C ILE A 56 18.49 4.86 3.19
N PRO A 57 18.87 4.47 4.45
CA PRO A 57 20.11 3.72 4.73
C PRO A 57 20.30 2.49 3.83
N LEU A 58 21.55 2.28 3.43
CA LEU A 58 22.00 1.21 2.49
C LEU A 58 21.52 -0.18 2.94
N TYR A 59 21.46 -0.39 4.26
CA TYR A 59 21.06 -1.68 4.85
C TYR A 59 19.67 -2.07 4.35
N LEU A 60 18.80 -1.08 4.29
CA LEU A 60 17.40 -1.29 4.02
C LEU A 60 17.09 -1.49 2.54
N TRP A 61 18.07 -1.27 1.67
CA TRP A 61 17.86 -1.37 0.22
C TRP A 61 17.42 -2.77 -0.23
N SER A 62 17.98 -3.79 0.39
CA SER A 62 17.62 -5.16 0.08
C SER A 62 16.62 -5.74 1.08
N LEU A 63 16.20 -4.91 2.00
CA LEU A 63 15.27 -5.34 3.03
C LEU A 63 13.87 -4.83 2.73
N VAL A 64 13.79 -3.58 2.34
CA VAL A 64 12.55 -2.95 1.98
C VAL A 64 12.15 -3.42 0.61
N LYS A 65 11.01 -4.04 0.55
CA LYS A 65 10.49 -4.51 -0.69
C LYS A 65 9.39 -3.58 -1.12
N ILE A 66 9.60 -2.93 -2.22
CA ILE A 66 8.64 -2.01 -2.77
C ILE A 66 7.82 -2.74 -3.83
N PRO A 67 6.61 -2.26 -4.16
CA PRO A 67 6.00 -1.03 -3.62
C PRO A 67 5.53 -1.13 -2.15
N PHE A 68 5.28 0.02 -1.56
CA PHE A 68 4.77 0.12 -0.22
C PHE A 68 3.26 -0.04 -0.30
N ILE A 69 2.69 -0.76 0.63
CA ILE A 69 1.26 -0.96 0.64
C ILE A 69 0.68 -0.21 1.83
N PHE A 70 -0.38 0.49 1.62
CA PHE A 70 -1.07 1.16 2.70
C PHE A 70 -2.53 0.81 2.64
N ILE A 71 -3.09 0.38 3.73
CA ILE A 71 -4.49 0.07 3.78
C ILE A 71 -5.19 1.35 4.20
N LYS A 72 -6.10 1.80 3.39
CA LYS A 72 -6.85 3.00 3.68
C LYS A 72 -7.87 2.63 4.74
N SER A 73 -7.83 3.35 5.87
CA SER A 73 -8.76 3.13 6.95
C SER A 73 -10.18 3.29 6.43
N SER A 74 -10.99 2.30 6.72
CA SER A 74 -12.34 2.16 6.22
C SER A 74 -13.21 3.44 6.37
N GLU A 75 -13.04 4.17 7.46
CA GLU A 75 -13.82 5.36 7.69
C GLU A 75 -12.98 6.62 7.91
N ILE A 76 -11.68 6.45 8.14
CA ILE A 76 -10.85 7.55 8.61
C ILE A 76 -9.66 7.82 7.64
N GLY A 77 -9.13 9.04 7.67
CA GLY A 77 -7.94 9.42 6.92
C GLY A 77 -6.67 8.95 7.64
N GLU A 78 -6.58 7.66 7.84
CA GLU A 78 -5.43 7.00 8.43
C GLU A 78 -5.09 5.83 7.56
N TYR A 79 -3.85 5.42 7.54
CA TYR A 79 -3.41 4.37 6.65
C TYR A 79 -2.55 3.38 7.38
N PHE A 80 -2.83 2.12 7.20
CA PHE A 80 -2.07 1.03 7.81
C PHE A 80 -0.90 0.70 6.92
N VAL A 81 0.27 0.93 7.44
CA VAL A 81 1.50 0.69 6.72
C VAL A 81 1.70 -0.81 6.61
N SER A 82 1.64 -1.30 5.42
CA SER A 82 1.73 -2.69 5.16
C SER A 82 3.05 -3.02 4.47
N GLY A 83 3.52 -4.20 4.74
CA GLY A 83 4.75 -4.66 4.21
C GLY A 83 5.54 -5.25 5.32
N GLU A 84 6.82 -5.26 5.16
CA GLU A 84 7.68 -5.78 6.17
C GLU A 84 8.08 -4.68 7.14
N GLN A 85 8.74 -5.06 8.22
CA GLN A 85 9.15 -4.12 9.26
C GLN A 85 10.15 -3.11 8.72
N TRP A 86 10.86 -3.51 7.70
CA TRP A 86 11.82 -2.66 7.06
C TRP A 86 11.11 -1.59 6.26
N ASN A 87 9.97 -1.96 5.66
CA ASN A 87 9.10 -1.01 4.92
C ASN A 87 8.59 0.05 5.86
N LYS A 88 8.21 -0.39 7.04
CA LYS A 88 7.68 0.47 8.07
C LYS A 88 8.79 1.35 8.63
N LYS A 89 10.00 0.79 8.75
CA LYS A 89 11.16 1.53 9.21
C LYS A 89 11.55 2.60 8.19
N ALA A 90 11.37 2.28 6.91
CA ALA A 90 11.64 3.20 5.82
C ALA A 90 10.76 4.43 5.96
N ILE A 91 9.47 4.20 6.19
CA ILE A 91 8.48 5.27 6.37
C ILE A 91 8.84 6.09 7.61
N SER A 92 9.33 5.40 8.63
CA SER A 92 9.74 6.01 9.86
C SER A 92 10.92 6.99 9.67
N ILE A 93 11.80 6.66 8.75
CA ILE A 93 12.99 7.47 8.49
C ILE A 93 12.67 8.59 7.50
N LEU A 94 11.88 8.29 6.48
CA LEU A 94 11.54 9.27 5.44
C LEU A 94 10.66 10.40 5.98
N LEU A 95 9.74 10.05 6.85
CA LEU A 95 8.84 11.04 7.40
C LEU A 95 9.39 11.65 8.66
N GLY A 96 10.07 10.85 9.45
CA GLY A 96 10.60 11.35 10.69
C GLY A 96 9.61 11.16 11.81
N ARG A 97 8.90 10.06 11.75
CA ARG A 97 7.91 9.66 12.74
C ARG A 97 8.08 8.19 12.94
N GLU A 98 7.84 7.69 14.11
CA GLU A 98 7.93 6.27 14.38
C GLU A 98 6.63 5.59 14.00
N ILE A 99 6.71 4.63 13.09
CA ILE A 99 5.53 3.92 12.62
C ILE A 99 5.25 2.67 13.43
N SER A 100 4.08 2.63 14.01
CA SER A 100 3.61 1.46 14.66
C SER A 100 2.76 0.66 13.67
N ASN A 101 1.57 1.16 13.36
CA ASN A 101 0.69 0.52 12.37
C ASN A 101 0.17 1.55 11.40
N VAL A 102 -0.38 2.63 11.92
CA VAL A 102 -1.00 3.63 11.07
C VAL A 102 -0.27 4.95 11.05
N ILE A 103 -0.36 5.58 9.92
CA ILE A 103 0.08 6.93 9.69
C ILE A 103 -1.15 7.72 9.29
N LEU A 104 -1.05 9.01 9.18
CA LEU A 104 -2.19 9.81 8.84
C LEU A 104 -2.28 9.98 7.33
N ASN A 105 -3.38 10.56 6.88
CA ASN A 105 -3.60 10.83 5.45
C ASN A 105 -2.59 11.83 4.96
N VAL A 106 -2.27 12.80 5.83
CA VAL A 106 -1.27 13.82 5.52
C VAL A 106 0.10 13.19 5.28
N ASP A 107 0.41 12.11 6.00
CA ASP A 107 1.69 11.40 5.85
C ASP A 107 1.74 10.76 4.47
N VAL A 108 0.64 10.14 4.09
CA VAL A 108 0.52 9.49 2.80
C VAL A 108 0.54 10.51 1.66
N GLU A 109 -0.09 11.66 1.88
CA GLU A 109 -0.05 12.78 0.93
C GLU A 109 1.38 13.20 0.63
N LYS A 110 2.18 13.27 1.68
CA LYS A 110 3.59 13.62 1.59
C LYS A 110 4.39 12.54 0.86
N LEU A 111 4.09 11.30 1.19
CA LEU A 111 4.74 10.16 0.58
C LEU A 111 4.39 10.03 -0.89
N LEU A 112 3.11 10.17 -1.21
CA LEU A 112 2.61 10.10 -2.60
C LEU A 112 3.15 11.24 -3.44
N ARG A 113 3.40 12.35 -2.79
CA ARG A 113 3.91 13.56 -3.44
C ARG A 113 5.32 13.29 -3.93
N GLU A 114 6.06 12.52 -3.16
CA GLU A 114 7.43 12.26 -3.43
C GLU A 114 7.60 10.95 -4.22
N TYR A 115 6.92 9.91 -3.79
CA TYR A 115 7.03 8.59 -4.37
C TYR A 115 5.64 8.10 -4.75
N THR A 116 5.24 8.38 -5.96
CA THR A 116 3.93 8.01 -6.41
C THR A 116 3.82 6.53 -6.84
N SER A 117 4.74 6.08 -7.69
CA SER A 117 4.63 4.76 -8.30
C SER A 117 5.10 3.68 -7.34
N LEU A 118 5.69 4.10 -6.26
CA LEU A 118 6.21 3.19 -5.27
C LEU A 118 5.14 2.87 -4.24
N ILE A 119 3.93 3.40 -4.43
CA ILE A 119 2.90 3.20 -3.43
C ILE A 119 1.60 2.58 -3.99
N PHE A 120 1.11 1.57 -3.28
CA PHE A 120 -0.17 0.94 -3.50
C PHE A 120 -1.07 1.15 -2.32
N ILE A 121 -2.19 1.74 -2.56
CA ILE A 121 -3.14 2.00 -1.52
C ILE A 121 -4.34 1.09 -1.70
N ILE A 122 -4.59 0.29 -0.71
CA ILE A 122 -5.71 -0.62 -0.72
C ILE A 122 -6.86 0.12 -0.10
N LEU A 123 -7.78 0.53 -0.92
CA LEU A 123 -8.90 1.32 -0.47
C LEU A 123 -9.96 0.46 0.17
N SER A 124 -10.24 0.73 1.40
CA SER A 124 -11.31 0.11 2.08
C SER A 124 -12.30 1.23 2.41
N PRO A 125 -13.36 1.40 1.61
CA PRO A 125 -14.35 2.39 1.87
C PRO A 125 -15.62 1.81 2.53
N THR A 126 -15.87 2.19 3.77
CA THR A 126 -17.13 1.83 4.42
C THR A 126 -18.25 2.65 3.75
N ARG A 127 -17.91 3.87 3.38
CA ARG A 127 -18.79 4.74 2.65
C ARG A 127 -18.70 4.38 1.18
N SER A 128 -19.63 3.61 0.71
CA SER A 128 -19.71 3.22 -0.67
C SER A 128 -20.15 4.41 -1.51
N TYR A 129 -21.23 5.01 -1.08
CA TYR A 129 -21.80 6.21 -1.63
C TYR A 129 -22.24 7.01 -0.46
N THR A 130 -22.03 8.30 -0.48
CA THR A 130 -22.43 9.19 0.58
C THR A 130 -23.94 9.06 0.85
N GLU A 131 -24.72 8.95 -0.23
CA GLU A 131 -26.17 8.81 -0.14
C GLU A 131 -26.55 7.47 0.46
N GLU A 132 -25.90 6.43 -0.03
CA GLU A 132 -26.16 5.07 0.45
C GLU A 132 -25.81 4.97 1.94
N THR A 133 -24.67 5.52 2.32
CA THR A 133 -24.23 5.55 3.70
C THR A 133 -25.19 6.39 4.57
N GLU A 134 -25.77 7.44 4.00
CA GLU A 134 -26.74 8.27 4.71
C GLU A 134 -28.00 7.44 5.00
N LEU A 135 -28.37 6.60 4.05
CA LEU A 135 -29.52 5.72 4.20
C LEU A 135 -29.22 4.62 5.20
N SER A 136 -27.99 4.14 5.19
CA SER A 136 -27.54 3.16 6.17
C SER A 136 -27.60 3.76 7.58
N GLU A 137 -27.33 5.06 7.68
CA GLU A 137 -27.36 5.75 8.95
C GLU A 137 -28.76 6.03 9.45
N MET A 138 -29.74 6.07 8.57
CA MET A 138 -31.12 6.28 9.04
C MET A 138 -31.66 4.98 9.61
N LEU A 139 -31.09 3.88 9.14
CA LEU A 139 -31.44 2.56 9.64
C LEU A 139 -30.61 2.18 10.89
N GLU A 140 -29.28 2.28 10.78
CA GLU A 140 -28.38 1.87 11.85
C GLU A 140 -28.26 2.91 12.98
N HIS A 141 -28.22 4.17 12.60
CA HIS A 141 -28.09 5.31 13.54
C HIS A 141 -26.72 5.36 14.24
N HIS A 142 -25.70 5.80 13.52
CA HIS A 142 -24.36 6.00 14.10
C HIS A 142 -23.88 7.40 13.77
N HIS A 143 -23.99 7.73 12.46
CA HIS A 143 -23.48 8.97 11.80
C HIS A 143 -22.00 8.81 11.55
N HIS A 144 -21.53 7.58 11.77
CA HIS A 144 -20.13 7.20 11.71
C HIS A 144 -19.31 7.95 12.73
N HIS A 145 -19.60 7.61 13.99
CA HIS A 145 -18.97 8.16 15.17
C HIS A 145 -19.32 9.64 15.38
N HIS A 146 -20.60 9.88 15.68
CA HIS A 146 -21.11 11.21 15.99
C HIS A 146 -22.56 11.05 16.46
N MET A 1 -5.89 -15.31 3.14
CA MET A 1 -4.75 -16.20 2.91
C MET A 1 -4.20 -16.72 4.24
N ILE A 2 -3.40 -15.92 4.93
CA ILE A 2 -2.95 -16.28 6.27
C ILE A 2 -4.05 -15.81 7.23
N ASP A 3 -4.75 -14.81 6.76
CA ASP A 3 -5.93 -14.31 7.37
C ASP A 3 -7.08 -15.17 6.84
N LYS A 4 -8.14 -15.26 7.58
CA LYS A 4 -9.22 -16.17 7.22
C LYS A 4 -10.56 -15.47 7.13
N ILE A 5 -11.59 -16.27 6.82
CA ILE A 5 -13.01 -15.88 6.74
C ILE A 5 -13.32 -15.09 5.46
N PHE A 6 -12.53 -14.10 5.18
CA PHE A 6 -12.72 -13.29 4.01
C PHE A 6 -11.52 -13.37 3.09
N GLU A 7 -11.55 -14.31 2.19
CA GLU A 7 -10.53 -14.40 1.17
C GLU A 7 -11.11 -13.66 -0.02
N ILE A 8 -12.26 -14.16 -0.46
CA ILE A 8 -13.02 -13.60 -1.57
C ILE A 8 -13.50 -12.21 -1.15
N GLY A 9 -13.43 -11.27 -2.06
CA GLY A 9 -13.77 -9.92 -1.73
C GLY A 9 -12.51 -9.12 -1.57
N LEU A 10 -11.71 -9.47 -0.57
CA LEU A 10 -10.44 -8.80 -0.34
C LEU A 10 -9.47 -9.13 -1.45
N LYS A 11 -9.51 -10.39 -1.89
CA LYS A 11 -8.74 -10.87 -3.06
C LYS A 11 -9.09 -10.03 -4.30
N ASP A 12 -10.33 -9.58 -4.36
CA ASP A 12 -10.83 -8.80 -5.48
C ASP A 12 -10.46 -7.34 -5.34
N ILE A 13 -10.26 -6.88 -4.11
CA ILE A 13 -9.80 -5.50 -3.87
C ILE A 13 -8.31 -5.43 -4.17
N PHE A 14 -7.60 -6.44 -3.69
CA PHE A 14 -6.16 -6.57 -3.85
C PHE A 14 -5.77 -7.10 -5.23
N SER A 15 -6.66 -7.02 -6.17
CA SER A 15 -6.43 -7.49 -7.52
C SER A 15 -5.35 -6.64 -8.19
N SER A 16 -5.45 -5.34 -8.00
CA SER A 16 -4.54 -4.39 -8.57
C SER A 16 -3.35 -4.14 -7.63
N SER A 17 -3.26 -4.91 -6.58
CA SER A 17 -2.20 -4.78 -5.63
C SER A 17 -1.04 -5.69 -6.07
N PRO A 18 0.22 -5.37 -5.71
CA PRO A 18 1.38 -6.16 -6.13
C PRO A 18 1.35 -7.57 -5.55
N ALA A 19 1.52 -8.53 -6.43
CA ALA A 19 1.56 -9.92 -6.08
C ALA A 19 2.98 -10.27 -5.67
N GLU A 20 3.90 -9.52 -6.19
CA GLU A 20 5.30 -9.69 -5.95
C GLU A 20 5.92 -8.34 -5.75
N TYR A 21 7.01 -8.31 -5.01
CA TYR A 21 7.64 -7.07 -4.64
C TYR A 21 9.10 -7.19 -4.97
N VAL A 22 9.73 -6.06 -5.10
CA VAL A 22 11.16 -6.02 -5.33
C VAL A 22 11.75 -5.07 -4.34
N THR A 23 13.01 -5.21 -4.05
CA THR A 23 13.60 -4.32 -3.12
C THR A 23 14.02 -3.05 -3.82
N ILE A 24 14.46 -2.08 -3.05
CA ILE A 24 14.98 -0.84 -3.58
C ILE A 24 16.26 -1.16 -4.36
N LYS A 25 16.97 -2.15 -3.82
CA LYS A 25 18.20 -2.64 -4.38
C LYS A 25 17.90 -3.35 -5.72
N ASP A 26 16.74 -4.04 -5.80
CA ASP A 26 16.29 -4.73 -7.03
C ASP A 26 15.87 -3.75 -8.08
N ALA A 27 15.17 -2.72 -7.68
CA ALA A 27 14.74 -1.68 -8.60
C ALA A 27 15.94 -0.96 -9.24
N LEU A 28 16.98 -0.73 -8.44
CA LEU A 28 18.24 -0.14 -8.96
C LEU A 28 18.99 -1.17 -9.80
N ASP A 29 18.71 -2.43 -9.52
CA ASP A 29 19.23 -3.59 -10.27
C ASP A 29 18.51 -3.72 -11.63
N GLY A 30 17.44 -2.96 -11.79
CA GLY A 30 16.71 -2.94 -13.04
C GLY A 30 15.39 -3.65 -12.98
N LYS A 31 14.95 -4.02 -11.79
CA LYS A 31 13.66 -4.61 -11.63
C LYS A 31 12.63 -3.55 -11.35
N LEU A 32 12.07 -3.06 -12.41
CA LEU A 32 11.12 -1.96 -12.36
C LEU A 32 9.77 -2.40 -12.89
N LYS A 33 9.49 -3.66 -12.77
CA LYS A 33 8.24 -4.19 -13.23
C LYS A 33 7.78 -5.22 -12.24
N ILE A 34 6.65 -5.01 -11.66
CA ILE A 34 6.11 -5.95 -10.73
C ILE A 34 4.75 -6.42 -11.20
N ARG A 35 4.40 -7.63 -10.86
CA ARG A 35 3.14 -8.16 -11.25
C ARG A 35 2.12 -7.90 -10.16
N LEU A 36 0.92 -7.61 -10.57
CA LEU A 36 -0.19 -7.44 -9.69
C LEU A 36 -0.92 -8.77 -9.61
N ASN A 37 -1.75 -8.96 -8.59
CA ASN A 37 -2.48 -10.23 -8.37
C ASN A 37 -3.35 -10.64 -9.54
N ASN A 38 -3.91 -9.67 -10.21
CA ASN A 38 -4.78 -9.88 -11.37
C ASN A 38 -3.95 -10.04 -12.68
N ASN A 39 -2.62 -10.14 -12.54
CA ASN A 39 -1.65 -10.36 -13.65
C ASN A 39 -1.40 -9.15 -14.52
N PHE A 40 -1.70 -7.99 -13.99
CA PHE A 40 -1.37 -6.76 -14.66
C PHE A 40 0.04 -6.37 -14.24
N TYR A 41 0.73 -5.64 -15.06
CA TYR A 41 2.09 -5.27 -14.76
C TYR A 41 2.23 -3.81 -14.48
N HIS A 42 2.73 -3.53 -13.33
CA HIS A 42 2.98 -2.19 -12.88
C HIS A 42 4.45 -1.87 -13.02
N GLU A 43 4.71 -0.81 -13.69
CA GLU A 43 6.03 -0.33 -13.91
C GLU A 43 6.40 0.62 -12.78
N ILE A 44 7.61 0.52 -12.34
CA ILE A 44 8.12 1.30 -11.25
C ILE A 44 9.01 2.39 -11.83
N LYS A 45 8.78 3.62 -11.40
CA LYS A 45 9.60 4.73 -11.85
C LYS A 45 10.90 4.73 -11.12
N LYS A 46 11.96 4.44 -11.86
CA LYS A 46 13.32 4.38 -11.37
C LYS A 46 13.71 5.69 -10.68
N ASP A 47 13.25 6.81 -11.24
CA ASP A 47 13.56 8.16 -10.73
C ASP A 47 13.20 8.31 -9.26
N GLU A 48 12.06 7.74 -8.90
CA GLU A 48 11.56 7.83 -7.55
C GLU A 48 12.34 6.90 -6.62
N VAL A 49 12.87 5.83 -7.18
CA VAL A 49 13.67 4.86 -6.44
C VAL A 49 15.06 5.44 -6.15
N GLU A 50 15.61 6.13 -7.15
CA GLU A 50 16.93 6.74 -7.07
C GLU A 50 17.00 7.77 -5.96
N LYS A 51 15.92 8.53 -5.78
CA LYS A 51 15.88 9.48 -4.70
C LYS A 51 15.51 8.82 -3.38
N LEU A 52 14.65 7.79 -3.42
CA LEU A 52 14.25 7.02 -2.22
C LEU A 52 15.48 6.49 -1.50
N SER A 53 16.35 5.86 -2.27
CA SER A 53 17.58 5.27 -1.78
C SER A 53 18.59 6.32 -1.28
N SER A 54 18.35 7.56 -1.62
CA SER A 54 19.22 8.63 -1.20
C SER A 54 18.75 9.22 0.16
N ARG A 55 17.62 8.72 0.68
CA ARG A 55 17.17 9.07 2.01
C ARG A 55 17.36 7.91 2.97
N ILE A 56 17.10 6.73 2.49
CA ILE A 56 17.11 5.54 3.32
C ILE A 56 18.51 4.85 3.32
N PRO A 57 19.03 4.44 4.52
CA PRO A 57 20.31 3.72 4.67
C PRO A 57 20.44 2.49 3.75
N LEU A 58 21.69 2.23 3.36
CA LEU A 58 22.09 1.18 2.39
C LEU A 58 21.59 -0.20 2.83
N TYR A 59 21.61 -0.46 4.15
CA TYR A 59 21.22 -1.77 4.72
C TYR A 59 19.81 -2.13 4.28
N LEU A 60 18.97 -1.12 4.25
CA LEU A 60 17.57 -1.31 4.07
C LEU A 60 17.17 -1.39 2.60
N TRP A 61 18.11 -1.16 1.69
CA TRP A 61 17.80 -1.17 0.25
C TRP A 61 17.34 -2.55 -0.19
N SER A 62 17.95 -3.56 0.37
CA SER A 62 17.65 -4.93 0.04
C SER A 62 16.66 -5.54 1.04
N LEU A 63 16.16 -4.72 1.94
CA LEU A 63 15.22 -5.18 2.94
C LEU A 63 13.84 -4.59 2.69
N VAL A 64 13.82 -3.38 2.19
CA VAL A 64 12.59 -2.70 1.90
C VAL A 64 12.09 -3.11 0.54
N LYS A 65 10.82 -3.46 0.50
CA LYS A 65 10.17 -3.93 -0.67
C LYS A 65 9.26 -2.85 -1.17
N ILE A 66 9.42 -2.53 -2.39
CA ILE A 66 8.58 -1.63 -3.06
C ILE A 66 7.82 -2.41 -4.14
N PRO A 67 6.62 -2.02 -4.49
CA PRO A 67 5.92 -0.83 -3.96
C PRO A 67 5.36 -1.06 -2.54
N PHE A 68 5.14 0.05 -1.84
CA PHE A 68 4.58 0.05 -0.48
C PHE A 68 3.08 -0.10 -0.56
N ILE A 69 2.50 -0.75 0.43
CA ILE A 69 1.06 -0.94 0.50
C ILE A 69 0.54 -0.23 1.74
N PHE A 70 -0.54 0.50 1.60
CA PHE A 70 -1.16 1.17 2.72
C PHE A 70 -2.64 0.84 2.75
N ILE A 71 -3.10 0.27 3.83
CA ILE A 71 -4.51 -0.06 3.99
C ILE A 71 -5.16 1.13 4.65
N LYS A 72 -6.22 1.63 4.11
CA LYS A 72 -6.84 2.78 4.73
C LYS A 72 -7.81 2.35 5.83
N SER A 73 -7.96 3.20 6.83
CA SER A 73 -9.00 3.06 7.79
C SER A 73 -10.29 3.52 7.11
N SER A 74 -11.35 2.80 7.32
CA SER A 74 -12.61 3.03 6.66
C SER A 74 -13.17 4.45 6.92
N GLU A 75 -13.08 4.92 8.17
CA GLU A 75 -13.61 6.23 8.51
C GLU A 75 -12.49 7.26 8.64
N ILE A 76 -11.41 6.89 9.30
CA ILE A 76 -10.37 7.84 9.64
C ILE A 76 -9.35 7.95 8.49
N GLY A 77 -8.69 9.09 8.42
CA GLY A 77 -7.62 9.34 7.48
C GLY A 77 -6.32 8.79 8.04
N GLU A 78 -6.31 7.52 8.36
CA GLU A 78 -5.15 6.84 8.86
C GLU A 78 -4.94 5.61 8.03
N TYR A 79 -3.70 5.33 7.75
CA TYR A 79 -3.33 4.24 6.89
C TYR A 79 -2.40 3.30 7.58
N PHE A 80 -2.70 2.04 7.44
CA PHE A 80 -1.93 0.96 8.02
C PHE A 80 -0.80 0.63 7.09
N VAL A 81 0.39 0.84 7.55
CA VAL A 81 1.57 0.59 6.76
C VAL A 81 1.75 -0.91 6.63
N SER A 82 1.71 -1.36 5.41
CA SER A 82 1.74 -2.75 5.12
C SER A 82 3.08 -3.14 4.53
N GLY A 83 3.51 -4.30 4.91
CA GLY A 83 4.74 -4.83 4.47
C GLY A 83 5.54 -5.33 5.64
N GLU A 84 6.80 -5.52 5.43
CA GLU A 84 7.72 -5.99 6.44
C GLU A 84 8.05 -4.86 7.41
N GLN A 85 8.75 -5.19 8.49
CA GLN A 85 9.16 -4.23 9.50
C GLN A 85 10.11 -3.20 8.90
N TRP A 86 10.87 -3.63 7.90
CA TRP A 86 11.82 -2.79 7.23
C TRP A 86 11.08 -1.75 6.40
N ASN A 87 9.91 -2.13 5.90
CA ASN A 87 9.11 -1.27 5.04
C ASN A 87 8.50 -0.17 5.86
N LYS A 88 8.06 -0.56 7.03
CA LYS A 88 7.50 0.35 8.02
C LYS A 88 8.60 1.27 8.57
N LYS A 89 9.80 0.70 8.77
CA LYS A 89 10.98 1.42 9.26
C LYS A 89 11.42 2.47 8.24
N ALA A 90 11.25 2.13 6.96
CA ALA A 90 11.58 3.04 5.86
C ALA A 90 10.76 4.30 5.98
N ILE A 91 9.46 4.14 6.20
CA ILE A 91 8.52 5.25 6.34
C ILE A 91 8.90 6.10 7.55
N SER A 92 9.32 5.41 8.60
CA SER A 92 9.74 6.04 9.83
C SER A 92 10.97 6.93 9.62
N ILE A 93 11.86 6.49 8.75
CA ILE A 93 13.07 7.24 8.45
C ILE A 93 12.80 8.38 7.47
N LEU A 94 11.97 8.12 6.46
CA LEU A 94 11.63 9.12 5.43
C LEU A 94 10.93 10.35 6.02
N LEU A 95 9.98 10.10 6.90
CA LEU A 95 9.21 11.18 7.51
C LEU A 95 9.87 11.68 8.78
N GLY A 96 10.52 10.78 9.47
CA GLY A 96 11.13 11.10 10.74
C GLY A 96 10.11 10.99 11.85
N ARG A 97 9.13 10.15 11.64
CA ARG A 97 8.06 9.93 12.57
C ARG A 97 8.00 8.45 12.89
N GLU A 98 7.46 8.09 14.03
CA GLU A 98 7.41 6.69 14.41
C GLU A 98 6.17 6.03 13.86
N ILE A 99 6.33 4.82 13.40
CA ILE A 99 5.23 4.05 12.85
C ILE A 99 4.96 2.86 13.73
N SER A 100 3.82 2.85 14.37
CA SER A 100 3.38 1.71 15.11
C SER A 100 2.74 0.75 14.12
N ASN A 101 1.61 1.17 13.60
CA ASN A 101 0.89 0.46 12.56
C ASN A 101 0.43 1.45 11.52
N VAL A 102 -0.02 2.59 11.98
CA VAL A 102 -0.61 3.59 11.11
C VAL A 102 0.18 4.87 11.01
N ILE A 103 -0.10 5.60 9.95
CA ILE A 103 0.35 6.95 9.69
C ILE A 103 -0.87 7.73 9.29
N LEU A 104 -0.76 9.02 9.18
CA LEU A 104 -1.90 9.83 8.83
C LEU A 104 -2.01 10.00 7.33
N ASN A 105 -3.16 10.48 6.93
CA ASN A 105 -3.49 10.72 5.54
C ASN A 105 -2.52 11.71 4.91
N VAL A 106 -2.15 12.76 5.66
CA VAL A 106 -1.18 13.77 5.20
C VAL A 106 0.21 13.14 4.95
N ASP A 107 0.59 12.17 5.80
CA ASP A 107 1.87 11.46 5.67
C ASP A 107 1.87 10.71 4.35
N VAL A 108 0.75 10.05 4.08
CA VAL A 108 0.57 9.30 2.85
C VAL A 108 0.56 10.24 1.64
N GLU A 109 -0.13 11.37 1.76
CA GLU A 109 -0.17 12.37 0.70
C GLU A 109 1.23 12.90 0.38
N LYS A 110 2.06 13.08 1.41
CA LYS A 110 3.45 13.50 1.20
C LYS A 110 4.18 12.45 0.43
N LEU A 111 4.03 11.21 0.89
CA LEU A 111 4.68 10.07 0.29
C LEU A 111 4.23 9.86 -1.16
N LEU A 112 2.96 10.09 -1.45
CA LEU A 112 2.41 9.99 -2.81
C LEU A 112 2.99 11.05 -3.72
N ARG A 113 3.17 12.22 -3.18
CA ARG A 113 3.64 13.37 -3.91
C ARG A 113 5.17 13.33 -4.04
N GLU A 114 5.78 12.44 -3.30
CA GLU A 114 7.20 12.24 -3.31
C GLU A 114 7.54 10.99 -4.18
N TYR A 115 6.82 9.90 -3.96
CA TYR A 115 7.01 8.64 -4.66
C TYR A 115 5.63 8.08 -5.07
N THR A 116 5.18 8.38 -6.26
CA THR A 116 3.86 7.96 -6.67
C THR A 116 3.80 6.48 -7.12
N SER A 117 4.78 6.05 -7.92
CA SER A 117 4.74 4.70 -8.49
C SER A 117 5.15 3.65 -7.47
N LEU A 118 5.66 4.11 -6.36
CA LEU A 118 6.14 3.23 -5.34
C LEU A 118 5.07 2.97 -4.31
N ILE A 119 3.85 3.46 -4.51
CA ILE A 119 2.81 3.30 -3.50
C ILE A 119 1.48 2.78 -4.05
N PHE A 120 0.91 1.81 -3.34
CA PHE A 120 -0.40 1.26 -3.61
C PHE A 120 -1.28 1.44 -2.39
N ILE A 121 -2.31 2.22 -2.54
CA ILE A 121 -3.26 2.43 -1.48
C ILE A 121 -4.41 1.46 -1.67
N ILE A 122 -4.76 0.78 -0.63
CA ILE A 122 -5.85 -0.14 -0.65
C ILE A 122 -7.04 0.54 -0.05
N LEU A 123 -7.99 0.86 -0.88
CA LEU A 123 -9.18 1.54 -0.46
C LEU A 123 -10.15 0.55 0.12
N SER A 124 -10.42 0.71 1.36
CA SER A 124 -11.35 -0.09 2.07
C SER A 124 -12.70 0.66 2.12
N PRO A 125 -13.71 0.18 1.36
CA PRO A 125 -15.01 0.82 1.35
C PRO A 125 -15.68 0.70 2.73
N THR A 126 -16.09 -0.54 3.06
CA THR A 126 -16.71 -0.89 4.37
C THR A 126 -18.05 -0.11 4.61
N ARG A 127 -18.62 0.49 3.57
CA ARG A 127 -19.77 1.34 3.73
C ARG A 127 -20.90 0.92 2.81
N SER A 128 -21.41 -0.25 3.03
CA SER A 128 -22.52 -0.73 2.26
C SER A 128 -23.77 -0.45 3.05
N TYR A 129 -24.60 0.38 2.52
CA TYR A 129 -25.79 0.78 3.19
C TYR A 129 -26.91 -0.16 2.86
N THR A 130 -27.84 -0.33 3.77
CA THR A 130 -28.98 -1.15 3.52
C THR A 130 -29.89 -0.40 2.53
N GLU A 131 -29.71 0.92 2.54
CA GLU A 131 -30.34 1.84 1.62
C GLU A 131 -29.89 1.51 0.21
N GLU A 132 -28.56 1.39 0.05
CA GLU A 132 -27.89 1.08 -1.20
C GLU A 132 -28.48 -0.18 -1.82
N THR A 133 -28.53 -1.22 -1.03
CA THR A 133 -29.03 -2.51 -1.45
C THR A 133 -30.53 -2.45 -1.83
N GLU A 134 -31.35 -1.87 -0.95
CA GLU A 134 -32.80 -1.78 -1.13
C GLU A 134 -33.12 -0.99 -2.41
N LEU A 135 -32.62 0.21 -2.47
CA LEU A 135 -32.92 1.13 -3.55
C LEU A 135 -32.45 0.62 -4.91
N SER A 136 -31.32 -0.08 -4.95
CA SER A 136 -30.83 -0.64 -6.20
C SER A 136 -31.74 -1.76 -6.72
N GLU A 137 -32.10 -2.68 -5.85
CA GLU A 137 -32.89 -3.82 -6.25
C GLU A 137 -34.37 -3.50 -6.46
N MET A 138 -34.85 -2.39 -5.91
CA MET A 138 -36.23 -1.98 -6.18
C MET A 138 -36.33 -1.39 -7.58
N LEU A 139 -35.26 -0.67 -8.00
CA LEU A 139 -35.17 -0.12 -9.36
C LEU A 139 -34.99 -1.25 -10.37
N GLU A 140 -34.52 -2.38 -9.86
CA GLU A 140 -34.33 -3.59 -10.63
C GLU A 140 -35.69 -4.37 -10.72
N HIS A 141 -36.74 -3.77 -10.13
CA HIS A 141 -38.13 -4.27 -10.15
C HIS A 141 -38.28 -5.52 -9.27
N HIS A 142 -37.58 -5.53 -8.17
CA HIS A 142 -37.68 -6.64 -7.24
C HIS A 142 -37.95 -6.16 -5.84
N HIS A 143 -38.14 -7.13 -4.94
CA HIS A 143 -38.35 -6.93 -3.48
C HIS A 143 -39.65 -6.23 -3.18
N HIS A 144 -39.85 -5.88 -1.91
CA HIS A 144 -41.07 -5.20 -1.43
C HIS A 144 -42.25 -6.17 -1.34
N HIS A 145 -43.18 -5.87 -0.50
CA HIS A 145 -44.33 -6.73 -0.35
C HIS A 145 -45.56 -6.01 -0.87
N HIS A 146 -46.09 -6.54 -1.94
CA HIS A 146 -47.25 -5.99 -2.57
C HIS A 146 -48.49 -6.58 -1.91
N MET A 1 -13.64 -3.99 11.11
CA MET A 1 -14.24 -5.16 11.73
C MET A 1 -13.40 -6.42 11.52
N ILE A 2 -12.41 -6.59 12.36
CA ILE A 2 -11.56 -7.77 12.35
C ILE A 2 -11.68 -8.40 13.73
N ASP A 3 -12.40 -9.50 13.80
CA ASP A 3 -12.63 -10.17 15.08
C ASP A 3 -12.58 -11.66 14.86
N LYS A 4 -13.58 -12.16 14.16
CA LYS A 4 -13.71 -13.57 13.92
C LYS A 4 -13.67 -13.90 12.44
N ILE A 5 -12.46 -14.18 11.95
CA ILE A 5 -12.18 -14.60 10.56
C ILE A 5 -12.49 -13.48 9.54
N PHE A 6 -13.78 -13.34 9.19
CA PHE A 6 -14.30 -12.38 8.20
C PHE A 6 -13.92 -12.72 6.77
N GLU A 7 -14.93 -12.78 5.95
CA GLU A 7 -14.80 -13.04 4.55
C GLU A 7 -14.37 -11.76 3.86
N ILE A 8 -13.09 -11.58 3.72
CA ILE A 8 -12.57 -10.42 3.05
C ILE A 8 -12.15 -10.82 1.65
N GLY A 9 -12.71 -10.13 0.66
CA GLY A 9 -12.39 -10.39 -0.72
C GLY A 9 -11.01 -9.89 -1.06
N LEU A 10 -10.01 -10.70 -0.80
CA LEU A 10 -8.62 -10.35 -0.99
C LEU A 10 -8.31 -10.14 -2.46
N LYS A 11 -8.91 -10.95 -3.30
CA LYS A 11 -8.67 -10.86 -4.73
C LYS A 11 -9.35 -9.65 -5.33
N ASP A 12 -10.47 -9.28 -4.78
CA ASP A 12 -11.24 -8.15 -5.28
C ASP A 12 -10.67 -6.82 -4.81
N ILE A 13 -10.50 -6.70 -3.51
CA ILE A 13 -10.07 -5.46 -2.89
C ILE A 13 -8.56 -5.23 -3.09
N PHE A 14 -7.80 -6.30 -3.00
CA PHE A 14 -6.35 -6.23 -3.15
C PHE A 14 -5.96 -6.70 -4.55
N SER A 15 -6.86 -6.49 -5.50
CA SER A 15 -6.67 -6.88 -6.90
C SER A 15 -5.49 -6.11 -7.51
N SER A 16 -5.36 -4.87 -7.11
CA SER A 16 -4.38 -3.97 -7.64
C SER A 16 -3.10 -3.97 -6.80
N SER A 17 -3.00 -4.87 -5.85
CA SER A 17 -1.84 -4.93 -5.00
C SER A 17 -0.75 -5.78 -5.69
N PRO A 18 0.53 -5.48 -5.46
CA PRO A 18 1.65 -6.23 -6.06
C PRO A 18 1.68 -7.70 -5.64
N ALA A 19 1.74 -8.59 -6.60
CA ALA A 19 1.79 -10.03 -6.37
C ALA A 19 3.24 -10.46 -6.13
N GLU A 20 4.14 -9.57 -6.49
CA GLU A 20 5.54 -9.76 -6.32
C GLU A 20 6.11 -8.43 -5.91
N TYR A 21 7.16 -8.46 -5.15
CA TYR A 21 7.77 -7.25 -4.68
C TYR A 21 9.24 -7.31 -4.99
N VAL A 22 9.83 -6.18 -5.13
CA VAL A 22 11.25 -6.07 -5.40
C VAL A 22 11.89 -5.26 -4.31
N THR A 23 13.16 -5.30 -4.19
CA THR A 23 13.79 -4.49 -3.20
C THR A 23 14.15 -3.17 -3.84
N ILE A 24 14.69 -2.28 -3.04
CA ILE A 24 15.16 -1.02 -3.53
C ILE A 24 16.37 -1.27 -4.44
N LYS A 25 17.22 -2.21 -4.03
CA LYS A 25 18.38 -2.61 -4.82
C LYS A 25 17.96 -3.23 -6.16
N ASP A 26 16.86 -3.97 -6.15
CA ASP A 26 16.28 -4.54 -7.37
C ASP A 26 15.87 -3.47 -8.32
N ALA A 27 15.08 -2.54 -7.84
CA ALA A 27 14.56 -1.45 -8.65
C ALA A 27 15.67 -0.55 -9.22
N LEU A 28 16.77 -0.41 -8.47
CA LEU A 28 17.93 0.34 -8.94
C LEU A 28 18.65 -0.43 -10.05
N ASP A 29 18.54 -1.74 -10.01
CA ASP A 29 19.07 -2.64 -11.05
C ASP A 29 18.19 -2.59 -12.31
N GLY A 30 17.01 -2.04 -12.16
CA GLY A 30 16.11 -1.94 -13.27
C GLY A 30 14.96 -2.91 -13.18
N LYS A 31 14.82 -3.57 -12.03
CA LYS A 31 13.70 -4.46 -11.77
C LYS A 31 12.51 -3.58 -11.39
N LEU A 32 11.79 -3.13 -12.39
CA LEU A 32 10.75 -2.15 -12.17
C LEU A 32 9.37 -2.70 -12.43
N LYS A 33 9.28 -3.74 -13.20
CA LYS A 33 7.99 -4.26 -13.52
C LYS A 33 7.58 -5.33 -12.53
N ILE A 34 6.55 -5.06 -11.79
CA ILE A 34 5.98 -6.00 -10.87
C ILE A 34 4.58 -6.41 -11.32
N ARG A 35 4.19 -7.61 -10.98
CA ARG A 35 2.88 -8.11 -11.31
C ARG A 35 1.92 -7.71 -10.21
N LEU A 36 0.70 -7.50 -10.56
CA LEU A 36 -0.34 -7.26 -9.61
C LEU A 36 -1.13 -8.53 -9.38
N ASN A 37 -1.92 -8.55 -8.33
CA ASN A 37 -2.72 -9.70 -7.90
C ASN A 37 -3.70 -10.14 -9.01
N ASN A 38 -4.23 -9.17 -9.74
CA ASN A 38 -5.16 -9.46 -10.84
C ASN A 38 -4.45 -9.72 -12.18
N ASN A 39 -3.11 -9.83 -12.13
CA ASN A 39 -2.26 -10.13 -13.31
C ASN A 39 -1.89 -8.94 -14.18
N PHE A 40 -2.24 -7.72 -13.76
CA PHE A 40 -1.78 -6.55 -14.50
C PHE A 40 -0.33 -6.27 -14.12
N TYR A 41 0.33 -5.44 -14.88
CA TYR A 41 1.70 -5.13 -14.61
C TYR A 41 1.91 -3.66 -14.39
N HIS A 42 2.62 -3.35 -13.34
CA HIS A 42 2.92 -2.00 -12.95
C HIS A 42 4.41 -1.80 -13.05
N GLU A 43 4.80 -0.71 -13.64
CA GLU A 43 6.18 -0.37 -13.73
C GLU A 43 6.52 0.73 -12.74
N ILE A 44 7.49 0.44 -11.96
CA ILE A 44 8.01 1.31 -10.95
C ILE A 44 8.95 2.34 -11.58
N LYS A 45 8.84 3.58 -11.16
CA LYS A 45 9.72 4.62 -11.64
C LYS A 45 11.02 4.57 -10.89
N LYS A 46 12.08 4.22 -11.60
CA LYS A 46 13.42 4.11 -11.05
C LYS A 46 13.87 5.44 -10.48
N ASP A 47 13.40 6.52 -11.09
CA ASP A 47 13.69 7.90 -10.68
C ASP A 47 13.30 8.11 -9.23
N GLU A 48 12.10 7.63 -8.89
CA GLU A 48 11.55 7.79 -7.56
C GLU A 48 12.29 6.90 -6.58
N VAL A 49 12.79 5.77 -7.07
CA VAL A 49 13.56 4.83 -6.26
C VAL A 49 14.94 5.42 -5.95
N GLU A 50 15.51 6.10 -6.94
CA GLU A 50 16.81 6.72 -6.81
C GLU A 50 16.83 7.81 -5.75
N LYS A 51 15.75 8.55 -5.62
CA LYS A 51 15.65 9.54 -4.56
C LYS A 51 15.26 8.90 -3.22
N LEU A 52 14.48 7.81 -3.28
CA LEU A 52 14.05 7.02 -2.11
C LEU A 52 15.30 6.46 -1.42
N SER A 53 16.12 5.75 -2.19
CA SER A 53 17.34 5.09 -1.72
C SER A 53 18.33 6.07 -1.09
N SER A 54 18.35 7.28 -1.58
CA SER A 54 19.27 8.28 -1.08
C SER A 54 18.87 8.79 0.32
N ARG A 55 17.64 8.54 0.73
CA ARG A 55 17.15 8.99 2.02
C ARG A 55 17.12 7.85 3.03
N ILE A 56 17.18 6.64 2.56
CA ILE A 56 17.09 5.49 3.41
C ILE A 56 18.48 4.80 3.54
N PRO A 57 18.87 4.40 4.78
CA PRO A 57 20.11 3.65 5.03
C PRO A 57 20.25 2.40 4.16
N LEU A 58 21.48 2.15 3.72
CA LEU A 58 21.87 1.08 2.77
C LEU A 58 21.35 -0.30 3.19
N TYR A 59 21.35 -0.57 4.50
CA TYR A 59 20.93 -1.88 5.06
C TYR A 59 19.53 -2.23 4.58
N LEU A 60 18.69 -1.21 4.53
CA LEU A 60 17.29 -1.39 4.28
C LEU A 60 16.98 -1.50 2.79
N TRP A 61 17.96 -1.27 1.92
CA TRP A 61 17.72 -1.30 0.46
C TRP A 61 17.31 -2.69 -0.02
N SER A 62 17.87 -3.71 0.58
CA SER A 62 17.56 -5.08 0.26
C SER A 62 16.55 -5.68 1.24
N LEU A 63 16.15 -4.89 2.21
CA LEU A 63 15.21 -5.35 3.21
C LEU A 63 13.81 -4.85 2.92
N VAL A 64 13.73 -3.63 2.44
CA VAL A 64 12.47 -3.02 2.08
C VAL A 64 12.02 -3.51 0.72
N LYS A 65 10.87 -4.10 0.70
CA LYS A 65 10.25 -4.56 -0.51
C LYS A 65 9.28 -3.51 -0.99
N ILE A 66 9.55 -2.98 -2.13
CA ILE A 66 8.68 -2.02 -2.76
C ILE A 66 7.94 -2.74 -3.89
N PRO A 67 6.77 -2.26 -4.33
CA PRO A 67 6.10 -1.04 -3.82
C PRO A 67 5.54 -1.16 -2.38
N PHE A 68 5.23 -0.03 -1.80
CA PHE A 68 4.67 0.07 -0.47
C PHE A 68 3.17 -0.06 -0.58
N ILE A 69 2.58 -0.73 0.37
CA ILE A 69 1.14 -0.89 0.40
C ILE A 69 0.62 -0.23 1.66
N PHE A 70 -0.34 0.63 1.51
CA PHE A 70 -0.95 1.27 2.65
C PHE A 70 -2.41 0.95 2.65
N ILE A 71 -2.89 0.45 3.77
CA ILE A 71 -4.28 0.11 3.89
C ILE A 71 -5.00 1.32 4.42
N LYS A 72 -5.91 1.83 3.65
CA LYS A 72 -6.71 2.93 4.08
C LYS A 72 -7.73 2.42 5.06
N SER A 73 -7.77 3.04 6.24
CA SER A 73 -8.78 2.72 7.20
C SER A 73 -10.12 3.02 6.55
N SER A 74 -11.04 2.09 6.66
CA SER A 74 -12.31 2.15 6.00
C SER A 74 -13.05 3.47 6.23
N GLU A 75 -12.99 3.98 7.44
CA GLU A 75 -13.62 5.24 7.72
C GLU A 75 -12.60 6.33 8.05
N ILE A 76 -11.68 6.04 8.95
CA ILE A 76 -10.74 7.04 9.44
C ILE A 76 -9.64 7.29 8.39
N GLY A 77 -9.09 8.49 8.38
CA GLY A 77 -8.01 8.84 7.48
C GLY A 77 -6.63 8.41 8.00
N GLU A 78 -6.54 7.17 8.43
CA GLU A 78 -5.29 6.58 8.85
C GLU A 78 -4.94 5.50 7.86
N TYR A 79 -3.69 5.24 7.72
CA TYR A 79 -3.22 4.24 6.80
C TYR A 79 -2.32 3.28 7.49
N PHE A 80 -2.59 2.03 7.32
CA PHE A 80 -1.81 0.96 7.89
C PHE A 80 -0.67 0.67 6.97
N VAL A 81 0.52 0.85 7.45
CA VAL A 81 1.70 0.60 6.69
C VAL A 81 1.90 -0.90 6.60
N SER A 82 1.80 -1.41 5.41
CA SER A 82 1.95 -2.81 5.19
C SER A 82 3.37 -3.08 4.66
N GLY A 83 3.70 -4.33 4.57
CA GLY A 83 5.00 -4.74 4.14
C GLY A 83 5.72 -5.35 5.29
N GLU A 84 7.01 -5.32 5.23
CA GLU A 84 7.81 -5.86 6.29
C GLU A 84 8.05 -4.81 7.35
N GLN A 85 8.75 -5.17 8.41
CA GLN A 85 9.06 -4.22 9.48
C GLN A 85 10.01 -3.15 8.95
N TRP A 86 10.75 -3.53 7.93
CA TRP A 86 11.71 -2.67 7.29
C TRP A 86 10.98 -1.61 6.47
N ASN A 87 9.82 -1.97 5.93
CA ASN A 87 8.96 -1.02 5.18
C ASN A 87 8.45 0.04 6.11
N LYS A 88 8.06 -0.38 7.29
CA LYS A 88 7.56 0.51 8.32
C LYS A 88 8.70 1.40 8.83
N LYS A 89 9.88 0.81 8.97
CA LYS A 89 11.07 1.52 9.41
C LYS A 89 11.52 2.53 8.35
N ALA A 90 11.31 2.20 7.08
CA ALA A 90 11.61 3.07 5.98
C ALA A 90 10.81 4.34 6.10
N ILE A 91 9.50 4.19 6.31
CA ILE A 91 8.58 5.32 6.45
C ILE A 91 8.98 6.17 7.67
N SER A 92 9.43 5.49 8.73
CA SER A 92 9.88 6.12 9.96
C SER A 92 11.09 7.05 9.69
N ILE A 93 11.97 6.64 8.81
CA ILE A 93 13.18 7.39 8.51
C ILE A 93 12.93 8.45 7.42
N LEU A 94 12.16 8.08 6.39
CA LEU A 94 11.84 8.98 5.29
C LEU A 94 11.07 10.21 5.77
N LEU A 95 10.02 9.97 6.53
CA LEU A 95 9.16 11.06 6.96
C LEU A 95 9.62 11.66 8.26
N GLY A 96 10.29 10.86 9.05
CA GLY A 96 10.69 11.29 10.36
C GLY A 96 9.48 11.25 11.27
N ARG A 97 8.78 10.15 11.18
CA ARG A 97 7.53 9.93 11.88
C ARG A 97 7.61 8.62 12.64
N GLU A 98 6.88 8.51 13.72
CA GLU A 98 6.87 7.30 14.50
C GLU A 98 5.81 6.34 13.98
N ILE A 99 6.24 5.20 13.51
CA ILE A 99 5.30 4.21 13.04
C ILE A 99 5.17 3.11 14.02
N SER A 100 4.01 2.98 14.55
CA SER A 100 3.66 1.82 15.27
C SER A 100 3.14 0.88 14.21
N ASN A 101 2.16 1.37 13.44
CA ASN A 101 1.53 0.65 12.31
C ASN A 101 0.85 1.59 11.38
N VAL A 102 0.28 2.65 11.90
CA VAL A 102 -0.46 3.58 11.07
C VAL A 102 0.20 4.94 10.97
N ILE A 103 -0.05 5.58 9.87
CA ILE A 103 0.33 6.93 9.63
C ILE A 103 -0.92 7.68 9.24
N LEU A 104 -0.87 8.97 9.17
CA LEU A 104 -2.03 9.73 8.84
C LEU A 104 -2.12 9.95 7.36
N ASN A 105 -3.30 10.33 6.91
CA ASN A 105 -3.57 10.60 5.48
C ASN A 105 -2.59 11.60 4.91
N VAL A 106 -2.32 12.64 5.69
CA VAL A 106 -1.40 13.70 5.29
C VAL A 106 0.03 13.15 5.07
N ASP A 107 0.41 12.11 5.83
CA ASP A 107 1.73 11.48 5.70
C ASP A 107 1.81 10.76 4.38
N VAL A 108 0.72 10.11 4.04
CA VAL A 108 0.61 9.39 2.78
C VAL A 108 0.59 10.38 1.62
N GLU A 109 -0.08 11.51 1.82
CA GLU A 109 -0.12 12.59 0.82
C GLU A 109 1.29 13.08 0.46
N LYS A 110 2.14 13.23 1.48
CA LYS A 110 3.54 13.64 1.29
C LYS A 110 4.24 12.62 0.40
N LEU A 111 4.07 11.35 0.78
CA LEU A 111 4.66 10.23 0.10
C LEU A 111 4.15 10.09 -1.33
N LEU A 112 2.84 10.23 -1.54
CA LEU A 112 2.22 10.11 -2.87
C LEU A 112 2.78 11.10 -3.86
N ARG A 113 2.87 12.36 -3.46
CA ARG A 113 3.34 13.39 -4.36
C ARG A 113 4.85 13.34 -4.56
N GLU A 114 5.54 12.59 -3.73
CA GLU A 114 6.97 12.45 -3.86
C GLU A 114 7.31 11.16 -4.64
N TYR A 115 6.66 10.06 -4.28
CA TYR A 115 6.90 8.75 -4.86
C TYR A 115 5.54 8.12 -5.21
N THR A 116 5.03 8.37 -6.38
CA THR A 116 3.71 7.87 -6.73
C THR A 116 3.74 6.40 -7.17
N SER A 117 4.76 5.99 -7.91
CA SER A 117 4.78 4.65 -8.49
C SER A 117 5.18 3.60 -7.46
N LEU A 118 5.67 4.05 -6.34
CA LEU A 118 6.14 3.17 -5.31
C LEU A 118 5.03 2.86 -4.32
N ILE A 119 3.83 3.39 -4.54
CA ILE A 119 2.79 3.26 -3.53
C ILE A 119 1.45 2.77 -4.10
N PHE A 120 0.85 1.81 -3.40
CA PHE A 120 -0.49 1.34 -3.67
C PHE A 120 -1.33 1.51 -2.43
N ILE A 121 -2.47 2.13 -2.59
CA ILE A 121 -3.38 2.35 -1.50
C ILE A 121 -4.57 1.42 -1.61
N ILE A 122 -4.84 0.72 -0.55
CA ILE A 122 -5.95 -0.18 -0.52
C ILE A 122 -7.15 0.52 0.09
N LEU A 123 -8.04 0.96 -0.76
CA LEU A 123 -9.27 1.60 -0.32
C LEU A 123 -10.30 0.51 -0.08
N SER A 124 -11.40 0.87 0.54
CA SER A 124 -12.44 -0.09 0.81
C SER A 124 -13.63 0.14 -0.13
N PRO A 125 -13.80 -0.70 -1.15
CA PRO A 125 -14.99 -0.70 -1.98
C PRO A 125 -16.03 -1.57 -1.28
N THR A 126 -17.24 -1.53 -1.71
CA THR A 126 -18.20 -2.36 -1.08
C THR A 126 -18.25 -3.69 -1.81
N ARG A 127 -17.37 -4.56 -1.33
CA ARG A 127 -17.08 -5.86 -1.88
C ARG A 127 -16.45 -5.70 -3.27
N SER A 128 -17.28 -5.73 -4.29
CA SER A 128 -16.90 -5.45 -5.64
C SER A 128 -18.13 -5.06 -6.46
N TYR A 129 -19.23 -4.73 -5.76
CA TYR A 129 -20.45 -4.31 -6.44
C TYR A 129 -20.30 -2.85 -6.75
N THR A 130 -20.31 -2.48 -8.01
CA THR A 130 -20.09 -1.10 -8.40
C THR A 130 -21.32 -0.25 -8.00
N GLU A 131 -22.49 -0.88 -8.04
CA GLU A 131 -23.74 -0.23 -7.70
C GLU A 131 -23.82 0.04 -6.19
N GLU A 132 -23.23 -0.85 -5.40
CA GLU A 132 -23.24 -0.71 -3.95
C GLU A 132 -22.15 0.27 -3.54
N THR A 133 -21.03 0.24 -4.28
CA THR A 133 -19.94 1.14 -4.02
C THR A 133 -20.34 2.58 -4.39
N GLU A 134 -21.17 2.73 -5.43
CA GLU A 134 -21.74 4.03 -5.83
C GLU A 134 -22.57 4.62 -4.68
N LEU A 135 -23.33 3.74 -4.00
CA LEU A 135 -24.14 4.15 -2.86
C LEU A 135 -23.26 4.50 -1.67
N SER A 136 -22.17 3.78 -1.52
CA SER A 136 -21.22 4.08 -0.48
C SER A 136 -20.54 5.42 -0.80
N GLU A 137 -20.27 5.66 -2.08
CA GLU A 137 -19.64 6.89 -2.53
C GLU A 137 -20.58 8.08 -2.49
N MET A 138 -21.88 7.84 -2.43
CA MET A 138 -22.81 8.96 -2.27
C MET A 138 -22.79 9.43 -0.83
N LEU A 139 -22.46 8.51 0.05
CA LEU A 139 -22.32 8.81 1.46
C LEU A 139 -20.92 9.38 1.74
N GLU A 140 -19.92 8.76 1.16
CA GLU A 140 -18.53 9.15 1.37
C GLU A 140 -18.23 10.47 0.62
N HIS A 141 -18.77 10.64 -0.57
CA HIS A 141 -18.54 11.86 -1.32
C HIS A 141 -19.89 12.52 -1.61
N HIS A 142 -20.45 12.21 -2.76
CA HIS A 142 -21.77 12.71 -3.23
C HIS A 142 -22.25 11.72 -4.24
N HIS A 143 -21.35 11.41 -5.19
CA HIS A 143 -21.47 10.36 -6.22
C HIS A 143 -20.16 10.32 -6.96
N HIS A 144 -19.27 9.42 -6.52
CA HIS A 144 -17.91 9.30 -7.07
C HIS A 144 -17.08 10.59 -6.98
N HIS A 145 -17.03 11.34 -8.07
CA HIS A 145 -16.30 12.59 -8.12
C HIS A 145 -17.21 13.70 -8.58
N HIS A 146 -17.66 14.49 -7.65
CA HIS A 146 -18.48 15.65 -7.88
C HIS A 146 -18.62 16.34 -6.56
N MET A 1 -15.79 -25.75 -5.38
CA MET A 1 -15.39 -25.01 -4.18
C MET A 1 -13.87 -24.83 -4.17
N ILE A 2 -13.41 -23.87 -4.96
CA ILE A 2 -12.00 -23.58 -5.10
C ILE A 2 -11.81 -22.07 -4.99
N ASP A 3 -10.66 -21.65 -4.44
CA ASP A 3 -10.26 -20.22 -4.29
C ASP A 3 -11.06 -19.54 -3.17
N LYS A 4 -11.74 -20.33 -2.39
CA LYS A 4 -12.55 -19.80 -1.31
C LYS A 4 -11.98 -20.24 0.03
N ILE A 5 -12.52 -19.67 1.09
CA ILE A 5 -12.09 -19.86 2.49
C ILE A 5 -10.79 -19.09 2.73
N PHE A 6 -10.93 -17.79 2.81
CA PHE A 6 -9.85 -16.86 3.08
C PHE A 6 -10.43 -15.73 3.90
N GLU A 7 -11.14 -14.83 3.21
CA GLU A 7 -11.91 -13.71 3.80
C GLU A 7 -11.10 -12.63 4.53
N ILE A 8 -10.24 -13.01 5.45
CA ILE A 8 -9.39 -12.04 6.15
C ILE A 8 -8.36 -11.51 5.16
N GLY A 9 -7.76 -12.43 4.45
CA GLY A 9 -6.93 -12.09 3.35
C GLY A 9 -7.81 -11.81 2.17
N LEU A 10 -8.12 -10.54 1.96
CA LEU A 10 -9.01 -10.07 0.92
C LEU A 10 -8.33 -10.13 -0.46
N LYS A 11 -7.86 -11.31 -0.84
CA LYS A 11 -7.11 -11.54 -2.09
C LYS A 11 -7.87 -11.12 -3.37
N ASP A 12 -9.19 -11.10 -3.31
CA ASP A 12 -10.02 -10.66 -4.43
C ASP A 12 -9.99 -9.15 -4.58
N ILE A 13 -9.80 -8.47 -3.47
CA ILE A 13 -9.71 -7.03 -3.42
C ILE A 13 -8.26 -6.62 -3.67
N PHE A 14 -7.35 -7.44 -3.18
CA PHE A 14 -5.92 -7.25 -3.37
C PHE A 14 -5.45 -7.82 -4.71
N SER A 15 -6.39 -8.02 -5.61
CA SER A 15 -6.12 -8.55 -6.93
C SER A 15 -5.23 -7.58 -7.72
N SER A 16 -5.51 -6.30 -7.60
CA SER A 16 -4.77 -5.26 -8.29
C SER A 16 -3.57 -4.77 -7.44
N SER A 17 -3.33 -5.44 -6.34
CA SER A 17 -2.21 -5.16 -5.46
C SER A 17 -1.04 -6.08 -5.89
N PRO A 18 0.22 -5.76 -5.50
CA PRO A 18 1.40 -6.55 -5.91
C PRO A 18 1.39 -7.98 -5.35
N ALA A 19 1.79 -8.91 -6.20
CA ALA A 19 1.90 -10.31 -5.82
C ALA A 19 3.31 -10.59 -5.39
N GLU A 20 4.20 -9.82 -5.94
CA GLU A 20 5.59 -9.95 -5.68
C GLU A 20 6.20 -8.59 -5.63
N TYR A 21 7.37 -8.49 -5.08
CA TYR A 21 8.01 -7.22 -4.83
C TYR A 21 9.45 -7.28 -5.24
N VAL A 22 10.03 -6.13 -5.40
CA VAL A 22 11.44 -6.01 -5.70
C VAL A 22 12.05 -5.16 -4.61
N THR A 23 13.33 -5.23 -4.42
CA THR A 23 13.92 -4.37 -3.44
C THR A 23 14.32 -3.08 -4.10
N ILE A 24 14.84 -2.17 -3.31
CA ILE A 24 15.33 -0.92 -3.80
C ILE A 24 16.51 -1.19 -4.75
N LYS A 25 17.36 -2.16 -4.38
CA LYS A 25 18.46 -2.57 -5.21
C LYS A 25 18.00 -3.18 -6.52
N ASP A 26 16.96 -4.02 -6.46
CA ASP A 26 16.37 -4.63 -7.66
C ASP A 26 15.88 -3.57 -8.61
N ALA A 27 15.23 -2.57 -8.07
CA ALA A 27 14.68 -1.48 -8.85
C ALA A 27 15.79 -0.61 -9.48
N LEU A 28 16.88 -0.44 -8.75
CA LEU A 28 18.04 0.30 -9.26
C LEU A 28 18.76 -0.51 -10.32
N ASP A 29 18.61 -1.82 -10.24
CA ASP A 29 19.12 -2.78 -11.24
C ASP A 29 18.25 -2.70 -12.51
N GLY A 30 17.07 -2.14 -12.38
CA GLY A 30 16.16 -2.02 -13.49
C GLY A 30 14.98 -2.95 -13.42
N LYS A 31 14.83 -3.64 -12.31
CA LYS A 31 13.67 -4.46 -12.06
C LYS A 31 12.59 -3.58 -11.51
N LEU A 32 11.80 -3.05 -12.39
CA LEU A 32 10.80 -2.08 -12.03
C LEU A 32 9.43 -2.65 -12.20
N LYS A 33 9.31 -3.67 -12.98
CA LYS A 33 8.04 -4.21 -13.26
C LYS A 33 7.72 -5.33 -12.29
N ILE A 34 6.71 -5.11 -11.50
CA ILE A 34 6.23 -6.08 -10.57
C ILE A 34 4.88 -6.59 -11.00
N ARG A 35 4.61 -7.81 -10.70
CA ARG A 35 3.37 -8.40 -11.03
C ARG A 35 2.39 -8.27 -9.88
N LEU A 36 1.15 -8.10 -10.23
CA LEU A 36 0.06 -7.98 -9.31
C LEU A 36 -0.54 -9.37 -9.09
N ASN A 37 -1.41 -9.50 -8.10
CA ASN A 37 -2.04 -10.79 -7.75
C ASN A 37 -2.90 -11.35 -8.88
N ASN A 38 -3.48 -10.46 -9.64
CA ASN A 38 -4.31 -10.81 -10.80
C ASN A 38 -3.44 -10.99 -12.08
N ASN A 39 -2.11 -10.97 -11.89
CA ASN A 39 -1.08 -11.22 -12.93
C ASN A 39 -0.81 -10.08 -13.88
N PHE A 40 -1.41 -8.92 -13.64
CA PHE A 40 -1.09 -7.73 -14.42
C PHE A 40 0.23 -7.14 -13.94
N TYR A 41 0.84 -6.32 -14.74
CA TYR A 41 2.16 -5.82 -14.40
C TYR A 41 2.17 -4.32 -14.21
N HIS A 42 2.86 -3.88 -13.19
CA HIS A 42 3.00 -2.48 -12.86
C HIS A 42 4.46 -2.11 -12.86
N GLU A 43 4.80 -1.08 -13.58
CA GLU A 43 6.15 -0.59 -13.62
C GLU A 43 6.36 0.52 -12.63
N ILE A 44 7.36 0.36 -11.86
CA ILE A 44 7.81 1.27 -10.86
C ILE A 44 8.73 2.32 -11.51
N LYS A 45 8.56 3.57 -11.14
CA LYS A 45 9.39 4.63 -11.65
C LYS A 45 10.72 4.65 -10.92
N LYS A 46 11.76 4.39 -11.67
CA LYS A 46 13.13 4.30 -11.20
C LYS A 46 13.58 5.62 -10.58
N ASP A 47 13.11 6.73 -11.15
CA ASP A 47 13.46 8.08 -10.67
C ASP A 47 13.07 8.26 -9.22
N GLU A 48 11.91 7.72 -8.85
CA GLU A 48 11.41 7.83 -7.50
C GLU A 48 12.24 6.95 -6.54
N VAL A 49 12.72 5.83 -7.06
CA VAL A 49 13.56 4.90 -6.28
C VAL A 49 14.94 5.52 -6.02
N GLU A 50 15.46 6.20 -7.02
CA GLU A 50 16.78 6.83 -6.95
C GLU A 50 16.83 7.94 -5.89
N LYS A 51 15.75 8.69 -5.74
CA LYS A 51 15.70 9.70 -4.69
C LYS A 51 15.40 9.08 -3.32
N LEU A 52 14.64 7.99 -3.33
CA LEU A 52 14.32 7.21 -2.12
C LEU A 52 15.60 6.70 -1.47
N SER A 53 16.42 6.05 -2.27
CA SER A 53 17.68 5.44 -1.83
C SER A 53 18.70 6.46 -1.27
N SER A 54 18.52 7.74 -1.57
CA SER A 54 19.40 8.76 -1.07
C SER A 54 18.99 9.16 0.37
N ARG A 55 17.80 8.76 0.77
CA ARG A 55 17.24 9.16 2.06
C ARG A 55 17.20 7.98 3.03
N ILE A 56 17.07 6.80 2.48
CA ILE A 56 17.01 5.60 3.28
C ILE A 56 18.42 4.94 3.41
N PRO A 57 18.81 4.51 4.64
CA PRO A 57 20.07 3.81 4.91
C PRO A 57 20.30 2.61 3.98
N LEU A 58 21.56 2.45 3.61
CA LEU A 58 22.08 1.45 2.66
C LEU A 58 21.65 0.01 3.04
N TYR A 59 21.53 -0.27 4.34
CA TYR A 59 21.18 -1.61 4.85
C TYR A 59 19.84 -2.05 4.29
N LEU A 60 18.93 -1.11 4.26
CA LEU A 60 17.55 -1.39 3.96
C LEU A 60 17.27 -1.51 2.46
N TRP A 61 18.25 -1.19 1.62
CA TRP A 61 18.08 -1.23 0.15
C TRP A 61 17.70 -2.63 -0.35
N SER A 62 18.28 -3.64 0.23
CA SER A 62 18.03 -5.00 -0.15
C SER A 62 17.02 -5.68 0.78
N LEU A 63 16.45 -4.91 1.66
CA LEU A 63 15.50 -5.44 2.63
C LEU A 63 14.10 -4.97 2.30
N VAL A 64 14.00 -3.67 2.07
CA VAL A 64 12.73 -3.03 1.77
C VAL A 64 12.27 -3.43 0.40
N LYS A 65 11.20 -4.15 0.39
CA LYS A 65 10.57 -4.59 -0.79
C LYS A 65 9.50 -3.59 -1.16
N ILE A 66 9.68 -2.97 -2.28
CA ILE A 66 8.73 -2.05 -2.82
C ILE A 66 7.88 -2.80 -3.86
N PRO A 67 6.66 -2.35 -4.15
CA PRO A 67 6.02 -1.15 -3.58
C PRO A 67 5.51 -1.32 -2.13
N PHE A 68 5.25 -0.18 -1.51
CA PHE A 68 4.70 -0.10 -0.17
C PHE A 68 3.19 -0.16 -0.30
N ILE A 69 2.54 -0.82 0.61
CA ILE A 69 1.10 -0.90 0.60
C ILE A 69 0.54 -0.15 1.80
N PHE A 70 -0.48 0.63 1.59
CA PHE A 70 -1.13 1.32 2.66
C PHE A 70 -2.59 1.01 2.63
N ILE A 71 -3.10 0.50 3.72
CA ILE A 71 -4.49 0.15 3.81
C ILE A 71 -5.24 1.35 4.34
N LYS A 72 -6.20 1.81 3.61
CA LYS A 72 -6.97 2.94 4.03
C LYS A 72 -7.99 2.52 5.07
N SER A 73 -8.07 3.27 6.15
CA SER A 73 -9.13 3.11 7.08
C SER A 73 -10.35 3.69 6.37
N SER A 74 -11.33 2.86 6.06
CA SER A 74 -12.45 3.23 5.20
C SER A 74 -13.13 4.56 5.55
N GLU A 75 -13.37 4.80 6.83
CA GLU A 75 -14.01 6.03 7.21
C GLU A 75 -13.10 6.93 8.06
N ILE A 76 -11.80 6.65 8.08
CA ILE A 76 -10.88 7.45 8.90
C ILE A 76 -9.65 7.82 8.05
N GLY A 77 -9.13 9.03 8.22
CA GLY A 77 -7.97 9.48 7.45
C GLY A 77 -6.65 8.96 8.00
N GLU A 78 -6.58 7.67 8.19
CA GLU A 78 -5.41 6.99 8.68
C GLU A 78 -5.12 5.83 7.75
N TYR A 79 -3.88 5.53 7.58
CA TYR A 79 -3.48 4.48 6.70
C TYR A 79 -2.60 3.51 7.41
N PHE A 80 -2.86 2.24 7.21
CA PHE A 80 -2.08 1.19 7.80
C PHE A 80 -0.91 0.90 6.90
N VAL A 81 0.26 1.02 7.43
CA VAL A 81 1.47 0.76 6.70
C VAL A 81 1.62 -0.75 6.60
N SER A 82 1.50 -1.25 5.41
CA SER A 82 1.53 -2.66 5.19
C SER A 82 2.87 -3.02 4.56
N GLY A 83 3.33 -4.19 4.86
CA GLY A 83 4.57 -4.67 4.36
C GLY A 83 5.36 -5.22 5.50
N GLU A 84 6.63 -5.40 5.31
CA GLU A 84 7.47 -5.92 6.36
C GLU A 84 7.88 -4.82 7.31
N GLN A 85 8.63 -5.22 8.32
CA GLN A 85 9.19 -4.29 9.30
C GLN A 85 10.11 -3.30 8.62
N TRP A 86 10.75 -3.73 7.53
CA TRP A 86 11.64 -2.88 6.78
C TRP A 86 10.86 -1.77 6.06
N ASN A 87 9.64 -2.09 5.59
CA ASN A 87 8.76 -1.08 4.93
C ASN A 87 8.35 -0.02 5.93
N LYS A 88 7.92 -0.48 7.09
CA LYS A 88 7.46 0.40 8.15
C LYS A 88 8.62 1.24 8.70
N LYS A 89 9.80 0.62 8.78
CA LYS A 89 11.01 1.29 9.23
C LYS A 89 11.41 2.37 8.23
N ALA A 90 11.25 2.06 6.94
CA ALA A 90 11.54 3.01 5.87
C ALA A 90 10.69 4.26 6.01
N ILE A 91 9.40 4.05 6.25
CA ILE A 91 8.44 5.14 6.41
C ILE A 91 8.80 5.99 7.65
N SER A 92 9.24 5.32 8.70
CA SER A 92 9.63 5.96 9.93
C SER A 92 10.85 6.88 9.68
N ILE A 93 11.77 6.42 8.84
CA ILE A 93 12.99 7.16 8.55
C ILE A 93 12.74 8.32 7.59
N LEU A 94 12.00 8.05 6.51
CA LEU A 94 11.72 9.05 5.46
C LEU A 94 10.97 10.25 6.01
N LEU A 95 9.98 9.99 6.81
CA LEU A 95 9.13 11.03 7.32
C LEU A 95 9.66 11.58 8.64
N GLY A 96 10.23 10.71 9.43
CA GLY A 96 10.66 11.08 10.76
C GLY A 96 9.47 10.99 11.68
N ARG A 97 8.69 9.96 11.46
CA ARG A 97 7.43 9.73 12.16
C ARG A 97 7.48 8.39 12.84
N GLU A 98 6.69 8.24 13.87
CA GLU A 98 6.57 7.00 14.58
C GLU A 98 5.47 6.18 13.93
N ILE A 99 5.77 4.95 13.63
CA ILE A 99 4.80 4.07 13.03
C ILE A 99 4.52 2.91 13.96
N SER A 100 3.32 2.86 14.46
CA SER A 100 2.85 1.69 15.12
C SER A 100 2.48 0.70 14.00
N ASN A 101 1.35 0.97 13.39
CA ASN A 101 0.92 0.33 12.17
C ASN A 101 0.23 1.33 11.28
N VAL A 102 0.08 2.57 11.77
CA VAL A 102 -0.63 3.59 11.02
C VAL A 102 0.14 4.89 10.91
N ILE A 103 -0.22 5.64 9.91
CA ILE A 103 0.22 7.01 9.68
C ILE A 103 -1.01 7.80 9.30
N LEU A 104 -0.89 9.10 9.26
CA LEU A 104 -2.04 9.93 8.93
C LEU A 104 -2.13 10.15 7.45
N ASN A 105 -3.27 10.68 7.01
CA ASN A 105 -3.50 10.97 5.59
C ASN A 105 -2.47 11.95 5.08
N VAL A 106 -2.09 12.92 5.93
CA VAL A 106 -1.10 13.94 5.58
C VAL A 106 0.27 13.31 5.32
N ASP A 107 0.57 12.23 6.03
CA ASP A 107 1.85 11.55 5.86
C ASP A 107 1.87 10.84 4.54
N VAL A 108 0.73 10.30 4.17
CA VAL A 108 0.57 9.62 2.91
C VAL A 108 0.56 10.64 1.77
N GLU A 109 0.04 11.84 2.02
CA GLU A 109 0.06 12.93 1.04
C GLU A 109 1.52 13.25 0.68
N LYS A 110 2.37 13.36 1.72
CA LYS A 110 3.81 13.63 1.55
C LYS A 110 4.42 12.55 0.66
N LEU A 111 4.12 11.32 1.02
CA LEU A 111 4.63 10.14 0.35
C LEU A 111 4.13 10.03 -1.09
N LEU A 112 2.84 10.25 -1.34
CA LEU A 112 2.25 10.17 -2.68
C LEU A 112 2.81 11.21 -3.63
N ARG A 113 3.09 12.37 -3.10
CA ARG A 113 3.61 13.48 -3.88
C ARG A 113 5.10 13.34 -4.10
N GLU A 114 5.70 12.42 -3.38
CA GLU A 114 7.11 12.17 -3.55
C GLU A 114 7.34 10.86 -4.34
N TYR A 115 6.65 9.81 -3.96
CA TYR A 115 6.82 8.49 -4.54
C TYR A 115 5.45 7.94 -4.92
N THR A 116 5.02 8.16 -6.12
CA THR A 116 3.71 7.69 -6.54
C THR A 116 3.71 6.19 -6.92
N SER A 117 4.68 5.78 -7.72
CA SER A 117 4.70 4.44 -8.27
C SER A 117 5.15 3.40 -7.26
N LEU A 118 5.69 3.87 -6.14
CA LEU A 118 6.17 3.02 -5.08
C LEU A 118 5.06 2.75 -4.09
N ILE A 119 3.89 3.29 -4.31
CA ILE A 119 2.84 3.20 -3.33
C ILE A 119 1.53 2.65 -3.88
N PHE A 120 1.01 1.66 -3.19
CA PHE A 120 -0.28 1.08 -3.47
C PHE A 120 -1.21 1.30 -2.30
N ILE A 121 -2.18 2.15 -2.48
CA ILE A 121 -3.16 2.40 -1.46
C ILE A 121 -4.35 1.50 -1.70
N ILE A 122 -4.70 0.77 -0.70
CA ILE A 122 -5.80 -0.12 -0.79
C ILE A 122 -7.00 0.50 -0.14
N LEU A 123 -7.93 0.88 -0.96
CA LEU A 123 -9.17 1.46 -0.54
C LEU A 123 -10.19 0.36 -0.48
N SER A 124 -11.37 0.67 -0.06
CA SER A 124 -12.42 -0.31 -0.07
C SER A 124 -13.36 0.00 -1.22
N PRO A 125 -13.26 -0.75 -2.36
CA PRO A 125 -14.22 -0.61 -3.44
C PRO A 125 -15.52 -1.28 -3.04
N THR A 126 -15.39 -2.22 -2.10
CA THR A 126 -16.45 -3.00 -1.53
C THR A 126 -17.05 -3.94 -2.57
N ARG A 127 -16.51 -5.15 -2.60
CA ARG A 127 -16.95 -6.17 -3.51
C ARG A 127 -18.27 -6.73 -3.00
N SER A 128 -19.24 -6.73 -3.87
CA SER A 128 -20.58 -7.17 -3.57
C SER A 128 -20.60 -8.62 -3.08
N TYR A 129 -21.45 -8.91 -2.12
CA TYR A 129 -21.60 -10.25 -1.62
C TYR A 129 -22.21 -11.07 -2.73
N THR A 130 -21.56 -12.15 -3.12
CA THR A 130 -21.96 -12.94 -4.24
C THR A 130 -23.37 -13.54 -4.04
N GLU A 131 -23.73 -13.85 -2.79
CA GLU A 131 -25.07 -14.36 -2.49
C GLU A 131 -26.13 -13.29 -2.79
N GLU A 132 -25.78 -12.03 -2.52
CA GLU A 132 -26.67 -10.92 -2.71
C GLU A 132 -26.80 -10.64 -4.20
N THR A 133 -25.73 -10.88 -4.93
CA THR A 133 -25.72 -10.74 -6.37
C THR A 133 -26.60 -11.86 -7.00
N GLU A 134 -26.51 -13.08 -6.43
CA GLU A 134 -27.30 -14.23 -6.86
C GLU A 134 -28.80 -13.91 -6.70
N LEU A 135 -29.16 -13.28 -5.59
CA LEU A 135 -30.53 -12.85 -5.36
C LEU A 135 -30.95 -11.76 -6.32
N SER A 136 -30.07 -10.80 -6.58
CA SER A 136 -30.33 -9.70 -7.53
C SER A 136 -30.60 -10.26 -8.93
N GLU A 137 -29.86 -11.29 -9.29
CA GLU A 137 -30.00 -11.95 -10.55
C GLU A 137 -31.26 -12.81 -10.63
N MET A 138 -31.85 -13.12 -9.50
CA MET A 138 -33.11 -13.82 -9.50
C MET A 138 -34.30 -12.84 -9.50
N LEU A 139 -34.08 -11.66 -8.95
CA LEU A 139 -35.14 -10.66 -8.84
C LEU A 139 -35.23 -9.77 -10.08
N GLU A 140 -34.11 -9.20 -10.49
CA GLU A 140 -34.08 -8.27 -11.63
C GLU A 140 -33.97 -9.02 -12.94
N HIS A 141 -33.37 -10.16 -12.87
CA HIS A 141 -33.20 -11.03 -13.99
C HIS A 141 -33.80 -12.34 -13.58
N HIS A 142 -33.59 -13.37 -14.32
CA HIS A 142 -34.01 -14.70 -13.92
C HIS A 142 -32.94 -15.67 -14.28
N HIS A 143 -32.10 -16.01 -13.33
CA HIS A 143 -31.01 -16.97 -13.59
C HIS A 143 -31.36 -18.37 -13.15
N HIS A 144 -32.12 -18.50 -12.08
CA HIS A 144 -32.48 -19.83 -11.59
C HIS A 144 -33.54 -20.46 -12.45
N HIS A 145 -34.51 -19.66 -12.83
CA HIS A 145 -35.61 -20.05 -13.69
C HIS A 145 -36.39 -18.79 -13.98
N HIS A 146 -37.26 -18.82 -14.94
CA HIS A 146 -38.06 -17.66 -15.24
C HIS A 146 -39.52 -17.96 -14.96
N MET A 1 -24.10 3.19 -7.56
CA MET A 1 -24.71 4.52 -7.70
C MET A 1 -24.13 5.23 -8.93
N ILE A 2 -22.98 5.89 -8.77
CA ILE A 2 -22.31 6.57 -9.88
C ILE A 2 -21.55 5.51 -10.67
N ASP A 3 -21.16 4.51 -9.93
CA ASP A 3 -20.51 3.34 -10.41
C ASP A 3 -21.53 2.42 -11.08
N LYS A 4 -21.21 1.99 -12.27
CA LYS A 4 -22.04 1.08 -13.05
C LYS A 4 -21.17 -0.05 -13.56
N ILE A 5 -21.54 -1.28 -13.18
CA ILE A 5 -20.81 -2.53 -13.51
C ILE A 5 -19.55 -2.68 -12.65
N PHE A 6 -18.72 -1.66 -12.65
CA PHE A 6 -17.55 -1.62 -11.84
C PHE A 6 -17.94 -1.16 -10.45
N GLU A 7 -17.52 -1.88 -9.47
CA GLU A 7 -17.77 -1.54 -8.09
C GLU A 7 -16.46 -1.37 -7.39
N ILE A 8 -16.51 -0.99 -6.14
CA ILE A 8 -15.32 -0.93 -5.34
C ILE A 8 -15.12 -2.24 -4.57
N GLY A 9 -14.98 -3.31 -5.33
CA GLY A 9 -14.78 -4.63 -4.78
C GLY A 9 -13.45 -4.72 -4.09
N LEU A 10 -13.46 -5.18 -2.85
CA LEU A 10 -12.26 -5.26 -2.03
C LEU A 10 -11.27 -6.24 -2.60
N LYS A 11 -11.79 -7.36 -3.07
CA LYS A 11 -10.97 -8.41 -3.65
C LYS A 11 -10.36 -7.94 -4.93
N ASP A 12 -11.12 -7.15 -5.65
CA ASP A 12 -10.67 -6.51 -6.89
C ASP A 12 -9.48 -5.61 -6.62
N ILE A 13 -9.50 -4.92 -5.49
CA ILE A 13 -8.42 -4.02 -5.09
C ILE A 13 -7.16 -4.83 -4.79
N PHE A 14 -7.33 -5.90 -4.00
CA PHE A 14 -6.20 -6.74 -3.61
C PHE A 14 -5.68 -7.61 -4.75
N SER A 15 -6.49 -7.79 -5.77
CA SER A 15 -6.06 -8.47 -6.95
C SER A 15 -5.19 -7.52 -7.78
N SER A 16 -5.45 -6.24 -7.65
CA SER A 16 -4.70 -5.22 -8.34
C SER A 16 -3.51 -4.77 -7.46
N SER A 17 -3.30 -5.46 -6.35
CA SER A 17 -2.19 -5.22 -5.46
C SER A 17 -1.01 -6.11 -5.93
N PRO A 18 0.23 -5.80 -5.51
CA PRO A 18 1.42 -6.57 -5.94
C PRO A 18 1.43 -8.02 -5.44
N ALA A 19 1.84 -8.91 -6.30
CA ALA A 19 1.97 -10.32 -5.98
C ALA A 19 3.43 -10.63 -5.68
N GLU A 20 4.28 -9.78 -6.19
CA GLU A 20 5.70 -9.89 -6.01
C GLU A 20 6.24 -8.49 -5.83
N TYR A 21 7.37 -8.40 -5.21
CA TYR A 21 7.99 -7.15 -4.91
C TYR A 21 9.43 -7.22 -5.34
N VAL A 22 10.03 -6.08 -5.45
CA VAL A 22 11.44 -5.98 -5.73
C VAL A 22 12.02 -5.10 -4.66
N THR A 23 13.26 -5.23 -4.37
CA THR A 23 13.83 -4.38 -3.37
C THR A 23 14.31 -3.10 -4.01
N ILE A 24 14.79 -2.19 -3.21
CA ILE A 24 15.35 -0.94 -3.70
C ILE A 24 16.61 -1.27 -4.52
N LYS A 25 17.34 -2.27 -4.06
CA LYS A 25 18.51 -2.81 -4.78
C LYS A 25 18.12 -3.35 -6.14
N ASP A 26 16.97 -4.00 -6.20
CA ASP A 26 16.46 -4.59 -7.44
C ASP A 26 15.99 -3.52 -8.39
N ALA A 27 15.28 -2.56 -7.88
CA ALA A 27 14.73 -1.48 -8.68
C ALA A 27 15.84 -0.64 -9.32
N LEU A 28 16.89 -0.35 -8.55
CA LEU A 28 18.04 0.38 -9.07
C LEU A 28 18.81 -0.49 -10.07
N ASP A 29 18.74 -1.79 -9.86
CA ASP A 29 19.35 -2.80 -10.76
C ASP A 29 18.60 -2.82 -12.11
N GLY A 30 17.40 -2.26 -12.12
CA GLY A 30 16.58 -2.21 -13.31
C GLY A 30 15.39 -3.14 -13.28
N LYS A 31 15.05 -3.64 -12.10
CA LYS A 31 13.86 -4.42 -11.90
C LYS A 31 12.74 -3.43 -11.60
N LEU A 32 12.05 -3.03 -12.64
CA LEU A 32 11.09 -1.97 -12.54
C LEU A 32 9.73 -2.41 -13.01
N LYS A 33 9.41 -3.66 -12.85
CA LYS A 33 8.09 -4.13 -13.21
C LYS A 33 7.70 -5.31 -12.34
N ILE A 34 6.66 -5.12 -11.56
CA ILE A 34 6.18 -6.14 -10.67
C ILE A 34 4.85 -6.69 -11.15
N ARG A 35 4.55 -7.89 -10.74
CA ARG A 35 3.33 -8.56 -11.13
C ARG A 35 2.29 -8.30 -10.05
N LEU A 36 1.08 -8.14 -10.47
CA LEU A 36 -0.03 -7.98 -9.59
C LEU A 36 -0.70 -9.33 -9.42
N ASN A 37 -1.59 -9.42 -8.46
CA ASN A 37 -2.27 -10.68 -8.15
C ASN A 37 -3.20 -11.16 -9.24
N ASN A 38 -3.71 -10.23 -10.01
CA ASN A 38 -4.57 -10.54 -11.16
C ASN A 38 -3.74 -10.72 -12.44
N ASN A 39 -2.42 -10.83 -12.28
CA ASN A 39 -1.43 -11.12 -13.35
C ASN A 39 -1.15 -9.95 -14.27
N PHE A 40 -1.55 -8.77 -13.88
CA PHE A 40 -1.19 -7.58 -14.61
C PHE A 40 0.13 -7.07 -14.10
N TYR A 41 0.75 -6.20 -14.83
CA TYR A 41 2.05 -5.71 -14.43
C TYR A 41 2.05 -4.22 -14.18
N HIS A 42 2.75 -3.83 -13.14
CA HIS A 42 2.90 -2.44 -12.77
C HIS A 42 4.37 -2.06 -12.88
N GLU A 43 4.64 -1.04 -13.63
CA GLU A 43 5.98 -0.57 -13.77
C GLU A 43 6.32 0.46 -12.71
N ILE A 44 7.50 0.34 -12.20
CA ILE A 44 8.00 1.13 -11.11
C ILE A 44 8.93 2.19 -11.67
N LYS A 45 8.78 3.42 -11.22
CA LYS A 45 9.65 4.50 -11.67
C LYS A 45 10.96 4.49 -10.93
N LYS A 46 12.02 4.32 -11.68
CA LYS A 46 13.39 4.26 -11.18
C LYS A 46 13.71 5.60 -10.50
N ASP A 47 13.22 6.68 -11.10
CA ASP A 47 13.44 8.07 -10.64
C ASP A 47 12.97 8.28 -9.21
N GLU A 48 11.89 7.64 -8.86
CA GLU A 48 11.33 7.79 -7.55
C GLU A 48 12.15 6.96 -6.56
N VAL A 49 12.65 5.83 -7.02
CA VAL A 49 13.50 4.95 -6.21
C VAL A 49 14.84 5.64 -5.93
N GLU A 50 15.31 6.44 -6.88
CA GLU A 50 16.57 7.19 -6.76
C GLU A 50 16.54 8.15 -5.58
N LYS A 51 15.43 8.89 -5.42
CA LYS A 51 15.32 9.82 -4.29
C LYS A 51 15.27 9.02 -2.99
N LEU A 52 14.47 7.95 -3.03
CA LEU A 52 14.23 7.05 -1.90
C LEU A 52 15.55 6.51 -1.34
N SER A 53 16.34 5.91 -2.21
CA SER A 53 17.62 5.30 -1.85
C SER A 53 18.65 6.32 -1.31
N SER A 54 18.46 7.58 -1.65
CA SER A 54 19.35 8.63 -1.20
C SER A 54 18.99 9.11 0.21
N ARG A 55 17.85 8.65 0.72
CA ARG A 55 17.38 9.04 2.04
C ARG A 55 17.41 7.86 3.00
N ILE A 56 17.17 6.68 2.49
CA ILE A 56 17.13 5.49 3.31
C ILE A 56 18.53 4.81 3.36
N PRO A 57 18.98 4.36 4.58
CA PRO A 57 20.25 3.65 4.77
C PRO A 57 20.41 2.43 3.85
N LEU A 58 21.64 2.22 3.41
CA LEU A 58 22.05 1.18 2.44
C LEU A 58 21.55 -0.23 2.85
N TYR A 59 21.57 -0.51 4.16
CA TYR A 59 21.21 -1.84 4.72
C TYR A 59 19.82 -2.24 4.27
N LEU A 60 18.95 -1.25 4.23
CA LEU A 60 17.55 -1.47 4.00
C LEU A 60 17.21 -1.57 2.51
N TRP A 61 18.19 -1.33 1.63
CA TRP A 61 17.93 -1.34 0.19
C TRP A 61 17.53 -2.73 -0.31
N SER A 62 18.14 -3.75 0.23
CA SER A 62 17.84 -5.11 -0.15
C SER A 62 16.81 -5.74 0.80
N LEU A 63 16.29 -4.94 1.70
CA LEU A 63 15.35 -5.41 2.69
C LEU A 63 13.95 -4.88 2.41
N VAL A 64 13.87 -3.60 2.07
CA VAL A 64 12.61 -2.96 1.78
C VAL A 64 12.13 -3.41 0.42
N LYS A 65 10.99 -4.03 0.42
CA LYS A 65 10.40 -4.53 -0.79
C LYS A 65 9.34 -3.56 -1.26
N ILE A 66 9.57 -2.94 -2.36
CA ILE A 66 8.63 -2.02 -2.95
C ILE A 66 7.82 -2.76 -4.00
N PRO A 67 6.59 -2.32 -4.31
CA PRO A 67 5.94 -1.12 -3.74
C PRO A 67 5.40 -1.29 -2.30
N PHE A 68 5.12 -0.16 -1.67
CA PHE A 68 4.56 -0.11 -0.32
C PHE A 68 3.04 -0.22 -0.43
N ILE A 69 2.42 -0.83 0.53
CA ILE A 69 0.97 -0.93 0.57
C ILE A 69 0.46 -0.14 1.77
N PHE A 70 -0.63 0.57 1.61
CA PHE A 70 -1.26 1.25 2.71
C PHE A 70 -2.73 0.94 2.70
N ILE A 71 -3.22 0.42 3.80
CA ILE A 71 -4.64 0.10 3.92
C ILE A 71 -5.32 1.32 4.49
N LYS A 72 -6.35 1.80 3.85
CA LYS A 72 -7.03 2.99 4.31
C LYS A 72 -7.94 2.64 5.50
N SER A 73 -7.65 3.23 6.65
CA SER A 73 -8.48 3.08 7.83
C SER A 73 -9.79 3.80 7.52
N SER A 74 -10.81 3.05 7.23
CA SER A 74 -12.07 3.56 6.75
C SER A 74 -12.74 4.60 7.67
N GLU A 75 -12.65 4.38 8.95
CA GLU A 75 -13.34 5.20 9.92
C GLU A 75 -12.54 6.45 10.33
N ILE A 76 -11.27 6.54 9.96
CA ILE A 76 -10.43 7.68 10.41
C ILE A 76 -9.55 8.16 9.22
N GLY A 77 -8.89 9.29 9.35
CA GLY A 77 -7.97 9.75 8.32
C GLY A 77 -6.56 9.18 8.54
N GLU A 78 -6.48 7.87 8.62
CA GLU A 78 -5.24 7.15 8.88
C GLU A 78 -5.08 6.08 7.83
N TYR A 79 -3.89 5.56 7.75
CA TYR A 79 -3.56 4.47 6.85
C TYR A 79 -2.66 3.50 7.55
N PHE A 80 -2.90 2.24 7.35
CA PHE A 80 -2.09 1.19 7.92
C PHE A 80 -0.90 0.95 7.04
N VAL A 81 0.27 1.15 7.60
CA VAL A 81 1.49 0.93 6.89
C VAL A 81 1.66 -0.56 6.73
N SER A 82 1.59 -1.01 5.51
CA SER A 82 1.68 -2.39 5.21
C SER A 82 3.03 -2.65 4.53
N GLY A 83 3.39 -3.89 4.46
CA GLY A 83 4.69 -4.26 4.00
C GLY A 83 5.51 -4.74 5.16
N GLU A 84 6.68 -5.27 4.89
CA GLU A 84 7.56 -5.84 5.91
C GLU A 84 8.03 -4.81 6.93
N GLN A 85 8.68 -5.29 7.99
CA GLN A 85 9.19 -4.43 9.06
C GLN A 85 10.17 -3.38 8.52
N TRP A 86 10.85 -3.72 7.43
CA TRP A 86 11.80 -2.85 6.79
C TRP A 86 11.08 -1.73 6.06
N ASN A 87 9.92 -2.07 5.48
CA ASN A 87 9.07 -1.10 4.78
C ASN A 87 8.56 -0.07 5.75
N LYS A 88 8.14 -0.54 6.90
CA LYS A 88 7.64 0.32 7.95
C LYS A 88 8.76 1.18 8.53
N LYS A 89 9.96 0.60 8.58
CA LYS A 89 11.15 1.30 9.06
C LYS A 89 11.53 2.41 8.07
N ALA A 90 11.34 2.14 6.79
CA ALA A 90 11.60 3.10 5.73
C ALA A 90 10.72 4.31 5.91
N ILE A 91 9.44 4.06 6.18
CA ILE A 91 8.45 5.10 6.38
C ILE A 91 8.80 5.92 7.63
N SER A 92 9.33 5.23 8.64
CA SER A 92 9.76 5.84 9.87
C SER A 92 10.91 6.81 9.63
N ILE A 93 11.82 6.45 8.75
CA ILE A 93 12.98 7.26 8.46
C ILE A 93 12.64 8.43 7.52
N LEU A 94 11.83 8.16 6.50
CA LEU A 94 11.43 9.17 5.53
C LEU A 94 10.58 10.27 6.18
N LEU A 95 9.61 9.89 6.96
CA LEU A 95 8.74 10.85 7.59
C LEU A 95 9.37 11.41 8.84
N GLY A 96 10.10 10.59 9.52
CA GLY A 96 10.70 10.97 10.76
C GLY A 96 9.72 10.74 11.89
N ARG A 97 8.87 9.76 11.69
CA ARG A 97 7.87 9.42 12.66
C ARG A 97 8.13 8.07 13.22
N GLU A 98 7.54 7.81 14.35
CA GLU A 98 7.56 6.54 14.98
C GLU A 98 6.36 5.76 14.47
N ILE A 99 6.58 4.73 13.68
CA ILE A 99 5.48 3.94 13.16
C ILE A 99 5.19 2.78 14.07
N SER A 100 4.02 2.81 14.64
CA SER A 100 3.54 1.71 15.38
C SER A 100 2.87 0.82 14.35
N ASN A 101 1.85 1.37 13.69
CA ASN A 101 1.08 0.63 12.68
C ASN A 101 0.55 1.58 11.62
N VAL A 102 0.07 2.73 12.04
CA VAL A 102 -0.58 3.65 11.13
C VAL A 102 0.16 4.97 10.98
N ILE A 103 -0.13 5.64 9.91
CA ILE A 103 0.30 6.99 9.66
C ILE A 103 -0.92 7.78 9.30
N LEU A 104 -0.81 9.06 9.20
CA LEU A 104 -1.95 9.89 8.91
C LEU A 104 -2.10 10.08 7.42
N ASN A 105 -3.24 10.59 7.01
CA ASN A 105 -3.52 10.86 5.61
C ASN A 105 -2.51 11.83 5.02
N VAL A 106 -2.14 12.83 5.83
CA VAL A 106 -1.16 13.85 5.47
C VAL A 106 0.22 13.23 5.17
N ASP A 107 0.59 12.19 5.92
CA ASP A 107 1.88 11.51 5.74
C ASP A 107 1.88 10.81 4.41
N VAL A 108 0.75 10.20 4.08
CA VAL A 108 0.57 9.49 2.84
C VAL A 108 0.59 10.46 1.65
N GLU A 109 0.02 11.65 1.84
CA GLU A 109 0.06 12.70 0.82
C GLU A 109 1.51 13.09 0.51
N LYS A 110 2.32 13.23 1.57
CA LYS A 110 3.73 13.55 1.44
C LYS A 110 4.44 12.47 0.63
N LEU A 111 4.17 11.24 1.01
CA LEU A 111 4.76 10.07 0.39
C LEU A 111 4.32 9.90 -1.07
N LEU A 112 3.03 10.04 -1.34
CA LEU A 112 2.48 9.92 -2.71
C LEU A 112 3.06 10.94 -3.66
N ARG A 113 3.19 12.14 -3.18
CA ARG A 113 3.66 13.25 -4.01
C ARG A 113 5.17 13.20 -4.20
N GLU A 114 5.83 12.37 -3.42
CA GLU A 114 7.24 12.17 -3.55
C GLU A 114 7.52 10.87 -4.33
N TYR A 115 6.75 9.83 -4.02
CA TYR A 115 6.91 8.51 -4.61
C TYR A 115 5.54 7.97 -4.98
N THR A 116 5.11 8.21 -6.19
CA THR A 116 3.80 7.76 -6.60
C THR A 116 3.78 6.27 -7.00
N SER A 117 4.69 5.86 -7.87
CA SER A 117 4.67 4.51 -8.45
C SER A 117 5.13 3.46 -7.45
N LEU A 118 5.65 3.91 -6.34
CA LEU A 118 6.18 3.03 -5.33
C LEU A 118 5.14 2.74 -4.28
N ILE A 119 3.93 3.27 -4.44
CA ILE A 119 2.91 3.13 -3.42
C ILE A 119 1.58 2.60 -3.99
N PHE A 120 1.03 1.61 -3.31
CA PHE A 120 -0.27 1.05 -3.60
C PHE A 120 -1.18 1.30 -2.41
N ILE A 121 -2.13 2.16 -2.59
CA ILE A 121 -3.09 2.42 -1.56
C ILE A 121 -4.32 1.58 -1.78
N ILE A 122 -4.69 0.88 -0.77
CA ILE A 122 -5.85 0.08 -0.79
C ILE A 122 -6.97 0.87 -0.15
N LEU A 123 -7.81 1.45 -0.97
CA LEU A 123 -8.91 2.23 -0.46
C LEU A 123 -10.07 1.36 -0.12
N SER A 124 -10.15 1.05 1.10
CA SER A 124 -11.19 0.25 1.63
C SER A 124 -12.31 1.14 2.18
N PRO A 125 -13.55 1.04 1.63
CA PRO A 125 -14.70 1.82 2.10
C PRO A 125 -15.03 1.52 3.55
N THR A 126 -15.07 0.24 3.89
CA THR A 126 -15.35 -0.24 5.23
C THR A 126 -14.45 -1.45 5.57
N ARG A 127 -13.16 -1.18 5.68
CA ARG A 127 -12.09 -2.17 5.94
C ARG A 127 -12.05 -3.28 4.87
N SER A 128 -11.33 -4.32 5.15
CA SER A 128 -11.25 -5.46 4.27
C SER A 128 -12.04 -6.61 4.89
N TYR A 129 -12.29 -7.68 4.12
CA TYR A 129 -12.95 -8.86 4.67
C TYR A 129 -11.98 -9.64 5.59
N THR A 130 -12.46 -10.70 6.20
CA THR A 130 -11.68 -11.50 7.10
C THR A 130 -10.54 -12.22 6.34
N GLU A 131 -10.89 -12.85 5.22
CA GLU A 131 -9.94 -13.57 4.44
C GLU A 131 -9.08 -12.62 3.62
N GLU A 132 -9.52 -11.38 3.53
CA GLU A 132 -8.83 -10.37 2.76
C GLU A 132 -7.54 -10.01 3.50
N THR A 133 -7.66 -9.85 4.81
CA THR A 133 -6.53 -9.58 5.65
C THR A 133 -5.62 -10.82 5.74
N GLU A 134 -6.26 -12.01 5.72
CA GLU A 134 -5.54 -13.28 5.69
C GLU A 134 -4.62 -13.32 4.44
N LEU A 135 -5.21 -12.99 3.28
CA LEU A 135 -4.47 -12.89 2.03
C LEU A 135 -3.41 -11.82 2.08
N SER A 136 -3.74 -10.68 2.67
CA SER A 136 -2.82 -9.55 2.81
C SER A 136 -1.53 -10.01 3.52
N GLU A 137 -1.69 -10.80 4.59
CA GLU A 137 -0.56 -11.35 5.34
C GLU A 137 0.34 -12.22 4.45
N MET A 138 -0.28 -12.93 3.50
CA MET A 138 0.45 -13.80 2.57
C MET A 138 1.16 -12.96 1.52
N LEU A 139 0.45 -11.98 1.01
CA LEU A 139 0.92 -11.14 -0.08
C LEU A 139 2.05 -10.25 0.37
N GLU A 140 1.92 -9.70 1.55
CA GLU A 140 2.98 -8.88 2.16
C GLU A 140 4.13 -9.75 2.63
N HIS A 141 3.90 -11.08 2.60
CA HIS A 141 4.89 -12.10 2.95
C HIS A 141 5.21 -12.11 4.45
N HIS A 142 4.21 -11.77 5.24
CA HIS A 142 4.34 -11.74 6.70
C HIS A 142 4.15 -13.13 7.24
N HIS A 143 3.01 -13.72 6.95
CA HIS A 143 2.67 -15.02 7.47
C HIS A 143 2.36 -15.93 6.32
N HIS A 144 2.87 -17.17 6.39
CA HIS A 144 2.75 -18.19 5.33
C HIS A 144 3.65 -17.86 4.15
N HIS A 145 3.86 -18.82 3.28
CA HIS A 145 4.72 -18.64 2.12
C HIS A 145 4.17 -19.38 0.91
N HIS A 146 4.38 -18.79 -0.23
CA HIS A 146 3.98 -19.35 -1.52
C HIS A 146 5.06 -19.03 -2.49
N MET A 1 -0.48 -29.39 -5.15
CA MET A 1 -1.18 -28.11 -5.16
C MET A 1 -0.34 -27.00 -4.56
N ILE A 2 0.34 -27.29 -3.43
CA ILE A 2 1.09 -26.31 -2.65
C ILE A 2 0.10 -25.45 -1.84
N ASP A 3 -0.06 -25.87 -0.58
CA ASP A 3 -0.93 -25.25 0.43
C ASP A 3 -2.44 -25.39 0.03
N LYS A 4 -3.30 -24.59 0.61
CA LYS A 4 -4.73 -24.66 0.31
C LYS A 4 -5.32 -23.26 0.31
N ILE A 5 -4.70 -22.37 1.04
CA ILE A 5 -5.23 -21.05 1.23
C ILE A 5 -4.99 -20.21 -0.04
N PHE A 6 -5.91 -19.30 -0.29
CA PHE A 6 -5.90 -18.37 -1.42
C PHE A 6 -6.41 -18.95 -2.73
N GLU A 7 -7.69 -18.89 -2.84
CA GLU A 7 -8.46 -19.17 -4.04
C GLU A 7 -9.47 -18.04 -4.03
N ILE A 8 -10.11 -17.93 -2.89
CA ILE A 8 -10.93 -16.81 -2.54
C ILE A 8 -10.39 -16.27 -1.21
N GLY A 9 -10.96 -15.21 -0.70
CA GLY A 9 -10.47 -14.63 0.52
C GLY A 9 -10.04 -13.21 0.30
N LEU A 10 -11.04 -12.33 0.14
CA LEU A 10 -10.85 -10.88 -0.11
C LEU A 10 -10.08 -10.67 -1.41
N LYS A 11 -10.25 -11.62 -2.34
CA LYS A 11 -9.49 -11.66 -3.57
C LYS A 11 -9.65 -10.42 -4.42
N ASP A 12 -10.89 -9.96 -4.60
CA ASP A 12 -11.18 -8.82 -5.48
C ASP A 12 -10.63 -7.52 -4.94
N ILE A 13 -10.51 -7.44 -3.64
CA ILE A 13 -9.98 -6.24 -3.00
C ILE A 13 -8.48 -6.17 -3.26
N PHE A 14 -7.83 -7.29 -3.06
CA PHE A 14 -6.39 -7.37 -3.18
C PHE A 14 -5.92 -7.82 -4.56
N SER A 15 -6.80 -7.73 -5.56
CA SER A 15 -6.44 -8.07 -6.92
C SER A 15 -5.49 -7.03 -7.54
N SER A 16 -5.64 -5.80 -7.11
CA SER A 16 -4.82 -4.72 -7.64
C SER A 16 -3.60 -4.47 -6.76
N SER A 17 -3.33 -5.38 -5.85
CA SER A 17 -2.18 -5.29 -4.98
C SER A 17 -1.00 -6.02 -5.64
N PRO A 18 0.27 -5.69 -5.32
CA PRO A 18 1.43 -6.39 -5.85
C PRO A 18 1.48 -7.84 -5.37
N ALA A 19 1.70 -8.74 -6.29
CA ALA A 19 1.76 -10.15 -6.02
C ALA A 19 3.19 -10.55 -5.67
N GLU A 20 4.12 -9.75 -6.14
CA GLU A 20 5.53 -9.97 -5.95
C GLU A 20 6.15 -8.61 -5.75
N TYR A 21 7.31 -8.58 -5.15
CA TYR A 21 7.95 -7.33 -4.86
C TYR A 21 9.37 -7.37 -5.34
N VAL A 22 9.96 -6.22 -5.41
CA VAL A 22 11.35 -6.07 -5.75
C VAL A 22 11.97 -5.23 -4.65
N THR A 23 13.25 -5.29 -4.49
CA THR A 23 13.86 -4.47 -3.49
C THR A 23 14.21 -3.10 -4.07
N ILE A 24 14.70 -2.23 -3.23
CA ILE A 24 15.17 -0.94 -3.68
C ILE A 24 16.38 -1.15 -4.59
N LYS A 25 17.21 -2.13 -4.21
CA LYS A 25 18.34 -2.53 -5.03
C LYS A 25 17.90 -3.01 -6.38
N ASP A 26 16.87 -3.86 -6.40
CA ASP A 26 16.28 -4.39 -7.64
C ASP A 26 15.86 -3.29 -8.57
N ALA A 27 15.07 -2.38 -8.06
CA ALA A 27 14.55 -1.27 -8.85
C ALA A 27 15.68 -0.39 -9.41
N LEU A 28 16.73 -0.18 -8.62
CA LEU A 28 17.90 0.57 -9.08
C LEU A 28 18.67 -0.20 -10.15
N ASP A 29 18.56 -1.51 -10.10
CA ASP A 29 19.21 -2.41 -11.05
C ASP A 29 18.37 -2.53 -12.36
N GLY A 30 17.20 -1.94 -12.34
CA GLY A 30 16.34 -1.93 -13.51
C GLY A 30 15.16 -2.87 -13.41
N LYS A 31 14.96 -3.44 -12.24
CA LYS A 31 13.81 -4.29 -11.98
C LYS A 31 12.64 -3.39 -11.60
N LEU A 32 12.01 -2.86 -12.59
CA LEU A 32 11.01 -1.84 -12.42
C LEU A 32 9.65 -2.34 -12.84
N LYS A 33 9.38 -3.59 -12.66
CA LYS A 33 8.11 -4.12 -13.03
C LYS A 33 7.70 -5.25 -12.12
N ILE A 34 6.59 -5.04 -11.45
CA ILE A 34 6.05 -6.03 -10.56
C ILE A 34 4.71 -6.52 -11.03
N ARG A 35 4.38 -7.69 -10.62
CA ARG A 35 3.14 -8.31 -10.96
C ARG A 35 2.11 -7.93 -9.94
N LEU A 36 0.94 -7.70 -10.40
CA LEU A 36 -0.19 -7.47 -9.56
C LEU A 36 -0.86 -8.79 -9.32
N ASN A 37 -1.72 -8.85 -8.36
CA ASN A 37 -2.38 -10.09 -8.00
C ASN A 37 -3.32 -10.55 -9.11
N ASN A 38 -3.88 -9.59 -9.83
CA ASN A 38 -4.72 -9.85 -11.03
C ASN A 38 -3.84 -10.23 -12.24
N ASN A 39 -2.52 -10.21 -12.04
CA ASN A 39 -1.47 -10.60 -13.01
C ASN A 39 -1.11 -9.53 -14.01
N PHE A 40 -1.55 -8.31 -13.78
CA PHE A 40 -1.12 -7.21 -14.62
C PHE A 40 0.23 -6.71 -14.16
N TYR A 41 0.90 -5.97 -14.99
CA TYR A 41 2.22 -5.51 -14.64
C TYR A 41 2.27 -4.02 -14.44
N HIS A 42 2.65 -3.64 -13.26
CA HIS A 42 2.79 -2.26 -12.88
C HIS A 42 4.26 -1.90 -12.91
N GLU A 43 4.60 -0.91 -13.70
CA GLU A 43 5.96 -0.49 -13.77
C GLU A 43 6.27 0.59 -12.75
N ILE A 44 7.42 0.46 -12.21
CA ILE A 44 7.94 1.27 -11.15
C ILE A 44 8.88 2.33 -11.76
N LYS A 45 8.80 3.55 -11.26
CA LYS A 45 9.66 4.61 -11.74
C LYS A 45 10.95 4.62 -10.95
N LYS A 46 12.06 4.51 -11.67
CA LYS A 46 13.38 4.45 -11.07
C LYS A 46 13.72 5.76 -10.39
N ASP A 47 13.23 6.88 -10.97
CA ASP A 47 13.44 8.24 -10.44
C ASP A 47 13.04 8.36 -8.98
N GLU A 48 11.92 7.75 -8.65
CA GLU A 48 11.39 7.83 -7.33
C GLU A 48 12.16 6.93 -6.37
N VAL A 49 12.77 5.89 -6.91
CA VAL A 49 13.58 4.96 -6.13
C VAL A 49 14.97 5.58 -5.86
N GLU A 50 15.47 6.35 -6.82
CA GLU A 50 16.77 7.03 -6.70
C GLU A 50 16.77 8.03 -5.55
N LYS A 51 15.71 8.78 -5.40
CA LYS A 51 15.60 9.71 -4.29
C LYS A 51 15.28 8.99 -2.98
N LEU A 52 14.55 7.89 -3.08
CA LEU A 52 14.23 7.03 -1.94
C LEU A 52 15.51 6.49 -1.30
N SER A 53 16.32 5.82 -2.10
CA SER A 53 17.56 5.18 -1.68
C SER A 53 18.57 6.14 -1.04
N SER A 54 18.54 7.40 -1.45
CA SER A 54 19.46 8.39 -0.93
C SER A 54 19.06 8.87 0.48
N ARG A 55 17.88 8.47 0.92
CA ARG A 55 17.36 8.86 2.21
C ARG A 55 17.38 7.68 3.19
N ILE A 56 17.14 6.51 2.66
CA ILE A 56 17.07 5.31 3.46
C ILE A 56 18.45 4.59 3.52
N PRO A 57 18.90 4.15 4.72
CA PRO A 57 20.16 3.41 4.89
C PRO A 57 20.32 2.21 3.96
N LEU A 58 21.56 2.00 3.52
CA LEU A 58 21.99 0.98 2.54
C LEU A 58 21.49 -0.45 2.92
N TYR A 59 21.43 -0.72 4.23
CA TYR A 59 21.03 -2.04 4.76
C TYR A 59 19.63 -2.38 4.30
N LEU A 60 18.80 -1.37 4.28
CA LEU A 60 17.39 -1.54 4.04
C LEU A 60 17.06 -1.60 2.55
N TRP A 61 18.04 -1.38 1.69
CA TRP A 61 17.80 -1.39 0.24
C TRP A 61 17.37 -2.77 -0.24
N SER A 62 17.93 -3.78 0.37
CA SER A 62 17.65 -5.14 0.06
C SER A 62 16.61 -5.76 1.01
N LEU A 63 16.15 -4.96 1.93
CA LEU A 63 15.18 -5.43 2.92
C LEU A 63 13.80 -4.86 2.65
N VAL A 64 13.75 -3.65 2.19
CA VAL A 64 12.51 -3.02 1.87
C VAL A 64 12.07 -3.49 0.50
N LYS A 65 11.05 -4.27 0.51
CA LYS A 65 10.47 -4.75 -0.70
C LYS A 65 9.40 -3.78 -1.12
N ILE A 66 9.62 -3.13 -2.21
CA ILE A 66 8.69 -2.18 -2.78
C ILE A 66 7.87 -2.90 -3.85
N PRO A 67 6.68 -2.41 -4.20
CA PRO A 67 6.05 -1.18 -3.68
C PRO A 67 5.54 -1.25 -2.23
N PHE A 68 5.26 -0.09 -1.66
CA PHE A 68 4.73 0.04 -0.32
C PHE A 68 3.22 -0.07 -0.39
N ILE A 69 2.62 -0.73 0.57
CA ILE A 69 1.18 -0.87 0.61
C ILE A 69 0.66 -0.15 1.86
N PHE A 70 -0.42 0.56 1.71
CA PHE A 70 -1.06 1.21 2.83
C PHE A 70 -2.53 0.88 2.83
N ILE A 71 -3.02 0.39 3.92
CA ILE A 71 -4.44 0.07 4.05
C ILE A 71 -5.13 1.28 4.65
N LYS A 72 -6.08 1.84 3.98
CA LYS A 72 -6.73 3.02 4.50
C LYS A 72 -7.92 2.63 5.38
N SER A 73 -8.09 3.35 6.49
CA SER A 73 -9.26 3.24 7.33
C SER A 73 -10.46 3.73 6.49
N SER A 74 -11.56 3.01 6.57
CA SER A 74 -12.73 3.23 5.74
C SER A 74 -13.27 4.69 5.79
N GLU A 75 -13.36 5.24 6.97
CA GLU A 75 -13.87 6.59 7.14
C GLU A 75 -12.74 7.56 7.43
N ILE A 76 -11.93 7.20 8.38
CA ILE A 76 -10.87 8.05 8.89
C ILE A 76 -9.68 8.14 7.92
N GLY A 77 -9.00 9.28 7.93
CA GLY A 77 -7.84 9.53 7.10
C GLY A 77 -6.56 9.00 7.74
N GLU A 78 -6.55 7.72 8.06
CA GLU A 78 -5.38 7.05 8.61
C GLU A 78 -5.09 5.83 7.77
N TYR A 79 -3.83 5.54 7.61
CA TYR A 79 -3.40 4.44 6.78
C TYR A 79 -2.47 3.51 7.52
N PHE A 80 -2.74 2.23 7.42
CA PHE A 80 -1.95 1.19 8.02
C PHE A 80 -0.82 0.84 7.11
N VAL A 81 0.37 1.03 7.59
CA VAL A 81 1.57 0.78 6.84
C VAL A 81 1.77 -0.72 6.70
N SER A 82 1.64 -1.19 5.49
CA SER A 82 1.76 -2.59 5.19
C SER A 82 3.12 -2.89 4.58
N GLY A 83 3.46 -4.14 4.57
CA GLY A 83 4.73 -4.57 4.11
C GLY A 83 5.39 -5.28 5.23
N GLU A 84 6.67 -5.32 5.23
CA GLU A 84 7.39 -5.92 6.32
C GLU A 84 7.83 -4.85 7.29
N GLN A 85 8.52 -5.26 8.34
CA GLN A 85 9.05 -4.34 9.35
C GLN A 85 10.01 -3.35 8.72
N TRP A 86 10.68 -3.77 7.66
CA TRP A 86 11.63 -2.95 6.97
C TRP A 86 10.91 -1.84 6.20
N ASN A 87 9.73 -2.15 5.70
CA ASN A 87 8.90 -1.18 4.96
C ASN A 87 8.41 -0.12 5.91
N LYS A 88 8.03 -0.55 7.11
CA LYS A 88 7.54 0.34 8.15
C LYS A 88 8.69 1.20 8.67
N LYS A 89 9.87 0.59 8.73
CA LYS A 89 11.08 1.28 9.14
C LYS A 89 11.44 2.34 8.09
N ALA A 90 11.26 2.01 6.83
CA ALA A 90 11.51 2.94 5.74
C ALA A 90 10.66 4.19 5.92
N ILE A 91 9.39 3.97 6.20
CA ILE A 91 8.42 5.04 6.41
C ILE A 91 8.81 5.91 7.61
N SER A 92 9.26 5.28 8.70
CA SER A 92 9.67 6.00 9.88
C SER A 92 10.90 6.89 9.64
N ILE A 93 11.76 6.46 8.73
CA ILE A 93 12.96 7.22 8.40
C ILE A 93 12.62 8.34 7.41
N LEU A 94 11.77 8.04 6.44
CA LEU A 94 11.38 8.99 5.39
C LEU A 94 10.55 10.15 5.94
N LEU A 95 9.60 9.82 6.79
CA LEU A 95 8.72 10.84 7.37
C LEU A 95 9.39 11.49 8.55
N GLY A 96 10.21 10.73 9.23
CA GLY A 96 10.86 11.21 10.42
C GLY A 96 9.92 11.12 11.60
N ARG A 97 9.01 10.17 11.53
CA ARG A 97 8.01 9.94 12.56
C ARG A 97 8.05 8.48 12.87
N GLU A 98 7.73 8.09 14.07
CA GLU A 98 7.78 6.69 14.45
C GLU A 98 6.45 5.99 14.17
N ILE A 99 6.50 4.87 13.48
CA ILE A 99 5.30 4.15 13.09
C ILE A 99 5.05 2.96 13.98
N SER A 100 3.86 2.91 14.51
CA SER A 100 3.40 1.74 15.14
C SER A 100 2.62 0.98 14.07
N ASN A 101 1.52 1.57 13.59
CA ASN A 101 0.71 0.93 12.54
C ASN A 101 0.21 1.94 11.53
N VAL A 102 -0.31 3.07 12.01
CA VAL A 102 -0.92 4.04 11.11
C VAL A 102 -0.19 5.34 11.01
N ILE A 103 -0.20 5.87 9.82
CA ILE A 103 0.26 7.19 9.55
C ILE A 103 -0.93 7.99 9.09
N LEU A 104 -0.78 9.27 9.07
CA LEU A 104 -1.85 10.13 8.67
C LEU A 104 -1.97 10.23 7.19
N ASN A 105 -3.12 10.63 6.74
CA ASN A 105 -3.41 10.86 5.32
C ASN A 105 -2.47 11.92 4.77
N VAL A 106 -2.18 12.94 5.58
CA VAL A 106 -1.26 14.01 5.22
C VAL A 106 0.17 13.48 5.05
N ASP A 107 0.48 12.36 5.68
CA ASP A 107 1.80 11.75 5.59
C ASP A 107 1.87 10.88 4.38
N VAL A 108 0.77 10.23 4.08
CA VAL A 108 0.67 9.41 2.89
C VAL A 108 0.74 10.30 1.66
N GLU A 109 0.10 11.48 1.73
CA GLU A 109 0.16 12.45 0.64
C GLU A 109 1.58 12.95 0.41
N LYS A 110 2.38 13.08 1.48
CA LYS A 110 3.81 13.45 1.33
C LYS A 110 4.52 12.39 0.52
N LEU A 111 4.24 11.16 0.89
CA LEU A 111 4.84 10.01 0.26
C LEU A 111 4.34 9.82 -1.17
N LEU A 112 3.06 10.04 -1.40
CA LEU A 112 2.45 9.91 -2.73
C LEU A 112 3.01 10.89 -3.72
N ARG A 113 3.15 12.14 -3.30
CA ARG A 113 3.61 13.19 -4.18
C ARG A 113 5.12 13.11 -4.38
N GLU A 114 5.77 12.34 -3.56
CA GLU A 114 7.17 12.11 -3.68
C GLU A 114 7.43 10.82 -4.49
N TYR A 115 6.72 9.76 -4.13
CA TYR A 115 6.88 8.46 -4.75
C TYR A 115 5.49 7.95 -5.16
N THR A 116 5.04 8.27 -6.33
CA THR A 116 3.71 7.85 -6.72
C THR A 116 3.67 6.38 -7.18
N SER A 117 4.66 5.96 -7.95
CA SER A 117 4.63 4.63 -8.55
C SER A 117 4.98 3.55 -7.54
N LEU A 118 5.57 3.96 -6.43
CA LEU A 118 6.05 3.05 -5.41
C LEU A 118 4.99 2.76 -4.37
N ILE A 119 3.82 3.34 -4.51
CA ILE A 119 2.81 3.18 -3.48
C ILE A 119 1.49 2.60 -3.98
N PHE A 120 0.99 1.63 -3.24
CA PHE A 120 -0.29 1.02 -3.47
C PHE A 120 -1.15 1.21 -2.25
N ILE A 121 -2.26 1.85 -2.44
CA ILE A 121 -3.17 2.10 -1.37
C ILE A 121 -4.37 1.18 -1.49
N ILE A 122 -4.65 0.47 -0.45
CA ILE A 122 -5.81 -0.37 -0.40
C ILE A 122 -6.89 0.43 0.30
N LEU A 123 -7.74 0.98 -0.51
CA LEU A 123 -8.84 1.79 -0.05
C LEU A 123 -9.96 0.90 0.44
N SER A 124 -10.51 1.23 1.57
CA SER A 124 -11.62 0.48 2.10
C SER A 124 -12.89 1.31 1.86
N PRO A 125 -13.67 1.00 0.80
CA PRO A 125 -14.86 1.74 0.49
C PRO A 125 -16.11 1.12 1.10
N THR A 126 -16.41 1.53 2.30
CA THR A 126 -17.59 1.08 2.96
C THR A 126 -18.76 1.96 2.52
N ARG A 127 -18.79 3.20 3.05
CA ARG A 127 -19.76 4.27 2.78
C ARG A 127 -21.19 3.92 3.26
N SER A 128 -21.66 2.75 2.92
CA SER A 128 -22.91 2.23 3.38
C SER A 128 -22.75 1.96 4.88
N TYR A 129 -23.51 2.66 5.67
CA TYR A 129 -23.38 2.55 7.10
C TYR A 129 -24.38 1.57 7.67
N THR A 130 -23.84 0.61 8.39
CA THR A 130 -24.59 -0.41 9.05
C THR A 130 -25.47 0.22 10.14
N GLU A 131 -24.92 1.19 10.86
CA GLU A 131 -25.63 1.89 11.92
C GLU A 131 -26.77 2.74 11.34
N GLU A 132 -26.53 3.36 10.20
CA GLU A 132 -27.51 4.19 9.52
C GLU A 132 -28.70 3.31 9.09
N THR A 133 -28.38 2.17 8.54
CA THR A 133 -29.36 1.22 8.07
C THR A 133 -30.14 0.57 9.24
N GLU A 134 -29.42 0.15 10.26
CA GLU A 134 -29.99 -0.54 11.40
C GLU A 134 -30.97 0.37 12.14
N LEU A 135 -30.59 1.64 12.32
CA LEU A 135 -31.44 2.61 13.01
C LEU A 135 -32.68 2.98 12.20
N SER A 136 -32.54 3.12 10.90
CA SER A 136 -33.68 3.45 10.06
C SER A 136 -34.66 2.27 9.97
N GLU A 137 -34.12 1.06 9.92
CA GLU A 137 -34.94 -0.14 9.89
C GLU A 137 -35.53 -0.44 11.26
N MET A 138 -34.94 0.15 12.28
CA MET A 138 -35.43 0.05 13.63
C MET A 138 -36.72 0.83 13.78
N LEU A 139 -36.65 2.08 13.44
CA LEU A 139 -37.75 3.00 13.61
C LEU A 139 -38.89 2.72 12.63
N GLU A 140 -38.58 2.18 11.47
CA GLU A 140 -39.62 1.75 10.54
C GLU A 140 -40.21 0.41 10.97
N HIS A 141 -39.56 -0.22 11.96
CA HIS A 141 -39.94 -1.50 12.55
C HIS A 141 -39.81 -2.67 11.58
N HIS A 142 -39.01 -2.45 10.55
CA HIS A 142 -38.76 -3.47 9.54
C HIS A 142 -37.84 -4.53 10.09
N HIS A 143 -36.71 -4.11 10.64
CA HIS A 143 -35.75 -5.08 11.18
C HIS A 143 -35.73 -5.09 12.70
N HIS A 144 -36.51 -4.23 13.32
CA HIS A 144 -36.64 -4.26 14.78
C HIS A 144 -38.07 -4.05 15.13
N HIS A 145 -38.67 -5.05 15.70
CA HIS A 145 -40.07 -5.02 16.07
C HIS A 145 -40.31 -5.83 17.33
N HIS A 146 -40.26 -7.14 17.20
CA HIS A 146 -40.45 -8.12 18.25
C HIS A 146 -39.99 -9.43 17.72
N MET A 1 -21.18 -16.54 -0.38
CA MET A 1 -20.03 -17.30 -0.91
C MET A 1 -18.96 -16.38 -1.42
N ILE A 2 -19.23 -15.09 -1.36
CA ILE A 2 -18.27 -14.07 -1.70
C ILE A 2 -18.19 -13.20 -0.46
N ASP A 3 -19.28 -12.41 -0.26
CA ASP A 3 -19.50 -11.58 0.95
C ASP A 3 -18.26 -10.71 1.26
N LYS A 4 -18.12 -10.33 2.50
CA LYS A 4 -16.90 -9.72 3.00
C LYS A 4 -16.33 -10.68 4.03
N ILE A 5 -16.84 -11.91 4.01
CA ILE A 5 -16.53 -12.88 5.04
C ILE A 5 -15.79 -14.12 4.49
N PHE A 6 -16.49 -15.01 3.77
CA PHE A 6 -15.86 -16.26 3.32
C PHE A 6 -15.92 -16.53 1.82
N GLU A 7 -14.72 -16.75 1.28
CA GLU A 7 -14.42 -17.19 -0.10
C GLU A 7 -14.71 -16.20 -1.21
N ILE A 8 -13.90 -16.31 -2.28
CA ILE A 8 -13.99 -15.53 -3.53
C ILE A 8 -13.61 -14.03 -3.37
N GLY A 9 -13.94 -13.48 -2.22
CA GLY A 9 -13.68 -12.10 -1.89
C GLY A 9 -12.19 -11.78 -1.73
N LEU A 10 -11.91 -10.49 -1.52
CA LEU A 10 -10.55 -9.92 -1.34
C LEU A 10 -9.70 -9.86 -2.63
N LYS A 11 -9.89 -10.82 -3.53
CA LYS A 11 -9.10 -10.92 -4.77
C LYS A 11 -9.33 -9.67 -5.65
N ASP A 12 -10.59 -9.28 -5.77
CA ASP A 12 -10.98 -8.11 -6.59
C ASP A 12 -10.58 -6.84 -5.89
N ILE A 13 -10.56 -6.88 -4.58
CA ILE A 13 -10.23 -5.73 -3.75
C ILE A 13 -8.76 -5.39 -3.91
N PHE A 14 -7.94 -6.40 -3.74
CA PHE A 14 -6.50 -6.25 -3.80
C PHE A 14 -5.97 -6.61 -5.18
N SER A 15 -6.80 -6.50 -6.19
CA SER A 15 -6.43 -6.88 -7.56
C SER A 15 -5.26 -6.03 -8.09
N SER A 16 -5.32 -4.74 -7.81
CA SER A 16 -4.32 -3.81 -8.27
C SER A 16 -3.12 -3.73 -7.30
N SER A 17 -3.07 -4.62 -6.33
CA SER A 17 -1.99 -4.63 -5.38
C SER A 17 -0.87 -5.53 -5.92
N PRO A 18 0.39 -5.24 -5.58
CA PRO A 18 1.53 -6.05 -6.02
C PRO A 18 1.49 -7.46 -5.44
N ALA A 19 1.58 -8.42 -6.32
CA ALA A 19 1.55 -9.84 -5.96
C ALA A 19 2.94 -10.28 -5.59
N GLU A 20 3.90 -9.55 -6.07
CA GLU A 20 5.28 -9.80 -5.83
C GLU A 20 5.98 -8.48 -5.64
N TYR A 21 7.07 -8.49 -4.93
CA TYR A 21 7.77 -7.26 -4.60
C TYR A 21 9.22 -7.41 -4.97
N VAL A 22 9.87 -6.31 -5.13
CA VAL A 22 11.29 -6.25 -5.40
C VAL A 22 11.90 -5.32 -4.39
N THR A 23 13.15 -5.44 -4.13
CA THR A 23 13.77 -4.54 -3.19
C THR A 23 14.18 -3.27 -3.90
N ILE A 24 14.63 -2.30 -3.14
CA ILE A 24 15.12 -1.05 -3.68
C ILE A 24 16.31 -1.36 -4.60
N LYS A 25 17.18 -2.26 -4.16
CA LYS A 25 18.32 -2.70 -4.95
C LYS A 25 17.89 -3.44 -6.22
N ASP A 26 16.80 -4.19 -6.15
CA ASP A 26 16.29 -4.91 -7.33
C ASP A 26 15.81 -3.91 -8.35
N ALA A 27 15.08 -2.92 -7.89
CA ALA A 27 14.56 -1.87 -8.76
C ALA A 27 15.70 -1.06 -9.38
N LEU A 28 16.76 -0.85 -8.60
CA LEU A 28 17.96 -0.17 -9.08
C LEU A 28 18.68 -1.03 -10.12
N ASP A 29 18.54 -2.34 -9.98
CA ASP A 29 19.09 -3.33 -10.95
C ASP A 29 18.28 -3.32 -12.26
N GLY A 30 17.12 -2.70 -12.21
CA GLY A 30 16.28 -2.62 -13.37
C GLY A 30 15.07 -3.52 -13.28
N LYS A 31 14.80 -4.03 -12.10
CA LYS A 31 13.61 -4.81 -11.85
C LYS A 31 12.51 -3.86 -11.44
N LEU A 32 11.96 -3.23 -12.44
CA LEU A 32 10.97 -2.20 -12.22
C LEU A 32 9.59 -2.71 -12.46
N LYS A 33 9.46 -3.74 -13.22
CA LYS A 33 8.17 -4.23 -13.55
C LYS A 33 7.76 -5.29 -12.55
N ILE A 34 6.74 -5.00 -11.80
CA ILE A 34 6.22 -5.95 -10.83
C ILE A 34 4.86 -6.43 -11.26
N ARG A 35 4.49 -7.61 -10.84
CA ARG A 35 3.21 -8.15 -11.17
C ARG A 35 2.21 -7.87 -10.06
N LEU A 36 1.02 -7.57 -10.47
CA LEU A 36 -0.07 -7.31 -9.59
C LEU A 36 -0.84 -8.60 -9.32
N ASN A 37 -1.72 -8.55 -8.35
CA ASN A 37 -2.55 -9.67 -7.93
C ASN A 37 -3.44 -10.15 -9.08
N ASN A 38 -3.88 -9.22 -9.92
CA ASN A 38 -4.69 -9.54 -11.11
C ASN A 38 -3.81 -9.98 -12.30
N ASN A 39 -2.51 -10.06 -12.08
CA ASN A 39 -1.49 -10.49 -13.07
C ASN A 39 -1.08 -9.43 -14.06
N PHE A 40 -1.56 -8.21 -13.91
CA PHE A 40 -1.10 -7.12 -14.75
C PHE A 40 0.25 -6.64 -14.24
N TYR A 41 0.96 -5.92 -15.04
CA TYR A 41 2.25 -5.44 -14.66
C TYR A 41 2.22 -3.95 -14.40
N HIS A 42 2.96 -3.55 -13.41
CA HIS A 42 3.13 -2.16 -13.05
C HIS A 42 4.60 -1.85 -13.01
N GLU A 43 5.01 -0.88 -13.76
CA GLU A 43 6.36 -0.46 -13.72
C GLU A 43 6.58 0.60 -12.69
N ILE A 44 7.57 0.39 -11.94
CA ILE A 44 8.03 1.26 -10.92
C ILE A 44 8.95 2.29 -11.56
N LYS A 45 8.78 3.56 -11.20
CA LYS A 45 9.65 4.60 -11.73
C LYS A 45 10.98 4.56 -11.00
N LYS A 46 12.04 4.26 -11.74
CA LYS A 46 13.37 4.11 -11.17
C LYS A 46 13.85 5.40 -10.54
N ASP A 47 13.45 6.53 -11.13
CA ASP A 47 13.82 7.86 -10.61
C ASP A 47 13.31 8.05 -9.20
N GLU A 48 12.12 7.51 -8.91
CA GLU A 48 11.56 7.64 -7.58
C GLU A 48 12.26 6.71 -6.59
N VAL A 49 12.76 5.60 -7.11
CA VAL A 49 13.54 4.64 -6.31
C VAL A 49 14.92 5.24 -5.98
N GLU A 50 15.49 5.94 -6.93
CA GLU A 50 16.80 6.57 -6.77
C GLU A 50 16.73 7.71 -5.75
N LYS A 51 15.67 8.49 -5.78
CA LYS A 51 15.50 9.54 -4.77
C LYS A 51 15.16 8.94 -3.41
N LEU A 52 14.46 7.81 -3.42
CA LEU A 52 14.17 7.04 -2.20
C LEU A 52 15.47 6.57 -1.56
N SER A 53 16.31 5.91 -2.36
CA SER A 53 17.58 5.37 -1.90
C SER A 53 18.57 6.46 -1.42
N SER A 54 18.36 7.69 -1.88
CA SER A 54 19.18 8.81 -1.48
C SER A 54 18.80 9.31 -0.08
N ARG A 55 17.71 8.80 0.47
CA ARG A 55 17.24 9.23 1.77
C ARG A 55 17.23 8.08 2.78
N ILE A 56 17.02 6.87 2.30
CA ILE A 56 16.94 5.70 3.15
C ILE A 56 18.33 5.03 3.31
N PRO A 57 18.72 4.64 4.57
CA PRO A 57 19.97 3.93 4.85
C PRO A 57 20.21 2.72 3.94
N LEU A 58 21.49 2.53 3.59
CA LEU A 58 21.98 1.50 2.66
C LEU A 58 21.47 0.09 3.03
N TYR A 59 21.38 -0.18 4.33
CA TYR A 59 21.01 -1.51 4.88
C TYR A 59 19.64 -1.92 4.36
N LEU A 60 18.75 -0.94 4.28
CA LEU A 60 17.38 -1.17 3.99
C LEU A 60 17.09 -1.32 2.51
N TRP A 61 18.08 -1.07 1.65
CA TRP A 61 17.87 -1.14 0.20
C TRP A 61 17.52 -2.56 -0.25
N SER A 62 18.07 -3.54 0.42
CA SER A 62 17.81 -4.93 0.12
C SER A 62 16.77 -5.52 1.06
N LEU A 63 16.23 -4.72 1.92
CA LEU A 63 15.29 -5.21 2.91
C LEU A 63 13.89 -4.71 2.65
N VAL A 64 13.79 -3.47 2.23
CA VAL A 64 12.53 -2.86 1.90
C VAL A 64 12.08 -3.37 0.55
N LYS A 65 10.94 -3.97 0.53
CA LYS A 65 10.38 -4.51 -0.66
C LYS A 65 9.27 -3.60 -1.13
N ILE A 66 9.53 -2.98 -2.22
CA ILE A 66 8.62 -2.06 -2.84
C ILE A 66 7.87 -2.82 -3.93
N PRO A 67 6.69 -2.34 -4.37
CA PRO A 67 6.03 -1.11 -3.87
C PRO A 67 5.44 -1.23 -2.45
N PHE A 68 5.15 -0.07 -1.87
CA PHE A 68 4.57 0.03 -0.55
C PHE A 68 3.07 -0.07 -0.68
N ILE A 69 2.44 -0.64 0.31
CA ILE A 69 1.01 -0.75 0.34
C ILE A 69 0.52 -0.04 1.59
N PHE A 70 -0.52 0.75 1.46
CA PHE A 70 -1.14 1.38 2.59
C PHE A 70 -2.60 1.05 2.60
N ILE A 71 -3.03 0.40 3.66
CA ILE A 71 -4.43 0.03 3.81
C ILE A 71 -5.08 1.18 4.54
N LYS A 72 -6.05 1.79 3.95
CA LYS A 72 -6.69 2.89 4.63
C LYS A 72 -7.62 2.35 5.69
N SER A 73 -7.67 3.02 6.83
CA SER A 73 -8.64 2.73 7.83
C SER A 73 -9.97 3.08 7.19
N SER A 74 -10.81 2.11 7.09
CA SER A 74 -12.05 2.19 6.35
C SER A 74 -12.94 3.39 6.69
N GLU A 75 -12.91 3.82 7.94
CA GLU A 75 -13.75 4.92 8.37
C GLU A 75 -12.95 5.96 9.19
N ILE A 76 -11.62 5.90 9.14
CA ILE A 76 -10.75 6.86 9.83
C ILE A 76 -9.68 7.35 8.82
N GLY A 77 -9.24 8.59 8.95
CA GLY A 77 -8.22 9.12 8.06
C GLY A 77 -6.79 8.71 8.44
N GLU A 78 -6.58 7.42 8.58
CA GLU A 78 -5.29 6.84 8.91
C GLU A 78 -5.01 5.71 7.94
N TYR A 79 -3.76 5.37 7.78
CA TYR A 79 -3.39 4.30 6.87
C TYR A 79 -2.43 3.35 7.52
N PHE A 80 -2.66 2.08 7.33
CA PHE A 80 -1.86 1.02 7.86
C PHE A 80 -0.71 0.77 6.91
N VAL A 81 0.48 0.96 7.40
CA VAL A 81 1.68 0.75 6.64
C VAL A 81 1.87 -0.75 6.44
N SER A 82 1.78 -1.17 5.22
CA SER A 82 1.86 -2.56 4.89
C SER A 82 3.22 -2.90 4.28
N GLY A 83 3.70 -4.05 4.64
CA GLY A 83 4.98 -4.51 4.22
C GLY A 83 5.71 -5.00 5.42
N GLU A 84 6.93 -5.40 5.26
CA GLU A 84 7.73 -5.85 6.38
C GLU A 84 8.14 -4.71 7.29
N GLN A 85 8.77 -5.09 8.40
CA GLN A 85 9.29 -4.16 9.41
C GLN A 85 10.27 -3.17 8.80
N TRP A 86 10.94 -3.58 7.74
CA TRP A 86 11.90 -2.76 7.06
C TRP A 86 11.21 -1.65 6.29
N ASN A 87 10.06 -1.99 5.68
CA ASN A 87 9.24 -1.01 4.95
C ASN A 87 8.70 0.02 5.91
N LYS A 88 8.32 -0.45 7.07
CA LYS A 88 7.78 0.39 8.11
C LYS A 88 8.87 1.28 8.71
N LYS A 89 10.09 0.74 8.80
CA LYS A 89 11.24 1.49 9.27
C LYS A 89 11.61 2.58 8.26
N ALA A 90 11.46 2.26 6.97
CA ALA A 90 11.71 3.20 5.88
C ALA A 90 10.82 4.42 6.03
N ILE A 91 9.53 4.16 6.22
CA ILE A 91 8.51 5.20 6.41
C ILE A 91 8.83 6.04 7.65
N SER A 92 9.32 5.36 8.68
CA SER A 92 9.70 5.97 9.93
C SER A 92 10.83 7.00 9.71
N ILE A 93 11.79 6.63 8.88
CA ILE A 93 12.96 7.45 8.63
C ILE A 93 12.65 8.61 7.68
N LEU A 94 11.80 8.36 6.70
CA LEU A 94 11.43 9.38 5.72
C LEU A 94 10.53 10.45 6.32
N LEU A 95 9.53 10.04 7.07
CA LEU A 95 8.55 10.98 7.61
C LEU A 95 8.98 11.54 8.95
N GLY A 96 9.66 10.75 9.71
CA GLY A 96 10.06 11.15 11.04
C GLY A 96 8.99 10.81 12.03
N ARG A 97 8.23 9.78 11.70
CA ARG A 97 7.14 9.25 12.52
C ARG A 97 7.53 7.87 12.99
N GLU A 98 7.06 7.48 14.13
CA GLU A 98 7.23 6.13 14.59
C GLU A 98 6.07 5.28 14.10
N ILE A 99 6.36 4.22 13.38
CA ILE A 99 5.32 3.41 12.81
C ILE A 99 4.99 2.24 13.70
N SER A 100 3.83 2.32 14.28
CA SER A 100 3.27 1.28 15.06
C SER A 100 2.47 0.39 14.09
N ASN A 101 1.53 1.02 13.42
CA ASN A 101 0.69 0.43 12.39
C ASN A 101 0.29 1.48 11.41
N VAL A 102 -0.17 2.59 11.92
CA VAL A 102 -0.73 3.61 11.09
C VAL A 102 0.08 4.89 11.06
N ILE A 103 -0.11 5.59 9.98
CA ILE A 103 0.35 6.95 9.78
C ILE A 103 -0.88 7.74 9.38
N LEU A 104 -0.79 9.04 9.32
CA LEU A 104 -1.95 9.85 9.00
C LEU A 104 -2.14 9.95 7.50
N ASN A 105 -3.34 10.36 7.11
CA ASN A 105 -3.65 10.57 5.68
C ASN A 105 -2.71 11.60 5.07
N VAL A 106 -2.41 12.65 5.86
CA VAL A 106 -1.51 13.72 5.44
C VAL A 106 -0.10 13.17 5.17
N ASP A 107 0.33 12.19 5.96
CA ASP A 107 1.63 11.56 5.80
C ASP A 107 1.69 10.80 4.50
N VAL A 108 0.60 10.13 4.18
CA VAL A 108 0.48 9.39 2.94
C VAL A 108 0.45 10.35 1.75
N GLU A 109 -0.22 11.50 1.90
CA GLU A 109 -0.27 12.53 0.84
C GLU A 109 1.15 12.99 0.53
N LYS A 110 1.96 13.25 1.57
CA LYS A 110 3.37 13.66 1.43
C LYS A 110 4.10 12.63 0.58
N LEU A 111 3.96 11.37 0.98
CA LEU A 111 4.61 10.24 0.35
C LEU A 111 4.15 10.06 -1.10
N LEU A 112 2.87 10.22 -1.36
CA LEU A 112 2.31 10.11 -2.72
C LEU A 112 2.92 11.13 -3.66
N ARG A 113 3.09 12.33 -3.18
CA ARG A 113 3.65 13.42 -3.98
C ARG A 113 5.16 13.25 -4.14
N GLU A 114 5.73 12.46 -3.26
CA GLU A 114 7.16 12.25 -3.21
C GLU A 114 7.55 11.01 -4.06
N TYR A 115 6.80 9.93 -3.91
CA TYR A 115 7.03 8.67 -4.62
C TYR A 115 5.66 8.12 -5.02
N THR A 116 5.19 8.43 -6.21
CA THR A 116 3.86 8.01 -6.60
C THR A 116 3.79 6.54 -7.05
N SER A 117 4.73 6.10 -7.87
CA SER A 117 4.68 4.78 -8.47
C SER A 117 5.09 3.69 -7.48
N LEU A 118 5.65 4.11 -6.37
CA LEU A 118 6.13 3.20 -5.37
C LEU A 118 5.04 2.91 -4.37
N ILE A 119 3.88 3.54 -4.50
CA ILE A 119 2.85 3.42 -3.50
C ILE A 119 1.50 2.99 -4.06
N PHE A 120 0.93 1.98 -3.45
CA PHE A 120 -0.42 1.52 -3.73
C PHE A 120 -1.27 1.70 -2.50
N ILE A 121 -2.40 2.32 -2.67
CA ILE A 121 -3.30 2.56 -1.59
C ILE A 121 -4.52 1.65 -1.73
N ILE A 122 -4.85 0.97 -0.67
CA ILE A 122 -5.97 0.09 -0.67
C ILE A 122 -7.08 0.74 0.12
N LEU A 123 -8.08 1.17 -0.59
CA LEU A 123 -9.23 1.75 0.03
C LEU A 123 -10.22 0.66 0.28
N SER A 124 -10.38 0.31 1.50
CA SER A 124 -11.27 -0.74 1.86
C SER A 124 -12.54 -0.12 2.44
N PRO A 125 -13.68 -0.24 1.75
CA PRO A 125 -14.93 0.24 2.24
C PRO A 125 -15.66 -0.82 3.08
N THR A 126 -15.84 -0.53 4.32
CA THR A 126 -16.57 -1.39 5.24
C THR A 126 -18.05 -1.07 5.20
N ARG A 127 -18.40 -0.10 4.38
CA ARG A 127 -19.77 0.30 4.21
C ARG A 127 -20.53 -0.74 3.43
N SER A 128 -21.65 -1.12 3.95
CA SER A 128 -22.53 -2.00 3.25
C SER A 128 -23.28 -1.13 2.25
N TYR A 129 -23.08 -1.45 0.97
CA TYR A 129 -23.62 -0.71 -0.16
C TYR A 129 -22.87 0.59 -0.37
N THR A 130 -21.92 0.52 -1.25
CA THR A 130 -21.07 1.62 -1.58
C THR A 130 -21.88 2.73 -2.25
N GLU A 131 -22.88 2.33 -3.04
CA GLU A 131 -23.76 3.25 -3.72
C GLU A 131 -24.63 4.01 -2.74
N GLU A 132 -25.00 3.34 -1.65
CA GLU A 132 -25.81 3.94 -0.62
C GLU A 132 -25.01 5.07 0.03
N THR A 133 -23.76 4.77 0.34
CA THR A 133 -22.84 5.72 0.91
C THR A 133 -22.61 6.88 -0.07
N GLU A 134 -22.37 6.56 -1.34
CA GLU A 134 -22.12 7.55 -2.39
C GLU A 134 -23.31 8.52 -2.55
N LEU A 135 -24.53 7.98 -2.54
CA LEU A 135 -25.74 8.81 -2.60
C LEU A 135 -25.85 9.75 -1.41
N SER A 136 -25.66 9.22 -0.20
CA SER A 136 -25.72 10.06 1.00
C SER A 136 -24.59 11.10 1.04
N GLU A 137 -23.43 10.73 0.52
CA GLU A 137 -22.29 11.61 0.44
C GLU A 137 -22.47 12.67 -0.60
N MET A 138 -23.39 12.47 -1.51
CA MET A 138 -23.69 13.47 -2.51
C MET A 138 -24.72 14.44 -1.97
N LEU A 139 -25.69 13.90 -1.27
CA LEU A 139 -26.77 14.69 -0.70
C LEU A 139 -26.28 15.56 0.45
N GLU A 140 -25.52 14.99 1.35
CA GLU A 140 -25.08 15.69 2.54
C GLU A 140 -23.76 16.40 2.36
N HIS A 141 -22.85 15.79 1.63
CA HIS A 141 -21.49 16.32 1.50
C HIS A 141 -21.13 16.39 0.01
N HIS A 142 -19.85 16.40 -0.26
CA HIS A 142 -19.27 16.25 -1.60
C HIS A 142 -18.00 15.45 -1.41
N HIS A 143 -18.04 14.55 -0.40
CA HIS A 143 -16.86 13.80 0.12
C HIS A 143 -15.87 14.76 0.74
N HIS A 144 -15.83 14.76 2.08
CA HIS A 144 -15.02 15.71 2.89
C HIS A 144 -15.61 17.09 2.89
N HIS A 145 -16.10 17.52 4.02
CA HIS A 145 -16.52 18.90 4.18
C HIS A 145 -15.25 19.68 4.56
N HIS A 146 -14.35 18.95 5.16
CA HIS A 146 -13.05 19.39 5.58
C HIS A 146 -12.29 18.13 5.96
N MET A 1 -22.28 -21.70 1.19
CA MET A 1 -23.43 -21.10 0.53
C MET A 1 -22.97 -20.58 -0.81
N ILE A 2 -23.77 -19.77 -1.46
CA ILE A 2 -23.38 -19.18 -2.73
C ILE A 2 -22.78 -17.82 -2.46
N ASP A 3 -21.47 -17.75 -2.50
CA ASP A 3 -20.80 -16.50 -2.27
C ASP A 3 -20.56 -15.85 -3.60
N LYS A 4 -21.35 -14.87 -3.89
CA LYS A 4 -21.29 -14.22 -5.17
C LYS A 4 -20.62 -12.86 -5.00
N ILE A 5 -20.05 -12.67 -3.85
CA ILE A 5 -19.48 -11.41 -3.53
C ILE A 5 -17.99 -11.44 -3.83
N PHE A 6 -17.36 -12.54 -3.47
CA PHE A 6 -15.96 -12.73 -3.77
C PHE A 6 -15.78 -14.08 -4.43
N GLU A 7 -14.65 -14.29 -5.03
CA GLU A 7 -14.32 -15.56 -5.63
C GLU A 7 -13.42 -16.32 -4.68
N ILE A 8 -12.45 -15.62 -4.14
CA ILE A 8 -11.51 -16.23 -3.20
C ILE A 8 -11.88 -15.83 -1.78
N GLY A 9 -12.17 -14.57 -1.60
CA GLY A 9 -12.48 -14.05 -0.30
C GLY A 9 -11.39 -13.11 0.14
N LEU A 10 -11.65 -11.81 -0.02
CA LEU A 10 -10.73 -10.70 0.33
C LEU A 10 -9.53 -10.57 -0.63
N LYS A 11 -8.94 -11.70 -1.04
CA LYS A 11 -7.80 -11.71 -2.00
C LYS A 11 -8.21 -11.15 -3.35
N ASP A 12 -9.52 -11.06 -3.58
CA ASP A 12 -10.09 -10.50 -4.80
C ASP A 12 -9.83 -9.01 -4.85
N ILE A 13 -9.85 -8.38 -3.69
CA ILE A 13 -9.57 -6.96 -3.56
C ILE A 13 -8.09 -6.78 -3.77
N PHE A 14 -7.35 -7.67 -3.15
CA PHE A 14 -5.90 -7.67 -3.21
C PHE A 14 -5.36 -8.33 -4.49
N SER A 15 -6.24 -8.52 -5.47
CA SER A 15 -5.83 -9.02 -6.75
C SER A 15 -5.10 -7.93 -7.52
N SER A 16 -5.47 -6.68 -7.25
CA SER A 16 -4.83 -5.54 -7.89
C SER A 16 -3.62 -5.09 -7.07
N SER A 17 -3.34 -5.81 -6.00
CA SER A 17 -2.21 -5.55 -5.17
C SER A 17 -1.03 -6.41 -5.69
N PRO A 18 0.24 -5.96 -5.49
CA PRO A 18 1.43 -6.67 -5.97
C PRO A 18 1.53 -8.12 -5.48
N ALA A 19 1.84 -9.00 -6.41
CA ALA A 19 2.00 -10.43 -6.14
C ALA A 19 3.45 -10.72 -5.85
N GLU A 20 4.29 -9.81 -6.26
CA GLU A 20 5.70 -9.91 -6.08
C GLU A 20 6.19 -8.54 -5.75
N TYR A 21 7.30 -8.46 -5.08
CA TYR A 21 7.89 -7.20 -4.77
C TYR A 21 9.29 -7.25 -5.23
N VAL A 22 9.90 -6.14 -5.29
CA VAL A 22 11.29 -6.02 -5.60
C VAL A 22 11.90 -5.16 -4.52
N THR A 23 13.16 -5.25 -4.30
CA THR A 23 13.74 -4.40 -3.31
C THR A 23 14.08 -3.06 -3.97
N ILE A 24 14.61 -2.16 -3.21
CA ILE A 24 15.03 -0.88 -3.72
C ILE A 24 16.25 -1.12 -4.59
N LYS A 25 17.05 -2.06 -4.10
CA LYS A 25 18.22 -2.56 -4.77
C LYS A 25 17.82 -3.13 -6.14
N ASP A 26 16.76 -3.95 -6.15
CA ASP A 26 16.24 -4.56 -7.39
C ASP A 26 15.73 -3.50 -8.35
N ALA A 27 15.04 -2.53 -7.83
CA ALA A 27 14.48 -1.46 -8.65
C ALA A 27 15.59 -0.62 -9.29
N LEU A 28 16.66 -0.36 -8.54
CA LEU A 28 17.83 0.35 -9.08
C LEU A 28 18.53 -0.52 -10.13
N ASP A 29 18.41 -1.82 -9.93
CA ASP A 29 18.98 -2.86 -10.79
C ASP A 29 18.16 -3.01 -12.11
N GLY A 30 16.98 -2.41 -12.13
CA GLY A 30 16.15 -2.43 -13.30
C GLY A 30 14.96 -3.36 -13.20
N LYS A 31 14.66 -3.82 -12.01
CA LYS A 31 13.49 -4.62 -11.78
C LYS A 31 12.39 -3.67 -11.38
N LEU A 32 11.71 -3.15 -12.36
CA LEU A 32 10.73 -2.12 -12.15
C LEU A 32 9.33 -2.63 -12.45
N LYS A 33 9.22 -3.71 -13.16
CA LYS A 33 7.92 -4.21 -13.46
C LYS A 33 7.51 -5.20 -12.39
N ILE A 34 6.47 -4.87 -11.67
CA ILE A 34 5.96 -5.77 -10.68
C ILE A 34 4.62 -6.31 -11.11
N ARG A 35 4.36 -7.50 -10.71
CA ARG A 35 3.17 -8.21 -11.09
C ARG A 35 2.14 -8.02 -10.01
N LEU A 36 0.92 -7.94 -10.40
CA LEU A 36 -0.17 -7.91 -9.49
C LEU A 36 -0.71 -9.32 -9.40
N ASN A 37 -1.53 -9.59 -8.42
CA ASN A 37 -2.08 -10.94 -8.19
C ASN A 37 -2.97 -11.43 -9.33
N ASN A 38 -3.59 -10.51 -10.00
CA ASN A 38 -4.44 -10.81 -11.17
C ASN A 38 -3.62 -10.83 -12.48
N ASN A 39 -2.28 -10.79 -12.33
CA ASN A 39 -1.31 -10.84 -13.47
C ASN A 39 -1.23 -9.56 -14.26
N PHE A 40 -1.77 -8.49 -13.75
CA PHE A 40 -1.57 -7.21 -14.38
C PHE A 40 -0.22 -6.66 -13.95
N TYR A 41 0.30 -5.70 -14.65
CA TYR A 41 1.63 -5.24 -14.37
C TYR A 41 1.70 -3.77 -14.10
N HIS A 42 2.52 -3.43 -13.16
CA HIS A 42 2.74 -2.07 -12.77
C HIS A 42 4.21 -1.73 -12.96
N GLU A 43 4.44 -0.63 -13.60
CA GLU A 43 5.76 -0.15 -13.86
C GLU A 43 6.19 0.82 -12.76
N ILE A 44 7.27 0.50 -12.13
CA ILE A 44 7.85 1.33 -11.11
C ILE A 44 8.78 2.36 -11.76
N LYS A 45 8.75 3.58 -11.25
CA LYS A 45 9.62 4.63 -11.71
C LYS A 45 10.92 4.58 -10.94
N LYS A 46 11.98 4.36 -11.66
CA LYS A 46 13.31 4.23 -11.10
C LYS A 46 13.78 5.54 -10.47
N ASP A 47 13.34 6.66 -11.05
CA ASP A 47 13.72 8.00 -10.55
C ASP A 47 13.29 8.19 -9.10
N GLU A 48 12.08 7.72 -8.80
CA GLU A 48 11.52 7.85 -7.46
C GLU A 48 12.24 6.92 -6.49
N VAL A 49 12.78 5.84 -7.00
CA VAL A 49 13.55 4.89 -6.22
C VAL A 49 14.91 5.50 -5.85
N GLU A 50 15.53 6.17 -6.81
CA GLU A 50 16.85 6.77 -6.64
C GLU A 50 16.84 7.88 -5.58
N LYS A 51 15.83 8.73 -5.61
CA LYS A 51 15.68 9.78 -4.61
C LYS A 51 15.33 9.20 -3.23
N LEU A 52 14.66 8.05 -3.24
CA LEU A 52 14.33 7.32 -2.01
C LEU A 52 15.62 6.80 -1.39
N SER A 53 16.43 6.14 -2.21
CA SER A 53 17.70 5.53 -1.81
C SER A 53 18.68 6.56 -1.22
N SER A 54 18.54 7.82 -1.63
CA SER A 54 19.38 8.87 -1.13
C SER A 54 19.01 9.20 0.34
N ARG A 55 17.78 8.91 0.73
CA ARG A 55 17.29 9.18 2.07
C ARG A 55 17.38 7.96 2.97
N ILE A 56 17.08 6.80 2.42
CA ILE A 56 17.05 5.59 3.20
C ILE A 56 18.43 4.88 3.21
N PRO A 57 18.93 4.44 4.42
CA PRO A 57 20.20 3.71 4.57
C PRO A 57 20.37 2.53 3.62
N LEU A 58 21.63 2.28 3.28
CA LEU A 58 22.10 1.30 2.29
C LEU A 58 21.58 -0.12 2.63
N TYR A 59 21.51 -0.44 3.93
CA TYR A 59 21.10 -1.78 4.41
C TYR A 59 19.69 -2.09 3.95
N LEU A 60 18.87 -1.08 3.94
CA LEU A 60 17.47 -1.24 3.73
C LEU A 60 17.11 -1.32 2.27
N TRP A 61 18.07 -1.09 1.40
CA TRP A 61 17.84 -1.15 -0.04
C TRP A 61 17.45 -2.55 -0.45
N SER A 62 18.06 -3.51 0.17
CA SER A 62 17.82 -4.90 -0.10
C SER A 62 16.83 -5.53 0.89
N LEU A 63 16.24 -4.71 1.74
CA LEU A 63 15.31 -5.22 2.73
C LEU A 63 13.91 -4.67 2.52
N VAL A 64 13.83 -3.44 2.05
CA VAL A 64 12.56 -2.83 1.79
C VAL A 64 12.07 -3.25 0.44
N LYS A 65 10.98 -3.96 0.45
CA LYS A 65 10.38 -4.46 -0.74
C LYS A 65 9.27 -3.53 -1.16
N ILE A 66 9.47 -2.93 -2.27
CA ILE A 66 8.53 -2.03 -2.87
C ILE A 66 7.74 -2.78 -3.95
N PRO A 67 6.52 -2.33 -4.29
CA PRO A 67 5.86 -1.13 -3.73
C PRO A 67 5.36 -1.29 -2.28
N PHE A 68 5.07 -0.15 -1.66
CA PHE A 68 4.53 -0.08 -0.33
C PHE A 68 3.03 -0.17 -0.45
N ILE A 69 2.39 -0.87 0.45
CA ILE A 69 0.96 -0.99 0.43
C ILE A 69 0.42 -0.29 1.66
N PHE A 70 -0.60 0.51 1.50
CA PHE A 70 -1.23 1.17 2.62
C PHE A 70 -2.70 0.83 2.66
N ILE A 71 -3.16 0.40 3.79
CA ILE A 71 -4.57 0.05 3.96
C ILE A 71 -5.28 1.24 4.59
N LYS A 72 -6.33 1.70 3.99
CA LYS A 72 -7.06 2.85 4.50
C LYS A 72 -7.94 2.47 5.69
N SER A 73 -7.78 3.22 6.79
CA SER A 73 -8.65 3.08 7.94
C SER A 73 -10.06 3.54 7.53
N SER A 74 -11.05 2.76 7.85
CA SER A 74 -12.42 3.00 7.44
C SER A 74 -12.98 4.34 7.98
N GLU A 75 -12.73 4.62 9.23
CA GLU A 75 -13.30 5.79 9.87
C GLU A 75 -12.34 6.96 9.96
N ILE A 76 -11.08 6.69 10.21
CA ILE A 76 -10.11 7.75 10.42
C ILE A 76 -9.31 7.97 9.13
N GLY A 77 -8.80 9.18 8.94
CA GLY A 77 -7.92 9.48 7.82
C GLY A 77 -6.50 9.03 8.11
N GLU A 78 -6.35 7.76 8.35
CA GLU A 78 -5.08 7.13 8.60
C GLU A 78 -4.92 5.97 7.69
N TYR A 79 -3.71 5.53 7.57
CA TYR A 79 -3.38 4.41 6.75
C TYR A 79 -2.48 3.46 7.50
N PHE A 80 -2.76 2.19 7.34
CA PHE A 80 -1.95 1.14 7.90
C PHE A 80 -0.85 0.83 6.92
N VAL A 81 0.35 0.93 7.39
CA VAL A 81 1.51 0.68 6.60
C VAL A 81 1.72 -0.83 6.49
N SER A 82 1.47 -1.35 5.34
CA SER A 82 1.56 -2.75 5.10
C SER A 82 2.95 -3.07 4.54
N GLY A 83 3.42 -4.24 4.83
CA GLY A 83 4.72 -4.65 4.43
C GLY A 83 5.45 -5.23 5.59
N GLU A 84 6.73 -5.26 5.50
CA GLU A 84 7.53 -5.79 6.57
C GLU A 84 8.04 -4.70 7.46
N GLN A 85 8.79 -5.11 8.47
CA GLN A 85 9.37 -4.22 9.46
C GLN A 85 10.32 -3.21 8.83
N TRP A 86 10.93 -3.60 7.72
CA TRP A 86 11.86 -2.75 7.00
C TRP A 86 11.10 -1.68 6.26
N ASN A 87 9.92 -2.05 5.75
CA ASN A 87 9.03 -1.10 5.05
C ASN A 87 8.58 -0.03 6.01
N LYS A 88 8.27 -0.45 7.21
CA LYS A 88 7.83 0.44 8.27
C LYS A 88 9.00 1.29 8.78
N LYS A 89 10.19 0.70 8.79
CA LYS A 89 11.41 1.41 9.16
C LYS A 89 11.75 2.48 8.12
N ALA A 90 11.47 2.18 6.86
CA ALA A 90 11.66 3.14 5.77
C ALA A 90 10.81 4.37 6.02
N ILE A 91 9.54 4.14 6.32
CA ILE A 91 8.58 5.22 6.59
C ILE A 91 8.98 5.97 7.87
N SER A 92 9.56 5.23 8.81
CA SER A 92 10.06 5.77 10.05
C SER A 92 11.20 6.77 9.79
N ILE A 93 12.03 6.46 8.82
CA ILE A 93 13.18 7.28 8.48
C ILE A 93 12.76 8.48 7.60
N LEU A 94 11.77 8.27 6.77
CA LEU A 94 11.28 9.31 5.89
C LEU A 94 10.43 10.35 6.63
N LEU A 95 9.54 9.90 7.51
CA LEU A 95 8.63 10.82 8.20
C LEU A 95 9.22 11.34 9.48
N GLY A 96 10.04 10.53 10.11
CA GLY A 96 10.66 10.93 11.34
C GLY A 96 9.86 10.53 12.56
N ARG A 97 9.08 9.47 12.41
CA ARG A 97 8.29 8.93 13.52
C ARG A 97 8.56 7.47 13.58
N GLU A 98 8.20 6.83 14.66
CA GLU A 98 8.32 5.39 14.75
C GLU A 98 7.04 4.77 14.23
N ILE A 99 7.12 3.99 13.18
CA ILE A 99 5.92 3.39 12.60
C ILE A 99 5.80 1.94 13.00
N SER A 100 4.67 1.60 13.55
CA SER A 100 4.34 0.22 13.80
C SER A 100 3.15 -0.18 12.92
N ASN A 101 2.17 0.72 12.81
CA ASN A 101 0.96 0.46 12.06
C ASN A 101 0.45 1.64 11.28
N VAL A 102 0.10 2.72 11.93
CA VAL A 102 -0.62 3.79 11.26
C VAL A 102 0.13 5.10 11.10
N ILE A 103 -0.08 5.71 9.96
CA ILE A 103 0.37 7.03 9.65
C ILE A 103 -0.83 7.80 9.16
N LEU A 104 -0.73 9.09 9.06
CA LEU A 104 -1.88 9.87 8.65
C LEU A 104 -2.02 9.92 7.16
N ASN A 105 -3.19 10.31 6.72
CA ASN A 105 -3.52 10.50 5.33
C ASN A 105 -2.64 11.56 4.71
N VAL A 106 -2.37 12.62 5.46
CA VAL A 106 -1.47 13.68 5.04
C VAL A 106 -0.03 13.14 4.84
N ASP A 107 0.35 12.15 5.64
CA ASP A 107 1.68 11.54 5.57
C ASP A 107 1.82 10.73 4.32
N VAL A 108 0.77 10.00 4.01
CA VAL A 108 0.73 9.22 2.78
C VAL A 108 0.74 10.14 1.58
N GLU A 109 0.06 11.28 1.70
CA GLU A 109 0.02 12.29 0.66
C GLU A 109 1.42 12.85 0.38
N LYS A 110 2.21 13.05 1.44
CA LYS A 110 3.61 13.50 1.32
C LYS A 110 4.36 12.53 0.44
N LEU A 111 4.20 11.25 0.80
CA LEU A 111 4.85 10.15 0.14
C LEU A 111 4.34 9.99 -1.30
N LEU A 112 3.05 10.23 -1.53
CA LEU A 112 2.45 10.14 -2.88
C LEU A 112 3.08 11.09 -3.87
N ARG A 113 3.22 12.35 -3.49
CA ARG A 113 3.85 13.32 -4.41
C ARG A 113 5.35 13.19 -4.45
N GLU A 114 5.88 12.44 -3.53
CA GLU A 114 7.29 12.24 -3.46
C GLU A 114 7.67 11.01 -4.30
N TYR A 115 6.95 9.92 -4.11
CA TYR A 115 7.18 8.64 -4.76
C TYR A 115 5.81 8.05 -5.12
N THR A 116 5.31 8.29 -6.30
CA THR A 116 3.98 7.83 -6.63
C THR A 116 3.95 6.33 -7.00
N SER A 117 4.91 5.90 -7.81
CA SER A 117 4.88 4.55 -8.36
C SER A 117 5.24 3.49 -7.33
N LEU A 118 5.79 3.93 -6.23
CA LEU A 118 6.22 3.04 -5.17
C LEU A 118 5.10 2.76 -4.20
N ILE A 119 3.91 3.28 -4.45
CA ILE A 119 2.84 3.17 -3.50
C ILE A 119 1.55 2.59 -4.11
N PHE A 120 0.97 1.64 -3.40
CA PHE A 120 -0.34 1.09 -3.67
C PHE A 120 -1.22 1.30 -2.48
N ILE A 121 -2.33 1.94 -2.68
CA ILE A 121 -3.24 2.20 -1.60
C ILE A 121 -4.47 1.32 -1.74
N ILE A 122 -4.80 0.61 -0.70
CA ILE A 122 -5.98 -0.20 -0.70
C ILE A 122 -7.11 0.62 -0.09
N LEU A 123 -7.91 1.19 -0.96
CA LEU A 123 -9.02 2.01 -0.55
C LEU A 123 -10.29 1.20 -0.52
N SER A 124 -10.85 1.08 0.63
CA SER A 124 -12.10 0.43 0.78
C SER A 124 -13.14 1.53 0.96
N PRO A 125 -14.19 1.58 0.10
CA PRO A 125 -15.23 2.62 0.15
C PRO A 125 -16.25 2.39 1.29
N THR A 126 -15.74 2.38 2.50
CA THR A 126 -16.53 2.22 3.68
C THR A 126 -17.27 3.51 4.02
N ARG A 127 -18.48 3.60 3.53
CA ARG A 127 -19.34 4.74 3.76
C ARG A 127 -20.66 4.18 4.21
N SER A 128 -21.15 3.24 3.45
CA SER A 128 -22.32 2.48 3.79
C SER A 128 -21.86 1.06 4.06
N TYR A 129 -22.67 0.28 4.73
CA TYR A 129 -22.29 -1.09 5.02
C TYR A 129 -23.35 -1.99 4.46
N THR A 130 -22.93 -3.09 3.87
CA THR A 130 -23.81 -4.07 3.26
C THR A 130 -24.84 -4.59 4.30
N GLU A 131 -24.34 -4.90 5.49
CA GLU A 131 -25.17 -5.42 6.55
C GLU A 131 -25.96 -4.32 7.24
N GLU A 132 -25.48 -3.08 7.20
CA GLU A 132 -26.22 -1.97 7.82
C GLU A 132 -27.51 -1.73 7.04
N THR A 133 -27.39 -1.78 5.70
CA THR A 133 -28.54 -1.63 4.84
C THR A 133 -29.50 -2.82 5.07
N GLU A 134 -28.93 -4.01 5.22
CA GLU A 134 -29.68 -5.22 5.41
C GLU A 134 -30.48 -5.18 6.72
N LEU A 135 -29.81 -4.87 7.83
CA LEU A 135 -30.45 -4.80 9.14
C LEU A 135 -31.52 -3.73 9.22
N SER A 136 -31.24 -2.55 8.64
CA SER A 136 -32.20 -1.46 8.61
C SER A 136 -33.46 -1.88 7.86
N GLU A 137 -33.28 -2.67 6.83
CA GLU A 137 -34.37 -3.19 6.09
C GLU A 137 -35.10 -4.30 6.81
N MET A 138 -34.42 -5.39 7.12
CA MET A 138 -35.07 -6.61 7.68
C MET A 138 -35.80 -6.42 9.02
N LEU A 139 -35.30 -5.55 9.87
CA LEU A 139 -35.92 -5.35 11.18
C LEU A 139 -37.22 -4.54 11.08
N GLU A 140 -37.17 -3.44 10.38
CA GLU A 140 -38.31 -2.53 10.26
C GLU A 140 -39.26 -2.95 9.14
N HIS A 141 -38.69 -3.42 8.06
CA HIS A 141 -39.43 -3.78 6.88
C HIS A 141 -39.39 -5.28 6.77
N HIS A 142 -40.50 -5.89 6.50
CA HIS A 142 -40.54 -7.34 6.55
C HIS A 142 -40.07 -7.96 5.26
N HIS A 143 -38.84 -8.41 5.28
CA HIS A 143 -38.23 -9.05 4.13
C HIS A 143 -38.02 -10.50 4.41
N HIS A 144 -37.35 -10.78 5.54
CA HIS A 144 -36.97 -12.14 6.01
C HIS A 144 -35.86 -12.76 5.15
N HIS A 145 -36.04 -12.69 3.85
CA HIS A 145 -35.09 -13.20 2.90
C HIS A 145 -34.70 -12.10 1.93
N HIS A 146 -33.44 -11.96 1.71
CA HIS A 146 -32.91 -11.04 0.75
C HIS A 146 -31.63 -11.67 0.22
N MET A 1 -29.75 -13.43 0.41
CA MET A 1 -30.45 -14.12 -0.68
C MET A 1 -29.50 -15.16 -1.24
N ILE A 2 -29.87 -16.45 -1.07
CA ILE A 2 -28.99 -17.60 -1.39
C ILE A 2 -27.65 -17.37 -0.71
N ASP A 3 -27.69 -17.46 0.60
CA ASP A 3 -26.57 -17.08 1.42
C ASP A 3 -25.56 -18.18 1.57
N LYS A 4 -24.91 -18.42 0.48
CA LYS A 4 -23.81 -19.33 0.38
C LYS A 4 -22.58 -18.53 0.01
N ILE A 5 -22.81 -17.50 -0.79
CA ILE A 5 -21.74 -16.64 -1.22
C ILE A 5 -21.62 -15.48 -0.26
N PHE A 6 -20.71 -15.61 0.68
CA PHE A 6 -20.40 -14.55 1.59
C PHE A 6 -19.14 -13.90 1.09
N GLU A 7 -19.25 -12.69 0.64
CA GLU A 7 -18.13 -12.01 0.06
C GLU A 7 -18.32 -10.53 0.25
N ILE A 8 -17.53 -9.94 1.10
CA ILE A 8 -17.60 -8.52 1.33
C ILE A 8 -16.88 -7.77 0.19
N GLY A 9 -15.92 -8.45 -0.42
CA GLY A 9 -15.27 -7.90 -1.58
C GLY A 9 -13.85 -7.48 -1.38
N LEU A 10 -13.28 -7.81 -0.23
CA LEU A 10 -11.90 -7.44 0.06
C LEU A 10 -10.92 -8.16 -0.84
N LYS A 11 -11.29 -9.37 -1.26
CA LYS A 11 -10.46 -10.14 -2.19
C LYS A 11 -10.27 -9.34 -3.49
N ASP A 12 -11.36 -8.76 -3.96
CA ASP A 12 -11.39 -7.92 -5.18
C ASP A 12 -10.56 -6.67 -4.98
N ILE A 13 -10.68 -6.08 -3.80
CA ILE A 13 -9.92 -4.89 -3.41
C ILE A 13 -8.41 -5.20 -3.46
N PHE A 14 -8.06 -6.31 -2.85
CA PHE A 14 -6.69 -6.76 -2.78
C PHE A 14 -6.21 -7.47 -4.05
N SER A 15 -7.00 -7.42 -5.11
CA SER A 15 -6.56 -7.95 -6.38
C SER A 15 -5.64 -6.94 -7.04
N SER A 16 -5.81 -5.68 -6.65
CA SER A 16 -5.02 -4.59 -7.18
C SER A 16 -3.70 -4.45 -6.38
N SER A 17 -3.51 -5.32 -5.39
CA SER A 17 -2.32 -5.28 -4.59
C SER A 17 -1.22 -6.08 -5.28
N PRO A 18 0.06 -5.67 -5.14
CA PRO A 18 1.19 -6.39 -5.73
C PRO A 18 1.32 -7.81 -5.17
N ALA A 19 1.50 -8.75 -6.06
CA ALA A 19 1.62 -10.17 -5.75
C ALA A 19 3.07 -10.54 -5.53
N GLU A 20 3.94 -9.70 -6.02
CA GLU A 20 5.36 -9.87 -5.91
C GLU A 20 5.96 -8.51 -5.69
N TYR A 21 7.07 -8.48 -5.03
CA TYR A 21 7.71 -7.23 -4.69
C TYR A 21 9.17 -7.31 -5.09
N VAL A 22 9.77 -6.18 -5.23
CA VAL A 22 11.18 -6.09 -5.56
C VAL A 22 11.85 -5.20 -4.55
N THR A 23 13.10 -5.37 -4.30
CA THR A 23 13.75 -4.53 -3.34
C THR A 23 14.17 -3.23 -3.99
N ILE A 24 14.67 -2.33 -3.18
CA ILE A 24 15.20 -1.07 -3.67
C ILE A 24 16.40 -1.37 -4.58
N LYS A 25 17.20 -2.37 -4.16
CA LYS A 25 18.32 -2.83 -4.93
C LYS A 25 17.87 -3.43 -6.27
N ASP A 26 16.76 -4.20 -6.26
CA ASP A 26 16.20 -4.79 -7.48
C ASP A 26 15.79 -3.74 -8.46
N ALA A 27 15.07 -2.75 -7.96
CA ALA A 27 14.56 -1.66 -8.79
C ALA A 27 15.68 -0.85 -9.42
N LEU A 28 16.75 -0.64 -8.66
CA LEU A 28 17.94 0.06 -9.15
C LEU A 28 18.65 -0.81 -10.20
N ASP A 29 18.53 -2.11 -10.04
CA ASP A 29 19.16 -3.10 -10.93
C ASP A 29 18.30 -3.38 -12.19
N GLY A 30 17.19 -2.67 -12.30
CA GLY A 30 16.38 -2.77 -13.48
C GLY A 30 15.06 -3.52 -13.30
N LYS A 31 14.77 -3.97 -12.10
CA LYS A 31 13.47 -4.56 -11.86
C LYS A 31 12.47 -3.51 -11.55
N LEU A 32 11.72 -3.17 -12.54
CA LEU A 32 10.77 -2.10 -12.45
C LEU A 32 9.38 -2.58 -12.79
N LYS A 33 9.15 -3.86 -12.71
CA LYS A 33 7.85 -4.38 -13.01
C LYS A 33 7.45 -5.40 -11.99
N ILE A 34 6.32 -5.17 -11.39
CA ILE A 34 5.76 -6.08 -10.44
C ILE A 34 4.39 -6.55 -10.90
N ARG A 35 3.99 -7.69 -10.41
CA ARG A 35 2.70 -8.26 -10.75
C ARG A 35 1.72 -7.90 -9.66
N LEU A 36 0.48 -7.82 -10.01
CA LEU A 36 -0.60 -7.63 -9.07
C LEU A 36 -1.28 -8.97 -8.86
N ASN A 37 -2.14 -9.08 -7.86
CA ASN A 37 -2.88 -10.33 -7.57
C ASN A 37 -3.84 -10.72 -8.68
N ASN A 38 -4.33 -9.73 -9.39
CA ASN A 38 -5.18 -9.93 -10.58
C ASN A 38 -4.34 -10.35 -11.81
N ASN A 39 -3.01 -10.41 -11.61
CA ASN A 39 -2.01 -10.82 -12.59
C ASN A 39 -1.70 -9.77 -13.64
N PHE A 40 -2.11 -8.54 -13.38
CA PHE A 40 -1.74 -7.41 -14.21
C PHE A 40 -0.40 -6.89 -13.73
N TYR A 41 0.25 -6.07 -14.49
CA TYR A 41 1.57 -5.59 -14.11
C TYR A 41 1.59 -4.09 -13.92
N HIS A 42 2.50 -3.65 -13.11
CA HIS A 42 2.70 -2.23 -12.83
C HIS A 42 4.17 -1.90 -12.93
N GLU A 43 4.46 -0.80 -13.56
CA GLU A 43 5.81 -0.34 -13.73
C GLU A 43 6.18 0.63 -12.63
N ILE A 44 7.33 0.42 -12.10
CA ILE A 44 7.90 1.18 -11.04
C ILE A 44 8.91 2.15 -11.67
N LYS A 45 8.95 3.37 -11.19
CA LYS A 45 9.91 4.32 -11.72
C LYS A 45 11.16 4.34 -10.90
N LYS A 46 12.28 4.06 -11.56
CA LYS A 46 13.57 3.97 -10.90
C LYS A 46 13.98 5.35 -10.40
N ASP A 47 13.52 6.38 -11.08
CA ASP A 47 13.81 7.77 -10.71
C ASP A 47 13.36 8.08 -9.29
N GLU A 48 12.21 7.54 -8.91
CA GLU A 48 11.71 7.74 -7.58
C GLU A 48 12.43 6.83 -6.58
N VAL A 49 12.97 5.74 -7.10
CA VAL A 49 13.75 4.79 -6.30
C VAL A 49 15.16 5.38 -5.99
N GLU A 50 15.73 6.10 -6.94
CA GLU A 50 17.04 6.74 -6.76
C GLU A 50 16.99 7.81 -5.65
N LYS A 51 15.94 8.61 -5.64
CA LYS A 51 15.77 9.58 -4.56
C LYS A 51 15.42 8.89 -3.24
N LEU A 52 14.70 7.78 -3.33
CA LEU A 52 14.37 6.94 -2.17
C LEU A 52 15.64 6.42 -1.52
N SER A 53 16.45 5.73 -2.30
CA SER A 53 17.68 5.09 -1.84
C SER A 53 18.68 6.09 -1.26
N SER A 54 18.67 7.32 -1.76
CA SER A 54 19.54 8.35 -1.26
C SER A 54 19.15 8.74 0.18
N ARG A 55 17.88 8.64 0.51
CA ARG A 55 17.37 9.07 1.80
C ARG A 55 17.24 7.92 2.81
N ILE A 56 17.11 6.71 2.31
CA ILE A 56 16.97 5.57 3.16
C ILE A 56 18.36 4.88 3.36
N PRO A 57 18.70 4.51 4.63
CA PRO A 57 19.94 3.80 4.95
C PRO A 57 20.18 2.56 4.07
N LEU A 58 21.43 2.40 3.67
CA LEU A 58 21.94 1.33 2.77
C LEU A 58 21.47 -0.08 3.19
N TYR A 59 21.35 -0.30 4.50
CA TYR A 59 20.98 -1.61 5.07
C TYR A 59 19.60 -2.02 4.57
N LEU A 60 18.72 -1.05 4.48
CA LEU A 60 17.32 -1.30 4.21
C LEU A 60 17.03 -1.48 2.72
N TRP A 61 18.03 -1.27 1.86
CA TRP A 61 17.83 -1.36 0.40
C TRP A 61 17.36 -2.75 -0.05
N SER A 62 17.88 -3.77 0.60
CA SER A 62 17.53 -5.14 0.30
C SER A 62 16.47 -5.69 1.27
N LEU A 63 16.04 -4.85 2.18
CA LEU A 63 15.09 -5.29 3.18
C LEU A 63 13.70 -4.74 2.89
N VAL A 64 13.67 -3.55 2.36
CA VAL A 64 12.46 -2.90 1.95
C VAL A 64 12.08 -3.38 0.58
N LYS A 65 10.94 -3.99 0.51
CA LYS A 65 10.40 -4.49 -0.71
C LYS A 65 9.31 -3.57 -1.16
N ILE A 66 9.52 -2.95 -2.28
CA ILE A 66 8.60 -2.02 -2.86
C ILE A 66 7.76 -2.76 -3.91
N PRO A 67 6.57 -2.25 -4.29
CA PRO A 67 5.98 -0.99 -3.80
C PRO A 67 5.48 -1.05 -2.35
N PHE A 68 5.24 0.12 -1.79
CA PHE A 68 4.70 0.26 -0.45
C PHE A 68 3.20 0.14 -0.53
N ILE A 69 2.62 -0.62 0.35
CA ILE A 69 1.19 -0.80 0.36
C ILE A 69 0.61 -0.08 1.57
N PHE A 70 -0.33 0.79 1.35
CA PHE A 70 -0.99 1.48 2.43
C PHE A 70 -2.45 1.12 2.44
N ILE A 71 -2.85 0.44 3.48
CA ILE A 71 -4.22 0.00 3.64
C ILE A 71 -4.95 1.08 4.40
N LYS A 72 -5.98 1.65 3.85
CA LYS A 72 -6.69 2.66 4.59
C LYS A 72 -7.51 2.02 5.71
N SER A 73 -7.52 2.68 6.85
CA SER A 73 -8.35 2.28 7.95
C SER A 73 -9.78 2.59 7.57
N SER A 74 -10.65 1.66 7.81
CA SER A 74 -12.03 1.75 7.42
C SER A 74 -12.75 2.94 8.08
N GLU A 75 -12.54 3.12 9.37
CA GLU A 75 -13.26 4.14 10.11
C GLU A 75 -12.43 5.40 10.39
N ILE A 76 -11.12 5.29 10.28
CA ILE A 76 -10.24 6.41 10.64
C ILE A 76 -9.51 6.88 9.39
N GLY A 77 -9.08 8.14 9.37
CA GLY A 77 -8.29 8.67 8.28
C GLY A 77 -6.81 8.36 8.49
N GLU A 78 -6.52 7.09 8.64
CA GLU A 78 -5.19 6.59 8.82
C GLU A 78 -4.95 5.48 7.84
N TYR A 79 -3.71 5.15 7.65
CA TYR A 79 -3.33 4.11 6.75
C TYR A 79 -2.35 3.18 7.42
N PHE A 80 -2.57 1.92 7.21
CA PHE A 80 -1.71 0.88 7.71
C PHE A 80 -0.59 0.69 6.72
N VAL A 81 0.60 0.86 7.16
CA VAL A 81 1.74 0.63 6.33
C VAL A 81 1.94 -0.87 6.27
N SER A 82 1.66 -1.43 5.13
CA SER A 82 1.73 -2.84 4.95
C SER A 82 3.05 -3.21 4.31
N GLY A 83 3.53 -4.37 4.64
CA GLY A 83 4.72 -4.88 4.11
C GLY A 83 5.59 -5.37 5.21
N GLU A 84 6.82 -5.58 4.91
CA GLU A 84 7.82 -5.98 5.89
C GLU A 84 8.01 -4.85 6.90
N GLN A 85 8.50 -5.17 8.09
CA GLN A 85 8.74 -4.16 9.15
C GLN A 85 9.69 -3.08 8.68
N TRP A 86 10.54 -3.45 7.74
CA TRP A 86 11.53 -2.58 7.16
C TRP A 86 10.85 -1.47 6.35
N ASN A 87 9.66 -1.76 5.83
CA ASN A 87 8.88 -0.78 5.06
C ASN A 87 8.38 0.30 5.97
N LYS A 88 7.93 -0.09 7.15
CA LYS A 88 7.41 0.87 8.12
C LYS A 88 8.58 1.68 8.69
N LYS A 89 9.74 1.02 8.83
CA LYS A 89 10.95 1.66 9.30
C LYS A 89 11.43 2.69 8.29
N ALA A 90 11.28 2.36 7.01
CA ALA A 90 11.63 3.26 5.92
C ALA A 90 10.82 4.53 6.03
N ILE A 91 9.52 4.36 6.24
CA ILE A 91 8.58 5.47 6.37
C ILE A 91 8.95 6.35 7.58
N SER A 92 9.38 5.70 8.65
CA SER A 92 9.80 6.37 9.86
C SER A 92 10.99 7.31 9.60
N ILE A 93 11.93 6.82 8.82
CA ILE A 93 13.14 7.55 8.54
C ILE A 93 12.90 8.65 7.50
N LEU A 94 12.08 8.35 6.50
CA LEU A 94 11.77 9.30 5.42
C LEU A 94 10.94 10.48 5.89
N LEU A 95 9.90 10.21 6.68
CA LEU A 95 8.99 11.26 7.12
C LEU A 95 9.50 11.96 8.36
N GLY A 96 10.12 11.20 9.22
CA GLY A 96 10.54 11.73 10.47
C GLY A 96 9.48 11.53 11.53
N ARG A 97 8.72 10.47 11.35
CA ARG A 97 7.66 10.08 12.25
C ARG A 97 7.99 8.72 12.78
N GLU A 98 7.44 8.38 13.89
CA GLU A 98 7.60 7.07 14.44
C GLU A 98 6.47 6.17 13.95
N ILE A 99 6.77 5.21 13.12
CA ILE A 99 5.75 4.32 12.62
C ILE A 99 5.86 2.97 13.26
N SER A 100 4.80 2.59 13.91
CA SER A 100 4.66 1.28 14.38
C SER A 100 3.93 0.53 13.27
N ASN A 101 2.73 1.00 12.93
CA ASN A 101 1.92 0.40 11.87
C ASN A 101 1.14 1.41 11.06
N VAL A 102 0.61 2.42 11.69
CA VAL A 102 -0.22 3.38 10.97
C VAL A 102 0.35 4.77 10.88
N ILE A 103 0.06 5.40 9.79
CA ILE A 103 0.37 6.79 9.55
C ILE A 103 -0.93 7.50 9.29
N LEU A 104 -0.91 8.80 9.26
CA LEU A 104 -2.11 9.55 9.01
C LEU A 104 -2.30 9.70 7.52
N ASN A 105 -3.48 10.11 7.10
CA ASN A 105 -3.76 10.36 5.68
C ASN A 105 -2.82 11.44 5.15
N VAL A 106 -2.55 12.44 5.98
CA VAL A 106 -1.67 13.54 5.66
C VAL A 106 -0.22 13.06 5.40
N ASP A 107 0.16 11.93 6.01
CA ASP A 107 1.49 11.39 5.82
C ASP A 107 1.58 10.69 4.49
N VAL A 108 0.47 10.09 4.08
CA VAL A 108 0.37 9.42 2.80
C VAL A 108 0.38 10.48 1.70
N GLU A 109 -0.23 11.62 1.99
CA GLU A 109 -0.22 12.78 1.08
C GLU A 109 1.22 13.20 0.76
N LYS A 110 2.06 13.25 1.80
CA LYS A 110 3.47 13.59 1.67
C LYS A 110 4.16 12.55 0.79
N LEU A 111 3.97 11.29 1.16
CA LEU A 111 4.57 10.14 0.49
C LEU A 111 4.16 10.02 -0.99
N LEU A 112 2.88 10.22 -1.27
CA LEU A 112 2.34 10.17 -2.63
C LEU A 112 3.06 11.10 -3.58
N ARG A 113 3.31 12.30 -3.13
CA ARG A 113 3.99 13.27 -3.96
C ARG A 113 5.51 13.11 -3.90
N GLU A 114 5.97 12.33 -2.97
CA GLU A 114 7.38 12.11 -2.83
C GLU A 114 7.81 10.93 -3.73
N TYR A 115 7.04 9.86 -3.70
CA TYR A 115 7.29 8.63 -4.49
C TYR A 115 5.94 8.11 -4.96
N THR A 116 5.51 8.49 -6.12
CA THR A 116 4.18 8.14 -6.56
C THR A 116 4.06 6.69 -7.09
N SER A 117 5.01 6.26 -7.91
CA SER A 117 4.91 4.95 -8.55
C SER A 117 5.22 3.82 -7.59
N LEU A 118 5.84 4.18 -6.49
CA LEU A 118 6.28 3.22 -5.51
C LEU A 118 5.19 2.97 -4.49
N ILE A 119 4.04 3.59 -4.65
CA ILE A 119 3.00 3.47 -3.66
C ILE A 119 1.68 2.93 -4.21
N PHE A 120 1.14 1.95 -3.50
CA PHE A 120 -0.18 1.40 -3.75
C PHE A 120 -1.08 1.65 -2.58
N ILE A 121 -2.18 2.29 -2.83
CA ILE A 121 -3.14 2.54 -1.81
C ILE A 121 -4.30 1.57 -1.94
N ILE A 122 -4.50 0.82 -0.91
CA ILE A 122 -5.56 -0.15 -0.86
C ILE A 122 -6.64 0.42 0.03
N LEU A 123 -7.75 0.75 -0.54
CA LEU A 123 -8.81 1.34 0.21
C LEU A 123 -9.73 0.27 0.73
N SER A 124 -9.68 0.05 1.99
CA SER A 124 -10.52 -0.92 2.62
C SER A 124 -11.56 -0.18 3.46
N PRO A 125 -12.78 0.00 2.92
CA PRO A 125 -13.82 0.73 3.60
C PRO A 125 -14.56 -0.15 4.60
N THR A 126 -15.45 0.45 5.30
CA THR A 126 -16.25 -0.23 6.25
C THR A 126 -17.47 -0.77 5.52
N ARG A 127 -17.41 -2.01 5.11
CA ARG A 127 -18.55 -2.61 4.50
C ARG A 127 -19.13 -3.58 5.50
N SER A 128 -19.70 -3.03 6.51
CA SER A 128 -20.27 -3.77 7.57
C SER A 128 -21.78 -3.68 7.47
N TYR A 129 -22.38 -4.81 7.19
CA TYR A 129 -23.82 -4.89 7.09
C TYR A 129 -24.36 -4.77 8.50
N THR A 130 -25.52 -4.17 8.65
CA THR A 130 -26.11 -3.93 9.97
C THR A 130 -26.33 -5.26 10.72
N GLU A 131 -26.60 -6.29 9.94
CA GLU A 131 -26.82 -7.63 10.40
C GLU A 131 -25.51 -8.19 10.95
N GLU A 132 -24.48 -8.05 10.12
CA GLU A 132 -23.12 -8.53 10.35
C GLU A 132 -22.55 -7.91 11.64
N THR A 133 -22.66 -6.59 11.73
CA THR A 133 -22.20 -5.82 12.85
C THR A 133 -22.97 -6.19 14.12
N GLU A 134 -24.30 -6.24 14.02
CA GLU A 134 -25.18 -6.54 15.16
C GLU A 134 -24.83 -7.88 15.80
N LEU A 135 -24.51 -8.86 14.97
CA LEU A 135 -24.10 -10.17 15.46
C LEU A 135 -22.84 -10.08 16.29
N SER A 136 -21.81 -9.43 15.75
CA SER A 136 -20.56 -9.28 16.48
C SER A 136 -20.73 -8.43 17.76
N GLU A 137 -21.60 -7.42 17.70
CA GLU A 137 -21.90 -6.58 18.85
C GLU A 137 -22.54 -7.41 19.96
N MET A 138 -23.48 -8.26 19.58
CA MET A 138 -24.21 -9.09 20.53
C MET A 138 -23.34 -10.19 21.11
N LEU A 139 -22.75 -11.00 20.23
CA LEU A 139 -21.95 -12.17 20.63
C LEU A 139 -20.79 -11.80 21.56
N GLU A 140 -20.02 -10.81 21.18
CA GLU A 140 -18.86 -10.43 21.96
C GLU A 140 -19.23 -9.50 23.10
N HIS A 141 -20.42 -8.91 23.01
CA HIS A 141 -20.93 -7.91 23.96
C HIS A 141 -20.07 -6.67 23.93
N HIS A 142 -20.26 -5.87 22.91
CA HIS A 142 -19.49 -4.64 22.76
C HIS A 142 -20.08 -3.56 23.63
N HIS A 143 -21.38 -3.60 23.82
CA HIS A 143 -22.07 -2.63 24.64
C HIS A 143 -22.27 -3.23 26.01
N HIS A 144 -21.47 -2.78 26.96
CA HIS A 144 -21.52 -3.33 28.31
C HIS A 144 -22.54 -2.59 29.15
N HIS A 145 -22.52 -1.28 29.07
CA HIS A 145 -23.52 -0.47 29.76
C HIS A 145 -24.69 -0.34 28.83
N HIS A 146 -24.39 0.21 27.69
CA HIS A 146 -25.28 0.38 26.60
C HIS A 146 -24.36 0.91 25.52
N MET A 1 3.23 -13.04 4.17
CA MET A 1 3.99 -14.22 3.72
C MET A 1 3.01 -15.16 3.06
N ILE A 2 3.44 -16.36 2.70
CA ILE A 2 2.51 -17.35 2.22
C ILE A 2 1.83 -17.95 3.46
N ASP A 3 0.73 -17.34 3.84
CA ASP A 3 0.03 -17.62 5.09
C ASP A 3 -0.78 -18.89 4.96
N LYS A 4 -1.63 -18.92 3.93
CA LYS A 4 -2.58 -20.01 3.67
C LYS A 4 -3.73 -20.01 4.68
N ILE A 5 -4.79 -20.78 4.39
CA ILE A 5 -6.08 -20.80 5.17
C ILE A 5 -6.87 -19.51 4.85
N PHE A 6 -6.22 -18.40 5.03
CA PHE A 6 -6.66 -17.13 4.59
C PHE A 6 -5.61 -16.67 3.61
N GLU A 7 -5.84 -16.95 2.35
CA GLU A 7 -4.90 -16.65 1.30
C GLU A 7 -4.91 -15.15 1.11
N ILE A 8 -6.03 -14.68 0.61
CA ILE A 8 -6.33 -13.29 0.42
C ILE A 8 -7.84 -13.25 0.52
N GLY A 9 -8.35 -12.91 1.70
CA GLY A 9 -9.79 -12.88 1.94
C GLY A 9 -10.49 -11.88 1.07
N LEU A 10 -9.88 -10.73 0.91
CA LEU A 10 -10.40 -9.66 0.10
C LEU A 10 -9.67 -9.67 -1.25
N LYS A 11 -9.61 -10.86 -1.87
CA LYS A 11 -8.84 -11.13 -3.09
C LYS A 11 -9.13 -10.17 -4.23
N ASP A 12 -10.39 -9.88 -4.48
CA ASP A 12 -10.78 -9.02 -5.60
C ASP A 12 -10.39 -7.58 -5.38
N ILE A 13 -10.32 -7.18 -4.14
CA ILE A 13 -9.92 -5.84 -3.79
C ILE A 13 -8.40 -5.75 -3.91
N PHE A 14 -7.74 -6.78 -3.43
CA PHE A 14 -6.29 -6.88 -3.45
C PHE A 14 -5.77 -7.46 -4.77
N SER A 15 -6.62 -7.50 -5.78
CA SER A 15 -6.20 -7.96 -7.09
C SER A 15 -5.25 -6.96 -7.74
N SER A 16 -5.40 -5.72 -7.37
CA SER A 16 -4.57 -4.66 -7.91
C SER A 16 -3.33 -4.45 -7.02
N SER A 17 -3.16 -5.29 -6.01
CA SER A 17 -2.03 -5.20 -5.14
C SER A 17 -0.90 -6.07 -5.70
N PRO A 18 0.38 -5.71 -5.46
CA PRO A 18 1.53 -6.46 -5.99
C PRO A 18 1.60 -7.90 -5.47
N ALA A 19 1.75 -8.80 -6.40
CA ALA A 19 1.84 -10.22 -6.14
C ALA A 19 3.30 -10.64 -6.00
N GLU A 20 4.18 -9.78 -6.47
CA GLU A 20 5.60 -9.98 -6.38
C GLU A 20 6.22 -8.65 -6.05
N TYR A 21 7.27 -8.66 -5.29
CA TYR A 21 7.92 -7.45 -4.87
C TYR A 21 9.37 -7.51 -5.27
N VAL A 22 9.99 -6.36 -5.25
CA VAL A 22 11.40 -6.21 -5.53
C VAL A 22 11.97 -5.34 -4.44
N THR A 23 13.24 -5.38 -4.22
CA THR A 23 13.81 -4.53 -3.21
C THR A 23 14.14 -3.17 -3.83
N ILE A 24 14.67 -2.26 -3.03
CA ILE A 24 15.07 -0.97 -3.54
C ILE A 24 16.32 -1.18 -4.36
N LYS A 25 17.11 -2.12 -3.90
CA LYS A 25 18.34 -2.50 -4.53
C LYS A 25 18.03 -3.13 -5.88
N ASP A 26 16.94 -3.93 -5.93
CA ASP A 26 16.44 -4.55 -7.17
C ASP A 26 15.99 -3.51 -8.16
N ALA A 27 15.22 -2.57 -7.70
CA ALA A 27 14.68 -1.53 -8.57
C ALA A 27 15.79 -0.65 -9.15
N LEU A 28 16.82 -0.37 -8.36
CA LEU A 28 18.00 0.39 -8.85
C LEU A 28 18.76 -0.45 -9.87
N ASP A 29 18.67 -1.75 -9.70
CA ASP A 29 19.30 -2.76 -10.56
C ASP A 29 18.48 -2.93 -11.87
N GLY A 30 17.31 -2.32 -11.92
CA GLY A 30 16.49 -2.36 -13.12
C GLY A 30 15.27 -3.26 -13.00
N LYS A 31 15.04 -3.81 -11.85
CA LYS A 31 13.86 -4.63 -11.59
C LYS A 31 12.72 -3.71 -11.18
N LEU A 32 11.97 -3.28 -12.15
CA LEU A 32 10.96 -2.27 -11.93
C LEU A 32 9.57 -2.78 -12.18
N LYS A 33 9.43 -3.73 -13.02
CA LYS A 33 8.11 -4.13 -13.38
C LYS A 33 7.63 -5.30 -12.50
N ILE A 34 6.61 -5.02 -11.69
CA ILE A 34 6.07 -5.99 -10.74
C ILE A 34 4.66 -6.41 -11.10
N ARG A 35 4.31 -7.61 -10.75
CA ARG A 35 3.01 -8.18 -11.06
C ARG A 35 2.04 -7.85 -9.97
N LEU A 36 0.83 -7.63 -10.36
CA LEU A 36 -0.28 -7.46 -9.48
C LEU A 36 -1.01 -8.80 -9.43
N ASN A 37 -1.84 -9.03 -8.44
CA ASN A 37 -2.57 -10.31 -8.32
C ASN A 37 -3.48 -10.59 -9.52
N ASN A 38 -4.01 -9.53 -10.10
CA ASN A 38 -4.84 -9.61 -11.33
C ASN A 38 -4.00 -9.94 -12.59
N ASN A 39 -2.69 -10.08 -12.40
CA ASN A 39 -1.70 -10.44 -13.44
C ASN A 39 -1.32 -9.30 -14.35
N PHE A 40 -1.59 -8.09 -13.94
CA PHE A 40 -1.12 -6.95 -14.67
C PHE A 40 0.20 -6.52 -14.10
N TYR A 41 1.00 -5.88 -14.88
CA TYR A 41 2.29 -5.43 -14.43
C TYR A 41 2.38 -3.93 -14.29
N HIS A 42 2.75 -3.53 -13.11
CA HIS A 42 2.94 -2.14 -12.77
C HIS A 42 4.42 -1.84 -12.79
N GLU A 43 4.79 -0.87 -13.56
CA GLU A 43 6.15 -0.44 -13.60
C GLU A 43 6.44 0.54 -12.49
N ILE A 44 7.44 0.23 -11.74
CA ILE A 44 7.94 1.06 -10.70
C ILE A 44 8.87 2.09 -11.34
N LYS A 45 8.74 3.33 -10.98
CA LYS A 45 9.56 4.34 -11.55
C LYS A 45 10.86 4.42 -10.84
N LYS A 46 11.88 4.10 -11.56
CA LYS A 46 13.24 4.04 -11.07
C LYS A 46 13.69 5.39 -10.55
N ASP A 47 13.21 6.46 -11.19
CA ASP A 47 13.53 7.84 -10.78
C ASP A 47 13.06 8.12 -9.36
N GLU A 48 11.96 7.48 -8.96
CA GLU A 48 11.43 7.67 -7.63
C GLU A 48 12.16 6.77 -6.64
N VAL A 49 12.75 5.70 -7.14
CA VAL A 49 13.52 4.78 -6.30
C VAL A 49 14.90 5.40 -6.02
N GLU A 50 15.41 6.10 -7.00
CA GLU A 50 16.68 6.79 -6.90
C GLU A 50 16.63 7.90 -5.84
N LYS A 51 15.59 8.71 -5.87
CA LYS A 51 15.41 9.78 -4.86
C LYS A 51 15.11 9.17 -3.46
N LEU A 52 14.56 7.97 -3.46
CA LEU A 52 14.28 7.22 -2.23
C LEU A 52 15.58 6.71 -1.61
N SER A 53 16.33 5.95 -2.39
CA SER A 53 17.59 5.31 -1.97
C SER A 53 18.63 6.31 -1.45
N SER A 54 18.63 7.52 -1.99
CA SER A 54 19.55 8.55 -1.54
C SER A 54 19.18 9.09 -0.12
N ARG A 55 17.99 8.77 0.36
CA ARG A 55 17.55 9.21 1.68
C ARG A 55 17.58 8.07 2.70
N ILE A 56 17.27 6.88 2.25
CA ILE A 56 17.16 5.73 3.12
C ILE A 56 18.51 4.98 3.25
N PRO A 57 18.93 4.59 4.49
CA PRO A 57 20.16 3.83 4.76
C PRO A 57 20.33 2.60 3.85
N LEU A 58 21.59 2.35 3.50
CA LEU A 58 22.03 1.31 2.54
C LEU A 58 21.49 -0.08 2.93
N TYR A 59 21.44 -0.35 4.24
CA TYR A 59 21.07 -1.66 4.79
C TYR A 59 19.66 -2.03 4.34
N LEU A 60 18.82 -1.03 4.26
CA LEU A 60 17.42 -1.23 4.00
C LEU A 60 17.11 -1.38 2.52
N TRP A 61 18.10 -1.16 1.66
CA TRP A 61 17.88 -1.25 0.21
C TRP A 61 17.50 -2.67 -0.20
N SER A 62 18.09 -3.64 0.44
CA SER A 62 17.81 -5.02 0.17
C SER A 62 16.79 -5.62 1.15
N LEU A 63 16.28 -4.80 2.03
CA LEU A 63 15.34 -5.27 3.04
C LEU A 63 13.94 -4.77 2.77
N VAL A 64 13.84 -3.57 2.25
CA VAL A 64 12.57 -2.99 1.91
C VAL A 64 12.10 -3.52 0.57
N LYS A 65 10.94 -4.10 0.57
CA LYS A 65 10.35 -4.62 -0.63
C LYS A 65 9.31 -3.66 -1.11
N ILE A 66 9.57 -3.06 -2.22
CA ILE A 66 8.68 -2.14 -2.83
C ILE A 66 7.89 -2.89 -3.89
N PRO A 67 6.69 -2.42 -4.27
CA PRO A 67 6.06 -1.18 -3.75
C PRO A 67 5.52 -1.28 -2.30
N PHE A 68 5.25 -0.13 -1.73
CA PHE A 68 4.68 -0.02 -0.40
C PHE A 68 3.17 -0.13 -0.52
N ILE A 69 2.56 -0.75 0.44
CA ILE A 69 1.13 -0.89 0.44
C ILE A 69 0.60 -0.16 1.67
N PHE A 70 -0.46 0.58 1.52
CA PHE A 70 -1.09 1.25 2.63
C PHE A 70 -2.56 0.94 2.62
N ILE A 71 -3.05 0.45 3.72
CA ILE A 71 -4.44 0.11 3.86
C ILE A 71 -5.18 1.33 4.38
N LYS A 72 -6.17 1.77 3.66
CA LYS A 72 -6.90 2.98 3.98
C LYS A 72 -8.00 2.66 5.02
N SER A 73 -7.87 3.26 6.21
CA SER A 73 -8.89 3.14 7.25
C SER A 73 -10.17 3.79 6.72
N SER A 74 -11.22 3.01 6.62
CA SER A 74 -12.47 3.38 5.99
C SER A 74 -13.07 4.76 6.39
N GLU A 75 -13.07 5.06 7.67
CA GLU A 75 -13.68 6.27 8.14
C GLU A 75 -12.63 7.32 8.44
N ILE A 76 -11.56 6.90 9.07
CA ILE A 76 -10.54 7.80 9.59
C ILE A 76 -9.44 8.04 8.55
N GLY A 77 -8.84 9.20 8.58
CA GLY A 77 -7.74 9.52 7.70
C GLY A 77 -6.42 8.98 8.23
N GLU A 78 -6.36 7.67 8.37
CA GLU A 78 -5.17 6.96 8.79
C GLU A 78 -4.94 5.83 7.82
N TYR A 79 -3.72 5.45 7.68
CA TYR A 79 -3.35 4.39 6.77
C TYR A 79 -2.44 3.41 7.46
N PHE A 80 -2.75 2.15 7.31
CA PHE A 80 -1.96 1.08 7.89
C PHE A 80 -0.83 0.75 6.94
N VAL A 81 0.37 0.93 7.41
CA VAL A 81 1.55 0.70 6.62
C VAL A 81 1.78 -0.80 6.46
N SER A 82 1.69 -1.25 5.25
CA SER A 82 1.84 -2.63 4.92
C SER A 82 3.14 -2.84 4.15
N GLY A 83 3.63 -4.03 4.20
CA GLY A 83 4.85 -4.36 3.57
C GLY A 83 5.67 -5.11 4.54
N GLU A 84 6.94 -5.07 4.40
CA GLU A 84 7.81 -5.73 5.32
C GLU A 84 8.00 -4.83 6.52
N GLN A 85 8.59 -5.35 7.56
CA GLN A 85 8.84 -4.56 8.77
C GLN A 85 9.88 -3.46 8.45
N TRP A 86 10.73 -3.76 7.49
CA TRP A 86 11.74 -2.84 7.04
C TRP A 86 11.11 -1.71 6.24
N ASN A 87 9.97 -2.00 5.61
CA ASN A 87 9.19 -0.98 4.86
C ASN A 87 8.69 0.05 5.83
N LYS A 88 8.27 -0.42 6.97
CA LYS A 88 7.75 0.42 8.02
C LYS A 88 8.88 1.23 8.63
N LYS A 89 10.06 0.62 8.72
CA LYS A 89 11.27 1.30 9.18
C LYS A 89 11.69 2.39 8.19
N ALA A 90 11.53 2.12 6.91
CA ALA A 90 11.80 3.08 5.86
C ALA A 90 10.92 4.30 6.05
N ILE A 91 9.64 4.05 6.22
CA ILE A 91 8.65 5.08 6.42
C ILE A 91 8.95 5.90 7.70
N SER A 92 9.41 5.23 8.77
CA SER A 92 9.73 5.91 10.00
C SER A 92 10.93 6.88 9.88
N ILE A 93 11.82 6.60 8.94
CA ILE A 93 13.00 7.43 8.72
C ILE A 93 12.67 8.59 7.74
N LEU A 94 11.85 8.29 6.75
CA LEU A 94 11.46 9.26 5.73
C LEU A 94 10.50 10.32 6.30
N LEU A 95 9.54 9.89 7.09
CA LEU A 95 8.52 10.80 7.62
C LEU A 95 8.91 11.38 8.95
N GLY A 96 9.64 10.62 9.73
CA GLY A 96 10.05 11.10 11.02
C GLY A 96 9.01 10.80 12.09
N ARG A 97 8.24 9.77 11.87
CA ARG A 97 7.25 9.29 12.82
C ARG A 97 7.55 7.84 13.03
N GLU A 98 7.33 7.31 14.19
CA GLU A 98 7.58 5.89 14.40
C GLU A 98 6.34 5.11 14.04
N ILE A 99 6.51 4.19 13.13
CA ILE A 99 5.41 3.40 12.65
C ILE A 99 5.24 2.17 13.47
N SER A 100 4.18 2.15 14.20
CA SER A 100 3.76 0.98 14.85
C SER A 100 2.90 0.23 13.84
N ASN A 101 1.89 0.93 13.32
CA ASN A 101 1.00 0.37 12.29
C ASN A 101 0.51 1.44 11.35
N VAL A 102 0.13 2.59 11.88
CA VAL A 102 -0.48 3.63 11.05
C VAL A 102 0.31 4.91 10.95
N ILE A 103 0.01 5.64 9.91
CA ILE A 103 0.44 7.00 9.69
C ILE A 103 -0.78 7.80 9.31
N LEU A 104 -0.67 9.10 9.27
CA LEU A 104 -1.80 9.93 8.97
C LEU A 104 -1.97 10.08 7.48
N ASN A 105 -3.14 10.52 7.08
CA ASN A 105 -3.48 10.78 5.70
C ASN A 105 -2.56 11.83 5.09
N VAL A 106 -2.24 12.83 5.89
CA VAL A 106 -1.33 13.89 5.47
C VAL A 106 0.07 13.32 5.13
N ASP A 107 0.49 12.34 5.91
CA ASP A 107 1.80 11.72 5.74
C ASP A 107 1.83 10.88 4.48
N VAL A 108 0.73 10.22 4.20
CA VAL A 108 0.59 9.42 3.00
C VAL A 108 0.56 10.34 1.78
N GLU A 109 -0.11 11.47 1.90
CA GLU A 109 -0.16 12.42 0.82
C GLU A 109 1.20 13.03 0.51
N LYS A 110 2.05 13.19 1.53
CA LYS A 110 3.44 13.64 1.35
C LYS A 110 4.16 12.61 0.50
N LEU A 111 4.01 11.36 0.91
CA LEU A 111 4.63 10.23 0.26
C LEU A 111 4.13 10.05 -1.17
N LEU A 112 2.83 10.24 -1.39
CA LEU A 112 2.21 10.13 -2.72
C LEU A 112 2.83 11.08 -3.73
N ARG A 113 3.11 12.30 -3.31
CA ARG A 113 3.69 13.30 -4.23
C ARG A 113 5.19 13.14 -4.34
N GLU A 114 5.75 12.36 -3.45
CA GLU A 114 7.16 12.13 -3.42
C GLU A 114 7.51 10.87 -4.21
N TYR A 115 6.74 9.82 -4.01
CA TYR A 115 6.94 8.52 -4.62
C TYR A 115 5.57 7.95 -5.01
N THR A 116 5.09 8.24 -6.20
CA THR A 116 3.76 7.79 -6.58
C THR A 116 3.73 6.31 -7.02
N SER A 117 4.70 5.91 -7.83
CA SER A 117 4.71 4.57 -8.41
C SER A 117 5.11 3.52 -7.38
N LEU A 118 5.63 3.97 -6.26
CA LEU A 118 6.09 3.08 -5.23
C LEU A 118 4.99 2.82 -4.22
N ILE A 119 3.82 3.41 -4.41
CA ILE A 119 2.78 3.34 -3.39
C ILE A 119 1.43 2.84 -3.93
N PHE A 120 0.91 1.83 -3.27
CA PHE A 120 -0.41 1.29 -3.56
C PHE A 120 -1.32 1.47 -2.36
N ILE A 121 -2.32 2.29 -2.52
CA ILE A 121 -3.30 2.49 -1.49
C ILE A 121 -4.46 1.54 -1.72
N ILE A 122 -4.73 0.73 -0.76
CA ILE A 122 -5.80 -0.23 -0.85
C ILE A 122 -6.96 0.27 -0.03
N LEU A 123 -8.09 0.43 -0.65
CA LEU A 123 -9.26 0.94 0.03
C LEU A 123 -10.00 -0.22 0.65
N SER A 124 -9.93 -0.32 1.94
CA SER A 124 -10.56 -1.40 2.63
C SER A 124 -11.90 -0.97 3.23
N PRO A 125 -12.97 -1.71 2.94
CA PRO A 125 -14.30 -1.43 3.47
C PRO A 125 -14.46 -2.03 4.88
N THR A 126 -13.51 -1.70 5.77
CA THR A 126 -13.49 -2.15 7.14
C THR A 126 -14.80 -1.76 7.85
N ARG A 127 -15.05 -0.49 7.95
CA ARG A 127 -16.32 -0.05 8.38
C ARG A 127 -17.04 0.25 7.09
N SER A 128 -17.67 -0.79 6.60
CA SER A 128 -18.23 -0.87 5.27
C SER A 128 -19.24 0.22 4.90
N TYR A 129 -20.10 0.59 5.80
CA TYR A 129 -21.14 1.53 5.46
C TYR A 129 -21.07 2.76 6.32
N THR A 130 -21.55 3.87 5.77
CA THR A 130 -21.59 5.13 6.47
C THR A 130 -22.56 5.04 7.66
N GLU A 131 -23.65 4.30 7.47
CA GLU A 131 -24.63 4.03 8.52
C GLU A 131 -23.98 3.21 9.64
N GLU A 132 -23.08 2.31 9.26
CA GLU A 132 -22.39 1.44 10.18
C GLU A 132 -21.43 2.26 11.05
N THR A 133 -20.79 3.24 10.43
CA THR A 133 -19.96 4.18 11.14
C THR A 133 -20.82 5.00 12.11
N GLU A 134 -21.98 5.47 11.62
CA GLU A 134 -22.91 6.28 12.40
C GLU A 134 -23.46 5.53 13.63
N LEU A 135 -23.79 4.26 13.45
CA LEU A 135 -24.26 3.40 14.53
C LEU A 135 -23.18 3.25 15.60
N SER A 136 -21.94 3.10 15.15
CA SER A 136 -20.81 3.00 16.05
C SER A 136 -20.61 4.35 16.77
N GLU A 137 -20.73 5.43 16.01
CA GLU A 137 -20.60 6.76 16.51
C GLU A 137 -21.59 7.08 17.59
N MET A 138 -22.88 7.00 17.29
CA MET A 138 -23.93 7.41 18.24
C MET A 138 -23.89 6.66 19.57
N LEU A 139 -23.50 5.40 19.52
CA LEU A 139 -23.46 4.59 20.73
C LEU A 139 -22.19 4.82 21.54
N GLU A 140 -21.05 4.88 20.89
CA GLU A 140 -19.78 5.02 21.60
C GLU A 140 -19.42 6.48 21.88
N HIS A 141 -19.69 7.33 20.92
CA HIS A 141 -19.35 8.74 21.01
C HIS A 141 -20.64 9.53 21.04
N HIS A 142 -20.95 10.06 22.18
CA HIS A 142 -22.23 10.74 22.36
C HIS A 142 -22.29 12.09 21.66
N HIS A 143 -22.89 12.07 20.49
CA HIS A 143 -23.00 13.26 19.66
C HIS A 143 -24.37 13.85 19.80
N HIS A 144 -24.43 15.05 20.31
CA HIS A 144 -25.68 15.77 20.45
C HIS A 144 -25.82 16.71 19.29
N HIS A 145 -26.83 16.47 18.47
CA HIS A 145 -27.16 17.28 17.27
C HIS A 145 -26.06 17.19 16.22
N HIS A 146 -26.14 16.16 15.40
CA HIS A 146 -25.20 15.92 14.32
C HIS A 146 -25.38 16.97 13.22
N MET A 1 -5.02 -23.78 12.13
CA MET A 1 -4.12 -24.72 12.79
C MET A 1 -3.04 -25.13 11.81
N ILE A 2 -3.44 -25.77 10.73
CA ILE A 2 -2.52 -26.13 9.68
C ILE A 2 -2.73 -25.13 8.57
N ASP A 3 -1.90 -24.13 8.54
CA ASP A 3 -2.06 -23.02 7.61
C ASP A 3 -0.79 -22.82 6.85
N LYS A 4 -0.88 -22.16 5.73
CA LYS A 4 0.28 -21.82 4.94
C LYS A 4 0.16 -20.39 4.41
N ILE A 5 0.77 -19.47 5.14
CA ILE A 5 0.74 -18.02 4.89
C ILE A 5 -0.68 -17.45 5.14
N PHE A 6 -1.57 -17.64 4.19
CA PHE A 6 -2.97 -17.25 4.29
C PHE A 6 -3.79 -18.27 3.54
N GLU A 7 -4.68 -18.94 4.24
CA GLU A 7 -5.55 -19.89 3.57
C GLU A 7 -6.70 -19.14 2.90
N ILE A 8 -7.20 -18.14 3.57
CA ILE A 8 -8.23 -17.31 3.02
C ILE A 8 -7.57 -16.06 2.47
N GLY A 9 -7.64 -15.89 1.17
CA GLY A 9 -7.04 -14.74 0.56
C GLY A 9 -8.08 -13.76 0.12
N LEU A 10 -7.93 -12.52 0.49
CA LEU A 10 -8.85 -11.46 0.13
C LEU A 10 -8.42 -10.83 -1.19
N LYS A 11 -8.26 -11.69 -2.19
CA LYS A 11 -7.74 -11.34 -3.51
C LYS A 11 -8.59 -10.34 -4.23
N ASP A 12 -9.87 -10.36 -3.99
CA ASP A 12 -10.78 -9.38 -4.63
C ASP A 12 -10.57 -7.99 -4.07
N ILE A 13 -10.42 -7.92 -2.77
CA ILE A 13 -10.25 -6.66 -2.05
C ILE A 13 -8.85 -6.08 -2.32
N PHE A 14 -7.88 -6.96 -2.39
CA PHE A 14 -6.48 -6.62 -2.60
C PHE A 14 -6.04 -6.96 -4.02
N SER A 15 -6.95 -6.89 -4.94
CA SER A 15 -6.70 -7.26 -6.33
C SER A 15 -5.58 -6.43 -6.99
N SER A 16 -5.56 -5.15 -6.73
CA SER A 16 -4.57 -4.29 -7.32
C SER A 16 -3.32 -4.13 -6.43
N SER A 17 -3.19 -4.96 -5.41
CA SER A 17 -2.03 -4.89 -4.56
C SER A 17 -0.92 -5.75 -5.21
N PRO A 18 0.37 -5.38 -5.08
CA PRO A 18 1.48 -6.16 -5.65
C PRO A 18 1.58 -7.56 -5.05
N ALA A 19 1.73 -8.53 -5.91
CA ALA A 19 1.83 -9.93 -5.54
C ALA A 19 3.29 -10.34 -5.39
N GLU A 20 4.15 -9.50 -5.91
CA GLU A 20 5.57 -9.67 -5.83
C GLU A 20 6.17 -8.30 -5.58
N TYR A 21 7.25 -8.26 -4.86
CA TYR A 21 7.89 -7.02 -4.51
C TYR A 21 9.34 -7.12 -4.88
N VAL A 22 9.97 -6.01 -5.06
CA VAL A 22 11.38 -5.96 -5.35
C VAL A 22 12.02 -5.08 -4.31
N THR A 23 13.29 -5.24 -4.07
CA THR A 23 13.93 -4.38 -3.13
C THR A 23 14.35 -3.10 -3.81
N ILE A 24 14.81 -2.16 -3.06
CA ILE A 24 15.30 -0.91 -3.59
C ILE A 24 16.52 -1.18 -4.48
N LYS A 25 17.37 -2.11 -4.04
CA LYS A 25 18.51 -2.55 -4.82
C LYS A 25 18.06 -3.25 -6.10
N ASP A 26 16.94 -3.99 -6.03
CA ASP A 26 16.40 -4.69 -7.21
C ASP A 26 15.89 -3.69 -8.22
N ALA A 27 15.22 -2.69 -7.77
CA ALA A 27 14.68 -1.66 -8.64
C ALA A 27 15.81 -0.86 -9.31
N LEU A 28 16.89 -0.60 -8.58
CA LEU A 28 18.07 0.05 -9.13
C LEU A 28 18.78 -0.87 -10.13
N ASP A 29 18.62 -2.15 -9.89
CA ASP A 29 19.11 -3.24 -10.76
C ASP A 29 18.31 -3.29 -12.07
N GLY A 30 17.15 -2.68 -12.07
CA GLY A 30 16.29 -2.66 -13.21
C GLY A 30 15.07 -3.55 -13.06
N LYS A 31 14.80 -4.02 -11.86
CA LYS A 31 13.60 -4.76 -11.59
C LYS A 31 12.49 -3.74 -11.35
N LEU A 32 11.81 -3.38 -12.41
CA LEU A 32 10.85 -2.30 -12.38
C LEU A 32 9.47 -2.74 -12.84
N LYS A 33 9.21 -4.02 -12.87
CA LYS A 33 7.90 -4.49 -13.24
C LYS A 33 7.45 -5.50 -12.23
N ILE A 34 6.36 -5.22 -11.58
CA ILE A 34 5.81 -6.15 -10.62
C ILE A 34 4.43 -6.60 -11.04
N ARG A 35 4.05 -7.75 -10.57
CA ARG A 35 2.75 -8.31 -10.83
C ARG A 35 1.84 -7.99 -9.66
N LEU A 36 0.61 -7.76 -9.95
CA LEU A 36 -0.41 -7.50 -8.96
C LEU A 36 -1.11 -8.81 -8.60
N ASN A 37 -1.93 -8.79 -7.57
CA ASN A 37 -2.69 -9.98 -7.11
C ASN A 37 -3.66 -10.46 -8.16
N ASN A 38 -4.22 -9.52 -8.89
CA ASN A 38 -5.12 -9.82 -10.03
C ASN A 38 -4.31 -10.27 -11.27
N ASN A 39 -2.98 -10.29 -11.11
CA ASN A 39 -1.98 -10.73 -12.10
C ASN A 39 -1.72 -9.74 -13.22
N PHE A 40 -2.15 -8.50 -13.04
CA PHE A 40 -1.83 -7.43 -13.97
C PHE A 40 -0.47 -6.85 -13.59
N TYR A 41 0.12 -6.06 -14.46
CA TYR A 41 1.46 -5.58 -14.18
C TYR A 41 1.53 -4.09 -13.94
N HIS A 42 2.53 -3.70 -13.18
CA HIS A 42 2.77 -2.32 -12.85
C HIS A 42 4.25 -2.01 -12.96
N GLU A 43 4.56 -0.90 -13.56
CA GLU A 43 5.92 -0.43 -13.69
C GLU A 43 6.28 0.43 -12.49
N ILE A 44 7.44 0.20 -11.98
CA ILE A 44 7.98 0.94 -10.89
C ILE A 44 8.91 1.97 -11.47
N LYS A 45 8.80 3.20 -11.03
CA LYS A 45 9.64 4.24 -11.57
C LYS A 45 10.92 4.35 -10.85
N LYS A 46 11.97 4.13 -11.59
CA LYS A 46 13.32 4.09 -11.11
C LYS A 46 13.72 5.44 -10.53
N ASP A 47 13.21 6.51 -11.14
CA ASP A 47 13.50 7.89 -10.69
C ASP A 47 13.02 8.12 -9.28
N GLU A 48 11.90 7.50 -8.93
CA GLU A 48 11.36 7.65 -7.61
C GLU A 48 12.07 6.72 -6.62
N VAL A 49 12.71 5.68 -7.14
CA VAL A 49 13.49 4.76 -6.33
C VAL A 49 14.84 5.41 -5.98
N GLU A 50 15.39 6.13 -6.93
CA GLU A 50 16.67 6.79 -6.76
C GLU A 50 16.61 7.91 -5.73
N LYS A 51 15.56 8.71 -5.76
CA LYS A 51 15.37 9.74 -4.73
C LYS A 51 15.14 9.08 -3.34
N LEU A 52 14.46 7.94 -3.34
CA LEU A 52 14.18 7.15 -2.13
C LEU A 52 15.49 6.67 -1.52
N SER A 53 16.30 6.02 -2.34
CA SER A 53 17.58 5.47 -1.92
C SER A 53 18.59 6.53 -1.48
N SER A 54 18.37 7.77 -1.89
CA SER A 54 19.23 8.87 -1.50
C SER A 54 18.83 9.41 -0.11
N ARG A 55 17.72 8.92 0.42
CA ARG A 55 17.22 9.33 1.71
C ARG A 55 17.31 8.21 2.74
N ILE A 56 17.10 7.00 2.29
CA ILE A 56 17.08 5.84 3.17
C ILE A 56 18.49 5.19 3.28
N PRO A 57 18.95 4.83 4.52
CA PRO A 57 20.23 4.12 4.75
C PRO A 57 20.41 2.88 3.86
N LEU A 58 21.65 2.69 3.40
CA LEU A 58 22.09 1.64 2.45
C LEU A 58 21.64 0.23 2.87
N TYR A 59 21.61 -0.01 4.17
CA TYR A 59 21.31 -1.32 4.76
C TYR A 59 19.92 -1.77 4.36
N LEU A 60 19.02 -0.81 4.35
CA LEU A 60 17.62 -1.08 4.17
C LEU A 60 17.25 -1.23 2.70
N TRP A 61 18.19 -0.99 1.79
CA TRP A 61 17.89 -1.06 0.35
C TRP A 61 17.50 -2.48 -0.07
N SER A 62 18.07 -3.47 0.58
CA SER A 62 17.77 -4.86 0.31
C SER A 62 16.75 -5.44 1.30
N LEU A 63 16.28 -4.61 2.20
CA LEU A 63 15.36 -5.05 3.22
C LEU A 63 13.97 -4.46 2.98
N VAL A 64 13.96 -3.28 2.41
CA VAL A 64 12.74 -2.60 2.07
C VAL A 64 12.32 -3.05 0.69
N LYS A 65 11.06 -3.40 0.60
CA LYS A 65 10.51 -3.92 -0.60
C LYS A 65 9.49 -2.94 -1.11
N ILE A 66 9.62 -2.61 -2.34
CA ILE A 66 8.71 -1.73 -3.00
C ILE A 66 7.96 -2.54 -4.06
N PRO A 67 6.74 -2.13 -4.43
CA PRO A 67 6.07 -0.92 -3.92
C PRO A 67 5.50 -1.06 -2.49
N PHE A 68 5.23 0.07 -1.88
CA PHE A 68 4.68 0.16 -0.54
C PHE A 68 3.16 0.05 -0.63
N ILE A 69 2.56 -0.54 0.37
CA ILE A 69 1.14 -0.70 0.40
C ILE A 69 0.59 0.02 1.62
N PHE A 70 -0.40 0.85 1.43
CA PHE A 70 -1.04 1.55 2.53
C PHE A 70 -2.52 1.26 2.50
N ILE A 71 -3.00 0.65 3.56
CA ILE A 71 -4.41 0.29 3.65
C ILE A 71 -5.16 1.42 4.31
N LYS A 72 -6.10 1.99 3.63
CA LYS A 72 -6.88 3.07 4.17
C LYS A 72 -7.83 2.56 5.25
N SER A 73 -7.82 3.23 6.38
CA SER A 73 -8.76 2.96 7.43
C SER A 73 -10.10 3.54 6.97
N SER A 74 -11.16 2.81 7.15
CA SER A 74 -12.44 3.22 6.60
C SER A 74 -13.06 4.38 7.40
N GLU A 75 -12.91 4.34 8.71
CA GLU A 75 -13.56 5.28 9.59
C GLU A 75 -12.61 6.43 9.99
N ILE A 76 -11.34 6.14 10.06
CA ILE A 76 -10.34 7.13 10.45
C ILE A 76 -9.47 7.46 9.22
N GLY A 77 -8.90 8.66 9.19
CA GLY A 77 -8.03 9.04 8.08
C GLY A 77 -6.60 8.60 8.32
N GLU A 78 -6.44 7.32 8.57
CA GLU A 78 -5.14 6.71 8.79
C GLU A 78 -4.93 5.64 7.76
N TYR A 79 -3.72 5.21 7.63
CA TYR A 79 -3.37 4.16 6.72
C TYR A 79 -2.48 3.17 7.39
N PHE A 80 -2.75 1.92 7.15
CA PHE A 80 -1.96 0.83 7.68
C PHE A 80 -0.80 0.60 6.74
N VAL A 81 0.37 0.81 7.25
CA VAL A 81 1.59 0.65 6.51
C VAL A 81 1.85 -0.84 6.37
N SER A 82 1.70 -1.30 5.18
CA SER A 82 1.87 -2.68 4.88
C SER A 82 3.23 -2.89 4.22
N GLY A 83 3.75 -4.05 4.42
CA GLY A 83 5.05 -4.41 3.94
C GLY A 83 5.80 -5.05 5.06
N GLU A 84 7.09 -5.21 4.89
CA GLU A 84 7.92 -5.84 5.90
C GLU A 84 8.19 -4.87 7.04
N GLN A 85 8.78 -5.35 8.11
CA GLN A 85 9.13 -4.52 9.27
C GLN A 85 10.10 -3.41 8.86
N TRP A 86 10.97 -3.73 7.91
CA TRP A 86 11.97 -2.82 7.39
C TRP A 86 11.31 -1.72 6.57
N ASN A 87 10.16 -2.05 6.02
CA ASN A 87 9.41 -1.15 5.11
C ASN A 87 8.75 -0.10 5.94
N LYS A 88 8.25 -0.54 7.08
CA LYS A 88 7.63 0.33 8.07
C LYS A 88 8.73 1.19 8.72
N LYS A 89 9.91 0.59 8.87
CA LYS A 89 11.10 1.28 9.38
C LYS A 89 11.53 2.37 8.41
N ALA A 90 11.41 2.08 7.13
CA ALA A 90 11.72 3.04 6.07
C ALA A 90 10.86 4.27 6.20
N ILE A 91 9.56 4.05 6.35
CA ILE A 91 8.58 5.13 6.51
C ILE A 91 8.89 5.94 7.78
N SER A 92 9.35 5.24 8.81
CA SER A 92 9.72 5.85 10.08
C SER A 92 10.93 6.79 9.92
N ILE A 93 11.79 6.48 8.98
CA ILE A 93 12.97 7.29 8.71
C ILE A 93 12.64 8.41 7.71
N LEU A 94 11.94 8.07 6.63
CA LEU A 94 11.59 9.01 5.56
C LEU A 94 10.77 10.18 6.06
N LEU A 95 9.81 9.88 6.90
CA LEU A 95 8.95 10.91 7.43
C LEU A 95 9.43 11.40 8.77
N GLY A 96 9.95 10.51 9.57
CA GLY A 96 10.33 10.88 10.91
C GLY A 96 9.15 10.71 11.85
N ARG A 97 8.33 9.75 11.51
CA ARG A 97 7.14 9.42 12.26
C ARG A 97 7.36 8.06 12.88
N GLU A 98 6.76 7.80 13.98
CA GLU A 98 6.86 6.50 14.59
C GLU A 98 5.75 5.62 14.08
N ILE A 99 6.10 4.65 13.29
CA ILE A 99 5.13 3.76 12.71
C ILE A 99 5.02 2.50 13.52
N SER A 100 3.89 2.31 14.13
CA SER A 100 3.56 1.06 14.70
C SER A 100 3.08 0.20 13.54
N ASN A 101 1.93 0.58 13.01
CA ASN A 101 1.39 0.04 11.77
C ASN A 101 0.61 1.10 11.02
N VAL A 102 0.55 2.32 11.54
CA VAL A 102 -0.26 3.37 10.91
C VAL A 102 0.47 4.70 10.79
N ILE A 103 0.02 5.49 9.83
CA ILE A 103 0.40 6.89 9.62
C ILE A 103 -0.85 7.63 9.23
N LEU A 104 -0.78 8.95 9.16
CA LEU A 104 -1.94 9.74 8.81
C LEU A 104 -2.10 9.85 7.32
N ASN A 105 -3.25 10.31 6.91
CA ASN A 105 -3.58 10.52 5.51
C ASN A 105 -2.67 11.57 4.90
N VAL A 106 -2.42 12.63 5.65
CA VAL A 106 -1.57 13.71 5.19
C VAL A 106 -0.10 13.22 5.04
N ASP A 107 0.29 12.25 5.89
CA ASP A 107 1.63 11.66 5.81
C ASP A 107 1.76 10.83 4.55
N VAL A 108 0.68 10.15 4.21
CA VAL A 108 0.62 9.37 2.98
C VAL A 108 0.66 10.27 1.76
N GLU A 109 0.00 11.42 1.84
CA GLU A 109 0.01 12.38 0.75
C GLU A 109 1.42 12.91 0.48
N LYS A 110 2.18 13.12 1.56
CA LYS A 110 3.60 13.53 1.44
C LYS A 110 4.37 12.49 0.66
N LEU A 111 4.14 11.24 1.01
CA LEU A 111 4.77 10.12 0.36
C LEU A 111 4.31 9.98 -1.09
N LEU A 112 3.01 10.14 -1.35
CA LEU A 112 2.44 10.06 -2.71
C LEU A 112 3.04 11.07 -3.65
N ARG A 113 3.24 12.27 -3.15
CA ARG A 113 3.75 13.36 -3.97
C ARG A 113 5.25 13.24 -4.18
N GLU A 114 5.88 12.44 -3.36
CA GLU A 114 7.29 12.20 -3.46
C GLU A 114 7.56 10.94 -4.32
N TYR A 115 6.79 9.88 -4.05
CA TYR A 115 6.92 8.60 -4.71
C TYR A 115 5.55 8.11 -5.14
N THR A 116 5.14 8.41 -6.33
CA THR A 116 3.83 7.99 -6.76
C THR A 116 3.78 6.51 -7.21
N SER A 117 4.74 6.10 -8.05
CA SER A 117 4.74 4.75 -8.62
C SER A 117 5.04 3.68 -7.59
N LEU A 118 5.67 4.11 -6.50
CA LEU A 118 6.12 3.20 -5.48
C LEU A 118 5.03 2.95 -4.45
N ILE A 119 3.86 3.53 -4.64
CA ILE A 119 2.82 3.41 -3.63
C ILE A 119 1.50 2.88 -4.18
N PHE A 120 0.94 1.94 -3.45
CA PHE A 120 -0.38 1.44 -3.70
C PHE A 120 -1.24 1.67 -2.48
N ILE A 121 -2.24 2.47 -2.65
CA ILE A 121 -3.19 2.72 -1.60
C ILE A 121 -4.37 1.81 -1.81
N ILE A 122 -4.58 0.93 -0.89
CA ILE A 122 -5.67 -0.01 -0.98
C ILE A 122 -6.78 0.49 -0.08
N LEU A 123 -7.86 0.89 -0.69
CA LEU A 123 -8.98 1.36 0.06
C LEU A 123 -9.79 0.18 0.46
N SER A 124 -9.81 -0.08 1.72
CA SER A 124 -10.58 -1.15 2.23
C SER A 124 -11.76 -0.54 2.96
N PRO A 125 -13.00 -0.97 2.66
CA PRO A 125 -14.16 -0.52 3.38
C PRO A 125 -14.32 -1.32 4.66
N THR A 126 -15.32 -1.01 5.42
CA THR A 126 -15.63 -1.74 6.60
C THR A 126 -16.31 -3.04 6.16
N ARG A 127 -15.53 -4.09 6.01
CA ARG A 127 -16.05 -5.34 5.56
C ARG A 127 -16.50 -6.13 6.76
N SER A 128 -17.71 -5.93 7.12
CA SER A 128 -18.30 -6.58 8.26
C SER A 128 -18.84 -7.93 7.84
N TYR A 129 -18.46 -8.96 8.54
CA TYR A 129 -18.99 -10.27 8.27
C TYR A 129 -20.01 -10.58 9.35
N THR A 130 -21.23 -10.80 8.94
CA THR A 130 -22.32 -11.11 9.82
C THR A 130 -22.04 -12.41 10.59
N GLU A 131 -21.43 -13.38 9.92
CA GLU A 131 -21.08 -14.66 10.50
C GLU A 131 -19.98 -14.49 11.56
N GLU A 132 -19.03 -13.61 11.28
CA GLU A 132 -17.92 -13.33 12.21
C GLU A 132 -18.48 -12.64 13.45
N THR A 133 -19.42 -11.71 13.22
CA THR A 133 -20.10 -10.99 14.28
C THR A 133 -20.87 -11.97 15.19
N GLU A 134 -21.61 -12.87 14.55
CA GLU A 134 -22.44 -13.84 15.25
C GLU A 134 -21.57 -14.79 16.12
N LEU A 135 -20.44 -15.21 15.58
CA LEU A 135 -19.51 -16.06 16.32
C LEU A 135 -18.91 -15.29 17.48
N SER A 136 -18.49 -14.08 17.22
CA SER A 136 -17.85 -13.23 18.21
C SER A 136 -18.82 -12.90 19.37
N GLU A 137 -20.11 -12.79 19.06
CA GLU A 137 -21.12 -12.56 20.08
C GLU A 137 -21.25 -13.72 21.03
N MET A 138 -21.25 -14.95 20.53
CA MET A 138 -21.40 -16.11 21.42
C MET A 138 -20.10 -16.46 22.13
N LEU A 139 -18.98 -16.21 21.48
CA LEU A 139 -17.68 -16.58 22.04
C LEU A 139 -17.13 -15.52 23.00
N GLU A 140 -17.08 -14.27 22.54
CA GLU A 140 -16.47 -13.19 23.32
C GLU A 140 -17.48 -12.55 24.24
N HIS A 141 -18.69 -12.36 23.75
CA HIS A 141 -19.70 -11.67 24.53
C HIS A 141 -20.55 -12.63 25.30
N HIS A 142 -20.48 -13.89 24.91
CA HIS A 142 -21.16 -15.00 25.57
C HIS A 142 -22.68 -14.96 25.44
N HIS A 143 -23.32 -14.08 26.24
CA HIS A 143 -24.78 -13.98 26.35
C HIS A 143 -25.32 -15.33 26.88
N HIS A 144 -26.61 -15.60 26.67
CA HIS A 144 -27.26 -16.88 27.05
C HIS A 144 -27.21 -17.10 28.56
N HIS A 145 -28.20 -16.60 29.25
CA HIS A 145 -28.24 -16.75 30.69
C HIS A 145 -29.33 -17.72 31.08
N HIS A 146 -28.93 -18.79 31.69
CA HIS A 146 -29.87 -19.74 32.24
C HIS A 146 -30.25 -19.24 33.63
N MET A 1 -7.30 -23.38 3.70
CA MET A 1 -8.62 -23.27 3.11
C MET A 1 -9.59 -23.29 4.26
N ILE A 2 -10.87 -23.49 4.00
CA ILE A 2 -11.80 -23.63 5.11
C ILE A 2 -11.74 -25.07 5.61
N ASP A 3 -10.65 -25.35 6.29
CA ASP A 3 -10.39 -26.63 6.93
C ASP A 3 -10.71 -26.39 8.37
N LYS A 4 -10.15 -25.31 8.82
CA LYS A 4 -10.32 -24.71 10.11
C LYS A 4 -10.23 -23.25 9.81
N ILE A 5 -11.12 -22.46 10.37
CA ILE A 5 -11.19 -21.01 10.11
C ILE A 5 -11.75 -20.73 8.71
N PHE A 6 -12.62 -19.76 8.61
CA PHE A 6 -13.16 -19.39 7.34
C PHE A 6 -12.19 -18.49 6.63
N GLU A 7 -11.29 -19.10 5.87
CA GLU A 7 -10.33 -18.36 5.11
C GLU A 7 -10.95 -17.80 3.86
N ILE A 8 -11.58 -16.68 4.03
CA ILE A 8 -12.10 -15.94 2.93
C ILE A 8 -10.94 -15.13 2.42
N GLY A 9 -10.34 -15.61 1.35
CA GLY A 9 -9.16 -15.01 0.81
C GLY A 9 -9.38 -13.61 0.31
N LEU A 10 -8.34 -12.84 0.34
CA LEU A 10 -8.38 -11.49 -0.09
C LEU A 10 -7.63 -11.36 -1.42
N LYS A 11 -7.49 -12.49 -2.12
CA LYS A 11 -6.76 -12.54 -3.38
C LYS A 11 -7.46 -11.73 -4.44
N ASP A 12 -8.78 -11.84 -4.48
CA ASP A 12 -9.60 -11.15 -5.49
C ASP A 12 -9.77 -9.68 -5.18
N ILE A 13 -9.86 -9.35 -3.90
CA ILE A 13 -9.96 -7.96 -3.47
C ILE A 13 -8.62 -7.25 -3.74
N PHE A 14 -7.53 -7.97 -3.53
CA PHE A 14 -6.21 -7.46 -3.74
C PHE A 14 -5.64 -7.90 -5.09
N SER A 15 -6.52 -8.21 -6.04
CA SER A 15 -6.08 -8.62 -7.37
C SER A 15 -5.31 -7.52 -8.10
N SER A 16 -5.71 -6.29 -7.88
CA SER A 16 -5.06 -5.15 -8.50
C SER A 16 -3.82 -4.71 -7.69
N SER A 17 -3.60 -5.35 -6.56
CA SER A 17 -2.49 -5.06 -5.70
C SER A 17 -1.31 -5.99 -6.09
N PRO A 18 -0.04 -5.64 -5.72
CA PRO A 18 1.14 -6.45 -6.09
C PRO A 18 1.11 -7.83 -5.47
N ALA A 19 1.48 -8.81 -6.25
CA ALA A 19 1.55 -10.18 -5.79
C ALA A 19 2.97 -10.49 -5.37
N GLU A 20 3.86 -9.74 -5.94
CA GLU A 20 5.27 -9.87 -5.72
C GLU A 20 5.85 -8.49 -5.62
N TYR A 21 7.01 -8.40 -5.02
CA TYR A 21 7.64 -7.14 -4.79
C TYR A 21 9.07 -7.23 -5.25
N VAL A 22 9.76 -6.13 -5.25
CA VAL A 22 11.18 -6.08 -5.56
C VAL A 22 11.86 -5.27 -4.48
N THR A 23 13.15 -5.40 -4.34
CA THR A 23 13.82 -4.59 -3.38
C THR A 23 14.16 -3.25 -4.00
N ILE A 24 14.66 -2.34 -3.21
CA ILE A 24 15.12 -1.07 -3.70
C ILE A 24 16.32 -1.30 -4.62
N LYS A 25 17.16 -2.25 -4.23
CA LYS A 25 18.30 -2.65 -5.02
C LYS A 25 17.87 -3.24 -6.35
N ASP A 26 16.79 -4.02 -6.33
CA ASP A 26 16.25 -4.63 -7.55
C ASP A 26 15.71 -3.59 -8.48
N ALA A 27 15.00 -2.64 -7.94
CA ALA A 27 14.44 -1.55 -8.73
C ALA A 27 15.55 -0.71 -9.37
N LEU A 28 16.63 -0.46 -8.62
CA LEU A 28 17.81 0.25 -9.15
C LEU A 28 18.51 -0.60 -10.22
N ASP A 29 18.41 -1.91 -10.02
CA ASP A 29 18.95 -2.95 -10.92
C ASP A 29 18.14 -3.01 -12.24
N GLY A 30 17.00 -2.36 -12.24
CA GLY A 30 16.18 -2.33 -13.42
C GLY A 30 14.95 -3.18 -13.30
N LYS A 31 14.70 -3.72 -12.13
CA LYS A 31 13.49 -4.45 -11.90
C LYS A 31 12.42 -3.49 -11.51
N LEU A 32 11.70 -3.10 -12.49
CA LEU A 32 10.69 -2.10 -12.34
C LEU A 32 9.35 -2.67 -12.69
N LYS A 33 9.26 -3.95 -12.78
CA LYS A 33 8.01 -4.56 -13.08
C LYS A 33 7.61 -5.59 -12.08
N ILE A 34 6.55 -5.28 -11.41
CA ILE A 34 5.99 -6.16 -10.44
C ILE A 34 4.68 -6.71 -10.93
N ARG A 35 4.46 -7.96 -10.67
CA ARG A 35 3.24 -8.60 -11.06
C ARG A 35 2.20 -8.38 -9.98
N LEU A 36 1.01 -8.12 -10.40
CA LEU A 36 -0.12 -7.96 -9.54
C LEU A 36 -0.75 -9.33 -9.30
N ASN A 37 -1.70 -9.41 -8.42
CA ASN A 37 -2.36 -10.68 -8.10
C ASN A 37 -3.21 -11.22 -9.26
N ASN A 38 -3.65 -10.33 -10.09
CA ASN A 38 -4.41 -10.66 -11.31
C ASN A 38 -3.45 -10.92 -12.50
N ASN A 39 -2.16 -10.92 -12.18
CA ASN A 39 -1.03 -11.18 -13.11
C ASN A 39 -0.68 -10.05 -14.05
N PHE A 40 -1.30 -8.90 -13.90
CA PHE A 40 -0.92 -7.75 -14.70
C PHE A 40 0.32 -7.13 -14.12
N TYR A 41 1.07 -6.42 -14.91
CA TYR A 41 2.27 -5.81 -14.43
C TYR A 41 2.14 -4.32 -14.30
N HIS A 42 2.71 -3.82 -13.26
CA HIS A 42 2.74 -2.42 -13.00
C HIS A 42 4.19 -1.99 -13.04
N GLU A 43 4.46 -0.96 -13.82
CA GLU A 43 5.81 -0.48 -13.94
C GLU A 43 6.09 0.57 -12.87
N ILE A 44 7.20 0.39 -12.24
CA ILE A 44 7.71 1.22 -11.19
C ILE A 44 8.66 2.24 -11.80
N LYS A 45 8.62 3.47 -11.33
CA LYS A 45 9.53 4.49 -11.79
C LYS A 45 10.79 4.44 -10.97
N LYS A 46 11.92 4.22 -11.63
CA LYS A 46 13.18 4.13 -10.94
C LYS A 46 13.59 5.51 -10.42
N ASP A 47 13.07 6.58 -11.06
CA ASP A 47 13.36 7.98 -10.66
C ASP A 47 13.04 8.21 -9.20
N GLU A 48 11.92 7.65 -8.78
CA GLU A 48 11.48 7.80 -7.42
C GLU A 48 12.29 6.89 -6.49
N VAL A 49 12.80 5.80 -7.03
CA VAL A 49 13.62 4.86 -6.27
C VAL A 49 15.03 5.45 -6.05
N GLU A 50 15.53 6.16 -7.05
CA GLU A 50 16.85 6.80 -6.99
C GLU A 50 16.91 7.84 -5.87
N LYS A 51 15.88 8.66 -5.77
CA LYS A 51 15.83 9.62 -4.68
C LYS A 51 15.51 8.94 -3.34
N LEU A 52 14.71 7.86 -3.40
CA LEU A 52 14.38 7.06 -2.22
C LEU A 52 15.65 6.51 -1.59
N SER A 53 16.42 5.78 -2.37
CA SER A 53 17.66 5.13 -1.94
C SER A 53 18.70 6.13 -1.38
N SER A 54 18.64 7.36 -1.84
CA SER A 54 19.53 8.39 -1.37
C SER A 54 19.10 8.90 0.04
N ARG A 55 17.88 8.62 0.42
CA ARG A 55 17.34 9.08 1.70
C ARG A 55 17.23 7.93 2.70
N ILE A 56 16.99 6.74 2.20
CA ILE A 56 16.88 5.58 3.04
C ILE A 56 18.25 4.89 3.19
N PRO A 57 18.66 4.52 4.43
CA PRO A 57 19.92 3.82 4.71
C PRO A 57 20.15 2.58 3.84
N LEU A 58 21.42 2.35 3.51
CA LEU A 58 21.90 1.29 2.60
C LEU A 58 21.39 -0.10 3.04
N TYR A 59 21.30 -0.30 4.37
CA TYR A 59 20.86 -1.60 4.95
C TYR A 59 19.52 -2.02 4.38
N LEU A 60 18.64 -1.05 4.30
CA LEU A 60 17.25 -1.29 4.01
C LEU A 60 16.99 -1.47 2.52
N TRP A 61 17.98 -1.25 1.69
CA TRP A 61 17.80 -1.34 0.23
C TRP A 61 17.40 -2.75 -0.22
N SER A 62 17.97 -3.75 0.41
CA SER A 62 17.68 -5.13 0.10
C SER A 62 16.66 -5.73 1.06
N LEU A 63 16.12 -4.88 1.91
CA LEU A 63 15.18 -5.32 2.92
C LEU A 63 13.78 -4.81 2.64
N VAL A 64 13.70 -3.59 2.15
CA VAL A 64 12.43 -2.98 1.84
C VAL A 64 11.95 -3.49 0.50
N LYS A 65 10.83 -4.13 0.54
CA LYS A 65 10.18 -4.60 -0.65
C LYS A 65 9.19 -3.57 -1.12
N ILE A 66 9.46 -2.99 -2.24
CA ILE A 66 8.58 -2.02 -2.84
C ILE A 66 7.75 -2.72 -3.92
N PRO A 67 6.55 -2.23 -4.26
CA PRO A 67 5.95 -1.00 -3.71
C PRO A 67 5.44 -1.12 -2.26
N PHE A 68 5.19 0.03 -1.66
CA PHE A 68 4.65 0.12 -0.31
C PHE A 68 3.14 -0.01 -0.41
N ILE A 69 2.54 -0.77 0.47
CA ILE A 69 1.09 -0.92 0.48
C ILE A 69 0.54 -0.20 1.69
N PHE A 70 -0.50 0.57 1.50
CA PHE A 70 -1.15 1.25 2.59
C PHE A 70 -2.63 0.94 2.58
N ILE A 71 -3.11 0.34 3.64
CA ILE A 71 -4.52 -0.01 3.75
C ILE A 71 -5.23 1.15 4.42
N LYS A 72 -6.19 1.72 3.77
CA LYS A 72 -6.88 2.84 4.36
C LYS A 72 -7.98 2.37 5.30
N SER A 73 -8.18 3.11 6.36
CA SER A 73 -9.31 2.94 7.23
C SER A 73 -10.55 3.42 6.44
N SER A 74 -11.65 2.71 6.55
CA SER A 74 -12.83 2.93 5.72
C SER A 74 -13.37 4.37 5.73
N GLU A 75 -13.38 5.00 6.89
CA GLU A 75 -13.92 6.35 7.02
C GLU A 75 -12.79 7.36 7.16
N ILE A 76 -11.91 7.06 8.09
CA ILE A 76 -10.87 7.99 8.53
C ILE A 76 -9.58 7.87 7.69
N GLY A 77 -8.90 9.00 7.53
CA GLY A 77 -7.63 9.12 6.85
C GLY A 77 -6.48 8.55 7.67
N GLU A 78 -6.56 7.29 7.98
CA GLU A 78 -5.49 6.56 8.65
C GLU A 78 -5.14 5.36 7.82
N TYR A 79 -3.89 5.19 7.56
CA TYR A 79 -3.43 4.17 6.66
C TYR A 79 -2.49 3.22 7.34
N PHE A 80 -2.72 1.96 7.15
CA PHE A 80 -1.91 0.89 7.70
C PHE A 80 -0.76 0.61 6.78
N VAL A 81 0.42 0.83 7.28
CA VAL A 81 1.64 0.61 6.53
C VAL A 81 1.88 -0.89 6.43
N SER A 82 1.73 -1.39 5.24
CA SER A 82 1.86 -2.79 4.97
C SER A 82 3.20 -3.10 4.32
N GLY A 83 3.66 -4.32 4.51
CA GLY A 83 4.90 -4.73 4.00
C GLY A 83 5.74 -5.30 5.10
N GLU A 84 7.01 -5.23 4.93
CA GLU A 84 7.97 -5.70 5.88
C GLU A 84 8.07 -4.70 7.03
N GLN A 85 8.77 -5.08 8.07
CA GLN A 85 9.06 -4.16 9.17
C GLN A 85 10.02 -3.10 8.68
N TRP A 86 10.73 -3.43 7.61
CA TRP A 86 11.66 -2.55 6.99
C TRP A 86 10.92 -1.48 6.20
N ASN A 87 9.73 -1.85 5.68
CA ASN A 87 8.87 -0.89 4.96
C ASN A 87 8.38 0.15 5.93
N LYS A 88 8.00 -0.30 7.12
CA LYS A 88 7.55 0.58 8.18
C LYS A 88 8.71 1.45 8.67
N LYS A 89 9.89 0.83 8.78
CA LYS A 89 11.09 1.54 9.19
C LYS A 89 11.49 2.59 8.15
N ALA A 90 11.31 2.27 6.88
CA ALA A 90 11.57 3.19 5.79
C ALA A 90 10.75 4.45 5.97
N ILE A 91 9.47 4.26 6.23
CA ILE A 91 8.54 5.36 6.43
C ILE A 91 8.94 6.19 7.67
N SER A 92 9.35 5.50 8.75
CA SER A 92 9.77 6.18 9.96
C SER A 92 11.03 7.03 9.77
N ILE A 93 11.86 6.65 8.83
CA ILE A 93 13.09 7.39 8.54
C ILE A 93 12.81 8.54 7.57
N LEU A 94 11.98 8.27 6.55
CA LEU A 94 11.63 9.26 5.55
C LEU A 94 10.85 10.42 6.15
N LEU A 95 9.86 10.10 6.96
CA LEU A 95 9.02 11.13 7.54
C LEU A 95 9.63 11.69 8.81
N GLY A 96 10.28 10.83 9.55
CA GLY A 96 10.88 11.23 10.80
C GLY A 96 9.94 11.00 11.96
N ARG A 97 8.88 10.29 11.69
CA ARG A 97 7.89 9.94 12.68
C ARG A 97 7.97 8.45 12.88
N GLU A 98 7.75 7.99 14.08
CA GLU A 98 7.77 6.56 14.32
C GLU A 98 6.40 5.96 14.12
N ILE A 99 6.38 4.95 13.30
CA ILE A 99 5.15 4.29 12.89
C ILE A 99 4.87 3.09 13.76
N SER A 100 3.64 3.00 14.22
CA SER A 100 3.17 1.83 14.89
C SER A 100 2.65 0.87 13.77
N ASN A 101 1.47 1.14 13.29
CA ASN A 101 0.89 0.49 12.10
C ASN A 101 0.28 1.52 11.19
N VAL A 102 -0.23 2.59 11.76
CA VAL A 102 -0.91 3.59 10.98
C VAL A 102 -0.20 4.90 10.91
N ILE A 103 -0.34 5.54 9.78
CA ILE A 103 0.10 6.89 9.57
C ILE A 103 -1.12 7.70 9.20
N LEU A 104 -0.99 9.00 9.27
CA LEU A 104 -2.09 9.87 8.96
C LEU A 104 -2.14 10.11 7.47
N ASN A 105 -3.29 10.57 7.00
CA ASN A 105 -3.49 10.85 5.58
C ASN A 105 -2.50 11.90 5.08
N VAL A 106 -2.18 12.88 5.94
CA VAL A 106 -1.20 13.92 5.62
C VAL A 106 0.20 13.30 5.36
N ASP A 107 0.54 12.26 6.13
CA ASP A 107 1.83 11.55 5.98
C ASP A 107 1.84 10.83 4.65
N VAL A 108 0.72 10.20 4.34
CA VAL A 108 0.54 9.47 3.09
C VAL A 108 0.62 10.43 1.92
N GLU A 109 -0.02 11.58 2.04
CA GLU A 109 0.04 12.63 1.03
C GLU A 109 1.47 13.08 0.74
N LYS A 110 2.26 13.25 1.79
CA LYS A 110 3.67 13.63 1.65
C LYS A 110 4.43 12.58 0.86
N LEU A 111 4.13 11.33 1.17
CA LEU A 111 4.72 10.20 0.50
C LEU A 111 4.23 10.10 -0.95
N LEU A 112 2.94 10.33 -1.17
CA LEU A 112 2.30 10.28 -2.50
C LEU A 112 2.93 11.22 -3.49
N ARG A 113 3.15 12.46 -3.08
CA ARG A 113 3.73 13.44 -3.99
C ARG A 113 5.21 13.19 -4.21
N GLU A 114 5.84 12.53 -3.26
CA GLU A 114 7.24 12.24 -3.37
C GLU A 114 7.48 10.95 -4.19
N TYR A 115 6.75 9.90 -3.87
CA TYR A 115 6.90 8.60 -4.51
C TYR A 115 5.52 8.07 -4.91
N THR A 116 5.08 8.34 -6.10
CA THR A 116 3.76 7.90 -6.52
C THR A 116 3.74 6.42 -6.97
N SER A 117 4.73 6.01 -7.77
CA SER A 117 4.72 4.68 -8.38
C SER A 117 5.14 3.61 -7.38
N LEU A 118 5.76 4.07 -6.31
CA LEU A 118 6.26 3.17 -5.29
C LEU A 118 5.19 2.90 -4.27
N ILE A 119 4.00 3.45 -4.47
CA ILE A 119 2.97 3.34 -3.49
C ILE A 119 1.65 2.80 -4.05
N PHE A 120 1.16 1.75 -3.42
CA PHE A 120 -0.13 1.19 -3.69
C PHE A 120 -1.02 1.39 -2.50
N ILE A 121 -1.98 2.23 -2.64
CA ILE A 121 -2.89 2.48 -1.58
C ILE A 121 -4.15 1.69 -1.81
N ILE A 122 -4.56 0.97 -0.83
CA ILE A 122 -5.78 0.23 -0.89
C ILE A 122 -6.82 1.09 -0.23
N LEU A 123 -7.58 1.76 -1.06
CA LEU A 123 -8.60 2.67 -0.61
C LEU A 123 -9.90 1.94 -0.52
N SER A 124 -10.72 2.35 0.40
CA SER A 124 -12.05 1.84 0.52
C SER A 124 -12.85 2.35 -0.70
N PRO A 125 -13.43 1.44 -1.52
CA PRO A 125 -14.20 1.80 -2.72
C PRO A 125 -15.51 2.55 -2.40
N THR A 126 -15.36 3.79 -2.06
CA THR A 126 -16.42 4.68 -1.75
C THR A 126 -16.44 5.70 -2.85
N ARG A 127 -17.56 5.91 -3.50
CA ARG A 127 -17.61 6.86 -4.61
C ARG A 127 -17.34 8.28 -4.13
N SER A 128 -17.86 8.60 -2.97
CA SER A 128 -17.59 9.84 -2.33
C SER A 128 -16.47 9.59 -1.32
N TYR A 129 -15.26 9.87 -1.74
CA TYR A 129 -14.08 9.64 -0.92
C TYR A 129 -13.92 10.74 0.13
N THR A 130 -13.33 10.40 1.28
CA THR A 130 -13.04 11.34 2.34
C THR A 130 -12.11 12.45 1.81
N GLU A 131 -11.11 11.99 1.06
CA GLU A 131 -10.13 12.84 0.43
C GLU A 131 -10.77 13.73 -0.64
N GLU A 132 -11.67 13.15 -1.43
CA GLU A 132 -12.42 13.87 -2.45
C GLU A 132 -13.26 14.98 -1.80
N THR A 133 -13.85 14.66 -0.66
CA THR A 133 -14.64 15.59 0.10
C THR A 133 -13.78 16.78 0.55
N GLU A 134 -12.59 16.50 1.12
CA GLU A 134 -11.71 17.57 1.59
C GLU A 134 -11.21 18.42 0.42
N LEU A 135 -10.87 17.75 -0.70
CA LEU A 135 -10.43 18.44 -1.91
C LEU A 135 -11.49 19.41 -2.40
N SER A 136 -12.71 18.94 -2.45
CA SER A 136 -13.79 19.75 -2.95
C SER A 136 -14.22 20.85 -1.97
N GLU A 137 -14.14 20.57 -0.68
CA GLU A 137 -14.49 21.53 0.32
C GLU A 137 -13.41 22.59 0.53
N MET A 138 -12.20 22.30 0.10
CA MET A 138 -11.19 23.34 0.07
C MET A 138 -11.13 24.10 -1.28
N LEU A 139 -11.12 23.36 -2.38
CA LEU A 139 -10.91 23.96 -3.71
C LEU A 139 -12.18 24.44 -4.37
N GLU A 140 -13.18 23.58 -4.46
CA GLU A 140 -14.41 23.89 -5.19
C GLU A 140 -15.27 24.85 -4.38
N HIS A 141 -15.32 24.62 -3.13
CA HIS A 141 -16.02 25.46 -2.20
C HIS A 141 -14.94 25.86 -1.25
N HIS A 142 -14.96 27.03 -0.70
CA HIS A 142 -13.85 27.42 0.15
C HIS A 142 -14.25 27.43 1.60
N HIS A 143 -14.20 26.26 2.23
CA HIS A 143 -14.57 26.14 3.64
C HIS A 143 -13.35 26.01 4.51
N HIS A 144 -12.32 25.37 3.99
CA HIS A 144 -11.13 25.08 4.78
C HIS A 144 -10.24 26.29 4.91
N HIS A 145 -10.24 27.12 3.93
CA HIS A 145 -9.41 28.30 3.95
C HIS A 145 -10.26 29.52 3.70
N HIS A 146 -10.14 30.48 4.56
CA HIS A 146 -10.80 31.74 4.43
C HIS A 146 -9.79 32.81 4.70
N MET A 1 -11.43 -5.52 6.93
CA MET A 1 -12.74 -5.03 7.40
C MET A 1 -13.50 -6.15 8.09
N ILE A 2 -14.08 -7.08 7.33
CA ILE A 2 -14.76 -8.21 7.92
C ILE A 2 -13.75 -9.33 8.08
N ASP A 3 -13.49 -9.67 9.33
CA ASP A 3 -12.48 -10.66 9.75
C ASP A 3 -11.07 -10.15 9.39
N LYS A 4 -10.07 -10.94 9.65
CA LYS A 4 -8.70 -10.54 9.42
C LYS A 4 -7.97 -11.63 8.67
N ILE A 5 -8.31 -12.87 8.96
CA ILE A 5 -7.57 -14.00 8.43
C ILE A 5 -8.49 -14.97 7.68
N PHE A 6 -9.65 -15.23 8.24
CA PHE A 6 -10.50 -16.29 7.76
C PHE A 6 -11.45 -15.81 6.67
N GLU A 7 -11.00 -16.02 5.44
CA GLU A 7 -11.66 -15.66 4.19
C GLU A 7 -11.97 -14.16 4.12
N ILE A 8 -11.09 -13.44 3.47
CA ILE A 8 -11.24 -12.02 3.38
C ILE A 8 -11.92 -11.59 2.09
N GLY A 9 -12.99 -10.82 2.24
CA GLY A 9 -13.68 -10.25 1.09
C GLY A 9 -12.97 -9.00 0.62
N LEU A 10 -11.72 -9.17 0.27
CA LEU A 10 -10.84 -8.12 -0.18
C LEU A 10 -10.22 -8.55 -1.50
N LYS A 11 -10.73 -9.65 -2.01
CA LYS A 11 -10.18 -10.38 -3.12
C LYS A 11 -10.21 -9.56 -4.41
N ASP A 12 -11.30 -8.85 -4.60
CA ASP A 12 -11.52 -8.05 -5.80
C ASP A 12 -10.85 -6.71 -5.70
N ILE A 13 -10.44 -6.34 -4.51
CA ILE A 13 -9.79 -5.07 -4.29
C ILE A 13 -8.31 -5.24 -4.53
N PHE A 14 -7.77 -6.29 -3.94
CA PHE A 14 -6.35 -6.60 -4.01
C PHE A 14 -5.94 -7.24 -5.32
N SER A 15 -6.86 -7.32 -6.26
CA SER A 15 -6.56 -7.87 -7.57
C SER A 15 -5.48 -7.00 -8.25
N SER A 16 -5.65 -5.69 -8.10
CA SER A 16 -4.78 -4.69 -8.68
C SER A 16 -3.53 -4.44 -7.79
N SER A 17 -3.42 -5.18 -6.71
CA SER A 17 -2.33 -5.03 -5.77
C SER A 17 -1.19 -5.97 -6.17
N PRO A 18 0.07 -5.69 -5.73
CA PRO A 18 1.23 -6.49 -6.11
C PRO A 18 1.22 -7.89 -5.50
N ALA A 19 1.53 -8.83 -6.34
CA ALA A 19 1.64 -10.21 -5.95
C ALA A 19 3.07 -10.50 -5.55
N GLU A 20 3.98 -9.76 -6.14
CA GLU A 20 5.39 -9.93 -5.89
C GLU A 20 5.98 -8.56 -5.73
N TYR A 21 7.08 -8.48 -5.05
CA TYR A 21 7.70 -7.20 -4.77
C TYR A 21 9.15 -7.28 -5.15
N VAL A 22 9.81 -6.16 -5.16
CA VAL A 22 11.22 -6.07 -5.43
C VAL A 22 11.83 -5.18 -4.37
N THR A 23 13.10 -5.26 -4.17
CA THR A 23 13.72 -4.39 -3.21
C THR A 23 14.07 -3.07 -3.87
N ILE A 24 14.65 -2.17 -3.13
CA ILE A 24 15.05 -0.88 -3.64
C ILE A 24 16.28 -1.12 -4.50
N LYS A 25 17.06 -2.10 -4.05
CA LYS A 25 18.23 -2.54 -4.74
C LYS A 25 17.84 -3.14 -6.10
N ASP A 26 16.73 -3.87 -6.12
CA ASP A 26 16.21 -4.52 -7.34
C ASP A 26 15.70 -3.51 -8.32
N ALA A 27 14.98 -2.54 -7.82
CA ALA A 27 14.44 -1.49 -8.68
C ALA A 27 15.58 -0.68 -9.33
N LEU A 28 16.64 -0.42 -8.57
CA LEU A 28 17.84 0.26 -9.09
C LEU A 28 18.58 -0.66 -10.09
N ASP A 29 18.45 -1.96 -9.84
CA ASP A 29 19.01 -3.04 -10.68
C ASP A 29 18.26 -3.15 -12.01
N GLY A 30 17.11 -2.50 -12.09
CA GLY A 30 16.36 -2.48 -13.32
C GLY A 30 15.14 -3.36 -13.26
N LYS A 31 14.81 -3.84 -12.09
CA LYS A 31 13.64 -4.63 -11.91
C LYS A 31 12.50 -3.71 -11.50
N LEU A 32 11.83 -3.20 -12.50
CA LEU A 32 10.81 -2.19 -12.32
C LEU A 32 9.46 -2.73 -12.71
N LYS A 33 9.33 -4.00 -12.81
CA LYS A 33 8.09 -4.56 -13.20
C LYS A 33 7.63 -5.53 -12.13
N ILE A 34 6.55 -5.22 -11.51
CA ILE A 34 6.01 -6.10 -10.50
C ILE A 34 4.69 -6.67 -10.97
N ARG A 35 4.40 -7.88 -10.56
CA ARG A 35 3.19 -8.55 -10.93
C ARG A 35 2.12 -8.20 -9.93
N LEU A 36 0.92 -8.13 -10.40
CA LEU A 36 -0.23 -7.91 -9.58
C LEU A 36 -0.89 -9.26 -9.32
N ASN A 37 -1.80 -9.31 -8.36
CA ASN A 37 -2.52 -10.56 -8.03
C ASN A 37 -3.32 -11.09 -9.19
N ASN A 38 -3.85 -10.18 -9.98
CA ASN A 38 -4.61 -10.54 -11.18
C ASN A 38 -3.68 -10.86 -12.38
N ASN A 39 -2.38 -10.96 -12.12
CA ASN A 39 -1.33 -11.33 -13.10
C ASN A 39 -1.04 -10.29 -14.17
N PHE A 40 -1.48 -9.09 -13.92
CA PHE A 40 -1.11 -7.98 -14.74
C PHE A 40 0.17 -7.40 -14.17
N TYR A 41 0.83 -6.56 -14.89
CA TYR A 41 2.09 -6.02 -14.43
C TYR A 41 2.01 -4.52 -14.26
N HIS A 42 2.68 -4.03 -13.25
CA HIS A 42 2.71 -2.62 -12.93
C HIS A 42 4.16 -2.17 -12.90
N GLU A 43 4.45 -1.11 -13.62
CA GLU A 43 5.79 -0.58 -13.70
C GLU A 43 6.08 0.44 -12.61
N ILE A 44 7.25 0.31 -12.06
CA ILE A 44 7.75 1.13 -11.01
C ILE A 44 8.67 2.20 -11.63
N LYS A 45 8.63 3.42 -11.12
CA LYS A 45 9.49 4.49 -11.63
C LYS A 45 10.81 4.48 -10.88
N LYS A 46 11.87 4.27 -11.63
CA LYS A 46 13.22 4.12 -11.08
C LYS A 46 13.72 5.47 -10.53
N ASP A 47 13.20 6.55 -11.10
CA ASP A 47 13.53 7.93 -10.68
C ASP A 47 13.17 8.17 -9.23
N GLU A 48 11.99 7.69 -8.85
CA GLU A 48 11.50 7.86 -7.50
C GLU A 48 12.28 6.97 -6.53
N VAL A 49 12.75 5.84 -7.04
CA VAL A 49 13.57 4.90 -6.28
C VAL A 49 14.96 5.50 -5.98
N GLU A 50 15.48 6.29 -6.92
CA GLU A 50 16.78 6.91 -6.76
C GLU A 50 16.79 7.91 -5.60
N LYS A 51 15.80 8.77 -5.55
CA LYS A 51 15.70 9.73 -4.46
C LYS A 51 15.35 9.05 -3.14
N LEU A 52 14.62 7.94 -3.23
CA LEU A 52 14.30 7.12 -2.07
C LEU A 52 15.59 6.57 -1.46
N SER A 53 16.38 5.90 -2.30
CA SER A 53 17.63 5.28 -1.89
C SER A 53 18.67 6.29 -1.38
N SER A 54 18.55 7.53 -1.81
CA SER A 54 19.42 8.59 -1.34
C SER A 54 19.12 8.94 0.14
N ARG A 55 17.86 8.77 0.53
CA ARG A 55 17.42 9.12 1.87
C ARG A 55 17.44 7.93 2.82
N ILE A 56 17.19 6.75 2.30
CA ILE A 56 17.15 5.56 3.12
C ILE A 56 18.55 4.87 3.19
N PRO A 57 19.01 4.45 4.40
CA PRO A 57 20.28 3.73 4.60
C PRO A 57 20.45 2.52 3.66
N LEU A 58 21.70 2.32 3.25
CA LEU A 58 22.15 1.30 2.27
C LEU A 58 21.68 -0.11 2.66
N TYR A 59 21.64 -0.38 3.95
CA TYR A 59 21.29 -1.72 4.48
C TYR A 59 19.88 -2.10 4.06
N LEU A 60 19.01 -1.11 4.09
CA LEU A 60 17.60 -1.33 3.90
C LEU A 60 17.22 -1.46 2.41
N TRP A 61 18.18 -1.22 1.51
CA TRP A 61 17.93 -1.27 0.07
C TRP A 61 17.50 -2.66 -0.37
N SER A 62 18.11 -3.65 0.22
CA SER A 62 17.83 -5.03 -0.09
C SER A 62 16.86 -5.66 0.92
N LEU A 63 16.31 -4.84 1.79
CA LEU A 63 15.39 -5.32 2.81
C LEU A 63 13.98 -4.83 2.57
N VAL A 64 13.86 -3.59 2.15
CA VAL A 64 12.58 -2.99 1.87
C VAL A 64 12.03 -3.52 0.56
N LYS A 65 10.83 -4.03 0.60
CA LYS A 65 10.18 -4.53 -0.58
C LYS A 65 9.19 -3.51 -1.06
N ILE A 66 9.47 -2.92 -2.16
CA ILE A 66 8.61 -1.96 -2.78
C ILE A 66 7.83 -2.65 -3.88
N PRO A 67 6.65 -2.16 -4.25
CA PRO A 67 6.01 -0.94 -3.66
C PRO A 67 5.51 -1.11 -2.22
N PHE A 68 5.23 0.03 -1.59
CA PHE A 68 4.68 0.10 -0.26
C PHE A 68 3.18 -0.04 -0.39
N ILE A 69 2.57 -0.71 0.53
CA ILE A 69 1.14 -0.89 0.50
C ILE A 69 0.56 -0.15 1.70
N PHE A 70 -0.50 0.57 1.49
CA PHE A 70 -1.16 1.26 2.57
C PHE A 70 -2.63 0.96 2.53
N ILE A 71 -3.14 0.42 3.60
CA ILE A 71 -4.55 0.11 3.67
C ILE A 71 -5.24 1.26 4.36
N LYS A 72 -6.20 1.86 3.73
CA LYS A 72 -6.85 2.99 4.33
C LYS A 72 -7.91 2.51 5.32
N SER A 73 -7.99 3.22 6.44
CA SER A 73 -9.04 3.02 7.39
C SER A 73 -10.34 3.48 6.72
N SER A 74 -11.41 2.79 7.01
CA SER A 74 -12.68 2.97 6.33
C SER A 74 -13.23 4.40 6.33
N GLU A 75 -13.20 5.09 7.46
CA GLU A 75 -13.76 6.43 7.53
C GLU A 75 -12.82 7.39 8.24
N ILE A 76 -11.57 6.99 8.36
CA ILE A 76 -10.59 7.79 9.05
C ILE A 76 -9.38 7.94 8.12
N GLY A 77 -8.76 9.11 8.13
CA GLY A 77 -7.57 9.35 7.35
C GLY A 77 -6.32 8.76 8.00
N GLU A 78 -6.36 7.47 8.24
CA GLU A 78 -5.25 6.72 8.76
C GLU A 78 -5.02 5.56 7.83
N TYR A 79 -3.80 5.32 7.53
CA TYR A 79 -3.41 4.28 6.63
C TYR A 79 -2.49 3.30 7.30
N PHE A 80 -2.77 2.04 7.10
CA PHE A 80 -2.01 0.95 7.66
C PHE A 80 -0.84 0.64 6.76
N VAL A 81 0.34 0.89 7.24
CA VAL A 81 1.56 0.67 6.50
C VAL A 81 1.77 -0.82 6.39
N SER A 82 1.62 -1.31 5.22
CA SER A 82 1.71 -2.71 4.95
C SER A 82 3.00 -3.01 4.19
N GLY A 83 3.53 -4.17 4.46
CA GLY A 83 4.75 -4.59 3.87
C GLY A 83 5.63 -5.12 4.95
N GLU A 84 6.90 -5.15 4.66
CA GLU A 84 7.90 -5.65 5.57
C GLU A 84 8.09 -4.72 6.75
N GLN A 85 8.76 -5.19 7.78
CA GLN A 85 9.09 -4.35 8.93
C GLN A 85 10.05 -3.25 8.47
N TRP A 86 10.85 -3.58 7.45
CA TRP A 86 11.79 -2.68 6.87
C TRP A 86 11.07 -1.60 6.08
N ASN A 87 9.89 -1.93 5.54
CA ASN A 87 9.04 -0.96 4.81
C ASN A 87 8.55 0.09 5.75
N LYS A 88 8.17 -0.35 6.92
CA LYS A 88 7.64 0.50 7.96
C LYS A 88 8.78 1.33 8.54
N LYS A 89 9.95 0.72 8.61
CA LYS A 89 11.16 1.38 9.08
C LYS A 89 11.61 2.45 8.07
N ALA A 90 11.40 2.19 6.79
CA ALA A 90 11.70 3.13 5.72
C ALA A 90 10.87 4.38 5.91
N ILE A 91 9.58 4.19 6.13
CA ILE A 91 8.64 5.29 6.35
C ILE A 91 9.03 6.04 7.63
N SER A 92 9.47 5.29 8.61
CA SER A 92 9.90 5.81 9.89
C SER A 92 11.10 6.77 9.72
N ILE A 93 11.99 6.44 8.82
CA ILE A 93 13.17 7.24 8.59
C ILE A 93 12.87 8.42 7.66
N LEU A 94 12.06 8.18 6.62
CA LEU A 94 11.70 9.22 5.65
C LEU A 94 10.91 10.37 6.29
N LEU A 95 9.98 10.03 7.15
CA LEU A 95 9.12 11.02 7.77
C LEU A 95 9.72 11.54 9.06
N GLY A 96 10.49 10.71 9.70
CA GLY A 96 11.07 11.07 10.97
C GLY A 96 10.08 10.83 12.08
N ARG A 97 9.32 9.77 11.93
CA ARG A 97 8.30 9.38 12.88
C ARG A 97 8.41 7.90 13.09
N GLU A 98 8.11 7.43 14.27
CA GLU A 98 8.13 6.01 14.53
C GLU A 98 6.76 5.41 14.25
N ILE A 99 6.73 4.37 13.41
CA ILE A 99 5.49 3.75 12.96
C ILE A 99 5.21 2.44 13.69
N SER A 100 4.10 2.38 14.38
CA SER A 100 3.65 1.14 14.91
C SER A 100 2.98 0.34 13.80
N ASN A 101 1.88 0.89 13.26
CA ASN A 101 1.15 0.25 12.16
C ASN A 101 0.54 1.27 11.22
N VAL A 102 0.06 2.39 11.75
CA VAL A 102 -0.60 3.39 10.92
C VAL A 102 0.15 4.71 10.83
N ILE A 103 -0.15 5.43 9.78
CA ILE A 103 0.26 6.80 9.58
C ILE A 103 -0.96 7.56 9.16
N LEU A 104 -0.87 8.86 9.07
CA LEU A 104 -2.02 9.67 8.75
C LEU A 104 -2.09 9.94 7.27
N ASN A 105 -3.23 10.44 6.85
CA ASN A 105 -3.51 10.77 5.46
C ASN A 105 -2.57 11.86 4.99
N VAL A 106 -2.27 12.79 5.87
CA VAL A 106 -1.32 13.86 5.58
C VAL A 106 0.10 13.29 5.31
N ASP A 107 0.48 12.23 6.05
CA ASP A 107 1.79 11.57 5.87
C ASP A 107 1.82 10.90 4.53
N VAL A 108 0.74 10.21 4.22
CA VAL A 108 0.59 9.50 2.97
C VAL A 108 0.63 10.46 1.80
N GLU A 109 -0.05 11.60 1.93
CA GLU A 109 -0.03 12.62 0.89
C GLU A 109 1.37 13.16 0.60
N LYS A 110 2.20 13.30 1.65
CA LYS A 110 3.60 13.73 1.48
C LYS A 110 4.34 12.71 0.62
N LEU A 111 4.16 11.46 1.00
CA LEU A 111 4.79 10.34 0.35
C LEU A 111 4.26 10.15 -1.07
N LEU A 112 2.97 10.37 -1.27
CA LEU A 112 2.30 10.22 -2.57
C LEU A 112 2.90 11.06 -3.66
N ARG A 113 3.20 12.31 -3.38
CA ARG A 113 3.75 13.16 -4.44
C ARG A 113 5.24 12.95 -4.59
N GLU A 114 5.85 12.43 -3.54
CA GLU A 114 7.28 12.21 -3.57
C GLU A 114 7.60 10.86 -4.24
N TYR A 115 6.82 9.85 -3.93
CA TYR A 115 7.00 8.52 -4.45
C TYR A 115 5.63 7.98 -4.86
N THR A 116 5.20 8.24 -6.06
CA THR A 116 3.88 7.83 -6.48
C THR A 116 3.82 6.36 -6.88
N SER A 117 4.74 5.92 -7.72
CA SER A 117 4.69 4.56 -8.27
C SER A 117 5.10 3.52 -7.23
N LEU A 118 5.70 4.00 -6.17
CA LEU A 118 6.19 3.15 -5.13
C LEU A 118 5.10 2.93 -4.09
N ILE A 119 3.91 3.47 -4.32
CA ILE A 119 2.86 3.40 -3.33
C ILE A 119 1.54 2.85 -3.90
N PHE A 120 1.04 1.83 -3.23
CA PHE A 120 -0.25 1.26 -3.52
C PHE A 120 -1.20 1.51 -2.37
N ILE A 121 -2.16 2.36 -2.60
CA ILE A 121 -3.16 2.64 -1.61
C ILE A 121 -4.34 1.75 -1.86
N ILE A 122 -4.65 0.94 -0.89
CA ILE A 122 -5.72 0.02 -0.98
C ILE A 122 -6.79 0.48 -0.01
N LEU A 123 -7.98 0.64 -0.49
CA LEU A 123 -9.06 1.08 0.35
C LEU A 123 -9.72 -0.11 1.00
N SER A 124 -10.56 0.16 1.94
CA SER A 124 -11.34 -0.83 2.56
C SER A 124 -12.70 -0.90 1.85
N PRO A 125 -13.35 -2.08 1.81
CA PRO A 125 -14.63 -2.31 1.12
C PRO A 125 -15.84 -1.62 1.77
N THR A 126 -15.78 -0.31 1.88
CA THR A 126 -16.86 0.46 2.38
C THR A 126 -17.98 0.42 1.35
N ARG A 127 -17.72 1.08 0.19
CA ARG A 127 -18.62 1.12 -0.98
C ARG A 127 -20.01 1.66 -0.63
N SER A 128 -20.08 2.33 0.48
CA SER A 128 -21.28 2.84 0.98
C SER A 128 -20.99 4.18 1.58
N TYR A 129 -21.50 5.17 0.93
CA TYR A 129 -21.40 6.55 1.33
C TYR A 129 -22.70 7.13 0.88
N THR A 130 -23.19 8.15 1.54
CA THR A 130 -24.45 8.77 1.17
C THR A 130 -24.40 9.23 -0.30
N GLU A 131 -23.24 9.75 -0.68
CA GLU A 131 -23.01 10.20 -2.04
C GLU A 131 -22.88 9.01 -3.00
N GLU A 132 -21.95 8.10 -2.68
CA GLU A 132 -21.60 6.99 -3.57
C GLU A 132 -22.79 6.06 -3.80
N THR A 133 -23.46 5.66 -2.75
CA THR A 133 -24.55 4.72 -2.83
C THR A 133 -25.77 5.33 -3.56
N GLU A 134 -26.06 6.62 -3.33
CA GLU A 134 -27.20 7.25 -3.96
C GLU A 134 -26.99 7.33 -5.48
N LEU A 135 -25.79 7.69 -5.89
CA LEU A 135 -25.48 7.73 -7.31
C LEU A 135 -25.36 6.34 -7.92
N SER A 136 -24.90 5.38 -7.13
CA SER A 136 -24.84 3.98 -7.58
C SER A 136 -26.24 3.45 -7.90
N GLU A 137 -27.19 3.67 -7.00
CA GLU A 137 -28.55 3.19 -7.21
C GLU A 137 -29.28 3.99 -8.26
N MET A 138 -28.78 5.17 -8.54
CA MET A 138 -29.28 6.04 -9.60
C MET A 138 -28.97 5.38 -10.95
N LEU A 139 -27.76 4.84 -11.06
CA LEU A 139 -27.30 4.18 -12.26
C LEU A 139 -27.89 2.76 -12.37
N GLU A 140 -27.74 1.99 -11.29
CA GLU A 140 -28.22 0.58 -11.23
C GLU A 140 -29.74 0.49 -11.34
N HIS A 141 -30.40 1.56 -10.90
CA HIS A 141 -31.86 1.70 -10.88
C HIS A 141 -32.47 0.73 -9.90
N HIS A 142 -32.40 1.07 -8.63
CA HIS A 142 -32.97 0.22 -7.59
C HIS A 142 -34.21 0.80 -7.00
N HIS A 143 -34.31 2.11 -7.02
CA HIS A 143 -35.48 2.77 -6.44
C HIS A 143 -36.63 2.74 -7.44
N HIS A 144 -36.28 2.66 -8.72
CA HIS A 144 -37.26 2.49 -9.78
C HIS A 144 -36.84 1.39 -10.70
N HIS A 145 -37.58 0.30 -10.68
CA HIS A 145 -37.38 -0.81 -11.59
C HIS A 145 -38.62 -1.70 -11.58
N HIS A 146 -39.19 -1.86 -12.73
CA HIS A 146 -40.34 -2.71 -12.92
C HIS A 146 -40.28 -3.33 -14.27
N MET A 1 2.18 -31.34 -2.52
CA MET A 1 1.81 -30.13 -3.25
C MET A 1 0.60 -30.37 -4.09
N ILE A 2 -0.48 -29.68 -3.80
CA ILE A 2 -1.66 -29.72 -4.63
C ILE A 2 -1.54 -28.58 -5.63
N ASP A 3 -1.11 -27.42 -5.09
CA ASP A 3 -0.81 -26.16 -5.84
C ASP A 3 -1.85 -25.72 -6.87
N LYS A 4 -3.08 -26.12 -6.69
CA LYS A 4 -4.08 -25.83 -7.66
C LYS A 4 -4.86 -24.58 -7.25
N ILE A 5 -4.61 -23.49 -7.97
CA ILE A 5 -5.28 -22.18 -7.82
C ILE A 5 -4.80 -21.40 -6.58
N PHE A 6 -4.81 -22.08 -5.42
CA PHE A 6 -4.49 -21.51 -4.13
C PHE A 6 -5.59 -20.56 -3.67
N GLU A 7 -6.55 -21.09 -2.98
CA GLU A 7 -7.60 -20.28 -2.45
C GLU A 7 -7.11 -19.59 -1.18
N ILE A 8 -6.70 -18.37 -1.36
CA ILE A 8 -6.20 -17.54 -0.29
C ILE A 8 -7.38 -16.79 0.38
N GLY A 9 -8.46 -16.62 -0.37
CA GLY A 9 -9.59 -15.89 0.15
C GLY A 9 -9.48 -14.40 -0.06
N LEU A 10 -8.37 -13.96 -0.63
CA LEU A 10 -8.14 -12.54 -0.84
C LEU A 10 -7.69 -12.23 -2.27
N LYS A 11 -7.82 -13.18 -3.20
CA LYS A 11 -7.25 -12.96 -4.55
C LYS A 11 -8.12 -12.08 -5.43
N ASP A 12 -9.37 -11.99 -5.08
CA ASP A 12 -10.31 -11.12 -5.81
C ASP A 12 -10.28 -9.73 -5.26
N ILE A 13 -10.05 -9.65 -3.96
CA ILE A 13 -10.01 -8.39 -3.24
C ILE A 13 -8.67 -7.69 -3.51
N PHE A 14 -7.60 -8.43 -3.34
CA PHE A 14 -6.25 -7.93 -3.54
C PHE A 14 -5.74 -8.30 -4.92
N SER A 15 -6.68 -8.41 -5.86
CA SER A 15 -6.39 -8.75 -7.24
C SER A 15 -5.46 -7.73 -7.90
N SER A 16 -5.70 -6.48 -7.63
CA SER A 16 -4.94 -5.41 -8.22
C SER A 16 -3.78 -4.99 -7.32
N SER A 17 -3.57 -5.76 -6.27
CA SER A 17 -2.47 -5.55 -5.38
C SER A 17 -1.29 -6.40 -5.87
N PRO A 18 -0.02 -6.01 -5.57
CA PRO A 18 1.16 -6.74 -6.05
C PRO A 18 1.23 -8.18 -5.56
N ALA A 19 1.65 -9.05 -6.44
CA ALA A 19 1.85 -10.45 -6.15
C ALA A 19 3.33 -10.70 -5.91
N GLU A 20 4.15 -9.81 -6.42
CA GLU A 20 5.57 -9.88 -6.26
C GLU A 20 6.08 -8.50 -6.01
N TYR A 21 7.16 -8.40 -5.29
CA TYR A 21 7.75 -7.15 -4.92
C TYR A 21 9.20 -7.19 -5.29
N VAL A 22 9.82 -6.06 -5.33
CA VAL A 22 11.23 -5.97 -5.59
C VAL A 22 11.83 -5.13 -4.49
N THR A 23 13.08 -5.24 -4.22
CA THR A 23 13.66 -4.38 -3.23
C THR A 23 14.02 -3.04 -3.86
N ILE A 24 14.54 -2.13 -3.08
CA ILE A 24 14.96 -0.83 -3.57
C ILE A 24 16.17 -1.07 -4.45
N LYS A 25 16.96 -2.02 -4.00
CA LYS A 25 18.17 -2.41 -4.65
C LYS A 25 17.83 -3.10 -5.99
N ASP A 26 16.71 -3.85 -6.01
CA ASP A 26 16.23 -4.52 -7.24
C ASP A 26 15.73 -3.54 -8.25
N ALA A 27 15.03 -2.53 -7.79
CA ALA A 27 14.49 -1.52 -8.67
C ALA A 27 15.60 -0.67 -9.29
N LEU A 28 16.66 -0.45 -8.53
CA LEU A 28 17.85 0.23 -9.02
C LEU A 28 18.59 -0.67 -10.01
N ASP A 29 18.43 -1.97 -9.81
CA ASP A 29 18.99 -3.00 -10.69
C ASP A 29 18.19 -3.11 -12.01
N GLY A 30 17.04 -2.48 -12.05
CA GLY A 30 16.24 -2.47 -13.25
C GLY A 30 15.01 -3.34 -13.18
N LYS A 31 14.70 -3.84 -12.00
CA LYS A 31 13.49 -4.59 -11.80
C LYS A 31 12.38 -3.61 -11.47
N LEU A 32 11.72 -3.14 -12.50
CA LEU A 32 10.74 -2.07 -12.38
C LEU A 32 9.37 -2.50 -12.83
N LYS A 33 9.13 -3.77 -12.82
CA LYS A 33 7.85 -4.25 -13.19
C LYS A 33 7.43 -5.27 -12.19
N ILE A 34 6.35 -5.01 -11.52
CA ILE A 34 5.83 -5.95 -10.58
C ILE A 34 4.50 -6.49 -11.04
N ARG A 35 4.23 -7.69 -10.67
CA ARG A 35 3.03 -8.39 -11.05
C ARG A 35 1.98 -8.13 -10.00
N LEU A 36 0.75 -8.12 -10.41
CA LEU A 36 -0.37 -8.04 -9.52
C LEU A 36 -0.95 -9.44 -9.39
N ASN A 37 -1.84 -9.63 -8.44
CA ASN A 37 -2.43 -10.96 -8.18
C ASN A 37 -3.32 -11.43 -9.32
N ASN A 38 -3.91 -10.50 -10.02
CA ASN A 38 -4.75 -10.77 -11.21
C ASN A 38 -3.87 -10.92 -12.47
N ASN A 39 -2.55 -10.92 -12.26
CA ASN A 39 -1.52 -11.18 -13.30
C ASN A 39 -1.27 -10.02 -14.24
N PHE A 40 -1.72 -8.84 -13.87
CA PHE A 40 -1.43 -7.65 -14.63
C PHE A 40 -0.11 -7.07 -14.12
N TYR A 41 0.49 -6.15 -14.85
CA TYR A 41 1.77 -5.62 -14.45
C TYR A 41 1.72 -4.13 -14.18
N HIS A 42 2.45 -3.71 -13.19
CA HIS A 42 2.54 -2.31 -12.81
C HIS A 42 4.01 -1.89 -12.85
N GLU A 43 4.28 -0.79 -13.49
CA GLU A 43 5.63 -0.26 -13.59
C GLU A 43 6.00 0.57 -12.40
N ILE A 44 7.22 0.49 -12.04
CA ILE A 44 7.80 1.26 -11.00
C ILE A 44 8.75 2.29 -11.66
N LYS A 45 8.74 3.52 -11.18
CA LYS A 45 9.64 4.54 -11.69
C LYS A 45 10.92 4.51 -10.90
N LYS A 46 12.02 4.23 -11.59
CA LYS A 46 13.34 4.13 -10.98
C LYS A 46 13.79 5.47 -10.40
N ASP A 47 13.31 6.54 -11.02
CA ASP A 47 13.58 7.93 -10.58
C ASP A 47 13.20 8.11 -9.12
N GLU A 48 12.02 7.64 -8.79
CA GLU A 48 11.48 7.78 -7.45
C GLU A 48 12.21 6.85 -6.48
N VAL A 49 12.74 5.76 -7.02
CA VAL A 49 13.52 4.81 -6.24
C VAL A 49 14.90 5.43 -5.91
N GLU A 50 15.43 6.19 -6.86
CA GLU A 50 16.72 6.82 -6.70
C GLU A 50 16.73 7.91 -5.65
N LYS A 51 15.66 8.68 -5.59
CA LYS A 51 15.51 9.71 -4.56
C LYS A 51 15.10 9.11 -3.20
N LEU A 52 14.56 7.91 -3.25
CA LEU A 52 14.25 7.14 -2.06
C LEU A 52 15.53 6.63 -1.42
N SER A 53 16.32 5.94 -2.22
CA SER A 53 17.56 5.30 -1.79
C SER A 53 18.60 6.28 -1.23
N SER A 54 18.54 7.53 -1.65
CA SER A 54 19.47 8.53 -1.16
C SER A 54 19.05 9.09 0.22
N ARG A 55 17.86 8.69 0.69
CA ARG A 55 17.38 9.10 2.01
C ARG A 55 17.40 7.93 2.98
N ILE A 56 17.14 6.76 2.47
CA ILE A 56 17.06 5.58 3.29
C ILE A 56 18.43 4.86 3.38
N PRO A 57 18.86 4.46 4.62
CA PRO A 57 20.10 3.72 4.86
C PRO A 57 20.30 2.51 3.93
N LEU A 58 21.55 2.32 3.53
CA LEU A 58 22.01 1.30 2.57
C LEU A 58 21.53 -0.11 2.98
N TYR A 59 21.48 -0.39 4.30
CA TYR A 59 21.07 -1.72 4.83
C TYR A 59 19.70 -2.10 4.30
N LEU A 60 18.82 -1.12 4.27
CA LEU A 60 17.42 -1.33 4.02
C LEU A 60 17.10 -1.44 2.52
N TRP A 61 18.07 -1.18 1.66
CA TRP A 61 17.85 -1.24 0.20
C TRP A 61 17.43 -2.63 -0.24
N SER A 62 18.02 -3.63 0.36
CA SER A 62 17.74 -5.00 0.06
C SER A 62 16.74 -5.63 1.04
N LEU A 63 16.17 -4.80 1.90
CA LEU A 63 15.25 -5.27 2.90
C LEU A 63 13.85 -4.74 2.64
N VAL A 64 13.77 -3.50 2.20
CA VAL A 64 12.51 -2.89 1.88
C VAL A 64 12.04 -3.35 0.53
N LYS A 65 10.92 -4.03 0.53
CA LYS A 65 10.34 -4.49 -0.69
C LYS A 65 9.27 -3.53 -1.13
N ILE A 66 9.51 -2.90 -2.23
CA ILE A 66 8.60 -1.95 -2.79
C ILE A 66 7.80 -2.67 -3.88
N PRO A 67 6.59 -2.19 -4.24
CA PRO A 67 5.96 -0.95 -3.69
C PRO A 67 5.47 -1.07 -2.23
N PHE A 68 5.21 0.08 -1.62
CA PHE A 68 4.69 0.17 -0.27
C PHE A 68 3.18 0.04 -0.34
N ILE A 69 2.61 -0.75 0.54
CA ILE A 69 1.18 -0.91 0.56
C ILE A 69 0.61 -0.16 1.75
N PHE A 70 -0.41 0.61 1.53
CA PHE A 70 -1.07 1.31 2.60
C PHE A 70 -2.54 1.01 2.57
N ILE A 71 -3.04 0.44 3.64
CA ILE A 71 -4.44 0.11 3.73
C ILE A 71 -5.16 1.31 4.34
N LYS A 72 -6.20 1.77 3.68
CA LYS A 72 -7.00 2.87 4.17
C LYS A 72 -7.83 2.43 5.39
N SER A 73 -7.77 3.21 6.46
CA SER A 73 -8.60 3.01 7.63
C SER A 73 -10.08 3.20 7.23
N SER A 74 -10.98 2.52 7.92
CA SER A 74 -12.36 2.47 7.52
C SER A 74 -13.04 3.84 7.41
N GLU A 75 -12.86 4.71 8.38
CA GLU A 75 -13.52 6.01 8.34
C GLU A 75 -12.62 7.13 8.80
N ILE A 76 -11.35 6.85 8.95
CA ILE A 76 -10.43 7.85 9.46
C ILE A 76 -9.28 7.97 8.45
N GLY A 77 -8.65 9.13 8.39
CA GLY A 77 -7.52 9.36 7.51
C GLY A 77 -6.24 8.78 8.09
N GLU A 78 -6.25 7.49 8.27
CA GLU A 78 -5.11 6.74 8.77
C GLU A 78 -4.82 5.69 7.74
N TYR A 79 -3.59 5.32 7.63
CA TYR A 79 -3.20 4.28 6.71
C TYR A 79 -2.33 3.28 7.40
N PHE A 80 -2.68 2.04 7.22
CA PHE A 80 -1.96 0.94 7.79
C PHE A 80 -0.83 0.57 6.87
N VAL A 81 0.35 0.84 7.33
CA VAL A 81 1.56 0.61 6.60
C VAL A 81 1.76 -0.89 6.47
N SER A 82 1.70 -1.36 5.28
CA SER A 82 1.81 -2.74 4.98
C SER A 82 3.11 -3.01 4.22
N GLY A 83 3.62 -4.21 4.38
CA GLY A 83 4.85 -4.60 3.81
C GLY A 83 5.65 -5.27 4.88
N GLU A 84 6.92 -5.27 4.75
CA GLU A 84 7.77 -5.87 5.75
C GLU A 84 8.04 -4.85 6.85
N GLN A 85 8.67 -5.28 7.94
CA GLN A 85 9.00 -4.36 9.05
C GLN A 85 9.99 -3.31 8.58
N TRP A 86 10.74 -3.66 7.56
CA TRP A 86 11.72 -2.79 6.98
C TRP A 86 11.03 -1.66 6.22
N ASN A 87 9.89 -1.97 5.62
CA ASN A 87 9.05 -0.98 4.91
C ASN A 87 8.55 0.06 5.88
N LYS A 88 8.17 -0.43 7.05
CA LYS A 88 7.65 0.41 8.11
C LYS A 88 8.77 1.27 8.70
N LYS A 89 9.96 0.68 8.81
CA LYS A 89 11.15 1.37 9.29
C LYS A 89 11.58 2.45 8.30
N ALA A 90 11.39 2.17 7.01
CA ALA A 90 11.70 3.12 5.95
C ALA A 90 10.83 4.35 6.10
N ILE A 91 9.55 4.13 6.33
CA ILE A 91 8.57 5.19 6.50
C ILE A 91 8.90 6.04 7.74
N SER A 92 9.45 5.38 8.76
CA SER A 92 9.86 6.04 9.99
C SER A 92 10.98 7.04 9.73
N ILE A 93 11.89 6.69 8.83
CA ILE A 93 13.04 7.50 8.51
C ILE A 93 12.67 8.61 7.51
N LEU A 94 11.84 8.26 6.54
CA LEU A 94 11.40 9.21 5.50
C LEU A 94 10.52 10.32 6.07
N LEU A 95 9.58 9.94 6.91
CA LEU A 95 8.64 10.88 7.46
C LEU A 95 9.11 11.49 8.75
N GLY A 96 9.95 10.76 9.44
CA GLY A 96 10.43 11.20 10.72
C GLY A 96 9.37 11.01 11.77
N ARG A 97 8.64 9.91 11.65
CA ARG A 97 7.56 9.58 12.55
C ARG A 97 7.79 8.25 13.22
N GLU A 98 7.02 8.01 14.24
CA GLU A 98 7.00 6.76 14.93
C GLU A 98 5.96 5.84 14.26
N ILE A 99 6.39 4.78 13.65
CA ILE A 99 5.43 3.89 13.04
C ILE A 99 5.18 2.69 13.91
N SER A 100 3.99 2.62 14.42
CA SER A 100 3.51 1.45 15.06
C SER A 100 3.04 0.53 13.93
N ASN A 101 1.92 0.91 13.33
CA ASN A 101 1.39 0.30 12.14
C ASN A 101 0.71 1.32 11.24
N VAL A 102 0.48 2.53 11.74
CA VAL A 102 -0.24 3.53 10.96
C VAL A 102 0.48 4.85 10.87
N ILE A 103 0.16 5.57 9.83
CA ILE A 103 0.54 6.95 9.62
C ILE A 103 -0.71 7.69 9.20
N LEU A 104 -0.65 8.98 9.11
CA LEU A 104 -1.82 9.76 8.77
C LEU A 104 -1.94 9.93 7.27
N ASN A 105 -3.14 10.31 6.84
CA ASN A 105 -3.48 10.52 5.42
C ASN A 105 -2.60 11.62 4.83
N VAL A 106 -2.38 12.66 5.62
CA VAL A 106 -1.52 13.77 5.22
C VAL A 106 -0.08 13.28 4.97
N ASP A 107 0.37 12.31 5.75
CA ASP A 107 1.71 11.75 5.62
C ASP A 107 1.81 10.86 4.41
N VAL A 108 0.74 10.17 4.10
CA VAL A 108 0.67 9.35 2.91
C VAL A 108 0.71 10.26 1.68
N GLU A 109 0.02 11.41 1.77
CA GLU A 109 0.04 12.38 0.70
C GLU A 109 1.46 12.94 0.49
N LYS A 110 2.19 13.15 1.58
CA LYS A 110 3.60 13.60 1.51
C LYS A 110 4.42 12.57 0.72
N LEU A 111 4.17 11.30 1.01
CA LEU A 111 4.84 10.21 0.35
C LEU A 111 4.41 10.06 -1.11
N LEU A 112 3.12 10.24 -1.38
CA LEU A 112 2.56 10.14 -2.74
C LEU A 112 3.19 11.15 -3.69
N ARG A 113 3.32 12.39 -3.23
CA ARG A 113 3.90 13.47 -4.04
C ARG A 113 5.38 13.21 -4.26
N GLU A 114 5.98 12.53 -3.31
CA GLU A 114 7.39 12.26 -3.34
C GLU A 114 7.69 11.03 -4.21
N TYR A 115 6.92 9.97 -4.01
CA TYR A 115 7.10 8.69 -4.67
C TYR A 115 5.71 8.15 -5.06
N THR A 116 5.26 8.42 -6.25
CA THR A 116 3.93 7.97 -6.63
C THR A 116 3.90 6.48 -7.04
N SER A 117 4.87 6.07 -7.85
CA SER A 117 4.85 4.72 -8.42
C SER A 117 5.24 3.65 -7.40
N LEU A 118 5.77 4.09 -6.28
CA LEU A 118 6.23 3.19 -5.26
C LEU A 118 5.14 2.91 -4.26
N ILE A 119 3.93 3.40 -4.50
CA ILE A 119 2.88 3.25 -3.51
C ILE A 119 1.59 2.63 -4.08
N PHE A 120 1.08 1.68 -3.32
CA PHE A 120 -0.21 1.05 -3.56
C PHE A 120 -1.12 1.31 -2.39
N ILE A 121 -2.12 2.11 -2.63
CA ILE A 121 -3.09 2.39 -1.61
C ILE A 121 -4.27 1.47 -1.81
N ILE A 122 -4.56 0.70 -0.80
CA ILE A 122 -5.67 -0.20 -0.83
C ILE A 122 -6.81 0.47 -0.11
N LEU A 123 -7.72 1.00 -0.87
CA LEU A 123 -8.86 1.69 -0.32
C LEU A 123 -9.87 0.69 0.20
N SER A 124 -10.10 0.75 1.48
CA SER A 124 -11.10 -0.06 2.11
C SER A 124 -12.41 0.72 2.00
N PRO A 125 -13.35 0.26 1.18
CA PRO A 125 -14.55 1.00 0.92
C PRO A 125 -15.63 0.80 1.97
N THR A 126 -15.86 1.82 2.71
CA THR A 126 -16.95 1.90 3.66
C THR A 126 -18.11 2.64 3.01
N ARG A 127 -18.33 2.30 1.76
CA ARG A 127 -19.33 2.89 0.95
C ARG A 127 -20.21 1.79 0.43
N SER A 128 -21.24 1.48 1.17
CA SER A 128 -22.17 0.47 0.78
C SER A 128 -23.10 1.04 -0.26
N TYR A 129 -23.47 0.22 -1.21
CA TYR A 129 -24.35 0.66 -2.27
C TYR A 129 -25.73 0.84 -1.69
N THR A 130 -26.45 1.81 -2.18
CA THR A 130 -27.76 2.12 -1.66
C THR A 130 -28.75 0.95 -1.82
N GLU A 131 -28.61 0.17 -2.89
CA GLU A 131 -29.43 -1.05 -3.07
C GLU A 131 -29.05 -2.12 -2.03
N GLU A 132 -27.77 -2.17 -1.71
CA GLU A 132 -27.20 -3.08 -0.74
C GLU A 132 -27.65 -2.69 0.66
N THR A 133 -27.60 -1.39 0.93
CA THR A 133 -28.08 -0.83 2.15
C THR A 133 -29.58 -1.06 2.29
N GLU A 134 -30.32 -0.87 1.20
CA GLU A 134 -31.77 -1.03 1.17
C GLU A 134 -32.15 -2.45 1.61
N LEU A 135 -31.45 -3.46 1.08
CA LEU A 135 -31.68 -4.85 1.45
C LEU A 135 -31.30 -5.13 2.90
N SER A 136 -30.28 -4.48 3.37
CA SER A 136 -29.85 -4.64 4.75
C SER A 136 -30.84 -3.92 5.70
N GLU A 137 -31.38 -2.83 5.25
CA GLU A 137 -32.40 -2.09 5.98
C GLU A 137 -33.75 -2.81 5.89
N MET A 138 -33.86 -3.69 4.94
CA MET A 138 -35.06 -4.47 4.69
C MET A 138 -35.07 -5.75 5.52
N LEU A 139 -34.00 -6.50 5.44
CA LEU A 139 -33.89 -7.79 6.10
C LEU A 139 -33.36 -7.68 7.52
N GLU A 140 -32.23 -7.02 7.71
CA GLU A 140 -31.57 -6.94 9.00
C GLU A 140 -32.27 -5.91 9.89
N HIS A 141 -32.73 -4.86 9.29
CA HIS A 141 -33.46 -3.83 10.00
C HIS A 141 -34.83 -3.78 9.40
N HIS A 142 -35.65 -2.84 9.80
CA HIS A 142 -36.96 -2.69 9.17
C HIS A 142 -37.22 -1.27 8.77
N HIS A 143 -36.31 -0.76 7.93
CA HIS A 143 -36.35 0.59 7.39
C HIS A 143 -36.41 1.62 8.52
N HIS A 144 -37.09 2.72 8.32
CA HIS A 144 -37.20 3.70 9.38
C HIS A 144 -38.53 3.50 10.06
N HIS A 145 -38.50 3.31 11.36
CA HIS A 145 -39.71 3.05 12.12
C HIS A 145 -40.39 4.33 12.54
N HIS A 146 -39.58 5.36 12.77
CA HIS A 146 -40.03 6.65 13.33
C HIS A 146 -40.42 6.42 14.78
N MET A 1 1.90 -19.90 1.53
CA MET A 1 1.51 -20.80 2.61
C MET A 1 0.04 -20.64 2.85
N ILE A 2 -0.63 -21.71 3.25
CA ILE A 2 -2.05 -21.68 3.45
C ILE A 2 -2.34 -21.11 4.82
N ASP A 3 -2.75 -19.88 4.83
CA ASP A 3 -3.06 -19.20 6.07
C ASP A 3 -4.52 -18.86 6.09
N LYS A 4 -5.25 -19.64 6.85
CA LYS A 4 -6.70 -19.56 7.03
C LYS A 4 -7.45 -19.99 5.78
N ILE A 5 -7.57 -21.32 5.63
CA ILE A 5 -8.32 -22.00 4.54
C ILE A 5 -7.62 -21.93 3.17
N PHE A 6 -7.26 -20.76 2.73
CA PHE A 6 -6.57 -20.56 1.47
C PHE A 6 -5.30 -19.77 1.73
N GLU A 7 -4.57 -19.46 0.71
CA GLU A 7 -3.41 -18.61 0.87
C GLU A 7 -3.87 -17.16 0.76
N ILE A 8 -4.48 -16.69 1.85
CA ILE A 8 -5.12 -15.37 1.94
C ILE A 8 -6.42 -15.35 1.12
N GLY A 9 -7.54 -15.42 1.82
CA GLY A 9 -8.86 -15.44 1.19
C GLY A 9 -9.34 -14.04 0.82
N LEU A 10 -8.46 -13.08 0.95
CA LEU A 10 -8.74 -11.71 0.60
C LEU A 10 -8.04 -11.39 -0.72
N LYS A 11 -7.68 -12.45 -1.45
CA LYS A 11 -6.95 -12.38 -2.72
C LYS A 11 -7.66 -11.47 -3.72
N ASP A 12 -8.98 -11.51 -3.74
CA ASP A 12 -9.77 -10.71 -4.68
C ASP A 12 -9.77 -9.25 -4.34
N ILE A 13 -9.71 -8.94 -3.06
CA ILE A 13 -9.63 -7.55 -2.62
C ILE A 13 -8.27 -7.00 -3.03
N PHE A 14 -7.26 -7.79 -2.80
CA PHE A 14 -5.90 -7.42 -3.07
C PHE A 14 -5.43 -7.90 -4.44
N SER A 15 -6.36 -8.13 -5.37
CA SER A 15 -6.00 -8.57 -6.71
C SER A 15 -5.21 -7.51 -7.47
N SER A 16 -5.54 -6.27 -7.20
CA SER A 16 -4.88 -5.15 -7.84
C SER A 16 -3.60 -4.74 -7.09
N SER A 17 -3.31 -5.44 -6.01
CA SER A 17 -2.13 -5.19 -5.21
C SER A 17 -0.97 -6.08 -5.70
N PRO A 18 0.31 -5.71 -5.43
CA PRO A 18 1.47 -6.48 -5.88
C PRO A 18 1.56 -7.87 -5.22
N ALA A 19 1.77 -8.86 -6.06
CA ALA A 19 1.88 -10.24 -5.66
C ALA A 19 3.29 -10.53 -5.21
N GLU A 20 4.21 -9.79 -5.75
CA GLU A 20 5.61 -9.94 -5.48
C GLU A 20 6.25 -8.59 -5.53
N TYR A 21 7.35 -8.46 -4.86
CA TYR A 21 7.99 -7.19 -4.69
C TYR A 21 9.42 -7.29 -5.13
N VAL A 22 10.02 -6.17 -5.29
CA VAL A 22 11.43 -6.08 -5.62
C VAL A 22 12.05 -5.19 -4.56
N THR A 23 13.30 -5.35 -4.30
CA THR A 23 13.91 -4.49 -3.32
C THR A 23 14.25 -3.15 -3.94
N ILE A 24 14.67 -2.22 -3.14
CA ILE A 24 15.14 -0.94 -3.61
C ILE A 24 16.34 -1.17 -4.53
N LYS A 25 17.21 -2.11 -4.11
CA LYS A 25 18.36 -2.52 -4.92
C LYS A 25 17.92 -3.10 -6.26
N ASP A 26 16.89 -3.95 -6.23
CA ASP A 26 16.34 -4.55 -7.46
C ASP A 26 15.80 -3.50 -8.39
N ALA A 27 15.13 -2.53 -7.84
CA ALA A 27 14.56 -1.46 -8.63
C ALA A 27 15.66 -0.55 -9.21
N LEU A 28 16.71 -0.31 -8.44
CA LEU A 28 17.89 0.44 -8.92
C LEU A 28 18.59 -0.37 -10.02
N ASP A 29 18.50 -1.68 -9.89
CA ASP A 29 19.02 -2.67 -10.85
C ASP A 29 18.22 -2.65 -12.17
N GLY A 30 17.05 -2.06 -12.12
CA GLY A 30 16.22 -1.97 -13.29
C GLY A 30 15.03 -2.89 -13.26
N LYS A 31 14.80 -3.54 -12.12
CA LYS A 31 13.64 -4.36 -11.93
C LYS A 31 12.50 -3.45 -11.55
N LEU A 32 11.86 -2.93 -12.54
CA LEU A 32 10.86 -1.91 -12.39
C LEU A 32 9.52 -2.39 -12.83
N LYS A 33 9.28 -3.66 -12.73
CA LYS A 33 8.02 -4.17 -13.13
C LYS A 33 7.59 -5.27 -12.20
N ILE A 34 6.52 -5.03 -11.50
CA ILE A 34 6.03 -5.99 -10.55
C ILE A 34 4.72 -6.60 -10.99
N ARG A 35 4.54 -7.83 -10.59
CA ARG A 35 3.34 -8.58 -10.87
C ARG A 35 2.33 -8.35 -9.76
N LEU A 36 1.12 -8.16 -10.16
CA LEU A 36 0.00 -7.99 -9.27
C LEU A 36 -0.63 -9.34 -8.99
N ASN A 37 -1.52 -9.40 -8.02
CA ASN A 37 -2.23 -10.65 -7.65
C ASN A 37 -3.20 -11.12 -8.71
N ASN A 38 -3.53 -10.25 -9.60
CA ASN A 38 -4.34 -10.55 -10.79
C ASN A 38 -3.45 -10.87 -12.00
N ASN A 39 -2.13 -10.90 -11.75
CA ASN A 39 -1.09 -11.25 -12.74
C ASN A 39 -0.82 -10.16 -13.78
N PHE A 40 -1.36 -8.96 -13.55
CA PHE A 40 -1.03 -7.83 -14.39
C PHE A 40 0.26 -7.18 -13.90
N TYR A 41 0.84 -6.33 -14.69
CA TYR A 41 2.11 -5.74 -14.32
C TYR A 41 1.99 -4.24 -14.15
N HIS A 42 2.75 -3.73 -13.20
CA HIS A 42 2.80 -2.30 -12.91
C HIS A 42 4.25 -1.85 -12.98
N GLU A 43 4.49 -0.70 -13.58
CA GLU A 43 5.82 -0.17 -13.72
C GLU A 43 6.18 0.72 -12.55
N ILE A 44 7.34 0.46 -12.03
CA ILE A 44 7.90 1.17 -10.92
C ILE A 44 8.86 2.20 -11.50
N LYS A 45 8.81 3.42 -11.01
CA LYS A 45 9.68 4.44 -11.50
C LYS A 45 10.94 4.51 -10.71
N LYS A 46 12.02 4.33 -11.42
CA LYS A 46 13.35 4.28 -10.86
C LYS A 46 13.75 5.62 -10.28
N ASP A 47 13.24 6.69 -10.88
CA ASP A 47 13.49 8.07 -10.40
C ASP A 47 13.08 8.19 -8.96
N GLU A 48 11.91 7.64 -8.66
CA GLU A 48 11.35 7.71 -7.33
C GLU A 48 12.07 6.77 -6.38
N VAL A 49 12.69 5.74 -6.92
CA VAL A 49 13.48 4.81 -6.13
C VAL A 49 14.81 5.49 -5.77
N GLU A 50 15.39 6.19 -6.73
CA GLU A 50 16.66 6.87 -6.54
C GLU A 50 16.60 7.96 -5.47
N LYS A 51 15.53 8.75 -5.49
CA LYS A 51 15.33 9.81 -4.47
C LYS A 51 15.05 9.18 -3.09
N LEU A 52 14.42 8.00 -3.11
CA LEU A 52 14.11 7.22 -1.92
C LEU A 52 15.40 6.74 -1.26
N SER A 53 16.23 6.09 -2.08
CA SER A 53 17.49 5.47 -1.67
C SER A 53 18.43 6.45 -0.93
N SER A 54 18.44 7.70 -1.36
CA SER A 54 19.30 8.70 -0.75
C SER A 54 18.88 9.04 0.69
N ARG A 55 17.62 8.82 1.00
CA ARG A 55 17.08 9.16 2.32
C ARG A 55 17.14 7.97 3.26
N ILE A 56 16.98 6.79 2.71
CA ILE A 56 16.95 5.57 3.48
C ILE A 56 18.34 4.87 3.47
N PRO A 57 18.84 4.41 4.66
CA PRO A 57 20.11 3.67 4.76
C PRO A 57 20.23 2.49 3.78
N LEU A 58 21.44 2.31 3.26
CA LEU A 58 21.82 1.27 2.27
C LEU A 58 21.37 -0.14 2.66
N TYR A 59 21.43 -0.43 3.95
CA TYR A 59 21.11 -1.77 4.49
C TYR A 59 19.70 -2.13 4.14
N LEU A 60 18.87 -1.11 4.15
CA LEU A 60 17.46 -1.28 3.96
C LEU A 60 17.11 -1.37 2.48
N TRP A 61 18.05 -1.09 1.59
CA TRP A 61 17.79 -1.16 0.16
C TRP A 61 17.50 -2.61 -0.26
N SER A 62 18.09 -3.55 0.44
CA SER A 62 17.89 -4.95 0.18
C SER A 62 16.85 -5.57 1.13
N LEU A 63 16.26 -4.74 1.95
CA LEU A 63 15.31 -5.21 2.92
C LEU A 63 13.91 -4.69 2.62
N VAL A 64 13.84 -3.44 2.23
CA VAL A 64 12.58 -2.82 1.89
C VAL A 64 12.19 -3.27 0.51
N LYS A 65 11.07 -3.91 0.45
CA LYS A 65 10.57 -4.44 -0.77
C LYS A 65 9.42 -3.57 -1.22
N ILE A 66 9.62 -2.92 -2.32
CA ILE A 66 8.67 -2.03 -2.89
C ILE A 66 7.88 -2.77 -3.98
N PRO A 67 6.67 -2.31 -4.34
CA PRO A 67 6.02 -1.09 -3.82
C PRO A 67 5.47 -1.22 -2.39
N PHE A 68 5.19 -0.07 -1.80
CA PHE A 68 4.63 0.03 -0.46
C PHE A 68 3.12 -0.08 -0.58
N ILE A 69 2.52 -0.76 0.35
CA ILE A 69 1.08 -0.88 0.38
C ILE A 69 0.58 -0.17 1.62
N PHE A 70 -0.48 0.58 1.50
CA PHE A 70 -1.08 1.25 2.62
C PHE A 70 -2.56 0.97 2.65
N ILE A 71 -3.03 0.42 3.74
CA ILE A 71 -4.43 0.10 3.90
C ILE A 71 -5.09 1.30 4.55
N LYS A 72 -6.11 1.83 3.95
CA LYS A 72 -6.76 2.96 4.55
C LYS A 72 -7.71 2.47 5.64
N SER A 73 -7.86 3.26 6.68
CA SER A 73 -8.79 2.97 7.72
C SER A 73 -10.21 3.09 7.16
N SER A 74 -11.14 2.40 7.76
CA SER A 74 -12.50 2.31 7.26
C SER A 74 -13.19 3.67 7.15
N GLU A 75 -13.06 4.50 8.16
CA GLU A 75 -13.71 5.81 8.18
C GLU A 75 -12.75 6.91 8.64
N ILE A 76 -11.47 6.59 8.71
CA ILE A 76 -10.51 7.54 9.25
C ILE A 76 -9.39 7.77 8.22
N GLY A 77 -8.86 8.98 8.19
CA GLY A 77 -7.75 9.33 7.32
C GLY A 77 -6.42 8.88 7.92
N GLU A 78 -6.30 7.59 8.13
CA GLU A 78 -5.10 6.97 8.63
C GLU A 78 -4.84 5.77 7.77
N TYR A 79 -3.60 5.47 7.57
CA TYR A 79 -3.21 4.39 6.71
C TYR A 79 -2.28 3.45 7.41
N PHE A 80 -2.58 2.17 7.28
CA PHE A 80 -1.80 1.10 7.86
C PHE A 80 -0.69 0.76 6.90
N VAL A 81 0.52 0.97 7.35
CA VAL A 81 1.69 0.71 6.55
C VAL A 81 1.85 -0.80 6.41
N SER A 82 1.78 -1.28 5.20
CA SER A 82 1.87 -2.68 4.94
C SER A 82 3.23 -3.05 4.37
N GLY A 83 3.52 -4.32 4.37
CA GLY A 83 4.77 -4.82 3.94
C GLY A 83 5.46 -5.47 5.10
N GLU A 84 6.75 -5.54 5.03
CA GLU A 84 7.51 -6.09 6.11
C GLU A 84 7.91 -5.00 7.09
N GLN A 85 8.56 -5.39 8.17
CA GLN A 85 9.02 -4.46 9.21
C GLN A 85 9.98 -3.40 8.63
N TRP A 86 10.69 -3.78 7.58
CA TRP A 86 11.63 -2.91 6.93
C TRP A 86 10.90 -1.81 6.18
N ASN A 87 9.74 -2.14 5.63
CA ASN A 87 8.88 -1.18 4.93
C ASN A 87 8.39 -0.13 5.88
N LYS A 88 8.03 -0.58 7.07
CA LYS A 88 7.55 0.31 8.12
C LYS A 88 8.70 1.16 8.66
N LYS A 89 9.88 0.56 8.76
CA LYS A 89 11.09 1.24 9.21
C LYS A 89 11.49 2.32 8.20
N ALA A 90 11.29 2.02 6.92
CA ALA A 90 11.57 2.94 5.83
C ALA A 90 10.78 4.21 6.02
N ILE A 91 9.47 4.05 6.20
CA ILE A 91 8.54 5.17 6.38
C ILE A 91 8.92 5.98 7.64
N SER A 92 9.40 5.28 8.65
CA SER A 92 9.82 5.88 9.89
C SER A 92 11.02 6.82 9.71
N ILE A 93 11.88 6.47 8.79
CA ILE A 93 13.07 7.26 8.53
C ILE A 93 12.76 8.38 7.53
N LEU A 94 11.94 8.07 6.53
CA LEU A 94 11.55 9.02 5.49
C LEU A 94 10.76 10.18 6.05
N LEU A 95 9.72 9.88 6.81
CA LEU A 95 8.84 10.91 7.29
C LEU A 95 9.32 11.50 8.59
N GLY A 96 9.90 10.69 9.42
CA GLY A 96 10.39 11.18 10.68
C GLY A 96 9.46 10.86 11.82
N ARG A 97 8.53 9.98 11.58
CA ARG A 97 7.60 9.52 12.59
C ARG A 97 8.00 8.10 12.82
N GLU A 98 7.99 7.66 14.02
CA GLU A 98 8.33 6.28 14.25
C GLU A 98 7.08 5.44 14.18
N ILE A 99 6.99 4.65 13.14
CA ILE A 99 5.80 3.88 12.83
C ILE A 99 5.62 2.70 13.74
N SER A 100 4.49 2.69 14.39
CA SER A 100 4.05 1.57 15.12
C SER A 100 3.35 0.68 14.08
N ASN A 101 2.30 1.23 13.44
CA ASN A 101 1.56 0.56 12.36
C ASN A 101 0.95 1.54 11.36
N VAL A 102 0.40 2.67 11.83
CA VAL A 102 -0.28 3.59 10.92
C VAL A 102 0.39 4.96 10.82
N ILE A 103 0.14 5.63 9.72
CA ILE A 103 0.51 7.01 9.51
C ILE A 103 -0.75 7.78 9.15
N LEU A 104 -0.67 9.08 9.13
CA LEU A 104 -1.83 9.88 8.84
C LEU A 104 -2.01 10.04 7.34
N ASN A 105 -3.18 10.51 6.93
CA ASN A 105 -3.47 10.75 5.52
C ASN A 105 -2.58 11.83 4.96
N VAL A 106 -2.34 12.85 5.77
CA VAL A 106 -1.46 13.95 5.40
C VAL A 106 0.00 13.45 5.17
N ASP A 107 0.37 12.38 5.90
CA ASP A 107 1.69 11.78 5.79
C ASP A 107 1.80 11.02 4.48
N VAL A 108 0.71 10.34 4.13
CA VAL A 108 0.63 9.59 2.88
C VAL A 108 0.65 10.54 1.69
N GLU A 109 0.01 11.70 1.84
CA GLU A 109 0.02 12.74 0.80
C GLU A 109 1.46 13.16 0.44
N LYS A 110 2.30 13.29 1.48
CA LYS A 110 3.72 13.64 1.30
C LYS A 110 4.41 12.56 0.48
N LEU A 111 4.13 11.32 0.84
CA LEU A 111 4.70 10.18 0.19
C LEU A 111 4.22 10.05 -1.26
N LEU A 112 2.93 10.19 -1.48
CA LEU A 112 2.30 10.10 -2.81
C LEU A 112 2.87 11.11 -3.80
N ARG A 113 3.12 12.32 -3.34
CA ARG A 113 3.64 13.38 -4.20
C ARG A 113 5.10 13.16 -4.53
N GLU A 114 5.79 12.45 -3.67
CA GLU A 114 7.19 12.23 -3.85
C GLU A 114 7.45 10.90 -4.60
N TYR A 115 6.71 9.87 -4.23
CA TYR A 115 6.87 8.53 -4.77
C TYR A 115 5.49 8.00 -5.16
N THR A 116 5.04 8.28 -6.35
CA THR A 116 3.71 7.84 -6.74
C THR A 116 3.69 6.36 -7.19
N SER A 117 4.68 5.96 -7.99
CA SER A 117 4.67 4.63 -8.58
C SER A 117 5.01 3.55 -7.56
N LEU A 118 5.58 3.98 -6.44
CA LEU A 118 6.03 3.08 -5.42
C LEU A 118 4.93 2.82 -4.41
N ILE A 119 3.76 3.39 -4.59
CA ILE A 119 2.73 3.30 -3.58
C ILE A 119 1.38 2.75 -4.10
N PHE A 120 0.90 1.73 -3.41
CA PHE A 120 -0.40 1.13 -3.65
C PHE A 120 -1.27 1.34 -2.42
N ILE A 121 -2.26 2.17 -2.56
CA ILE A 121 -3.17 2.44 -1.48
C ILE A 121 -4.42 1.58 -1.65
N ILE A 122 -4.74 0.85 -0.62
CA ILE A 122 -5.92 0.03 -0.59
C ILE A 122 -7.00 0.80 0.16
N LEU A 123 -7.90 1.36 -0.59
CA LEU A 123 -8.96 2.18 -0.03
C LEU A 123 -10.07 1.34 0.52
N SER A 124 -10.87 1.94 1.35
CA SER A 124 -12.04 1.33 1.88
C SER A 124 -13.16 1.49 0.87
N PRO A 125 -13.76 0.39 0.37
CA PRO A 125 -14.83 0.46 -0.60
C PRO A 125 -16.13 0.89 0.05
N THR A 126 -16.71 1.86 -0.52
CA THR A 126 -17.96 2.38 -0.08
C THR A 126 -19.08 1.58 -0.78
N ARG A 127 -19.78 0.76 -0.05
CA ARG A 127 -20.87 0.00 -0.61
C ARG A 127 -22.13 0.84 -0.63
N SER A 128 -22.36 1.54 0.44
CA SER A 128 -23.53 2.34 0.58
C SER A 128 -23.24 3.78 0.20
N TYR A 129 -23.67 4.16 -0.97
CA TYR A 129 -23.53 5.52 -1.42
C TYR A 129 -24.76 6.28 -1.00
N THR A 130 -24.55 7.37 -0.28
CA THR A 130 -25.58 8.20 0.31
C THR A 130 -26.72 8.58 -0.69
N GLU A 131 -26.33 9.02 -1.87
CA GLU A 131 -27.29 9.45 -2.88
C GLU A 131 -27.91 8.26 -3.60
N GLU A 132 -27.15 7.17 -3.75
CA GLU A 132 -27.63 5.98 -4.44
C GLU A 132 -28.76 5.36 -3.60
N THR A 133 -28.54 5.32 -2.30
CA THR A 133 -29.52 4.86 -1.37
C THR A 133 -30.72 5.84 -1.33
N GLU A 134 -30.44 7.13 -1.38
CA GLU A 134 -31.48 8.17 -1.33
C GLU A 134 -32.47 8.01 -2.49
N LEU A 135 -31.94 7.78 -3.69
CA LEU A 135 -32.76 7.55 -4.87
C LEU A 135 -33.61 6.28 -4.70
N SER A 136 -33.03 5.26 -4.11
CA SER A 136 -33.73 4.01 -3.86
C SER A 136 -34.85 4.20 -2.79
N GLU A 137 -34.58 5.05 -1.79
CA GLU A 137 -35.52 5.35 -0.72
C GLU A 137 -36.71 6.18 -1.22
N MET A 138 -36.47 7.08 -2.18
CA MET A 138 -37.58 7.89 -2.71
C MET A 138 -38.50 7.05 -3.57
N LEU A 139 -37.94 6.01 -4.17
CA LEU A 139 -38.73 5.03 -4.94
C LEU A 139 -39.61 4.21 -3.98
N GLU A 140 -39.11 3.99 -2.77
CA GLU A 140 -39.86 3.29 -1.72
C GLU A 140 -40.89 4.21 -1.08
N HIS A 141 -40.69 5.51 -1.28
CA HIS A 141 -41.61 6.61 -0.86
C HIS A 141 -41.60 6.81 0.65
N HIS A 142 -40.65 6.24 1.34
CA HIS A 142 -40.61 6.37 2.79
C HIS A 142 -39.47 7.25 3.26
N HIS A 143 -39.83 8.40 3.77
CA HIS A 143 -38.92 9.39 4.35
C HIS A 143 -39.68 10.16 5.37
N HIS A 144 -39.06 10.46 6.50
CA HIS A 144 -39.73 11.27 7.51
C HIS A 144 -38.82 12.33 8.03
N HIS A 145 -39.14 13.56 7.74
CA HIS A 145 -38.41 14.68 8.27
C HIS A 145 -39.16 15.18 9.51
N HIS A 146 -40.48 15.07 9.44
CA HIS A 146 -41.42 15.43 10.50
C HIS A 146 -42.80 15.27 9.89
N MET A 1 -22.90 -15.44 -17.58
CA MET A 1 -23.23 -15.80 -16.21
C MET A 1 -24.27 -14.80 -15.74
N ILE A 2 -25.37 -15.29 -15.19
CA ILE A 2 -26.42 -14.42 -14.70
C ILE A 2 -26.09 -14.06 -13.26
N ASP A 3 -25.24 -13.10 -13.11
CA ASP A 3 -24.80 -12.70 -11.81
C ASP A 3 -25.56 -11.48 -11.35
N LYS A 4 -25.89 -11.49 -10.10
CA LYS A 4 -26.51 -10.39 -9.44
C LYS A 4 -25.44 -9.71 -8.61
N ILE A 5 -24.73 -10.52 -7.90
CA ILE A 5 -23.70 -10.06 -7.04
C ILE A 5 -22.39 -10.07 -7.79
N PHE A 6 -21.86 -8.89 -8.04
CA PHE A 6 -20.51 -8.75 -8.56
C PHE A 6 -19.59 -9.23 -7.47
N GLU A 7 -18.57 -9.95 -7.83
CA GLU A 7 -17.67 -10.62 -6.90
C GLU A 7 -17.11 -9.67 -5.84
N ILE A 8 -17.61 -9.80 -4.64
CA ILE A 8 -17.11 -9.06 -3.53
C ILE A 8 -16.20 -9.98 -2.76
N GLY A 9 -14.98 -10.01 -3.19
CA GLY A 9 -14.00 -10.85 -2.61
C GLY A 9 -12.72 -10.12 -2.48
N LEU A 10 -11.82 -10.65 -1.71
CA LEU A 10 -10.55 -10.01 -1.43
C LEU A 10 -9.66 -9.96 -2.66
N LYS A 11 -9.78 -10.93 -3.55
CA LYS A 11 -8.99 -10.92 -4.79
C LYS A 11 -9.36 -9.75 -5.68
N ASP A 12 -10.64 -9.43 -5.67
CA ASP A 12 -11.19 -8.31 -6.43
C ASP A 12 -10.85 -6.97 -5.80
N ILE A 13 -10.91 -6.92 -4.48
CA ILE A 13 -10.58 -5.69 -3.74
C ILE A 13 -9.07 -5.39 -3.85
N PHE A 14 -8.29 -6.43 -3.66
CA PHE A 14 -6.83 -6.35 -3.71
C PHE A 14 -6.32 -6.69 -5.11
N SER A 15 -7.09 -6.41 -6.13
CA SER A 15 -6.72 -6.71 -7.50
C SER A 15 -5.50 -5.90 -7.96
N SER A 16 -5.48 -4.63 -7.59
CA SER A 16 -4.42 -3.72 -7.97
C SER A 16 -3.22 -3.80 -7.01
N SER A 17 -3.24 -4.75 -6.11
CA SER A 17 -2.16 -4.91 -5.18
C SER A 17 -1.05 -5.70 -5.85
N PRO A 18 0.23 -5.38 -5.58
CA PRO A 18 1.36 -6.14 -6.11
C PRO A 18 1.35 -7.59 -5.61
N ALA A 19 1.46 -8.51 -6.54
CA ALA A 19 1.42 -9.94 -6.27
C ALA A 19 2.81 -10.44 -5.88
N GLU A 20 3.79 -9.63 -6.15
CA GLU A 20 5.16 -9.85 -5.78
C GLU A 20 5.85 -8.54 -5.69
N TYR A 21 6.92 -8.49 -4.94
CA TYR A 21 7.56 -7.24 -4.64
C TYR A 21 9.02 -7.35 -5.01
N VAL A 22 9.68 -6.25 -5.15
CA VAL A 22 11.10 -6.21 -5.45
C VAL A 22 11.78 -5.39 -4.38
N THR A 23 13.07 -5.48 -4.28
CA THR A 23 13.76 -4.67 -3.30
C THR A 23 14.07 -3.33 -3.92
N ILE A 24 14.56 -2.42 -3.09
CA ILE A 24 15.03 -1.14 -3.59
C ILE A 24 16.24 -1.40 -4.49
N LYS A 25 17.07 -2.36 -4.08
CA LYS A 25 18.20 -2.84 -4.86
C LYS A 25 17.76 -3.33 -6.23
N ASP A 26 16.74 -4.18 -6.26
CA ASP A 26 16.19 -4.72 -7.51
C ASP A 26 15.69 -3.62 -8.42
N ALA A 27 14.94 -2.70 -7.87
CA ALA A 27 14.40 -1.59 -8.65
C ALA A 27 15.52 -0.67 -9.21
N LEU A 28 16.58 -0.47 -8.43
CA LEU A 28 17.75 0.29 -8.87
C LEU A 28 18.48 -0.48 -9.97
N ASP A 29 18.40 -1.80 -9.88
CA ASP A 29 18.99 -2.74 -10.84
C ASP A 29 18.18 -2.74 -12.15
N GLY A 30 17.00 -2.17 -12.09
CA GLY A 30 16.16 -2.06 -13.26
C GLY A 30 14.98 -3.01 -13.23
N LYS A 31 14.73 -3.61 -12.09
CA LYS A 31 13.58 -4.46 -11.91
C LYS A 31 12.45 -3.59 -11.44
N LEU A 32 11.80 -2.97 -12.38
CA LEU A 32 10.78 -2.00 -12.10
C LEU A 32 9.41 -2.58 -12.34
N LYS A 33 9.34 -3.64 -13.08
CA LYS A 33 8.07 -4.18 -13.40
C LYS A 33 7.64 -5.20 -12.37
N ILE A 34 6.57 -4.89 -11.69
CA ILE A 34 6.01 -5.81 -10.74
C ILE A 34 4.65 -6.27 -11.23
N ARG A 35 4.27 -7.45 -10.85
CA ARG A 35 3.01 -7.99 -11.26
C ARG A 35 1.98 -7.69 -10.22
N LEU A 36 0.81 -7.38 -10.66
CA LEU A 36 -0.30 -7.13 -9.79
C LEU A 36 -1.05 -8.43 -9.57
N ASN A 37 -1.91 -8.42 -8.59
CA ASN A 37 -2.69 -9.58 -8.17
C ASN A 37 -3.74 -9.95 -9.23
N ASN A 38 -4.04 -8.99 -10.10
CA ASN A 38 -4.94 -9.19 -11.23
C ASN A 38 -4.17 -9.64 -12.49
N ASN A 39 -2.84 -9.77 -12.33
CA ASN A 39 -1.89 -10.20 -13.38
C ASN A 39 -1.52 -9.12 -14.39
N PHE A 40 -1.84 -7.89 -14.10
CA PHE A 40 -1.37 -6.79 -14.91
C PHE A 40 -0.02 -6.36 -14.39
N TYR A 41 0.69 -5.59 -15.15
CA TYR A 41 2.01 -5.19 -14.75
C TYR A 41 2.12 -3.71 -14.51
N HIS A 42 2.66 -3.37 -13.37
CA HIS A 42 2.90 -1.99 -13.00
C HIS A 42 4.39 -1.74 -13.08
N GLU A 43 4.74 -0.71 -13.77
CA GLU A 43 6.11 -0.34 -13.93
C GLU A 43 6.45 0.78 -12.96
N ILE A 44 7.37 0.49 -12.10
CA ILE A 44 7.88 1.39 -11.09
C ILE A 44 8.81 2.43 -11.74
N LYS A 45 8.76 3.66 -11.27
CA LYS A 45 9.64 4.70 -11.75
C LYS A 45 10.93 4.68 -10.98
N LYS A 46 12.01 4.44 -11.70
CA LYS A 46 13.36 4.33 -11.14
C LYS A 46 13.77 5.61 -10.43
N ASP A 47 13.29 6.76 -10.92
CA ASP A 47 13.58 8.09 -10.34
C ASP A 47 13.14 8.16 -8.89
N GLU A 48 11.99 7.58 -8.62
CA GLU A 48 11.41 7.63 -7.31
C GLU A 48 12.11 6.64 -6.36
N VAL A 49 12.79 5.67 -6.94
CA VAL A 49 13.56 4.71 -6.16
C VAL A 49 14.95 5.30 -5.86
N GLU A 50 15.50 6.02 -6.81
CA GLU A 50 16.83 6.64 -6.67
C GLU A 50 16.82 7.73 -5.61
N LYS A 51 15.76 8.51 -5.56
CA LYS A 51 15.63 9.53 -4.52
C LYS A 51 15.43 8.85 -3.14
N LEU A 52 14.65 7.76 -3.12
CA LEU A 52 14.35 6.98 -1.93
C LEU A 52 15.62 6.42 -1.33
N SER A 53 16.39 5.73 -2.16
CA SER A 53 17.63 5.08 -1.75
C SER A 53 18.71 6.06 -1.23
N SER A 54 18.57 7.33 -1.55
CA SER A 54 19.49 8.33 -1.09
C SER A 54 19.10 8.81 0.33
N ARG A 55 17.88 8.53 0.72
CA ARG A 55 17.35 8.93 2.00
C ARG A 55 17.34 7.76 2.97
N ILE A 56 17.07 6.58 2.47
CA ILE A 56 16.99 5.39 3.28
C ILE A 56 18.37 4.70 3.36
N PRO A 57 18.79 4.29 4.60
CA PRO A 57 20.04 3.56 4.82
C PRO A 57 20.18 2.33 3.92
N LEU A 58 21.40 2.09 3.51
CA LEU A 58 21.81 1.04 2.57
C LEU A 58 21.34 -0.35 3.01
N TYR A 59 21.29 -0.59 4.32
CA TYR A 59 20.91 -1.90 4.90
C TYR A 59 19.50 -2.27 4.43
N LEU A 60 18.65 -1.27 4.38
CA LEU A 60 17.25 -1.50 4.15
C LEU A 60 16.91 -1.65 2.67
N TRP A 61 17.89 -1.50 1.78
CA TRP A 61 17.62 -1.59 0.33
C TRP A 61 17.18 -2.99 -0.08
N SER A 62 17.70 -3.98 0.60
CA SER A 62 17.39 -5.36 0.34
C SER A 62 16.32 -5.90 1.31
N LEU A 63 15.95 -5.07 2.26
CA LEU A 63 15.01 -5.48 3.28
C LEU A 63 13.63 -4.91 2.99
N VAL A 64 13.59 -3.74 2.40
CA VAL A 64 12.36 -3.09 2.03
C VAL A 64 11.90 -3.60 0.68
N LYS A 65 10.73 -4.20 0.67
CA LYS A 65 10.13 -4.67 -0.54
C LYS A 65 9.15 -3.63 -1.04
N ILE A 66 9.46 -3.05 -2.15
CA ILE A 66 8.60 -2.08 -2.78
C ILE A 66 7.83 -2.77 -3.89
N PRO A 67 6.66 -2.26 -4.31
CA PRO A 67 6.03 -1.01 -3.81
C PRO A 67 5.50 -1.08 -2.36
N PHE A 68 5.23 0.08 -1.80
CA PHE A 68 4.67 0.20 -0.47
C PHE A 68 3.16 0.11 -0.57
N ILE A 69 2.58 -0.63 0.30
CA ILE A 69 1.16 -0.77 0.34
C ILE A 69 0.65 -0.07 1.61
N PHE A 70 -0.44 0.65 1.49
CA PHE A 70 -1.05 1.27 2.63
C PHE A 70 -2.51 0.92 2.67
N ILE A 71 -2.94 0.36 3.77
CA ILE A 71 -4.33 -0.02 3.94
C ILE A 71 -5.06 1.16 4.54
N LYS A 72 -6.06 1.63 3.89
CA LYS A 72 -6.83 2.75 4.33
C LYS A 72 -7.82 2.26 5.39
N SER A 73 -7.94 2.99 6.48
CA SER A 73 -8.87 2.65 7.55
C SER A 73 -10.33 2.81 7.05
N SER A 74 -11.27 2.24 7.76
CA SER A 74 -12.66 2.24 7.34
C SER A 74 -13.27 3.64 7.38
N GLU A 75 -13.01 4.37 8.43
CA GLU A 75 -13.58 5.69 8.62
C GLU A 75 -12.49 6.72 8.80
N ILE A 76 -11.49 6.37 9.56
CA ILE A 76 -10.43 7.28 9.91
C ILE A 76 -9.46 7.43 8.75
N GLY A 77 -8.93 8.62 8.59
CA GLY A 77 -7.92 8.87 7.57
C GLY A 77 -6.53 8.45 8.03
N GLU A 78 -6.41 7.20 8.43
CA GLU A 78 -5.16 6.62 8.82
C GLU A 78 -4.86 5.50 7.86
N TYR A 79 -3.61 5.24 7.69
CA TYR A 79 -3.19 4.21 6.79
C TYR A 79 -2.28 3.27 7.50
N PHE A 80 -2.55 2.02 7.34
CA PHE A 80 -1.75 0.97 7.91
C PHE A 80 -0.63 0.68 6.96
N VAL A 81 0.56 0.95 7.41
CA VAL A 81 1.73 0.76 6.63
C VAL A 81 1.97 -0.71 6.46
N SER A 82 1.83 -1.17 5.26
CA SER A 82 1.99 -2.55 4.96
C SER A 82 3.43 -2.82 4.56
N GLY A 83 3.77 -4.04 4.43
CA GLY A 83 5.11 -4.43 4.26
C GLY A 83 5.64 -4.86 5.60
N GLU A 84 6.87 -5.25 5.65
CA GLU A 84 7.43 -5.65 6.90
C GLU A 84 7.99 -4.48 7.69
N GLN A 85 8.56 -4.77 8.86
CA GLN A 85 9.08 -3.72 9.75
C GLN A 85 10.16 -2.89 9.09
N TRP A 86 10.80 -3.42 8.07
CA TRP A 86 11.81 -2.72 7.33
C TRP A 86 11.15 -1.63 6.47
N ASN A 87 10.02 -1.98 5.84
CA ASN A 87 9.21 -1.05 5.04
C ASN A 87 8.70 0.05 5.92
N LYS A 88 8.25 -0.34 7.08
CA LYS A 88 7.72 0.56 8.07
C LYS A 88 8.82 1.46 8.63
N LYS A 89 10.02 0.91 8.75
CA LYS A 89 11.18 1.64 9.21
C LYS A 89 11.60 2.67 8.17
N ALA A 90 11.44 2.33 6.90
CA ALA A 90 11.71 3.24 5.80
C ALA A 90 10.83 4.47 5.94
N ILE A 91 9.55 4.22 6.17
CA ILE A 91 8.54 5.24 6.37
C ILE A 91 8.87 6.07 7.62
N SER A 92 9.39 5.40 8.64
CA SER A 92 9.79 6.04 9.86
C SER A 92 10.91 7.08 9.61
N ILE A 93 11.86 6.69 8.79
CA ILE A 93 13.01 7.51 8.50
C ILE A 93 12.66 8.66 7.54
N LEU A 94 11.74 8.40 6.62
CA LEU A 94 11.33 9.40 5.66
C LEU A 94 10.43 10.48 6.28
N LEU A 95 9.57 10.08 7.20
CA LEU A 95 8.60 11.01 7.78
C LEU A 95 9.09 11.63 9.08
N GLY A 96 9.79 10.86 9.85
CA GLY A 96 10.26 11.32 11.15
C GLY A 96 9.34 10.86 12.25
N ARG A 97 8.53 9.86 11.95
CA ARG A 97 7.62 9.29 12.93
C ARG A 97 8.05 7.88 13.15
N GLU A 98 7.91 7.37 14.33
CA GLU A 98 8.17 5.95 14.53
C GLU A 98 6.91 5.19 14.21
N ILE A 99 6.93 4.43 13.14
CA ILE A 99 5.76 3.70 12.72
C ILE A 99 5.58 2.42 13.51
N SER A 100 4.51 2.38 14.26
CA SER A 100 4.10 1.21 14.91
C SER A 100 3.33 0.41 13.88
N ASN A 101 2.22 0.98 13.41
CA ASN A 101 1.43 0.35 12.36
C ASN A 101 0.83 1.38 11.41
N VAL A 102 0.40 2.52 11.92
CA VAL A 102 -0.26 3.50 11.06
C VAL A 102 0.47 4.83 10.94
N ILE A 103 0.07 5.56 9.93
CA ILE A 103 0.44 6.94 9.66
C ILE A 103 -0.82 7.67 9.26
N LEU A 104 -0.76 8.96 9.12
CA LEU A 104 -1.94 9.70 8.77
C LEU A 104 -2.05 9.81 7.26
N ASN A 105 -3.23 10.19 6.79
CA ASN A 105 -3.48 10.39 5.36
C ASN A 105 -2.56 11.44 4.81
N VAL A 106 -2.34 12.48 5.61
CA VAL A 106 -1.48 13.59 5.24
C VAL A 106 -0.03 13.11 4.99
N ASP A 107 0.38 12.06 5.70
CA ASP A 107 1.72 11.50 5.54
C ASP A 107 1.80 10.72 4.27
N VAL A 108 0.74 10.02 3.94
CA VAL A 108 0.64 9.27 2.71
C VAL A 108 0.68 10.23 1.53
N GLU A 109 -0.02 11.36 1.67
CA GLU A 109 -0.01 12.42 0.66
C GLU A 109 1.41 12.94 0.41
N LYS A 110 2.20 13.11 1.49
CA LYS A 110 3.63 13.57 1.38
C LYS A 110 4.40 12.57 0.52
N LEU A 111 4.20 11.31 0.85
CA LEU A 111 4.88 10.22 0.22
C LEU A 111 4.43 10.04 -1.23
N LEU A 112 3.14 10.16 -1.49
CA LEU A 112 2.56 10.03 -2.85
C LEU A 112 3.12 11.04 -3.82
N ARG A 113 3.40 12.23 -3.32
CA ARG A 113 3.91 13.30 -4.14
C ARG A 113 5.38 13.07 -4.49
N GLU A 114 6.09 12.45 -3.57
CA GLU A 114 7.50 12.20 -3.75
C GLU A 114 7.71 10.84 -4.46
N TYR A 115 6.86 9.89 -4.16
CA TYR A 115 6.93 8.54 -4.69
C TYR A 115 5.53 8.12 -5.13
N THR A 116 5.13 8.42 -6.34
CA THR A 116 3.81 8.03 -6.76
C THR A 116 3.76 6.55 -7.19
N SER A 117 4.73 6.12 -7.97
CA SER A 117 4.72 4.78 -8.53
C SER A 117 5.08 3.71 -7.50
N LEU A 118 5.59 4.14 -6.36
CA LEU A 118 6.01 3.24 -5.32
C LEU A 118 4.90 2.96 -4.35
N ILE A 119 3.74 3.57 -4.54
CA ILE A 119 2.69 3.43 -3.53
C ILE A 119 1.37 2.91 -4.10
N PHE A 120 0.80 1.96 -3.40
CA PHE A 120 -0.52 1.43 -3.67
C PHE A 120 -1.38 1.55 -2.43
N ILE A 121 -2.53 2.12 -2.59
CA ILE A 121 -3.45 2.31 -1.50
C ILE A 121 -4.59 1.29 -1.62
N ILE A 122 -4.84 0.59 -0.54
CA ILE A 122 -5.90 -0.39 -0.50
C ILE A 122 -7.02 0.14 0.35
N LEU A 123 -8.17 0.29 -0.23
CA LEU A 123 -9.33 0.74 0.49
C LEU A 123 -9.98 -0.49 1.11
N SER A 124 -10.13 -0.46 2.40
CA SER A 124 -10.63 -1.63 3.08
C SER A 124 -12.16 -1.73 2.97
N PRO A 125 -12.69 -2.96 2.95
CA PRO A 125 -14.16 -3.22 2.95
C PRO A 125 -14.74 -3.04 4.37
N THR A 126 -14.15 -2.10 5.13
CA THR A 126 -14.36 -1.89 6.53
C THR A 126 -13.69 -3.02 7.29
N ARG A 127 -12.48 -2.72 7.77
CA ARG A 127 -11.63 -3.68 8.40
C ARG A 127 -12.22 -4.25 9.69
N SER A 128 -12.76 -5.43 9.57
CA SER A 128 -13.40 -6.15 10.65
C SER A 128 -13.52 -7.66 10.35
N TYR A 129 -13.23 -8.07 9.11
CA TYR A 129 -13.44 -9.46 8.72
C TYR A 129 -12.24 -10.32 9.08
N THR A 130 -12.51 -11.57 9.38
CA THR A 130 -11.51 -12.52 9.72
C THR A 130 -10.73 -12.95 8.44
N GLU A 131 -11.48 -13.17 7.34
CA GLU A 131 -10.89 -13.57 6.04
C GLU A 131 -10.00 -12.47 5.50
N GLU A 132 -10.41 -11.25 5.76
CA GLU A 132 -9.71 -10.03 5.40
C GLU A 132 -8.28 -10.09 5.95
N THR A 133 -8.18 -10.34 7.23
CA THR A 133 -6.90 -10.45 7.89
C THR A 133 -6.15 -11.70 7.42
N GLU A 134 -6.89 -12.83 7.36
CA GLU A 134 -6.34 -14.15 7.00
C GLU A 134 -5.58 -14.10 5.68
N LEU A 135 -6.23 -13.58 4.65
CA LEU A 135 -5.64 -13.50 3.34
C LEU A 135 -4.58 -12.43 3.24
N SER A 136 -4.75 -11.31 3.92
CA SER A 136 -3.76 -10.23 3.87
C SER A 136 -2.42 -10.67 4.51
N GLU A 137 -2.50 -11.41 5.62
CA GLU A 137 -1.29 -11.90 6.28
C GLU A 137 -0.59 -12.94 5.39
N MET A 138 -1.38 -13.68 4.62
CA MET A 138 -0.85 -14.74 3.79
C MET A 138 -0.33 -14.22 2.43
N LEU A 139 -1.15 -13.47 1.71
CA LEU A 139 -0.80 -12.97 0.38
C LEU A 139 0.35 -11.97 0.42
N GLU A 140 0.27 -11.03 1.34
CA GLU A 140 1.28 -9.98 1.45
C GLU A 140 2.50 -10.53 2.23
N HIS A 141 2.25 -11.59 2.99
CA HIS A 141 3.24 -12.28 3.83
C HIS A 141 3.71 -11.51 5.04
N HIS A 142 2.99 -11.68 6.09
CA HIS A 142 3.37 -11.19 7.39
C HIS A 142 3.53 -12.40 8.24
N HIS A 143 4.30 -12.29 9.32
CA HIS A 143 4.64 -13.41 10.23
C HIS A 143 5.56 -14.37 9.47
N HIS A 144 5.91 -15.46 10.08
CA HIS A 144 6.70 -16.45 9.39
C HIS A 144 6.03 -17.78 9.48
N HIS A 145 5.33 -18.14 8.43
CA HIS A 145 4.59 -19.38 8.38
C HIS A 145 5.43 -20.44 7.68
N HIS A 146 6.22 -21.14 8.44
CA HIS A 146 7.06 -22.23 7.98
C HIS A 146 7.19 -23.18 9.12
#